data_3AZ9
#
_entry.id   3AZ9
#
_cell.length_a   216.680
_cell.length_b   216.680
_cell.length_c   156.740
_cell.angle_alpha   90.00
_cell.angle_beta   90.00
_cell.angle_gamma   90.00
#
_symmetry.space_group_name_H-M   'I 41'
#
loop_
_entity.id
_entity.type
_entity.pdbx_description
1 polymer 'Beta-hydroxyacyl-ACP dehydratase'
2 non-polymer GLYCEROL
3 non-polymer 'PHOSPHATE ION'
4 non-polymer 4-chloro-2-[(5-chloroquinolin-8-yl)oxy]phenol
5 water water
#
_entity_poly.entity_id   1
_entity_poly.type   'polypeptide(L)'
_entity_poly.pdbx_seq_one_letter_code
;GSHMPNYDTSIDIEDIKKILPHRYPFLLVDKVIYMQPNKTIIGLKQVSTNEPFFNGHFPQKQIMPGVLQIEALAQLAGIL
CLKSDDSQKNNLFLFAGVDGVRWKKPVLPGDTLTMQANLISFKSSLGIAKLSGVGYVNGKVVINISEMTFALSK
;
_entity_poly.pdbx_strand_id   A,B,C,D,E,F,G,H,I,J,K,L,M,N,O,P,Q,R,S,T,U,V,W,X
#
# COMPACT_ATOMS: atom_id res chain seq x y z
N ASP A 8 49.39 -8.89 24.00
CA ASP A 8 49.67 -7.43 23.95
C ASP A 8 48.43 -6.76 23.38
N THR A 9 47.94 -7.31 22.27
CA THR A 9 46.75 -6.81 21.54
C THR A 9 46.74 -5.28 21.29
N SER A 10 47.83 -4.73 20.71
CA SER A 10 47.86 -3.30 20.31
C SER A 10 47.88 -3.05 18.79
N ILE A 11 46.82 -2.40 18.30
CA ILE A 11 46.67 -1.97 16.88
C ILE A 11 46.49 -0.46 16.79
N ASP A 12 47.43 0.21 16.13
CA ASP A 12 47.27 1.64 15.96
C ASP A 12 47.07 2.03 14.50
N ILE A 13 47.21 3.32 14.25
CA ILE A 13 46.62 3.94 13.07
C ILE A 13 47.09 3.46 11.69
N GLU A 14 48.34 3.00 11.56
CA GLU A 14 48.83 2.50 10.27
C GLU A 14 48.18 1.16 9.94
N ASP A 15 48.02 0.32 10.96
CA ASP A 15 47.39 -0.98 10.78
C ASP A 15 45.88 -0.88 10.66
N ILE A 16 45.29 0.08 11.37
CA ILE A 16 43.85 0.37 11.18
C ILE A 16 43.54 0.67 9.71
N LYS A 17 44.36 1.53 9.10
CA LYS A 17 44.23 1.91 7.69
C LYS A 17 44.39 0.75 6.70
N LYS A 18 45.06 -0.33 7.13
CA LYS A 18 45.14 -1.57 6.34
C LYS A 18 43.86 -2.42 6.40
N ILE A 19 43.10 -2.26 7.48
CA ILE A 19 41.85 -2.96 7.67
C ILE A 19 40.71 -2.19 7.08
N LEU A 20 40.47 -0.95 7.57
CA LEU A 20 39.40 -0.05 7.08
C LEU A 20 39.76 0.75 5.82
N PRO A 21 38.79 1.05 4.97
CA PRO A 21 39.07 1.85 3.77
C PRO A 21 38.91 3.34 4.03
N HIS A 22 38.32 3.67 5.18
CA HIS A 22 38.07 5.07 5.57
C HIS A 22 39.36 5.90 5.60
N ARG A 23 39.30 7.12 5.05
CA ARG A 23 40.44 8.04 5.17
C ARG A 23 39.98 9.36 5.76
N TYR A 24 40.89 10.32 5.84
CA TYR A 24 40.59 11.67 6.28
C TYR A 24 39.63 12.27 5.25
N PRO A 25 38.63 13.05 5.68
CA PRO A 25 38.31 13.39 7.05
C PRO A 25 37.26 12.45 7.69
N PHE A 26 37.33 11.16 7.40
CA PHE A 26 36.25 10.30 7.88
C PHE A 26 36.70 9.01 8.49
N LEU A 27 37.92 8.99 8.98
CA LEU A 27 38.38 7.91 9.81
C LEU A 27 38.29 8.41 11.25
N LEU A 28 37.50 7.70 12.06
CA LEU A 28 37.18 8.13 13.40
C LEU A 28 37.61 7.15 14.49
N VAL A 29 38.59 6.31 14.17
CA VAL A 29 39.17 5.42 15.17
C VAL A 29 40.66 5.66 15.13
N ASP A 30 41.18 6.20 16.24
CA ASP A 30 42.62 6.49 16.35
C ASP A 30 43.41 5.25 16.76
N LYS A 31 42.86 4.44 17.66
CA LYS A 31 43.63 3.30 18.20
C LYS A 31 42.71 2.18 18.70
N VAL A 32 43.07 0.96 18.37
CA VAL A 32 42.41 -0.20 18.95
C VAL A 32 43.26 -0.72 20.12
N ILE A 33 42.69 -0.69 21.33
CA ILE A 33 43.47 -1.12 22.50
C ILE A 33 43.28 -2.59 22.92
N TYR A 34 42.14 -3.19 22.55
CA TYR A 34 41.85 -4.61 22.83
C TYR A 34 40.85 -5.15 21.84
N MET A 35 41.09 -6.38 21.40
CA MET A 35 40.19 -7.04 20.48
C MET A 35 40.15 -8.55 20.66
N GLN A 36 38.93 -9.08 20.72
CA GLN A 36 38.77 -10.52 20.75
C GLN A 36 37.86 -10.97 19.61
N PRO A 37 38.45 -11.62 18.59
CA PRO A 37 37.76 -11.98 17.37
C PRO A 37 36.43 -12.60 17.71
N ASN A 38 35.42 -12.33 16.88
CA ASN A 38 34.06 -12.87 17.07
C ASN A 38 33.35 -12.47 18.37
N LYS A 39 34.01 -11.68 19.24
CA LYS A 39 33.39 -11.27 20.51
C LYS A 39 33.26 -9.75 20.75
N THR A 40 34.36 -9.12 21.19
CA THR A 40 34.36 -7.69 21.58
C THR A 40 35.63 -6.93 21.11
N ILE A 41 35.50 -5.61 20.96
CA ILE A 41 36.61 -4.76 20.58
C ILE A 41 36.57 -3.48 21.42
N ILE A 42 37.74 -3.03 21.88
CA ILE A 42 37.81 -1.72 22.58
C ILE A 42 38.83 -0.80 21.90
N GLY A 43 38.39 0.42 21.64
CA GLY A 43 39.27 1.37 21.02
C GLY A 43 39.00 2.77 21.49
N LEU A 44 39.72 3.73 20.91
CA LEU A 44 39.55 5.11 21.29
C LEU A 44 39.65 6.11 20.12
N LYS A 45 39.02 7.27 20.31
CA LYS A 45 39.08 8.38 19.38
C LYS A 45 39.44 9.59 20.22
N GLN A 46 40.54 10.25 19.86
CA GLN A 46 40.93 11.47 20.53
C GLN A 46 40.17 12.67 19.92
N VAL A 47 39.64 13.51 20.81
CA VAL A 47 38.75 14.59 20.39
C VAL A 47 39.53 15.87 20.56
N SER A 48 39.95 16.42 19.44
CA SER A 48 40.71 17.67 19.44
C SER A 48 39.99 18.82 18.75
N THR A 49 40.26 20.04 19.17
CA THR A 49 39.71 21.21 18.48
C THR A 49 40.21 21.36 17.05
N ASN A 50 41.28 20.63 16.75
CA ASN A 50 41.94 20.71 15.45
C ASN A 50 41.39 19.66 14.50
N GLU A 51 40.07 19.47 14.54
CA GLU A 51 39.38 18.61 13.63
C GLU A 51 38.45 19.45 12.76
N PRO A 52 38.33 19.06 11.47
CA PRO A 52 37.63 19.92 10.48
C PRO A 52 36.11 20.10 10.71
N PHE A 53 35.44 19.15 11.39
CA PHE A 53 34.00 19.33 11.70
C PHE A 53 33.65 20.41 12.73
N PHE A 54 34.60 20.79 13.57
CA PHE A 54 34.30 21.55 14.75
C PHE A 54 33.96 22.98 14.42
N ASN A 55 34.44 23.45 13.28
CA ASN A 55 34.17 24.81 12.84
C ASN A 55 32.72 24.99 12.54
N GLY A 56 32.06 23.93 12.12
CA GLY A 56 30.66 24.00 11.75
C GLY A 56 29.72 23.44 12.79
N HIS A 57 30.26 22.91 13.89
CA HIS A 57 29.41 22.28 14.89
C HIS A 57 29.94 22.45 16.30
N PHE A 58 29.90 23.65 16.86
CA PHE A 58 29.29 24.84 16.26
C PHE A 58 30.23 26.02 16.43
N PRO A 59 30.12 27.05 15.57
CA PRO A 59 31.00 28.21 15.73
C PRO A 59 31.08 28.73 17.17
N GLN A 60 29.94 28.84 17.84
CA GLN A 60 29.88 29.42 19.19
C GLN A 60 30.14 28.40 20.29
N LYS A 61 30.10 27.10 19.96
CA LYS A 61 30.24 26.07 20.98
C LYS A 61 30.63 24.78 20.30
N GLN A 62 31.83 24.30 20.59
CA GLN A 62 32.35 23.11 19.91
C GLN A 62 31.86 21.88 20.60
N ILE A 63 31.06 21.11 19.89
CA ILE A 63 30.53 19.84 20.39
C ILE A 63 30.62 18.80 19.29
N MET A 64 31.11 17.60 19.63
CA MET A 64 31.28 16.55 18.65
C MET A 64 29.93 16.06 18.25
N PRO A 65 29.61 16.19 16.96
CA PRO A 65 28.32 15.72 16.42
C PRO A 65 28.02 14.29 16.80
N GLY A 66 26.87 14.09 17.43
CA GLY A 66 26.38 12.75 17.79
C GLY A 66 26.52 11.73 16.70
N VAL A 67 26.10 12.06 15.48
CA VAL A 67 26.27 11.15 14.34
C VAL A 67 27.71 10.63 14.12
N LEU A 68 28.72 11.48 14.32
CA LEU A 68 30.11 11.06 14.21
C LEU A 68 30.56 10.12 15.34
N GLN A 69 29.90 10.24 16.51
CA GLN A 69 30.04 9.25 17.58
C GLN A 69 29.50 7.92 17.11
N ILE A 70 28.37 7.98 16.40
CA ILE A 70 27.86 6.73 15.79
C ILE A 70 28.92 6.16 14.82
N GLU A 71 29.28 6.96 13.82
CA GLU A 71 30.30 6.54 12.88
C GLU A 71 31.54 5.94 13.55
N ALA A 72 32.04 6.60 14.60
CA ALA A 72 33.23 6.09 15.26
C ALA A 72 33.05 4.66 15.78
N LEU A 73 31.95 4.41 16.50
CA LEU A 73 31.67 3.08 17.02
C LEU A 73 31.46 2.12 15.87
N ALA A 74 30.76 2.57 14.84
CA ALA A 74 30.51 1.73 13.68
C ALA A 74 31.78 1.27 13.02
N GLN A 75 32.75 2.18 12.90
CA GLN A 75 34.04 1.84 12.30
C GLN A 75 34.84 0.84 13.13
N LEU A 76 34.86 1.05 14.45
CA LEU A 76 35.43 0.10 15.41
C LEU A 76 34.72 -1.28 15.34
N ALA A 77 33.39 -1.27 15.36
CA ALA A 77 32.60 -2.50 15.06
C ALA A 77 33.01 -3.16 13.75
N GLY A 78 33.16 -2.35 12.69
CA GLY A 78 33.59 -2.80 11.38
C GLY A 78 34.96 -3.43 11.38
N ILE A 79 35.86 -2.93 12.21
CA ILE A 79 37.17 -3.57 12.35
C ILE A 79 36.97 -4.98 12.85
N LEU A 80 36.24 -5.11 13.96
CA LEU A 80 35.97 -6.41 14.59
C LEU A 80 35.48 -7.43 13.58
N CYS A 81 34.53 -7.03 12.74
CA CYS A 81 33.97 -7.93 11.73
C CYS A 81 35.03 -8.41 10.76
N LEU A 82 35.87 -7.50 10.29
CA LEU A 82 36.84 -7.82 9.25
C LEU A 82 37.98 -8.67 9.79
N LYS A 83 38.22 -8.57 11.09
CA LYS A 83 39.25 -9.41 11.75
C LYS A 83 38.66 -10.70 12.28
N SER A 84 37.36 -10.69 12.53
CA SER A 84 36.64 -11.90 12.93
C SER A 84 36.48 -12.92 11.79
N ASP A 85 36.27 -12.42 10.58
CA ASP A 85 36.07 -13.28 9.41
C ASP A 85 36.37 -12.49 8.15
N ASP A 86 37.53 -12.73 7.52
CA ASP A 86 37.88 -12.02 6.29
C ASP A 86 37.83 -12.94 5.08
N SER A 87 37.12 -14.07 5.20
CA SER A 87 36.97 -14.96 4.04
C SER A 87 36.39 -14.15 2.86
N GLN A 88 35.39 -13.31 3.16
CA GLN A 88 34.88 -12.32 2.21
C GLN A 88 35.86 -11.16 2.13
N LYS A 89 36.74 -11.20 1.12
CA LYS A 89 37.84 -10.24 0.98
C LYS A 89 37.35 -8.85 0.51
N ASN A 90 36.40 -8.30 1.25
CA ASN A 90 35.80 -7.01 0.92
C ASN A 90 35.78 -6.18 2.19
N ASN A 91 36.52 -5.08 2.19
CA ASN A 91 36.59 -4.20 3.37
C ASN A 91 35.58 -3.03 3.34
N LEU A 92 34.88 -2.86 2.21
CA LEU A 92 33.80 -1.84 2.12
C LEU A 92 32.50 -2.33 2.79
N PHE A 93 32.37 -2.00 4.07
CA PHE A 93 31.18 -2.32 4.84
C PHE A 93 30.25 -1.13 4.80
N LEU A 94 28.99 -1.37 4.46
CA LEU A 94 27.98 -0.30 4.58
C LEU A 94 27.04 -0.50 5.77
N PHE A 95 26.68 0.63 6.36
CA PHE A 95 25.71 0.73 7.43
C PHE A 95 24.34 0.41 6.84
N ALA A 96 23.68 -0.63 7.37
CA ALA A 96 22.37 -1.02 6.86
C ALA A 96 21.23 -0.53 7.76
N GLY A 97 21.50 -0.45 9.05
CA GLY A 97 20.56 0.13 9.98
C GLY A 97 21.22 0.37 11.31
N VAL A 98 20.64 1.27 12.08
CA VAL A 98 21.08 1.48 13.46
C VAL A 98 19.86 1.74 14.34
N ASP A 99 19.95 1.27 15.58
CA ASP A 99 18.79 1.24 16.45
C ASP A 99 19.18 1.50 17.88
N GLY A 100 18.33 2.24 18.57
CA GLY A 100 18.45 2.44 20.00
C GLY A 100 19.67 3.23 20.38
N VAL A 101 19.85 4.38 19.71
CA VAL A 101 20.91 5.34 20.02
C VAL A 101 20.45 6.39 21.04
N ARG A 102 21.22 6.54 22.11
CA ARG A 102 20.95 7.56 23.12
C ARG A 102 22.24 8.29 23.47
N TRP A 103 22.22 9.61 23.36
CA TRP A 103 23.36 10.46 23.75
C TRP A 103 23.13 11.09 25.13
N LYS A 104 23.97 10.72 26.09
CA LYS A 104 23.80 11.17 27.45
C LYS A 104 24.49 12.52 27.73
N LYS A 105 25.72 12.66 27.24
CA LYS A 105 26.58 13.76 27.62
C LYS A 105 27.30 14.26 26.37
N PRO A 106 27.45 15.59 26.24
CA PRO A 106 28.26 16.16 25.16
C PRO A 106 29.73 15.69 25.19
N VAL A 107 30.25 15.35 24.01
CA VAL A 107 31.67 15.02 23.85
C VAL A 107 32.40 16.29 23.33
N LEU A 108 33.43 16.69 24.07
CA LEU A 108 34.03 18.01 23.85
C LEU A 108 35.49 17.88 23.43
N PRO A 109 36.06 18.91 22.78
CA PRO A 109 37.51 18.97 22.56
C PRO A 109 38.27 18.76 23.88
N GLY A 110 39.20 17.83 23.86
CA GLY A 110 40.00 17.51 25.01
C GLY A 110 39.70 16.12 25.53
N ASP A 111 38.48 15.64 25.26
CA ASP A 111 38.05 14.33 25.72
C ASP A 111 38.74 13.20 24.98
N THR A 112 38.89 12.06 25.66
CA THR A 112 39.22 10.84 25.01
C THR A 112 37.94 10.05 24.99
N LEU A 113 37.47 9.76 23.79
CA LEU A 113 36.33 8.89 23.56
C LEU A 113 36.81 7.43 23.58
N THR A 114 36.51 6.71 24.65
CA THR A 114 36.78 5.28 24.70
C THR A 114 35.52 4.53 24.26
N MET A 115 35.72 3.56 23.36
CA MET A 115 34.63 2.89 22.66
C MET A 115 34.71 1.35 22.75
N GLN A 116 33.56 0.73 23.04
CA GLN A 116 33.44 -0.71 23.02
C GLN A 116 32.26 -1.20 22.15
N ALA A 117 32.58 -2.07 21.21
CA ALA A 117 31.57 -2.72 20.38
C ALA A 117 31.58 -4.24 20.62
N ASN A 118 30.39 -4.81 20.63
CA ASN A 118 30.21 -6.22 20.95
C ASN A 118 29.43 -6.85 19.84
N LEU A 119 29.96 -7.94 19.29
CA LEU A 119 29.29 -8.68 18.24
C LEU A 119 28.12 -9.51 18.82
N ILE A 120 26.96 -9.41 18.18
CA ILE A 120 25.76 -10.13 18.59
C ILE A 120 25.53 -11.33 17.66
N SER A 121 25.38 -11.05 16.37
CA SER A 121 25.17 -12.12 15.38
C SER A 121 25.93 -11.85 14.09
N PHE A 122 26.49 -12.92 13.53
CA PHE A 122 27.13 -12.87 12.23
C PHE A 122 26.55 -13.99 11.37
N LYS A 123 26.16 -13.65 10.15
CA LYS A 123 25.67 -14.66 9.22
C LYS A 123 26.52 -14.53 7.97
N SER A 124 27.82 -14.88 8.09
CA SER A 124 28.74 -14.55 7.01
C SER A 124 28.14 -15.03 5.67
N SER A 125 27.18 -15.97 5.77
CA SER A 125 26.44 -16.44 4.61
C SER A 125 26.01 -15.20 3.80
N LEU A 126 25.04 -14.45 4.32
CA LEU A 126 24.64 -13.18 3.74
C LEU A 126 25.82 -12.17 3.67
N GLY A 127 26.25 -11.70 4.84
CA GLY A 127 27.14 -10.58 5.08
C GLY A 127 26.44 -9.65 6.06
N ILE A 128 25.62 -10.26 6.91
CA ILE A 128 24.82 -9.59 7.92
C ILE A 128 25.43 -9.70 9.33
N ALA A 129 25.94 -8.58 9.82
CA ALA A 129 26.46 -8.50 11.18
C ALA A 129 25.68 -7.48 12.01
N LYS A 130 25.41 -7.87 13.27
CA LYS A 130 24.75 -7.02 14.23
C LYS A 130 25.68 -6.82 15.41
N LEU A 131 25.76 -5.58 15.88
CA LEU A 131 26.66 -5.27 16.99
C LEU A 131 26.09 -4.19 17.87
N SER A 132 26.48 -4.22 19.16
CA SER A 132 26.10 -3.17 20.11
C SER A 132 27.31 -2.29 20.41
N GLY A 133 27.07 -1.07 20.88
CA GLY A 133 28.17 -0.14 21.13
C GLY A 133 27.95 0.79 22.29
N VAL A 134 29.03 1.07 23.02
CA VAL A 134 29.02 2.03 24.10
C VAL A 134 30.29 2.89 23.99
N GLY A 135 30.11 4.19 24.25
CA GLY A 135 31.21 5.13 24.26
C GLY A 135 31.24 5.85 25.59
N TYR A 136 32.44 6.01 26.13
CA TYR A 136 32.65 6.65 27.41
C TYR A 136 33.63 7.77 27.33
N VAL A 137 33.45 8.76 28.21
CA VAL A 137 34.47 9.75 28.48
C VAL A 137 34.64 9.80 30.00
N ASN A 138 35.89 9.62 30.46
CA ASN A 138 36.18 9.56 31.89
C ASN A 138 35.33 8.53 32.63
N GLY A 139 35.26 7.32 32.08
CA GLY A 139 34.40 6.26 32.67
C GLY A 139 32.88 6.46 32.62
N LYS A 140 32.43 7.65 32.23
CA LYS A 140 31.01 7.99 32.20
C LYS A 140 30.46 7.76 30.81
N VAL A 141 29.25 7.20 30.73
CA VAL A 141 28.64 6.84 29.45
C VAL A 141 28.20 8.10 28.67
N VAL A 142 28.63 8.22 27.42
CA VAL A 142 28.22 9.37 26.62
C VAL A 142 27.28 8.97 25.50
N ILE A 143 27.46 7.77 24.96
CA ILE A 143 26.60 7.26 23.90
C ILE A 143 26.31 5.77 24.07
N ASN A 144 25.04 5.41 23.83
CA ASN A 144 24.62 4.00 23.80
C ASN A 144 24.06 3.65 22.47
N ILE A 145 24.42 2.47 21.96
CA ILE A 145 23.80 1.96 20.75
C ILE A 145 23.40 0.52 21.02
N SER A 146 22.10 0.28 21.03
CA SER A 146 21.52 -1.07 21.12
C SER A 146 21.98 -1.96 19.98
N GLU A 147 21.76 -1.50 18.75
CA GLU A 147 22.04 -2.37 17.58
C GLU A 147 22.53 -1.68 16.29
N MET A 148 23.73 -2.00 15.85
CA MET A 148 24.22 -1.53 14.55
C MET A 148 24.18 -2.69 13.56
N THR A 149 23.58 -2.46 12.39
CA THR A 149 23.46 -3.52 11.41
C THR A 149 24.32 -3.21 10.19
N PHE A 150 25.20 -4.14 9.81
CA PHE A 150 26.12 -3.89 8.71
C PHE A 150 26.03 -4.86 7.56
N ALA A 151 25.96 -4.29 6.35
CA ALA A 151 26.01 -5.11 5.13
C ALA A 151 27.34 -4.99 4.39
N LEU A 152 27.79 -6.09 3.79
CA LEU A 152 29.05 -6.14 2.99
C LEU A 152 28.81 -6.15 1.47
N SER A 153 29.24 -5.07 0.79
CA SER A 153 29.22 -4.97 -0.68
C SER A 153 30.55 -4.49 -1.30
N THR B 9 6.12 27.92 3.08
CA THR B 9 6.87 29.19 2.90
C THR B 9 8.30 28.78 2.50
N SER B 10 8.54 28.72 1.19
CA SER B 10 9.83 28.24 0.65
C SER B 10 11.07 29.02 1.20
N ILE B 11 12.30 28.58 0.85
CA ILE B 11 13.53 29.15 1.48
C ILE B 11 14.88 29.00 0.70
N ASP B 12 15.70 30.05 0.81
CA ASP B 12 17.08 30.15 0.31
C ASP B 12 18.10 30.09 1.49
N ILE B 13 19.33 29.55 1.24
CA ILE B 13 20.40 29.15 2.24
C ILE B 13 20.83 30.19 3.30
N GLU B 14 20.90 31.46 2.92
CA GLU B 14 21.26 32.52 3.86
C GLU B 14 20.32 32.57 5.05
N ASP B 15 19.04 32.30 4.81
CA ASP B 15 18.05 32.29 5.87
C ASP B 15 18.13 31.04 6.73
N ILE B 16 18.48 29.90 6.13
CA ILE B 16 18.80 28.69 6.92
C ILE B 16 19.89 28.96 8.01
N LYS B 17 20.95 29.65 7.61
CA LYS B 17 22.05 29.98 8.48
C LYS B 17 21.64 30.94 9.60
N LYS B 18 20.50 31.63 9.42
CA LYS B 18 19.95 32.48 10.47
C LYS B 18 19.22 31.65 11.52
N ILE B 19 18.63 30.54 11.07
CA ILE B 19 17.93 29.65 11.97
C ILE B 19 18.89 28.70 12.66
N LEU B 20 19.57 27.82 11.89
CA LEU B 20 20.57 26.87 12.45
C LEU B 20 21.95 27.47 12.76
N PRO B 21 22.64 26.92 13.77
CA PRO B 21 23.99 27.41 14.07
C PRO B 21 25.09 26.65 13.33
N HIS B 22 24.72 25.57 12.65
CA HIS B 22 25.65 24.73 11.89
C HIS B 22 26.35 25.53 10.81
N ARG B 23 27.65 25.30 10.64
CA ARG B 23 28.36 25.86 9.50
C ARG B 23 29.14 24.78 8.77
N TYR B 24 29.92 25.20 7.79
CA TYR B 24 30.80 24.30 7.05
C TYR B 24 31.89 23.77 7.98
N PRO B 25 32.23 22.47 7.87
CA PRO B 25 31.69 21.49 6.94
C PRO B 25 30.55 20.65 7.50
N PHE B 26 29.70 21.22 8.34
CA PHE B 26 28.65 20.41 8.90
C PHE B 26 27.24 20.94 8.73
N LEU B 27 27.00 21.82 7.75
CA LEU B 27 25.65 22.21 7.42
C LEU B 27 25.22 21.29 6.28
N LEU B 28 24.18 20.50 6.55
CA LEU B 28 23.74 19.53 5.57
C LEU B 28 22.31 19.73 5.02
N VAL B 29 21.86 20.99 5.00
CA VAL B 29 20.59 21.35 4.37
C VAL B 29 20.87 22.53 3.43
N ASP B 30 20.62 22.28 2.14
CA ASP B 30 20.87 23.32 1.15
C ASP B 30 19.69 24.22 0.94
N LYS B 31 18.50 23.66 0.92
CA LYS B 31 17.28 24.44 0.69
C LYS B 31 16.06 23.86 1.40
N VAL B 32 15.25 24.73 1.99
CA VAL B 32 13.94 24.31 2.49
C VAL B 32 12.87 24.69 1.45
N ILE B 33 12.14 23.70 0.95
CA ILE B 33 11.21 23.97 -0.13
C ILE B 33 9.79 24.17 0.36
N TYR B 34 9.43 23.52 1.47
CA TYR B 34 8.08 23.61 2.03
C TYR B 34 8.13 23.42 3.52
N MET B 35 7.41 24.26 4.24
CA MET B 35 7.32 24.12 5.69
C MET B 35 5.94 24.47 6.26
N GLN B 36 5.42 23.58 7.12
CA GLN B 36 4.22 23.89 7.88
C GLN B 36 4.51 23.78 9.38
N PRO B 37 4.57 24.95 10.07
CA PRO B 37 4.92 25.03 11.49
C PRO B 37 4.15 23.99 12.26
N ASN B 38 4.77 23.44 13.31
CA ASN B 38 4.16 22.37 14.12
C ASN B 38 3.72 21.10 13.37
N LYS B 39 3.96 21.01 12.06
CA LYS B 39 3.55 19.80 11.32
C LYS B 39 4.68 19.10 10.54
N THR B 40 5.04 19.63 9.36
CA THR B 40 5.96 18.93 8.46
C THR B 40 6.91 19.91 7.78
N ILE B 41 8.05 19.39 7.30
CA ILE B 41 9.04 20.19 6.57
C ILE B 41 9.65 19.38 5.40
N ILE B 42 9.76 20.02 4.24
CA ILE B 42 10.43 19.39 3.10
C ILE B 42 11.60 20.19 2.58
N GLY B 43 12.75 19.53 2.48
CA GLY B 43 13.95 20.22 2.06
C GLY B 43 14.83 19.32 1.22
N LEU B 44 15.95 19.88 0.77
CA LEU B 44 16.90 19.10 -0.02
C LEU B 44 18.36 19.37 0.33
N LYS B 45 19.16 18.32 0.10
CA LYS B 45 20.60 18.38 0.16
C LYS B 45 21.17 17.89 -1.18
N GLN B 46 21.92 18.76 -1.87
CA GLN B 46 22.61 18.38 -3.11
C GLN B 46 23.89 17.61 -2.77
N VAL B 47 24.07 16.46 -3.39
CA VAL B 47 25.20 15.56 -3.11
C VAL B 47 26.19 15.66 -4.24
N SER B 48 27.32 16.33 -4.00
CA SER B 48 28.33 16.57 -5.02
C SER B 48 29.62 15.91 -4.61
N THR B 49 30.44 15.53 -5.60
CA THR B 49 31.78 15.00 -5.34
C THR B 49 32.68 16.04 -4.66
N ASN B 50 32.37 17.31 -4.84
CA ASN B 50 33.18 18.38 -4.30
C ASN B 50 32.84 18.67 -2.86
N GLU B 51 32.71 17.62 -2.04
CA GLU B 51 32.39 17.76 -0.64
C GLU B 51 33.49 17.08 0.14
N PRO B 52 33.92 17.69 1.25
CA PRO B 52 35.11 17.24 1.95
C PRO B 52 35.08 15.83 2.49
N PHE B 53 33.91 15.28 2.83
CA PHE B 53 33.85 13.88 3.35
C PHE B 53 34.16 12.78 2.32
N PHE B 54 33.99 13.11 1.05
CA PHE B 54 33.97 12.09 0.04
C PHE B 54 35.32 11.42 -0.12
N ASN B 55 36.38 12.19 0.06
CA ASN B 55 37.75 11.66 0.00
C ASN B 55 38.01 10.53 1.00
N GLY B 56 37.28 10.55 2.09
CA GLY B 56 37.46 9.55 3.13
C GLY B 56 36.43 8.42 3.13
N HIS B 57 35.43 8.53 2.26
CA HIS B 57 34.28 7.64 2.31
C HIS B 57 33.69 7.43 0.90
N PHE B 58 34.36 6.68 0.04
CA PHE B 58 35.64 6.06 0.27
C PHE B 58 36.54 6.44 -0.90
N PRO B 59 37.87 6.34 -0.72
CA PRO B 59 38.78 6.61 -1.84
C PRO B 59 38.37 5.92 -3.13
N GLN B 60 38.13 4.61 -3.05
CA GLN B 60 37.84 3.81 -4.25
C GLN B 60 36.40 3.90 -4.69
N LYS B 61 35.53 4.40 -3.81
CA LYS B 61 34.10 4.46 -4.11
C LYS B 61 33.43 5.52 -3.27
N GLN B 62 32.82 6.50 -3.92
CA GLN B 62 32.22 7.62 -3.23
C GLN B 62 30.78 7.38 -2.89
N ILE B 63 30.52 7.27 -1.59
CA ILE B 63 29.18 6.95 -1.04
C ILE B 63 28.94 7.87 0.14
N MET B 64 27.89 8.66 0.10
CA MET B 64 27.56 9.54 1.20
C MET B 64 27.32 8.71 2.44
N PRO B 65 28.05 9.02 3.54
CA PRO B 65 27.96 8.27 4.78
C PRO B 65 26.56 8.34 5.31
N GLY B 66 26.02 7.18 5.65
CA GLY B 66 24.69 7.09 6.22
C GLY B 66 24.45 7.99 7.40
N VAL B 67 25.41 8.09 8.33
CA VAL B 67 25.28 9.01 9.48
C VAL B 67 25.03 10.46 9.07
N LEU B 68 25.60 10.87 7.95
CA LEU B 68 25.43 12.25 7.50
C LEU B 68 24.09 12.44 6.88
N GLN B 69 23.47 11.35 6.39
CA GLN B 69 22.04 11.38 5.98
C GLN B 69 21.13 11.56 7.19
N ILE B 70 21.43 10.85 8.28
CA ILE B 70 20.78 11.14 9.56
C ILE B 70 20.95 12.63 9.94
N GLU B 71 22.19 13.11 9.95
CA GLU B 71 22.46 14.50 10.33
C GLU B 71 21.65 15.51 9.53
N ALA B 72 21.58 15.29 8.21
CA ALA B 72 20.81 16.13 7.30
C ALA B 72 19.32 16.19 7.67
N LEU B 73 18.68 15.04 7.82
CA LEU B 73 17.28 15.03 8.28
C LEU B 73 17.11 15.69 9.63
N ALA B 74 18.06 15.45 10.53
CA ALA B 74 18.00 15.95 11.86
C ALA B 74 18.07 17.47 11.87
N GLN B 75 18.89 18.03 11.00
CA GLN B 75 18.99 19.49 10.85
C GLN B 75 17.68 20.08 10.30
N LEU B 76 17.14 19.43 9.26
CA LEU B 76 15.87 19.82 8.70
C LEU B 76 14.78 19.77 9.78
N ALA B 77 14.74 18.67 10.52
CA ALA B 77 13.83 18.55 11.65
C ALA B 77 14.05 19.69 12.66
N GLY B 78 15.31 20.01 12.96
CA GLY B 78 15.66 21.10 13.86
C GLY B 78 15.20 22.48 13.41
N ILE B 79 15.15 22.70 12.09
CA ILE B 79 14.63 23.94 11.54
C ILE B 79 13.15 24.03 11.87
N LEU B 80 12.42 22.94 11.57
CA LEU B 80 10.99 22.88 11.87
C LEU B 80 10.74 23.29 13.33
N CYS B 81 11.42 22.64 14.28
CA CYS B 81 11.25 22.95 15.69
C CYS B 81 11.50 24.43 16.06
N LEU B 82 12.53 25.02 15.48
CA LEU B 82 12.89 26.41 15.81
C LEU B 82 11.95 27.43 15.20
N LYS B 83 11.27 27.05 14.13
CA LYS B 83 10.26 27.91 13.51
C LYS B 83 8.90 27.65 14.15
N SER B 84 8.65 26.41 14.53
CA SER B 84 7.40 26.00 15.18
C SER B 84 7.20 26.70 16.54
N ASP B 85 8.29 26.88 17.29
CA ASP B 85 8.23 27.52 18.59
C ASP B 85 9.61 28.05 18.98
N ASP B 86 9.82 29.36 18.84
CA ASP B 86 11.11 29.97 19.23
C ASP B 86 11.02 30.80 20.52
N SER B 87 10.01 30.53 21.34
CA SER B 87 9.92 31.16 22.67
C SER B 87 11.22 30.92 23.47
N GLN B 88 11.67 29.67 23.49
CA GLN B 88 13.05 29.32 23.93
C GLN B 88 14.09 29.79 22.90
N LYS B 89 14.67 30.97 23.14
CA LYS B 89 15.55 31.64 22.16
C LYS B 89 16.94 31.00 22.14
N ASN B 90 16.95 29.68 21.96
CA ASN B 90 18.18 28.89 21.92
C ASN B 90 18.14 28.07 20.63
N ASN B 91 19.09 28.32 19.73
CA ASN B 91 19.17 27.57 18.46
C ASN B 91 20.12 26.37 18.48
N LEU B 92 20.86 26.22 19.57
CA LEU B 92 21.69 25.02 19.81
C LEU B 92 20.84 23.83 20.27
N PHE B 93 20.35 23.06 19.30
CA PHE B 93 19.67 21.80 19.56
C PHE B 93 20.64 20.63 19.54
N LEU B 94 20.58 19.78 20.56
CA LEU B 94 21.37 18.54 20.54
C LEU B 94 20.52 17.30 20.33
N PHE B 95 21.07 16.39 19.53
CA PHE B 95 20.52 15.09 19.30
C PHE B 95 20.56 14.36 20.64
N ALA B 96 19.41 13.89 21.12
CA ALA B 96 19.34 13.11 22.36
C ALA B 96 19.19 11.60 22.11
N GLY B 97 18.55 11.24 21.00
CA GLY B 97 18.39 9.84 20.64
C GLY B 97 17.88 9.72 19.22
N VAL B 98 18.15 8.58 18.58
CA VAL B 98 17.57 8.31 17.27
C VAL B 98 17.23 6.84 17.24
N ASP B 99 16.16 6.49 16.53
CA ASP B 99 15.62 5.12 16.56
C ASP B 99 15.02 4.73 15.22
N GLY B 100 15.20 3.46 14.88
CA GLY B 100 14.62 2.91 13.68
C GLY B 100 15.11 3.54 12.42
N VAL B 101 16.43 3.51 12.23
CA VAL B 101 17.03 4.02 11.00
C VAL B 101 17.32 2.84 10.09
N ARG B 102 16.90 2.98 8.82
CA ARG B 102 17.14 2.00 7.79
C ARG B 102 17.60 2.64 6.50
N TRP B 103 18.76 2.21 6.02
CA TRP B 103 19.30 2.71 4.75
C TRP B 103 19.02 1.69 3.65
N LYS B 104 18.27 2.12 2.64
CA LYS B 104 17.83 1.19 1.59
C LYS B 104 18.81 1.18 0.41
N LYS B 105 19.26 2.37 0.00
CA LYS B 105 20.02 2.55 -1.23
C LYS B 105 21.14 3.54 -0.96
N PRO B 106 22.33 3.32 -1.56
CA PRO B 106 23.44 4.26 -1.50
C PRO B 106 23.09 5.62 -2.11
N VAL B 107 23.43 6.68 -1.38
CA VAL B 107 23.34 8.03 -1.94
C VAL B 107 24.69 8.42 -2.57
N LEU B 108 24.69 8.82 -3.84
CA LEU B 108 25.96 9.02 -4.57
C LEU B 108 26.11 10.43 -5.10
N PRO B 109 27.34 10.81 -5.47
CA PRO B 109 27.58 12.10 -6.08
C PRO B 109 26.71 12.24 -7.31
N GLY B 110 26.01 13.35 -7.44
CA GLY B 110 25.06 13.55 -8.53
C GLY B 110 23.59 13.53 -8.07
N ASP B 111 23.32 12.86 -6.96
CA ASP B 111 21.97 12.74 -6.44
C ASP B 111 21.41 14.00 -5.80
N THR B 112 20.09 14.17 -5.89
CA THR B 112 19.43 15.19 -5.08
C THR B 112 18.76 14.43 -3.95
N LEU B 113 19.18 14.73 -2.71
CA LEU B 113 18.60 14.12 -1.52
C LEU B 113 17.44 15.00 -1.08
N THR B 114 16.22 14.50 -1.31
CA THR B 114 15.00 15.22 -0.91
C THR B 114 14.59 14.62 0.39
N MET B 115 14.34 15.50 1.35
CA MET B 115 14.09 15.11 2.74
C MET B 115 12.78 15.65 3.31
N GLN B 116 12.10 14.80 4.08
CA GLN B 116 10.88 15.21 4.78
C GLN B 116 10.92 14.79 6.22
N ALA B 117 10.75 15.77 7.11
CA ALA B 117 10.62 15.49 8.54
C ALA B 117 9.24 15.86 9.08
N ASN B 118 8.70 15.02 9.96
CA ASN B 118 7.35 15.20 10.49
C ASN B 118 7.36 15.23 11.99
N LEU B 119 6.85 16.31 12.57
CA LEU B 119 6.80 16.45 14.02
C LEU B 119 5.75 15.53 14.65
N ILE B 120 6.17 14.78 15.66
CA ILE B 120 5.30 13.85 16.38
C ILE B 120 4.81 14.45 17.70
N SER B 121 5.75 14.82 18.58
CA SER B 121 5.40 15.44 19.86
C SER B 121 6.40 16.52 20.24
N PHE B 122 5.88 17.59 20.83
CA PHE B 122 6.68 18.69 21.35
C PHE B 122 6.22 18.92 22.78
N LYS B 123 7.15 18.91 23.72
CA LYS B 123 6.86 19.27 25.09
C LYS B 123 7.67 20.52 25.42
N SER B 124 7.23 21.67 24.92
CA SER B 124 7.96 22.94 25.13
C SER B 124 8.34 23.16 26.60
N SER B 125 7.67 22.40 27.48
CA SER B 125 7.97 22.39 28.94
C SER B 125 9.38 21.87 29.30
N LEU B 126 9.84 20.83 28.60
CA LEU B 126 11.17 20.25 28.83
C LEU B 126 12.21 20.70 27.79
N GLY B 127 11.74 20.81 26.53
CA GLY B 127 12.57 21.01 25.36
C GLY B 127 12.69 19.68 24.60
N ILE B 128 11.65 18.85 24.71
CA ILE B 128 11.67 17.52 24.17
C ILE B 128 10.82 17.39 22.91
N ALA B 129 11.49 17.29 21.76
CA ALA B 129 10.78 17.15 20.50
C ALA B 129 11.09 15.80 19.88
N LYS B 130 10.09 15.17 19.29
CA LYS B 130 10.26 13.89 18.61
C LYS B 130 9.76 14.08 17.20
N LEU B 131 10.54 13.55 16.23
CA LEU B 131 10.24 13.69 14.79
C LEU B 131 10.59 12.45 14.00
N SER B 132 9.86 12.21 12.91
CA SER B 132 10.19 11.14 11.96
C SER B 132 10.80 11.74 10.68
N GLY B 133 11.51 10.92 9.91
CA GLY B 133 12.20 11.44 8.74
C GLY B 133 12.33 10.42 7.66
N VAL B 134 12.17 10.88 6.42
CA VAL B 134 12.37 10.07 5.24
C VAL B 134 13.21 10.88 4.24
N GLY B 135 14.11 10.20 3.55
CA GLY B 135 14.89 10.83 2.47
C GLY B 135 14.76 10.05 1.19
N TYR B 136 14.60 10.78 0.09
CA TYR B 136 14.43 10.20 -1.25
C TYR B 136 15.47 10.67 -2.25
N VAL B 137 15.77 9.78 -3.19
CA VAL B 137 16.51 10.16 -4.37
C VAL B 137 15.69 9.62 -5.51
N ASN B 138 15.26 10.52 -6.40
CA ASN B 138 14.45 10.17 -7.57
C ASN B 138 13.13 9.49 -7.18
N GLY B 139 12.45 10.04 -6.17
CA GLY B 139 11.20 9.45 -5.69
C GLY B 139 11.32 8.10 -4.98
N LYS B 140 12.51 7.49 -5.00
CA LYS B 140 12.80 6.23 -4.30
C LYS B 140 13.38 6.46 -2.90
N VAL B 141 12.88 5.73 -1.91
CA VAL B 141 13.30 5.91 -0.51
C VAL B 141 14.74 5.46 -0.31
N VAL B 142 15.59 6.32 0.28
CA VAL B 142 16.98 5.93 0.53
C VAL B 142 17.24 5.75 2.00
N ILE B 143 16.58 6.58 2.81
CA ILE B 143 16.70 6.47 4.27
C ILE B 143 15.34 6.62 4.97
N ASN B 144 15.11 5.77 5.98
CA ASN B 144 13.98 5.91 6.91
C ASN B 144 14.43 6.16 8.33
N ILE B 145 13.79 7.13 8.99
CA ILE B 145 13.97 7.30 10.43
C ILE B 145 12.64 7.33 11.19
N SER B 146 12.40 6.32 12.01
CA SER B 146 11.18 6.24 12.82
C SER B 146 11.09 7.45 13.73
N GLU B 147 12.17 7.72 14.47
CA GLU B 147 12.10 8.68 15.58
C GLU B 147 13.45 9.34 15.88
N MET B 148 13.48 10.65 15.67
CA MET B 148 14.57 11.49 16.11
C MET B 148 14.12 12.21 17.39
N THR B 149 14.96 12.19 18.42
CA THR B 149 14.67 12.88 19.67
C THR B 149 15.67 14.03 19.88
N PHE B 150 15.14 15.25 20.00
CA PHE B 150 15.96 16.45 20.19
C PHE B 150 15.74 17.20 21.51
N ALA B 151 16.80 17.84 22.00
CA ALA B 151 16.79 18.54 23.28
C ALA B 151 17.55 19.91 23.23
N LEU B 152 16.89 21.06 23.05
CA LEU B 152 17.65 22.34 23.13
C LEU B 152 17.89 22.71 24.58
N SER B 153 19.16 22.78 25.01
CA SER B 153 19.54 23.11 26.43
C SER B 153 19.84 24.61 26.71
N THR C 9 72.06 23.97 -8.82
CA THR C 9 71.01 24.23 -9.84
C THR C 9 69.63 24.66 -9.28
N SER C 10 68.66 24.86 -10.20
CA SER C 10 67.24 25.03 -9.94
C SER C 10 66.68 23.66 -9.54
N ILE C 11 65.52 23.60 -8.86
CA ILE C 11 64.72 22.34 -8.73
C ILE C 11 63.25 22.74 -8.63
N ASP C 12 62.39 22.31 -9.58
CA ASP C 12 60.93 22.72 -9.61
C ASP C 12 60.14 22.13 -8.46
N ILE C 13 58.85 22.44 -8.36
CA ILE C 13 57.99 21.80 -7.37
C ILE C 13 57.72 20.30 -7.62
N GLU C 14 57.62 19.90 -8.88
CA GLU C 14 57.42 18.49 -9.23
C GLU C 14 58.61 17.64 -8.81
N ASP C 15 59.81 18.20 -8.97
CA ASP C 15 61.02 17.52 -8.61
C ASP C 15 61.29 17.60 -7.12
N ILE C 16 60.86 18.69 -6.48
CA ILE C 16 60.88 18.75 -5.02
C ILE C 16 60.10 17.58 -4.42
N LYS C 17 58.92 17.32 -4.94
CA LYS C 17 58.07 16.25 -4.42
C LYS C 17 58.71 14.85 -4.64
N LYS C 18 59.70 14.78 -5.53
CA LYS C 18 60.40 13.54 -5.81
C LYS C 18 61.43 13.29 -4.74
N ILE C 19 61.92 14.37 -4.17
CA ILE C 19 62.96 14.29 -3.14
C ILE C 19 62.31 14.18 -1.77
N LEU C 20 61.44 15.13 -1.44
CA LEU C 20 60.75 15.15 -0.14
C LEU C 20 59.45 14.34 -0.09
N PRO C 21 59.14 13.72 1.05
CA PRO C 21 57.86 13.01 1.18
C PRO C 21 56.71 13.90 1.56
N HIS C 22 57.00 15.13 1.95
CA HIS C 22 56.01 16.09 2.46
C HIS C 22 54.97 16.37 1.40
N ARG C 23 53.70 16.38 1.81
CA ARG C 23 52.61 16.78 0.93
C ARG C 23 51.73 17.87 1.55
N TYR C 24 50.71 18.30 0.81
CA TYR C 24 49.79 19.29 1.31
C TYR C 24 49.03 18.73 2.53
N PRO C 25 48.83 19.57 3.56
CA PRO C 25 49.18 20.98 3.72
C PRO C 25 50.47 21.22 4.48
N PHE C 26 51.49 20.38 4.27
CA PHE C 26 52.75 20.60 4.96
C PHE C 26 54.05 20.57 4.13
N LEU C 27 53.94 20.89 2.85
CA LEU C 27 55.11 21.09 2.03
C LEU C 27 55.32 22.61 1.93
N LEU C 28 56.45 23.09 2.45
CA LEU C 28 56.66 24.51 2.61
C LEU C 28 57.89 25.02 1.85
N VAL C 29 58.24 24.31 0.79
CA VAL C 29 59.21 24.80 -0.18
C VAL C 29 58.56 24.81 -1.56
N ASP C 30 58.43 26.00 -2.15
CA ASP C 30 57.86 26.13 -3.49
C ASP C 30 58.89 25.97 -4.61
N LYS C 31 60.09 26.50 -4.43
CA LYS C 31 61.12 26.40 -5.45
C LYS C 31 62.51 26.37 -4.84
N VAL C 32 63.39 25.54 -5.40
CA VAL C 32 64.81 25.63 -5.07
C VAL C 32 65.54 26.36 -6.17
N ILE C 33 66.16 27.47 -5.84
CA ILE C 33 66.77 28.33 -6.86
C ILE C 33 68.27 28.14 -7.06
N TYR C 34 68.98 27.77 -5.99
CA TYR C 34 70.39 27.39 -6.10
C TYR C 34 70.75 26.30 -5.14
N MET C 35 71.55 25.35 -5.58
CA MET C 35 72.01 24.30 -4.68
C MET C 35 73.45 23.87 -4.94
N GLN C 36 74.24 23.79 -3.89
CA GLN C 36 75.55 23.17 -3.99
C GLN C 36 75.67 21.99 -3.03
N PRO C 37 75.69 20.75 -3.57
CA PRO C 37 75.79 19.55 -2.77
C PRO C 37 76.82 19.69 -1.66
N ASN C 38 76.53 19.12 -0.50
CA ASN C 38 77.43 19.17 0.66
C ASN C 38 77.78 20.59 1.16
N LYS C 39 77.21 21.63 0.54
CA LYS C 39 77.49 23.00 1.02
C LYS C 39 76.27 23.86 1.38
N THR C 40 75.61 24.43 0.38
CA THR C 40 74.55 25.40 0.61
C THR C 40 73.34 25.21 -0.33
N ILE C 41 72.17 25.69 0.11
CA ILE C 41 70.97 25.64 -0.70
C ILE C 41 70.14 26.93 -0.54
N ILE C 42 69.64 27.43 -1.66
CA ILE C 42 68.77 28.59 -1.60
C ILE C 42 67.48 28.27 -2.29
N GLY C 43 66.38 28.59 -1.62
CA GLY C 43 65.08 28.40 -2.17
C GLY C 43 64.09 29.42 -1.68
N LEU C 44 62.84 29.26 -2.10
CA LEU C 44 61.77 30.18 -1.71
C LEU C 44 60.40 29.55 -1.35
N LYS C 45 59.66 30.26 -0.52
CA LYS C 45 58.30 29.91 -0.20
C LYS C 45 57.49 31.18 -0.44
N GLN C 46 56.49 31.08 -1.32
CA GLN C 46 55.55 32.16 -1.56
C GLN C 46 54.47 32.15 -0.49
N VAL C 47 54.27 33.29 0.16
CA VAL C 47 53.30 33.44 1.26
C VAL C 47 52.01 34.11 0.74
N SER C 48 50.95 33.33 0.62
CA SER C 48 49.70 33.83 0.14
C SER C 48 48.65 33.76 1.23
N THR C 49 47.62 34.60 1.14
CA THR C 49 46.43 34.50 2.01
C THR C 49 45.67 33.19 1.81
N ASN C 50 45.81 32.62 0.61
CA ASN C 50 45.18 31.37 0.22
C ASN C 50 45.87 30.10 0.68
N GLU C 51 46.26 30.10 1.95
CA GLU C 51 46.88 28.97 2.58
C GLU C 51 46.05 28.62 3.81
N PRO C 52 45.91 27.32 4.11
CA PRO C 52 44.98 26.86 5.12
C PRO C 52 45.32 27.29 6.56
N PHE C 53 46.59 27.55 6.87
CA PHE C 53 46.92 27.96 8.22
C PHE C 53 46.47 29.42 8.58
N PHE C 54 46.22 30.25 7.55
CA PHE C 54 46.04 31.66 7.78
C PHE C 54 44.77 31.99 8.46
N ASN C 55 43.77 31.14 8.33
CA ASN C 55 42.50 31.34 9.01
C ASN C 55 42.65 31.26 10.49
N GLY C 56 43.60 30.45 10.94
CA GLY C 56 43.77 30.13 12.35
C GLY C 56 44.88 30.92 12.99
N HIS C 57 45.55 31.77 12.23
CA HIS C 57 46.75 32.45 12.71
C HIS C 57 46.99 33.74 11.93
N PHE C 58 46.17 34.78 12.16
CA PHE C 58 45.06 34.77 13.12
C PHE C 58 43.85 35.34 12.41
N PRO C 59 42.64 35.04 12.90
CA PRO C 59 41.45 35.59 12.25
C PRO C 59 41.56 37.11 12.01
N GLN C 60 41.97 37.85 13.03
CA GLN C 60 42.01 39.31 12.96
C GLN C 60 43.30 39.81 12.34
N LYS C 61 44.32 38.96 12.25
CA LYS C 61 45.58 39.41 11.68
C LYS C 61 46.37 38.23 11.13
N GLN C 62 46.58 38.20 9.84
CA GLN C 62 47.30 37.08 9.21
C GLN C 62 48.82 37.21 9.30
N ILE C 63 49.43 36.32 10.08
CA ILE C 63 50.87 36.30 10.27
C ILE C 63 51.28 34.86 10.11
N MET C 64 52.26 34.61 9.23
CA MET C 64 52.78 33.26 9.04
C MET C 64 53.45 32.79 10.33
N PRO C 65 52.96 31.65 10.87
CA PRO C 65 53.51 31.11 12.12
C PRO C 65 55.00 30.88 11.99
N GLY C 66 55.75 31.38 12.97
CA GLY C 66 57.17 31.15 13.06
C GLY C 66 57.57 29.70 12.94
N VAL C 67 56.86 28.81 13.64
CA VAL C 67 57.16 27.38 13.56
C VAL C 67 57.16 26.84 12.12
N LEU C 68 56.33 27.44 11.27
CA LEU C 68 56.24 27.02 9.88
C LEU C 68 57.39 27.59 9.04
N GLN C 69 57.93 28.73 9.48
CA GLN C 69 59.18 29.25 8.97
C GLN C 69 60.34 28.31 9.31
N ILE C 70 60.30 27.74 10.50
CA ILE C 70 61.28 26.73 10.89
C ILE C 70 61.12 25.52 10.00
N GLU C 71 59.89 25.06 9.83
CA GLU C 71 59.62 23.90 8.98
C GLU C 71 60.14 24.09 7.56
N ALA C 72 59.90 25.28 7.02
CA ALA C 72 60.24 25.60 5.65
C ALA C 72 61.77 25.54 5.45
N LEU C 73 62.50 26.17 6.35
CA LEU C 73 63.95 26.07 6.26
C LEU C 73 64.43 24.66 6.45
N ALA C 74 63.71 23.93 7.30
CA ALA C 74 64.10 22.58 7.64
C ALA C 74 63.90 21.64 6.49
N GLN C 75 62.84 21.89 5.70
CA GLN C 75 62.55 21.10 4.52
C GLN C 75 63.55 21.36 3.42
N LEU C 76 63.97 22.63 3.29
CA LEU C 76 65.02 23.05 2.36
C LEU C 76 66.35 22.44 2.74
N ALA C 77 66.72 22.56 4.03
CA ALA C 77 67.84 21.81 4.61
C ALA C 77 67.81 20.30 4.29
N GLY C 78 66.65 19.67 4.48
CA GLY C 78 66.46 18.27 4.17
C GLY C 78 66.70 17.89 2.71
N ILE C 79 66.38 18.80 1.79
CA ILE C 79 66.61 18.59 0.37
C ILE C 79 68.08 18.51 0.13
N LEU C 80 68.83 19.45 0.69
CA LEU C 80 70.26 19.51 0.54
C LEU C 80 70.92 18.21 1.01
N CYS C 81 70.48 17.72 2.16
CA CYS C 81 70.96 16.44 2.69
C CYS C 81 70.72 15.28 1.74
N LEU C 82 69.51 15.15 1.23
CA LEU C 82 69.17 14.03 0.40
C LEU C 82 69.86 14.07 -0.99
N LYS C 83 70.22 15.25 -1.46
CA LYS C 83 70.94 15.38 -2.72
C LYS C 83 72.44 15.36 -2.51
N SER C 84 72.88 15.74 -1.30
CA SER C 84 74.28 15.65 -0.94
C SER C 84 74.75 14.22 -0.80
N ASP C 85 73.90 13.34 -0.27
CA ASP C 85 74.24 11.93 -0.05
C ASP C 85 72.96 11.10 0.05
N ASP C 86 72.62 10.36 -1.03
CA ASP C 86 71.42 9.50 -1.02
C ASP C 86 71.76 7.99 -0.98
N SER C 87 72.99 7.65 -0.58
CA SER C 87 73.35 6.23 -0.32
C SER C 87 72.32 5.59 0.63
N GLN C 88 72.03 6.24 1.77
CA GLN C 88 70.86 5.88 2.62
C GLN C 88 69.59 6.27 1.86
N LYS C 89 68.98 5.29 1.18
CA LYS C 89 67.79 5.50 0.34
C LYS C 89 66.52 5.67 1.16
N ASN C 90 66.56 6.61 2.11
CA ASN C 90 65.45 6.92 3.00
C ASN C 90 65.20 8.41 2.95
N ASN C 91 64.04 8.82 2.44
CA ASN C 91 63.69 10.26 2.35
C ASN C 91 62.92 10.81 3.56
N LEU C 92 62.47 9.90 4.43
CA LEU C 92 61.86 10.29 5.71
C LEU C 92 62.91 10.76 6.73
N PHE C 93 63.17 12.07 6.76
CA PHE C 93 64.05 12.63 7.78
C PHE C 93 63.20 13.15 8.90
N LEU C 94 63.67 12.97 10.12
CA LEU C 94 63.02 13.63 11.26
C LEU C 94 63.90 14.68 11.92
N PHE C 95 63.25 15.76 12.34
CA PHE C 95 63.83 16.82 13.12
C PHE C 95 64.21 16.20 14.44
N ALA C 96 65.49 16.32 14.83
CA ALA C 96 65.97 15.77 16.11
C ALA C 96 66.18 16.88 17.13
N GLY C 97 66.56 18.05 16.66
CA GLY C 97 66.73 19.21 17.53
C GLY C 97 66.82 20.48 16.71
N VAL C 98 66.48 21.59 17.33
CA VAL C 98 66.70 22.89 16.75
C VAL C 98 67.17 23.87 17.82
N ASP C 99 68.08 24.76 17.44
CA ASP C 99 68.71 25.61 18.39
C ASP C 99 68.95 26.98 17.81
N GLY C 100 68.75 28.01 18.63
CA GLY C 100 69.10 29.37 18.30
C GLY C 100 68.22 29.96 17.22
N VAL C 101 66.91 29.85 17.42
CA VAL C 101 65.94 30.47 16.51
C VAL C 101 65.54 31.85 17.01
N ARG C 102 65.55 32.82 16.10
CA ARG C 102 65.16 34.19 16.42
C ARG C 102 64.34 34.72 15.27
N TRP C 103 63.13 35.15 15.58
CA TRP C 103 62.25 35.82 14.61
C TRP C 103 62.33 37.35 14.74
N LYS C 104 62.76 38.01 13.68
CA LYS C 104 62.96 39.46 13.73
C LYS C 104 61.71 40.20 13.30
N LYS C 105 61.12 39.75 12.20
CA LYS C 105 60.04 40.48 11.52
C LYS C 105 58.92 39.52 11.13
N PRO C 106 57.65 39.97 11.27
CA PRO C 106 56.51 39.19 10.82
C PRO C 106 56.55 38.89 9.33
N VAL C 107 56.24 37.63 8.96
CA VAL C 107 56.12 37.27 7.55
C VAL C 107 54.64 37.29 7.22
N LEU C 108 54.28 38.02 6.16
CA LEU C 108 52.87 38.34 5.87
C LEU C 108 52.42 37.87 4.47
N PRO C 109 51.10 37.67 4.29
CA PRO C 109 50.58 37.39 2.94
C PRO C 109 51.05 38.44 1.92
N GLY C 110 51.64 37.96 0.83
CA GLY C 110 52.20 38.86 -0.15
C GLY C 110 53.69 38.77 -0.22
N ASP C 111 54.31 38.25 0.84
CA ASP C 111 55.75 38.21 0.93
C ASP C 111 56.29 37.03 0.18
N THR C 112 57.52 37.15 -0.31
CA THR C 112 58.31 36.02 -0.76
C THR C 112 59.34 35.77 0.32
N LEU C 113 59.32 34.57 0.86
CA LEU C 113 60.25 34.15 1.88
C LEU C 113 61.39 33.45 1.14
N THR C 114 62.53 34.13 1.08
CA THR C 114 63.74 33.59 0.48
C THR C 114 64.54 32.93 1.60
N MET C 115 64.99 31.68 1.36
CA MET C 115 65.59 30.87 2.42
C MET C 115 66.93 30.30 2.03
N GLN C 116 67.87 30.34 2.96
CA GLN C 116 69.17 29.72 2.75
C GLN C 116 69.54 28.81 3.89
N ALA C 117 69.89 27.58 3.59
CA ALA C 117 70.42 26.65 4.59
C ALA C 117 71.86 26.22 4.25
N ASN C 118 72.68 26.09 5.29
CA ASN C 118 74.09 25.79 5.12
C ASN C 118 74.48 24.57 5.92
N LEU C 119 74.98 23.56 5.24
CA LEU C 119 75.40 22.33 5.90
C LEU C 119 76.67 22.54 6.75
N ILE C 120 76.61 22.11 8.01
CA ILE C 120 77.73 22.26 8.96
C ILE C 120 78.49 20.95 9.08
N SER C 121 77.81 19.90 9.53
CA SER C 121 78.41 18.58 9.65
C SER C 121 77.46 17.48 9.20
N PHE C 122 78.02 16.45 8.58
CA PHE C 122 77.27 15.26 8.17
C PHE C 122 78.08 14.06 8.64
N LYS C 123 77.41 13.14 9.32
CA LYS C 123 78.07 11.94 9.79
C LYS C 123 77.33 10.77 9.14
N SER C 124 77.67 10.58 7.86
CA SER C 124 77.45 9.37 7.06
C SER C 124 76.07 8.76 7.09
N SER C 125 76.07 7.43 7.20
CA SER C 125 74.91 6.66 7.56
C SER C 125 75.09 6.32 9.07
N LEU C 126 75.34 7.37 9.87
CA LEU C 126 74.98 7.33 11.29
C LEU C 126 73.63 8.07 11.27
N GLY C 127 73.62 9.06 10.37
CA GLY C 127 72.47 9.82 9.95
C GLY C 127 72.26 11.17 10.60
N ILE C 128 73.32 11.78 11.13
CA ILE C 128 73.20 13.03 11.90
C ILE C 128 73.72 14.17 11.04
N ALA C 129 72.81 15.04 10.64
CA ALA C 129 73.21 16.24 9.91
C ALA C 129 72.89 17.47 10.73
N LYS C 130 73.80 18.44 10.70
CA LYS C 130 73.60 19.73 11.32
C LYS C 130 73.66 20.84 10.29
N LEU C 131 72.74 21.79 10.35
CA LEU C 131 72.67 22.84 9.35
C LEU C 131 72.22 24.12 9.98
N SER C 132 72.59 25.24 9.38
CA SER C 132 72.16 26.56 9.80
C SER C 132 71.23 27.12 8.75
N GLY C 133 70.38 28.07 9.15
CA GLY C 133 69.39 28.64 8.26
C GLY C 133 69.05 30.08 8.48
N VAL C 134 68.76 30.77 7.37
CA VAL C 134 68.34 32.17 7.40
C VAL C 134 67.21 32.34 6.42
N GLY C 135 66.25 33.18 6.77
CA GLY C 135 65.18 33.54 5.87
C GLY C 135 65.05 35.01 5.71
N TYR C 136 64.76 35.45 4.50
CA TYR C 136 64.62 36.86 4.18
C TYR C 136 63.32 37.22 3.50
N VAL C 137 62.84 38.42 3.76
CA VAL C 137 61.80 39.04 2.96
C VAL C 137 62.29 40.43 2.54
N ASN C 138 62.43 40.65 1.23
CA ASN C 138 62.94 41.92 0.72
C ASN C 138 64.36 42.24 1.21
N GLY C 139 65.23 41.24 1.16
CA GLY C 139 66.60 41.40 1.60
C GLY C 139 66.79 41.59 3.09
N LYS C 140 65.69 41.79 3.82
CA LYS C 140 65.72 41.92 5.29
C LYS C 140 65.52 40.58 5.99
N VAL C 141 66.33 40.35 7.05
CA VAL C 141 66.30 39.10 7.83
C VAL C 141 65.01 38.94 8.62
N VAL C 142 64.31 37.82 8.43
CA VAL C 142 63.06 37.56 9.18
C VAL C 142 63.18 36.47 10.22
N ILE C 143 64.01 35.48 9.92
CA ILE C 143 64.29 34.36 10.81
C ILE C 143 65.73 33.92 10.71
N ASN C 144 66.33 33.68 11.89
CA ASN C 144 67.66 33.07 12.04
C ASN C 144 67.58 31.73 12.75
N ILE C 145 68.30 30.74 12.25
CA ILE C 145 68.45 29.50 12.98
C ILE C 145 69.93 29.14 13.00
N SER C 146 70.50 29.12 14.21
CA SER C 146 71.88 28.67 14.46
C SER C 146 72.10 27.24 14.04
N GLU C 147 71.24 26.33 14.46
CA GLU C 147 71.47 24.91 14.23
C GLU C 147 70.19 24.08 14.17
N MET C 148 69.98 23.43 13.04
CA MET C 148 68.99 22.41 12.89
C MET C 148 69.70 21.06 12.94
N THR C 149 69.17 20.12 13.69
CA THR C 149 69.75 18.78 13.76
C THR C 149 68.77 17.75 13.21
N PHE C 150 69.22 16.95 12.26
CA PHE C 150 68.33 15.97 11.64
C PHE C 150 68.73 14.53 11.92
N ALA C 151 67.74 13.65 11.97
CA ALA C 151 68.02 12.20 12.03
C ALA C 151 67.63 11.61 10.68
N LEU C 152 68.58 10.84 10.11
CA LEU C 152 68.60 10.43 8.68
C LEU C 152 67.78 9.20 8.33
N ASP D 8 39.73 22.22 40.62
CA ASP D 8 39.12 22.60 39.31
C ASP D 8 39.68 23.97 38.86
N THR D 9 41.01 24.11 38.97
CA THR D 9 41.85 25.27 38.56
C THR D 9 42.18 25.22 37.05
N SER D 10 41.21 24.78 36.25
CA SER D 10 41.45 24.43 34.85
C SER D 10 40.73 25.32 33.82
N ILE D 11 41.03 25.11 32.53
CA ILE D 11 40.42 25.88 31.45
C ILE D 11 40.10 24.92 30.34
N ASP D 12 38.90 25.04 29.77
CA ASP D 12 38.50 24.11 28.72
C ASP D 12 38.50 24.83 27.38
N ILE D 13 38.12 24.11 26.33
CA ILE D 13 38.31 24.67 24.98
C ILE D 13 37.73 26.08 24.76
N GLU D 14 36.48 26.31 25.17
CA GLU D 14 35.79 27.60 24.91
C GLU D 14 36.47 28.78 25.57
N ASP D 15 37.00 28.54 26.77
CA ASP D 15 37.68 29.58 27.51
C ASP D 15 39.12 29.76 27.05
N ILE D 16 39.72 28.69 26.52
CA ILE D 16 41.03 28.82 25.85
C ILE D 16 40.92 29.82 24.70
N LYS D 17 39.87 29.67 23.89
CA LYS D 17 39.59 30.56 22.75
C LYS D 17 39.32 32.01 23.12
N LYS D 18 38.98 32.25 24.38
CA LYS D 18 38.85 33.61 24.93
C LYS D 18 40.20 34.19 25.23
N ILE D 19 41.14 33.31 25.59
CA ILE D 19 42.48 33.76 25.93
C ILE D 19 43.34 33.91 24.68
N LEU D 20 43.49 32.83 23.93
CA LEU D 20 44.29 32.84 22.69
C LEU D 20 43.52 33.33 21.45
N PRO D 21 44.22 33.97 20.53
CA PRO D 21 43.56 34.36 19.29
C PRO D 21 43.56 33.25 18.21
N HIS D 22 44.33 32.18 18.47
CA HIS D 22 44.55 31.09 17.52
C HIS D 22 43.23 30.44 17.22
N ARG D 23 43.00 30.08 15.97
CA ARG D 23 41.84 29.28 15.63
C ARG D 23 42.25 28.12 14.80
N TYR D 24 41.28 27.43 14.22
CA TYR D 24 41.53 26.25 13.34
C TYR D 24 42.09 26.77 12.03
N PRO D 25 43.07 26.06 11.44
CA PRO D 25 43.69 24.82 11.92
C PRO D 25 44.97 24.99 12.77
N PHE D 26 45.05 26.03 13.58
CA PHE D 26 46.30 26.26 14.26
C PHE D 26 46.18 26.50 15.73
N LEU D 27 45.10 26.03 16.33
CA LEU D 27 44.99 26.02 17.76
C LEU D 27 45.37 24.64 18.23
N LEU D 28 46.44 24.56 19.03
CA LEU D 28 47.06 23.28 19.36
C LEU D 28 47.04 22.93 20.85
N VAL D 29 46.16 23.59 21.57
CA VAL D 29 45.90 23.25 22.96
C VAL D 29 44.44 22.85 23.09
N ASP D 30 44.17 21.60 23.44
CA ASP D 30 42.80 21.17 23.67
C ASP D 30 42.27 21.56 25.06
N LYS D 31 43.04 21.26 26.11
CA LYS D 31 42.62 21.50 27.48
C LYS D 31 43.77 21.94 28.40
N VAL D 32 43.51 22.92 29.26
CA VAL D 32 44.45 23.27 30.32
C VAL D 32 43.98 22.63 31.61
N ILE D 33 44.80 21.74 32.17
CA ILE D 33 44.41 20.95 33.34
C ILE D 33 44.88 21.51 34.68
N TYR D 34 46.01 22.20 34.69
CA TYR D 34 46.49 22.89 35.90
C TYR D 34 47.21 24.17 35.52
N MET D 35 47.02 25.22 36.30
CA MET D 35 47.72 26.48 36.06
C MET D 35 48.04 27.24 37.35
N GLN D 36 49.30 27.67 37.48
CA GLN D 36 49.66 28.58 38.55
C GLN D 36 50.26 29.87 37.99
N PRO D 37 49.48 30.97 38.09
CA PRO D 37 49.92 32.27 37.58
C PRO D 37 51.36 32.53 37.94
N ASN D 38 52.10 33.15 37.02
CA ASN D 38 53.52 33.49 37.21
C ASN D 38 54.45 32.29 37.50
N LYS D 39 53.95 31.06 37.43
CA LYS D 39 54.81 29.90 37.68
C LYS D 39 54.74 28.82 36.60
N THR D 40 53.71 27.97 36.62
CA THR D 40 53.69 26.79 35.77
C THR D 40 52.29 26.50 35.18
N ILE D 41 52.26 25.82 34.05
CA ILE D 41 50.99 25.45 33.39
C ILE D 41 51.04 24.03 32.82
N ILE D 42 49.99 23.26 33.04
CA ILE D 42 49.93 21.94 32.46
C ILE D 42 48.70 21.82 31.57
N GLY D 43 48.89 21.34 30.36
CA GLY D 43 47.79 21.17 29.43
C GLY D 43 47.96 19.93 28.57
N LEU D 44 46.99 19.69 27.70
CA LEU D 44 47.06 18.57 26.80
C LEU D 44 46.59 18.86 25.37
N LYS D 45 47.09 18.06 24.43
CA LYS D 45 46.67 18.13 23.06
C LYS D 45 46.38 16.72 22.66
N GLN D 46 45.16 16.47 22.22
CA GLN D 46 44.83 15.13 21.77
C GLN D 46 45.28 14.98 20.34
N VAL D 47 45.93 13.86 20.02
CA VAL D 47 46.52 13.62 18.71
C VAL D 47 45.70 12.58 17.97
N SER D 48 44.92 13.04 17.00
CA SER D 48 44.06 12.15 16.21
C SER D 48 44.43 12.10 14.73
N THR D 49 44.06 11.01 14.07
CA THR D 49 44.30 10.89 12.62
C THR D 49 43.46 11.87 11.81
N ASN D 50 42.43 12.39 12.45
CA ASN D 50 41.51 13.31 11.85
C ASN D 50 41.91 14.76 12.03
N GLU D 51 43.19 15.04 11.78
CA GLU D 51 43.69 16.42 11.83
C GLU D 51 44.31 16.69 10.47
N PRO D 52 44.12 17.92 9.94
CA PRO D 52 44.49 18.27 8.57
C PRO D 52 45.98 18.10 8.20
N PHE D 53 46.89 18.16 9.18
CA PHE D 53 48.32 18.08 8.84
C PHE D 53 48.80 16.68 8.51
N PHE D 54 48.05 15.68 8.99
CA PHE D 54 48.50 14.28 8.93
C PHE D 54 48.59 13.71 7.52
N ASN D 55 47.74 14.19 6.62
CA ASN D 55 47.80 13.83 5.22
C ASN D 55 49.13 14.19 4.56
N GLY D 56 49.74 15.28 5.02
CA GLY D 56 50.97 15.79 4.43
C GLY D 56 52.24 15.38 5.16
N HIS D 57 52.09 14.70 6.30
CA HIS D 57 53.22 14.41 7.18
C HIS D 57 53.01 13.12 7.99
N PHE D 58 53.06 11.95 7.35
CA PHE D 58 53.37 11.79 5.94
C PHE D 58 52.33 10.84 5.35
N PRO D 59 52.15 10.88 4.02
CA PRO D 59 51.19 9.95 3.41
C PRO D 59 51.41 8.49 3.86
N GLN D 60 52.64 8.02 3.82
CA GLN D 60 52.93 6.62 4.15
C GLN D 60 53.11 6.36 5.65
N LYS D 61 53.24 7.41 6.45
CA LYS D 61 53.45 7.24 7.88
C LYS D 61 53.08 8.51 8.63
N GLN D 62 51.98 8.49 9.36
CA GLN D 62 51.53 9.66 10.13
C GLN D 62 52.33 9.92 11.40
N ILE D 63 53.07 11.02 11.41
CA ILE D 63 53.90 11.47 12.54
C ILE D 63 53.62 12.93 12.77
N MET D 64 53.30 13.32 14.01
CA MET D 64 53.01 14.71 14.30
C MET D 64 54.28 15.56 14.13
N PRO D 65 54.21 16.57 13.24
CA PRO D 65 55.38 17.41 12.98
C PRO D 65 55.94 17.99 14.25
N GLY D 66 57.24 17.83 14.44
CA GLY D 66 57.94 18.38 15.61
C GLY D 66 57.63 19.84 15.83
N VAL D 67 57.64 20.63 14.76
CA VAL D 67 57.38 22.05 14.88
C VAL D 67 56.01 22.36 15.46
N LEU D 68 55.06 21.44 15.28
CA LEU D 68 53.72 21.63 15.83
C LEU D 68 53.66 21.23 17.30
N GLN D 69 54.59 20.37 17.72
CA GLN D 69 54.84 20.16 19.15
C GLN D 69 55.44 21.41 19.82
N ILE D 70 56.37 22.07 19.14
CA ILE D 70 56.83 23.40 19.57
C ILE D 70 55.69 24.44 19.68
N GLU D 71 54.87 24.54 18.63
CA GLU D 71 53.74 25.43 18.62
C GLU D 71 52.82 25.17 19.80
N ALA D 72 52.47 23.89 19.99
CA ALA D 72 51.53 23.51 21.06
C ALA D 72 52.03 23.98 22.44
N LEU D 73 53.27 23.67 22.76
CA LEU D 73 53.87 24.12 24.02
C LEU D 73 53.89 25.63 24.10
N ALA D 74 54.18 26.27 22.98
CA ALA D 74 54.30 27.75 22.95
C ALA D 74 52.96 28.43 23.18
N GLN D 75 51.90 27.81 22.66
CA GLN D 75 50.55 28.28 22.89
C GLN D 75 50.14 28.14 24.34
N LEU D 76 50.42 26.98 24.93
CA LEU D 76 50.28 26.74 26.38
C LEU D 76 51.06 27.78 27.20
N ALA D 77 52.34 27.95 26.87
CA ALA D 77 53.17 28.98 27.49
C ALA D 77 52.54 30.37 27.36
N GLY D 78 52.01 30.65 26.17
CA GLY D 78 51.32 31.91 25.91
C GLY D 78 50.10 32.17 26.78
N ILE D 79 49.36 31.10 27.11
CA ILE D 79 48.20 31.21 27.97
C ILE D 79 48.70 31.67 29.34
N LEU D 80 49.71 30.97 29.88
CA LEU D 80 50.27 31.28 31.20
C LEU D 80 50.67 32.75 31.31
N CYS D 81 51.39 33.26 30.31
CA CYS D 81 51.69 34.68 30.24
C CYS D 81 50.45 35.54 30.35
N LEU D 82 49.47 35.32 29.49
CA LEU D 82 48.31 36.21 29.43
C LEU D 82 47.46 36.17 30.71
N LYS D 83 47.48 35.05 31.43
CA LYS D 83 46.75 34.93 32.69
C LYS D 83 47.60 35.38 33.87
N SER D 84 48.92 35.33 33.71
CA SER D 84 49.83 35.82 34.73
C SER D 84 49.84 37.35 34.81
N ASP D 85 49.63 38.02 33.68
CA ASP D 85 49.67 39.49 33.61
C ASP D 85 48.97 40.00 32.35
N ASP D 86 47.72 40.46 32.49
CA ASP D 86 46.98 40.98 31.34
C ASP D 86 46.82 42.51 31.35
N SER D 87 47.64 43.21 32.14
CA SER D 87 47.65 44.68 32.10
C SER D 87 47.85 45.15 30.65
N GLN D 88 48.78 44.52 29.95
CA GLN D 88 48.96 44.69 28.50
C GLN D 88 47.85 43.93 27.74
N LYS D 89 46.75 44.64 27.45
CA LYS D 89 45.53 44.05 26.88
C LYS D 89 45.70 43.66 25.42
N ASN D 90 46.74 42.85 25.16
CA ASN D 90 47.09 42.38 23.82
C ASN D 90 47.29 40.87 23.88
N ASN D 91 46.43 40.11 23.18
CA ASN D 91 46.56 38.64 23.15
C ASN D 91 47.37 38.06 21.99
N LEU D 92 47.74 38.91 21.04
CA LEU D 92 48.66 38.51 19.94
C LEU D 92 50.13 38.48 20.40
N PHE D 93 50.55 37.30 20.87
CA PHE D 93 51.96 37.07 21.27
C PHE D 93 52.71 36.47 20.08
N LEU D 94 53.86 37.04 19.75
CA LEU D 94 54.68 36.41 18.73
C LEU D 94 55.89 35.71 19.37
N PHE D 95 56.17 34.54 18.81
CA PHE D 95 57.38 33.84 19.06
C PHE D 95 58.57 34.72 18.61
N ALA D 96 59.48 35.03 19.54
CA ALA D 96 60.68 35.83 19.20
C ALA D 96 61.93 34.99 19.06
N GLY D 97 61.96 33.85 19.75
CA GLY D 97 63.04 32.88 19.61
C GLY D 97 62.71 31.59 20.31
N VAL D 98 63.39 30.52 19.93
CA VAL D 98 63.31 29.27 20.66
C VAL D 98 64.67 28.61 20.68
N ASP D 99 64.96 27.90 21.76
CA ASP D 99 66.31 27.38 21.99
C ASP D 99 66.28 26.06 22.73
N GLY D 100 67.19 25.18 22.34
CA GLY D 100 67.33 23.89 22.99
C GLY D 100 66.11 22.99 22.85
N VAL D 101 65.69 22.74 21.63
CA VAL D 101 64.60 21.82 21.36
C VAL D 101 65.16 20.49 20.98
N ARG D 102 64.67 19.44 21.64
CA ARG D 102 65.11 18.08 21.36
C ARG D 102 63.94 17.10 21.35
N TRP D 103 63.73 16.46 20.21
CA TRP D 103 62.66 15.49 20.04
C TRP D 103 63.17 14.08 20.27
N LYS D 104 62.58 13.39 21.23
CA LYS D 104 63.05 12.09 21.66
C LYS D 104 62.34 10.98 20.92
N LYS D 105 61.02 11.09 20.85
CA LYS D 105 60.17 9.99 20.39
C LYS D 105 59.11 10.59 19.49
N PRO D 106 58.69 9.86 18.43
CA PRO D 106 57.61 10.25 17.56
C PRO D 106 56.29 10.36 18.33
N VAL D 107 55.51 11.40 18.05
CA VAL D 107 54.15 11.52 18.57
C VAL D 107 53.18 11.07 17.47
N LEU D 108 52.29 10.12 17.77
CA LEU D 108 51.50 9.43 16.77
C LEU D 108 50.00 9.60 17.01
N PRO D 109 49.17 9.36 15.97
CA PRO D 109 47.74 9.38 16.14
C PRO D 109 47.31 8.39 17.20
N GLY D 110 46.49 8.84 18.15
CA GLY D 110 46.13 8.00 19.28
C GLY D 110 46.76 8.46 20.59
N ASP D 111 47.91 9.13 20.52
CA ASP D 111 48.58 9.64 21.71
C ASP D 111 47.86 10.82 22.36
N THR D 112 48.06 10.99 23.67
CA THR D 112 47.67 12.20 24.37
C THR D 112 48.97 12.93 24.65
N LEU D 113 49.12 14.11 24.10
CA LEU D 113 50.32 14.90 24.34
C LEU D 113 50.07 15.73 25.60
N THR D 114 50.73 15.37 26.69
CA THR D 114 50.63 16.15 27.94
C THR D 114 51.81 17.12 27.97
N MET D 115 51.53 18.39 28.25
CA MET D 115 52.49 19.44 28.12
C MET D 115 52.59 20.27 29.38
N GLN D 116 53.83 20.63 29.75
CA GLN D 116 54.09 21.54 30.85
C GLN D 116 55.07 22.64 30.44
N ALA D 117 54.66 23.90 30.68
CA ALA D 117 55.50 25.05 30.46
C ALA D 117 55.72 25.79 31.77
N ASN D 118 56.94 26.29 31.94
CA ASN D 118 57.39 26.88 33.18
C ASN D 118 57.96 28.23 32.90
N LEU D 119 57.43 29.25 33.58
CA LEU D 119 57.89 30.64 33.41
C LEU D 119 59.23 30.85 34.10
N ILE D 120 60.17 31.41 33.36
CA ILE D 120 61.52 31.71 33.84
C ILE D 120 61.71 33.18 34.21
N SER D 121 61.51 34.07 33.24
CA SER D 121 61.55 35.52 33.45
C SER D 121 60.48 36.28 32.67
N PHE D 122 59.88 37.26 33.33
CA PHE D 122 58.91 38.13 32.70
C PHE D 122 59.43 39.55 32.88
N LYS D 123 59.52 40.29 31.78
CA LYS D 123 60.07 41.64 31.87
C LYS D 123 59.13 42.79 31.80
N SER D 124 59.13 43.42 33.00
CA SER D 124 58.56 44.70 33.34
C SER D 124 59.47 45.80 32.76
N SER D 125 60.49 45.36 32.03
CA SER D 125 61.39 46.25 31.35
C SER D 125 61.20 46.18 29.84
N LEU D 126 60.98 44.97 29.32
CA LEU D 126 60.91 44.76 27.88
C LEU D 126 59.58 44.37 27.24
N GLY D 127 58.89 43.38 27.82
CA GLY D 127 57.67 42.87 27.21
C GLY D 127 57.99 41.49 26.68
N ILE D 128 59.16 41.05 27.12
CA ILE D 128 59.76 39.74 26.87
C ILE D 128 59.53 38.74 28.01
N ALA D 129 59.00 37.58 27.64
CA ALA D 129 58.83 36.47 28.56
C ALA D 129 59.64 35.28 28.04
N LYS D 130 60.27 34.58 28.98
CA LYS D 130 61.04 33.38 28.70
C LYS D 130 60.47 32.19 29.45
N LEU D 131 60.31 31.06 28.79
CA LEU D 131 59.69 29.91 29.43
C LEU D 131 60.38 28.65 28.94
N SER D 132 60.27 27.59 29.74
CA SER D 132 60.73 26.26 29.35
C SER D 132 59.54 25.32 29.11
N GLY D 133 59.76 24.26 28.34
CA GLY D 133 58.68 23.34 28.03
C GLY D 133 59.05 21.86 27.95
N VAL D 134 58.15 21.02 28.43
CA VAL D 134 58.32 19.57 28.27
C VAL D 134 56.99 18.96 27.83
N GLY D 135 57.07 18.02 26.89
CA GLY D 135 55.88 17.30 26.43
C GLY D 135 56.05 15.82 26.62
N TYR D 136 55.00 15.15 27.08
CA TYR D 136 55.04 13.71 27.41
C TYR D 136 53.93 12.95 26.73
N VAL D 137 54.22 11.70 26.38
CA VAL D 137 53.21 10.75 26.00
C VAL D 137 53.41 9.50 26.83
N ASN D 138 52.40 9.17 27.63
CA ASN D 138 52.43 8.01 28.55
C ASN D 138 53.56 8.12 29.58
N GLY D 139 53.72 9.33 30.13
CA GLY D 139 54.75 9.62 31.11
C GLY D 139 56.16 9.68 30.56
N LYS D 140 56.33 9.32 29.29
CA LYS D 140 57.64 9.34 28.63
C LYS D 140 57.88 10.66 27.90
N VAL D 141 59.09 11.23 28.03
CA VAL D 141 59.42 12.53 27.42
C VAL D 141 59.51 12.45 25.90
N VAL D 142 58.73 13.28 25.21
CA VAL D 142 58.77 13.29 23.75
C VAL D 142 59.46 14.53 23.21
N ILE D 143 59.26 15.66 23.84
CA ILE D 143 59.92 16.90 23.44
C ILE D 143 60.42 17.71 24.64
N ASN D 144 61.64 18.22 24.51
CA ASN D 144 62.18 19.16 25.44
C ASN D 144 62.41 20.51 24.83
N ILE D 145 62.08 21.57 25.55
CA ILE D 145 62.44 22.94 25.13
C ILE D 145 63.06 23.72 26.28
N SER D 146 64.34 24.02 26.14
CA SER D 146 65.08 24.79 27.13
C SER D 146 64.46 26.15 27.31
N GLU D 147 64.29 26.88 26.20
CA GLU D 147 63.86 28.27 26.28
C GLU D 147 63.03 28.75 25.08
N MET D 148 61.80 29.13 25.37
CA MET D 148 60.96 29.84 24.46
C MET D 148 60.97 31.33 24.85
N THR D 149 61.22 32.19 23.89
CA THR D 149 61.19 33.64 24.07
C THR D 149 59.97 34.31 23.35
N PHE D 150 59.21 35.07 24.12
CA PHE D 150 58.00 35.69 23.63
C PHE D 150 58.00 37.18 23.79
N ALA D 151 57.39 37.87 22.81
CA ALA D 151 57.22 39.34 22.87
C ALA D 151 55.78 39.76 22.52
N ASP E 8 23.61 7.53 -23.61
CA ASP E 8 23.52 6.05 -23.64
C ASP E 8 23.47 5.54 -22.20
N THR E 9 24.58 4.89 -21.84
CA THR E 9 24.86 4.38 -20.49
C THR E 9 25.67 5.37 -19.62
N SER E 10 25.12 5.71 -18.44
CA SER E 10 25.75 6.64 -17.48
C SER E 10 27.26 6.44 -17.25
N ILE E 11 28.00 7.55 -17.15
CA ILE E 11 29.33 7.51 -16.53
C ILE E 11 29.24 8.13 -15.12
N ASP E 12 29.22 7.29 -14.10
CA ASP E 12 29.21 7.75 -12.71
C ASP E 12 30.56 8.41 -12.30
N ILE E 13 30.70 8.72 -11.01
CA ILE E 13 31.85 9.49 -10.53
C ILE E 13 33.18 8.73 -10.48
N GLU E 14 33.13 7.44 -10.20
CA GLU E 14 34.35 6.62 -10.18
C GLU E 14 35.01 6.52 -11.55
N ASP E 15 34.17 6.45 -12.57
CA ASP E 15 34.63 6.42 -13.95
C ASP E 15 35.07 7.76 -14.49
N ILE E 16 34.44 8.84 -14.03
CA ILE E 16 34.90 10.20 -14.34
C ILE E 16 36.36 10.37 -13.86
N LYS E 17 36.64 9.90 -12.64
CA LYS E 17 37.99 9.99 -12.08
C LYS E 17 39.04 9.18 -12.86
N LYS E 18 38.58 8.23 -13.65
CA LYS E 18 39.49 7.46 -14.48
C LYS E 18 39.81 8.19 -15.77
N ILE E 19 38.91 9.09 -16.18
CA ILE E 19 39.11 9.91 -17.40
C ILE E 19 39.89 11.17 -17.05
N LEU E 20 39.34 11.99 -16.15
CA LEU E 20 39.98 13.25 -15.75
C LEU E 20 41.01 13.05 -14.66
N PRO E 21 42.04 13.92 -14.64
CA PRO E 21 43.02 13.89 -13.54
C PRO E 21 42.65 14.75 -12.36
N HIS E 22 41.61 15.54 -12.50
CA HIS E 22 41.17 16.47 -11.47
C HIS E 22 40.76 15.73 -10.22
N ARG E 23 41.15 16.24 -9.06
CA ARG E 23 40.64 15.71 -7.81
C ARG E 23 40.04 16.81 -6.94
N TYR E 24 39.67 16.47 -5.71
CA TYR E 24 39.17 17.42 -4.73
C TYR E 24 40.29 18.38 -4.34
N PRO E 25 39.96 19.67 -4.17
CA PRO E 25 38.68 20.35 -4.32
C PRO E 25 38.46 20.97 -5.72
N PHE E 26 38.86 20.29 -6.78
CA PHE E 26 38.75 20.88 -8.08
C PHE E 26 38.19 19.96 -9.16
N LEU E 27 37.46 18.95 -8.75
CA LEU E 27 36.66 18.17 -9.69
C LEU E 27 35.25 18.71 -9.59
N LEU E 28 34.75 19.22 -10.72
CA LEU E 28 33.50 19.93 -10.74
C LEU E 28 32.47 19.35 -11.70
N VAL E 29 32.59 18.03 -11.92
CA VAL E 29 31.59 17.25 -12.66
C VAL E 29 31.22 16.06 -11.79
N ASP E 30 29.97 16.04 -11.30
CA ASP E 30 29.49 14.93 -10.49
C ASP E 30 29.04 13.71 -11.32
N LYS E 31 28.35 13.95 -12.42
CA LYS E 31 27.80 12.86 -13.24
C LYS E 31 27.68 13.24 -14.72
N VAL E 32 28.02 12.29 -15.58
CA VAL E 32 27.79 12.45 -17.00
C VAL E 32 26.53 11.64 -17.37
N ILE E 33 25.50 12.31 -17.86
CA ILE E 33 24.22 11.62 -18.09
C ILE E 33 24.01 11.19 -19.54
N TYR E 34 24.63 11.92 -20.47
CA TYR E 34 24.64 11.54 -21.90
C TYR E 34 25.93 11.97 -22.59
N MET E 35 26.45 11.09 -23.45
CA MET E 35 27.61 11.44 -24.27
C MET E 35 27.61 10.85 -25.66
N GLN E 36 27.85 11.68 -26.67
CA GLN E 36 28.06 11.20 -28.00
C GLN E 36 29.44 11.63 -28.46
N PRO E 37 30.33 10.65 -28.65
CA PRO E 37 31.71 10.89 -29.03
C PRO E 37 31.75 11.80 -30.21
N ASN E 38 32.77 12.64 -30.27
CA ASN E 38 32.94 13.65 -31.33
C ASN E 38 31.78 14.64 -31.55
N LYS E 39 30.73 14.58 -30.72
CA LYS E 39 29.60 15.51 -30.86
C LYS E 39 29.25 16.33 -29.59
N THR E 40 28.56 15.72 -28.64
CA THR E 40 28.01 16.48 -27.52
C THR E 40 28.10 15.69 -26.20
N ILE E 41 28.05 16.40 -25.08
CA ILE E 41 28.05 15.77 -23.77
C ILE E 41 27.14 16.53 -22.81
N ILE E 42 26.37 15.78 -22.03
CA ILE E 42 25.55 16.37 -21.01
C ILE E 42 25.91 15.78 -19.65
N GLY E 43 26.10 16.68 -18.69
CA GLY E 43 26.41 16.28 -17.35
C GLY E 43 25.82 17.21 -16.32
N LEU E 44 26.08 16.89 -15.06
CA LEU E 44 25.60 17.70 -13.99
C LEU E 44 26.59 17.88 -12.84
N LYS E 45 26.48 19.03 -12.18
CA LYS E 45 27.18 19.33 -10.93
C LYS E 45 26.13 19.72 -9.87
N GLN E 46 26.09 19.00 -8.78
CA GLN E 46 25.23 19.33 -7.67
C GLN E 46 25.88 20.43 -6.82
N VAL E 47 25.13 21.47 -6.54
CA VAL E 47 25.65 22.64 -5.82
C VAL E 47 25.17 22.62 -4.39
N SER E 48 26.06 22.25 -3.49
CA SER E 48 25.74 22.18 -2.07
C SER E 48 26.48 23.25 -1.28
N THR E 49 25.90 23.66 -0.15
CA THR E 49 26.54 24.56 0.81
C THR E 49 27.79 23.91 1.41
N ASN E 50 27.82 22.57 1.45
CA ASN E 50 28.96 21.82 1.96
C ASN E 50 30.10 21.67 0.96
N GLU E 51 30.43 22.76 0.28
CA GLU E 51 31.58 22.78 -0.59
C GLU E 51 32.56 23.85 -0.06
N PRO E 52 33.88 23.57 -0.18
CA PRO E 52 34.89 24.43 0.42
C PRO E 52 34.94 25.87 -0.09
N PHE E 53 34.54 26.14 -1.32
CA PHE E 53 34.59 27.51 -1.82
C PHE E 53 33.56 28.48 -1.23
N PHE E 54 32.46 27.94 -0.71
CA PHE E 54 31.31 28.76 -0.37
C PHE E 54 31.56 29.69 0.81
N ASN E 55 32.37 29.24 1.77
CA ASN E 55 32.81 30.11 2.85
C ASN E 55 33.49 31.37 2.40
N GLY E 56 34.13 31.36 1.23
CA GLY E 56 34.89 32.54 0.75
C GLY E 56 34.15 33.34 -0.32
N HIS E 57 32.98 32.85 -0.72
CA HIS E 57 32.25 33.45 -1.83
C HIS E 57 30.72 33.28 -1.70
N PHE E 58 30.07 34.03 -0.81
CA PHE E 58 30.69 34.96 0.10
C PHE E 58 30.19 34.63 1.51
N PRO E 59 30.93 35.07 2.53
CA PRO E 59 30.43 34.86 3.91
C PRO E 59 28.97 35.25 4.05
N GLN E 60 28.60 36.43 3.55
CA GLN E 60 27.23 36.98 3.77
C GLN E 60 26.20 36.52 2.76
N LYS E 61 26.65 35.91 1.66
CA LYS E 61 25.77 35.43 0.63
C LYS E 61 26.50 34.40 -0.25
N GLN E 62 26.08 33.14 -0.16
CA GLN E 62 26.66 32.04 -0.93
C GLN E 62 26.25 31.95 -2.40
N ILE E 63 27.18 32.28 -3.28
CA ILE E 63 26.97 32.29 -4.72
C ILE E 63 28.11 31.54 -5.40
N MET E 64 27.75 30.54 -6.21
CA MET E 64 28.78 29.75 -6.89
C MET E 64 29.58 30.63 -7.82
N PRO E 65 30.90 30.69 -7.62
CA PRO E 65 31.73 31.57 -8.41
C PRO E 65 31.56 31.31 -9.91
N GLY E 66 31.38 32.36 -10.67
CA GLY E 66 31.25 32.26 -12.11
C GLY E 66 32.37 31.47 -12.79
N VAL E 67 33.60 31.62 -12.29
CA VAL E 67 34.77 30.99 -12.87
C VAL E 67 34.73 29.50 -12.62
N LEU E 68 34.05 29.09 -11.57
CA LEU E 68 33.95 27.66 -11.28
C LEU E 68 32.91 26.99 -12.12
N GLN E 69 31.96 27.78 -12.63
CA GLN E 69 30.98 27.31 -13.61
C GLN E 69 31.71 27.10 -14.91
N ILE E 70 32.63 28.02 -15.25
CA ILE E 70 33.46 27.84 -16.45
C ILE E 70 34.22 26.55 -16.32
N GLU E 71 34.85 26.35 -15.17
CA GLU E 71 35.70 25.19 -14.92
C GLU E 71 34.91 23.90 -15.05
N ALA E 72 33.70 23.89 -14.48
CA ALA E 72 32.79 22.74 -14.59
C ALA E 72 32.46 22.36 -16.03
N LEU E 73 32.03 23.32 -16.84
CA LEU E 73 31.80 23.07 -18.24
C LEU E 73 33.06 22.59 -18.95
N ALA E 74 34.19 23.15 -18.56
CA ALA E 74 35.42 22.89 -19.27
C ALA E 74 35.90 21.49 -19.01
N GLN E 75 35.60 20.98 -17.82
CA GLN E 75 35.95 19.62 -17.42
C GLN E 75 35.03 18.64 -18.14
N LEU E 76 33.76 19.02 -18.26
CA LEU E 76 32.82 18.20 -19.00
C LEU E 76 33.28 18.16 -20.47
N ALA E 77 33.59 19.32 -21.04
CA ALA E 77 34.12 19.40 -22.40
C ALA E 77 35.39 18.54 -22.56
N GLY E 78 36.25 18.59 -21.56
CA GLY E 78 37.47 17.76 -21.49
C GLY E 78 37.22 16.26 -21.47
N ILE E 79 36.14 15.83 -20.81
CA ILE E 79 35.75 14.43 -20.86
C ILE E 79 35.49 14.06 -22.31
N LEU E 80 34.62 14.81 -22.96
CA LEU E 80 34.21 14.53 -24.33
C LEU E 80 35.41 14.34 -25.24
N CYS E 81 36.36 15.27 -25.17
CA CYS E 81 37.60 15.17 -25.95
C CYS E 81 38.34 13.87 -25.72
N LEU E 82 38.50 13.49 -24.45
CA LEU E 82 39.30 12.32 -24.10
C LEU E 82 38.64 11.00 -24.50
N LYS E 83 37.31 10.98 -24.53
CA LYS E 83 36.56 9.81 -24.97
C LYS E 83 36.36 9.83 -26.48
N SER E 84 36.38 11.01 -27.09
CA SER E 84 36.25 11.16 -28.54
C SER E 84 37.49 10.66 -29.27
N ASP E 85 38.66 10.85 -28.67
CA ASP E 85 39.93 10.44 -29.28
C ASP E 85 41.03 10.33 -28.22
N ASP E 86 41.34 9.11 -27.79
CA ASP E 86 42.38 8.91 -26.77
C ASP E 86 43.68 8.31 -27.33
N SER E 87 43.86 8.44 -28.66
CA SER E 87 45.11 8.03 -29.29
C SER E 87 46.28 8.75 -28.60
N GLN E 88 46.13 10.05 -28.37
CA GLN E 88 47.06 10.82 -27.50
C GLN E 88 46.73 10.44 -26.05
N LYS E 89 47.53 9.55 -25.47
CA LYS E 89 47.21 9.01 -24.14
C LYS E 89 47.40 9.91 -22.92
N ASN E 90 47.32 11.21 -23.17
CA ASN E 90 47.52 12.23 -22.16
C ASN E 90 46.22 12.83 -21.67
N ASN E 91 45.91 12.64 -20.37
CA ASN E 91 44.67 13.19 -19.81
C ASN E 91 44.78 14.61 -19.22
N LEU E 92 46.01 15.12 -19.13
CA LEU E 92 46.25 16.49 -18.68
C LEU E 92 45.98 17.49 -19.82
N PHE E 93 44.76 17.98 -19.91
CA PHE E 93 44.43 18.99 -20.92
C PHE E 93 44.24 20.41 -20.43
N LEU E 94 45.21 21.28 -20.68
CA LEU E 94 45.06 22.70 -20.32
C LEU E 94 44.16 23.65 -21.12
N PHE E 95 43.52 24.55 -20.40
CA PHE E 95 42.70 25.64 -20.94
C PHE E 95 43.62 26.56 -21.70
N ALA E 96 43.38 26.77 -22.98
CA ALA E 96 44.21 27.66 -23.79
C ALA E 96 43.56 29.01 -24.03
N GLY E 97 42.23 29.03 -24.03
CA GLY E 97 41.50 30.24 -24.24
C GLY E 97 40.05 30.00 -23.98
N VAL E 98 39.34 31.03 -23.56
CA VAL E 98 37.90 30.99 -23.46
C VAL E 98 37.32 32.30 -23.98
N ASP E 99 36.15 32.21 -24.60
CA ASP E 99 35.57 33.36 -25.27
C ASP E 99 34.04 33.38 -25.19
N GLY E 100 33.51 34.61 -25.08
CA GLY E 100 32.08 34.84 -24.99
C GLY E 100 31.36 34.15 -23.86
N VAL E 101 31.81 34.42 -22.65
CA VAL E 101 31.16 33.91 -21.46
C VAL E 101 30.18 34.96 -20.93
N ARG E 102 28.95 34.54 -20.69
CA ARG E 102 27.92 35.40 -20.11
C ARG E 102 27.17 34.66 -19.02
N TRP E 103 27.16 35.26 -17.82
CA TRP E 103 26.46 34.70 -16.69
C TRP E 103 25.12 35.42 -16.56
N LYS E 104 24.03 34.68 -16.61
CA LYS E 104 22.70 35.28 -16.57
C LYS E 104 22.14 35.35 -15.17
N LYS E 105 22.28 34.27 -14.41
CA LYS E 105 21.59 34.10 -13.15
C LYS E 105 22.58 33.49 -12.14
N PRO E 106 22.50 33.89 -10.86
CA PRO E 106 23.28 33.31 -9.78
C PRO E 106 22.99 31.83 -9.56
N VAL E 107 24.03 31.01 -9.47
CA VAL E 107 23.87 29.60 -9.12
C VAL E 107 24.02 29.47 -7.60
N LEU E 108 23.01 28.91 -6.94
CA LEU E 108 22.98 28.91 -5.49
C LEU E 108 22.99 27.49 -4.87
N PRO E 109 23.40 27.37 -3.60
CA PRO E 109 23.28 26.10 -2.92
C PRO E 109 21.86 25.54 -3.05
N GLY E 110 21.75 24.25 -3.37
CA GLY E 110 20.46 23.63 -3.58
C GLY E 110 20.16 23.43 -5.06
N ASP E 111 20.79 24.19 -5.93
CA ASP E 111 20.62 24.01 -7.39
C ASP E 111 21.28 22.74 -7.96
N THR E 112 20.76 22.26 -9.09
CA THR E 112 21.44 21.24 -9.87
C THR E 112 21.90 21.97 -11.12
N LEU E 113 23.21 22.04 -11.29
CA LEU E 113 23.78 22.63 -12.48
C LEU E 113 23.80 21.58 -13.60
N THR E 114 22.94 21.73 -14.59
CA THR E 114 22.94 20.81 -15.73
C THR E 114 23.73 21.47 -16.83
N MET E 115 24.66 20.70 -17.42
CA MET E 115 25.65 21.26 -18.33
C MET E 115 25.72 20.50 -19.66
N GLN E 116 25.85 21.25 -20.74
CA GLN E 116 26.03 20.67 -22.06
C GLN E 116 27.20 21.32 -22.78
N ALA E 117 28.16 20.50 -23.22
CA ALA E 117 29.24 20.98 -24.08
C ALA E 117 29.18 20.35 -25.46
N ASN E 118 29.47 21.16 -26.48
CA ASN E 118 29.39 20.73 -27.88
C ASN E 118 30.69 20.94 -28.59
N LEU E 119 31.24 19.86 -29.14
CA LEU E 119 32.48 19.94 -29.90
C LEU E 119 32.28 20.65 -31.25
N ILE E 120 33.16 21.64 -31.52
CA ILE E 120 33.12 22.41 -32.77
C ILE E 120 34.18 21.89 -33.73
N SER E 121 35.44 21.94 -33.33
CA SER E 121 36.57 21.45 -34.13
C SER E 121 37.63 20.72 -33.28
N PHE E 122 38.16 19.66 -33.86
CA PHE E 122 39.25 18.93 -33.26
C PHE E 122 40.34 18.78 -34.32
N LYS E 123 41.58 19.07 -33.94
CA LYS E 123 42.72 18.96 -34.86
C LYS E 123 43.80 18.03 -34.28
N GLY E 127 46.94 19.10 -30.43
CA GLY E 127 45.55 18.78 -30.11
C GLY E 127 44.92 20.06 -29.63
N ILE E 128 44.40 20.78 -30.61
CA ILE E 128 43.54 21.91 -30.40
C ILE E 128 42.10 21.51 -30.60
N ALA E 129 41.36 21.56 -29.51
CA ALA E 129 39.93 21.33 -29.56
C ALA E 129 39.21 22.60 -29.16
N LYS E 130 38.11 22.87 -29.85
CA LYS E 130 37.22 23.99 -29.54
C LYS E 130 35.81 23.49 -29.25
N LEU E 131 35.22 24.02 -28.18
CA LEU E 131 33.92 23.57 -27.73
C LEU E 131 33.09 24.71 -27.22
N SER E 132 31.76 24.57 -27.33
CA SER E 132 30.82 25.53 -26.79
C SER E 132 30.15 24.93 -25.59
N GLY E 133 29.60 25.78 -24.71
CA GLY E 133 29.03 25.29 -23.46
C GLY E 133 27.84 26.08 -22.96
N VAL E 134 26.86 25.37 -22.40
CA VAL E 134 25.72 25.99 -21.76
C VAL E 134 25.42 25.27 -20.42
N GLY E 135 25.02 26.03 -19.41
CA GLY E 135 24.68 25.47 -18.12
C GLY E 135 23.32 25.98 -17.72
N TYR E 136 22.50 25.09 -17.19
CA TYR E 136 21.13 25.40 -16.78
C TYR E 136 20.80 25.02 -15.35
N VAL E 137 19.93 25.81 -14.75
CA VAL E 137 19.31 25.45 -13.48
C VAL E 137 17.82 25.58 -13.67
N ASN E 138 17.10 24.49 -13.43
CA ASN E 138 15.67 24.45 -13.66
C ASN E 138 15.25 24.85 -15.09
N GLY E 139 15.93 24.30 -16.10
CA GLY E 139 15.63 24.62 -17.49
C GLY E 139 15.92 26.05 -17.91
N LYS E 140 16.30 26.90 -16.96
CA LYS E 140 16.72 28.27 -17.22
C LYS E 140 18.24 28.40 -17.43
N VAL E 141 18.66 29.13 -18.47
CA VAL E 141 20.09 29.33 -18.77
C VAL E 141 20.78 30.14 -17.69
N VAL E 142 21.87 29.63 -17.12
CA VAL E 142 22.63 30.40 -16.13
C VAL E 142 23.97 30.92 -16.66
N ILE E 143 24.60 30.13 -17.54
CA ILE E 143 25.88 30.50 -18.15
C ILE E 143 25.94 30.12 -19.64
N ASN E 144 26.46 31.01 -20.45
CA ASN E 144 26.77 30.70 -21.81
C ASN E 144 28.26 30.80 -22.10
N ILE E 145 28.80 29.86 -22.86
CA ILE E 145 30.17 29.96 -23.35
C ILE E 145 30.25 29.70 -24.85
N SER E 146 30.55 30.74 -25.61
CA SER E 146 30.71 30.61 -27.05
C SER E 146 31.78 29.58 -27.42
N GLU E 147 32.98 29.75 -26.87
CA GLU E 147 34.12 28.97 -27.27
C GLU E 147 35.11 28.74 -26.14
N MET E 148 35.32 27.46 -25.82
CA MET E 148 36.43 27.04 -24.97
C MET E 148 37.50 26.47 -25.86
N THR E 149 38.74 26.90 -25.69
CA THR E 149 39.85 26.32 -26.45
C THR E 149 40.81 25.50 -25.54
N PHE E 150 41.15 24.29 -25.96
CA PHE E 150 42.00 23.44 -25.13
C PHE E 150 43.24 22.93 -25.82
N ALA E 151 44.29 22.75 -25.01
CA ALA E 151 45.55 22.23 -25.50
C ALA E 151 46.03 20.97 -24.77
N LEU E 152 46.47 19.98 -25.57
CA LEU E 152 47.14 18.73 -25.13
C LEU E 152 48.37 18.93 -24.23
N ASP F 8 50.61 54.48 -5.65
CA ASP F 8 51.83 54.13 -4.92
C ASP F 8 51.62 54.10 -3.42
N THR F 9 50.37 53.85 -3.04
CA THR F 9 50.02 53.52 -1.68
C THR F 9 49.85 52.02 -1.80
N SER F 10 50.71 51.25 -1.16
CA SER F 10 50.51 49.82 -1.29
C SER F 10 49.21 49.59 -0.55
N ILE F 11 48.66 48.37 -0.68
CA ILE F 11 47.54 47.91 0.11
C ILE F 11 47.90 46.54 0.69
N ASP F 12 47.83 46.42 2.01
CA ASP F 12 48.19 45.20 2.69
C ASP F 12 46.91 44.38 2.91
N ILE F 13 47.04 43.06 2.82
CA ILE F 13 45.94 42.10 2.92
C ILE F 13 44.75 42.50 3.83
N GLU F 14 45.01 43.15 4.97
CA GLU F 14 43.96 43.45 5.94
C GLU F 14 42.99 44.48 5.39
N ASP F 15 43.53 45.38 4.57
CA ASP F 15 42.75 46.46 4.02
C ASP F 15 42.03 45.99 2.76
N ILE F 16 42.61 45.03 2.08
CA ILE F 16 41.94 44.39 0.97
C ILE F 16 40.68 43.75 1.50
N LYS F 17 40.79 43.03 2.63
CA LYS F 17 39.62 42.36 3.24
C LYS F 17 38.50 43.30 3.65
N LYS F 18 38.83 44.59 3.76
CA LYS F 18 37.86 45.60 4.18
C LYS F 18 37.09 45.99 2.94
N ILE F 19 37.78 46.00 1.80
CA ILE F 19 37.15 46.32 0.53
C ILE F 19 36.33 45.14 0.00
N LEU F 20 37.00 44.03 -0.32
CA LEU F 20 36.35 42.83 -0.86
C LEU F 20 35.71 41.95 0.20
N PRO F 21 34.56 41.32 -0.14
CA PRO F 21 33.92 40.37 0.76
C PRO F 21 34.48 38.94 0.67
N HIS F 22 35.40 38.72 -0.29
CA HIS F 22 35.96 37.40 -0.53
C HIS F 22 36.74 36.95 0.69
N ARG F 23 36.65 35.69 1.05
CA ARG F 23 37.54 35.13 2.08
C ARG F 23 38.13 33.81 1.62
N TYR F 24 38.91 33.17 2.49
CA TYR F 24 39.48 31.88 2.18
C TYR F 24 38.39 30.81 2.00
N PRO F 25 38.58 29.94 0.98
CA PRO F 25 39.68 29.82 0.04
C PRO F 25 39.46 30.49 -1.31
N PHE F 26 38.84 31.68 -1.29
CA PHE F 26 38.56 32.33 -2.55
C PHE F 26 38.96 33.80 -2.66
N LEU F 27 39.88 34.24 -1.82
CA LEU F 27 40.45 35.55 -1.99
C LEU F 27 41.78 35.36 -2.70
N LEU F 28 41.94 36.01 -3.85
CA LEU F 28 43.07 35.73 -4.73
C LEU F 28 43.88 36.97 -5.08
N VAL F 29 43.80 37.97 -4.22
CA VAL F 29 44.67 39.13 -4.30
C VAL F 29 45.40 39.24 -2.96
N ASP F 30 46.72 39.16 -3.00
CA ASP F 30 47.54 39.22 -1.78
C ASP F 30 47.90 40.66 -1.43
N LYS F 31 48.28 41.42 -2.44
CA LYS F 31 48.66 42.82 -2.25
C LYS F 31 48.32 43.70 -3.46
N VAL F 32 47.88 44.91 -3.18
CA VAL F 32 47.73 45.93 -4.20
C VAL F 32 48.93 46.86 -4.12
N ILE F 33 49.72 46.94 -5.19
CA ILE F 33 50.92 47.74 -5.15
C ILE F 33 50.77 49.16 -5.74
N TYR F 34 49.84 49.35 -6.67
CA TYR F 34 49.55 50.70 -7.20
C TYR F 34 48.11 50.82 -7.60
N MET F 35 47.50 51.95 -7.30
CA MET F 35 46.11 52.16 -7.71
C MET F 35 45.81 53.60 -8.11
N GLN F 36 45.15 53.77 -9.26
CA GLN F 36 44.66 55.08 -9.64
C GLN F 36 43.16 55.00 -9.88
N PRO F 37 42.38 55.62 -8.97
CA PRO F 37 40.91 55.62 -9.01
C PRO F 37 40.45 55.95 -10.40
N ASN F 38 39.34 55.35 -10.80
CA ASN F 38 38.83 55.57 -12.17
C ASN F 38 39.77 55.25 -13.36
N LYS F 39 40.99 54.77 -13.10
CA LYS F 39 41.89 54.42 -14.19
C LYS F 39 42.45 52.97 -14.16
N THR F 40 43.51 52.76 -13.36
CA THR F 40 44.23 51.49 -13.37
C THR F 40 44.58 51.00 -11.98
N ILE F 41 44.82 49.71 -11.85
CA ILE F 41 45.23 49.06 -10.58
C ILE F 41 46.28 47.97 -10.88
N ILE F 42 47.34 47.93 -10.10
CA ILE F 42 48.33 46.86 -10.19
C ILE F 42 48.48 46.18 -8.84
N GLY F 43 48.37 44.86 -8.86
CA GLY F 43 48.57 44.05 -7.67
C GLY F 43 49.28 42.75 -7.95
N LEU F 44 49.40 41.93 -6.89
CA LEU F 44 50.01 40.61 -7.02
C LEU F 44 49.33 39.47 -6.23
N LYS F 45 49.50 38.27 -6.74
CA LYS F 45 49.06 37.05 -6.07
C LYS F 45 50.27 36.13 -6.03
N GLN F 46 50.65 35.71 -4.83
CA GLN F 46 51.76 34.79 -4.68
C GLN F 46 51.24 33.37 -4.84
N VAL F 47 51.95 32.60 -5.64
CA VAL F 47 51.54 31.26 -6.01
C VAL F 47 52.39 30.25 -5.25
N SER F 48 51.78 29.66 -4.24
CA SER F 48 52.45 28.64 -3.46
C SER F 48 51.85 27.23 -3.57
N THR F 49 52.71 26.21 -3.43
CA THR F 49 52.24 24.83 -3.37
C THR F 49 51.27 24.56 -2.22
N ASN F 50 51.34 25.40 -1.18
CA ASN F 50 50.49 25.27 0.00
C ASN F 50 49.12 25.93 -0.14
N GLU F 51 48.55 25.80 -1.33
CA GLU F 51 47.21 26.32 -1.60
C GLU F 51 46.27 25.15 -1.87
N PRO F 52 45.04 25.21 -1.33
CA PRO F 52 44.14 24.07 -1.35
C PRO F 52 43.77 23.55 -2.73
N PHE F 53 43.82 24.39 -3.76
CA PHE F 53 43.43 23.93 -5.09
C PHE F 53 44.43 23.05 -5.80
N PHE F 54 45.68 23.06 -5.33
CA PHE F 54 46.75 22.48 -6.07
C PHE F 54 46.73 20.97 -6.00
N ASN F 55 46.11 20.43 -4.94
CA ASN F 55 46.00 18.99 -4.79
C ASN F 55 45.14 18.40 -5.89
N GLY F 56 44.19 19.21 -6.36
CA GLY F 56 43.24 18.76 -7.33
C GLY F 56 43.55 19.21 -8.73
N HIS F 57 44.56 20.05 -8.88
CA HIS F 57 44.84 20.58 -10.20
C HIS F 57 46.32 20.77 -10.44
N PHE F 58 47.10 19.71 -10.69
CA PHE F 58 46.70 18.31 -10.70
C PHE F 58 47.61 17.51 -9.80
N PRO F 59 47.16 16.33 -9.33
CA PRO F 59 48.02 15.49 -8.49
C PRO F 59 49.43 15.30 -9.07
N GLN F 60 49.52 14.94 -10.34
CA GLN F 60 50.82 14.67 -10.96
C GLN F 60 51.57 15.90 -11.42
N LYS F 61 50.88 17.03 -11.52
CA LYS F 61 51.48 18.27 -12.03
C LYS F 61 50.69 19.47 -11.52
N GLN F 62 51.28 20.23 -10.60
CA GLN F 62 50.64 21.44 -10.10
C GLN F 62 50.71 22.61 -11.07
N ILE F 63 49.52 22.99 -11.56
CA ILE F 63 49.32 24.15 -12.44
C ILE F 63 48.15 24.99 -11.93
N MET F 64 48.36 26.31 -11.82
CA MET F 64 47.32 27.19 -11.30
C MET F 64 46.17 27.24 -12.30
N PRO F 65 44.98 26.87 -11.84
CA PRO F 65 43.82 26.87 -12.73
C PRO F 65 43.63 28.20 -13.41
N GLY F 66 43.53 28.18 -14.74
CA GLY F 66 43.31 29.38 -15.53
C GLY F 66 42.15 30.20 -15.02
N VAL F 67 41.08 29.53 -14.62
CA VAL F 67 39.88 30.21 -14.17
C VAL F 67 40.18 31.04 -12.93
N LEU F 68 41.11 30.55 -12.11
CA LEU F 68 41.47 31.24 -10.88
C LEU F 68 42.35 32.44 -11.14
N GLN F 69 43.09 32.40 -12.25
CA GLN F 69 43.76 33.58 -12.78
C GLN F 69 42.74 34.62 -13.24
N ILE F 70 41.65 34.19 -13.88
CA ILE F 70 40.53 35.09 -14.19
C ILE F 70 39.99 35.71 -12.93
N GLU F 71 39.68 34.89 -11.94
CA GLU F 71 39.14 35.35 -10.66
C GLU F 71 40.07 36.33 -9.95
N ALA F 72 41.36 36.08 -10.01
CA ALA F 72 42.31 36.99 -9.37
C ALA F 72 42.27 38.38 -10.00
N LEU F 73 42.36 38.46 -11.33
CA LEU F 73 42.22 39.73 -12.03
C LEU F 73 40.89 40.38 -11.76
N ALA F 74 39.85 39.56 -11.61
CA ALA F 74 38.49 40.08 -11.46
C ALA F 74 38.35 40.74 -10.12
N GLN F 75 38.93 40.12 -9.11
CA GLN F 75 38.92 40.67 -7.77
C GLN F 75 39.74 41.98 -7.68
N LEU F 76 40.91 41.99 -8.29
CA LEU F 76 41.69 43.22 -8.40
C LEU F 76 40.86 44.31 -9.07
N ALA F 77 40.35 44.03 -10.27
CA ALA F 77 39.44 44.93 -10.98
C ALA F 77 38.30 45.43 -10.07
N GLY F 78 37.71 44.51 -9.30
CA GLY F 78 36.62 44.82 -8.39
C GLY F 78 37.06 45.73 -7.25
N ILE F 79 38.34 45.70 -6.90
CA ILE F 79 38.85 46.62 -5.89
C ILE F 79 38.80 48.02 -6.49
N LEU F 80 39.45 48.18 -7.65
CA LEU F 80 39.44 49.44 -8.37
C LEU F 80 38.05 50.09 -8.46
N CYS F 81 37.02 49.29 -8.84
CA CYS F 81 35.65 49.75 -8.91
C CYS F 81 35.15 50.31 -7.58
N LEU F 82 35.39 49.56 -6.51
CA LEU F 82 34.85 49.95 -5.20
C LEU F 82 35.57 51.16 -4.60
N LYS F 83 36.83 51.37 -4.97
CA LYS F 83 37.58 52.58 -4.56
C LYS F 83 37.40 53.75 -5.52
N SER F 84 37.04 53.46 -6.76
CA SER F 84 36.73 54.51 -7.74
C SER F 84 35.40 55.19 -7.46
N ASP F 85 34.43 54.46 -6.91
CA ASP F 85 33.10 54.99 -6.66
C ASP F 85 32.39 54.08 -5.67
N ASP F 86 32.33 54.50 -4.40
CA ASP F 86 31.60 53.73 -3.37
C ASP F 86 30.28 54.37 -2.92
N SER F 87 29.74 55.27 -3.73
CA SER F 87 28.41 55.84 -3.44
C SER F 87 27.39 54.71 -3.26
N GLN F 88 27.44 53.72 -4.16
CA GLN F 88 26.71 52.45 -3.97
C GLN F 88 27.44 51.61 -2.95
N LYS F 89 26.94 51.66 -1.71
CA LYS F 89 27.61 51.02 -0.57
C LYS F 89 27.39 49.50 -0.56
N ASN F 90 27.65 48.87 -1.71
CA ASN F 90 27.51 47.42 -1.89
C ASN F 90 28.82 46.87 -2.39
N ASN F 91 29.47 46.01 -1.58
CA ASN F 91 30.75 45.39 -1.99
C ASN F 91 30.62 44.01 -2.67
N LEU F 92 29.41 43.45 -2.66
CA LEU F 92 29.13 42.21 -3.40
C LEU F 92 28.95 42.46 -4.90
N PHE F 93 30.05 42.35 -5.64
CA PHE F 93 29.99 42.47 -7.08
C PHE F 93 29.98 41.10 -7.72
N LEU F 94 29.09 40.95 -8.70
CA LEU F 94 29.06 39.72 -9.48
C LEU F 94 29.62 39.88 -10.90
N PHE F 95 30.32 38.83 -11.31
CA PHE F 95 30.82 38.69 -12.65
C PHE F 95 29.62 38.53 -13.60
N ALA F 96 29.47 39.42 -14.58
CA ALA F 96 28.32 39.37 -15.49
C ALA F 96 28.70 38.78 -16.84
N GLY F 97 29.95 38.99 -17.23
CA GLY F 97 30.48 38.46 -18.46
C GLY F 97 31.99 38.60 -18.55
N VAL F 98 32.63 37.73 -19.30
CA VAL F 98 34.05 37.90 -19.56
C VAL F 98 34.29 37.54 -21.01
N ASP F 99 35.25 38.21 -21.63
CA ASP F 99 35.47 38.07 -23.06
C ASP F 99 36.93 38.18 -23.40
N GLY F 100 37.36 37.39 -24.38
CA GLY F 100 38.72 37.44 -24.91
C GLY F 100 39.79 37.12 -23.88
N VAL F 101 39.67 35.95 -23.25
CA VAL F 101 40.69 35.45 -22.35
C VAL F 101 41.61 34.53 -23.13
N ARG F 102 42.91 34.72 -22.94
CA ARG F 102 43.94 33.89 -23.56
C ARG F 102 45.06 33.58 -22.58
N TRP F 103 45.32 32.29 -22.36
CA TRP F 103 46.35 31.85 -21.43
C TRP F 103 47.54 31.43 -22.27
N LYS F 104 48.68 32.08 -22.03
CA LYS F 104 49.88 31.87 -22.83
C LYS F 104 50.79 30.86 -22.16
N LYS F 105 50.99 31.01 -20.86
CA LYS F 105 52.01 30.23 -20.14
C LYS F 105 51.43 29.74 -18.84
N PRO F 106 51.80 28.52 -18.41
CA PRO F 106 51.38 27.95 -17.15
C PRO F 106 51.92 28.76 -15.97
N VAL F 107 51.05 29.02 -14.99
CA VAL F 107 51.44 29.64 -13.74
C VAL F 107 51.69 28.56 -12.69
N LEU F 108 52.90 28.56 -12.12
CA LEU F 108 53.37 27.44 -11.28
C LEU F 108 53.66 27.85 -9.85
N PRO F 109 53.62 26.89 -8.92
CA PRO F 109 54.07 27.15 -7.55
C PRO F 109 55.45 27.76 -7.54
N GLY F 110 55.62 28.89 -6.86
CA GLY F 110 56.89 29.58 -6.88
C GLY F 110 56.81 30.91 -7.59
N ASP F 111 55.87 31.04 -8.50
CA ASP F 111 55.70 32.26 -9.27
C ASP F 111 55.02 33.37 -8.46
N THR F 112 55.30 34.61 -8.86
CA THR F 112 54.57 35.76 -8.43
C THR F 112 53.75 36.18 -9.63
N LEU F 113 52.43 36.14 -9.47
CA LEU F 113 51.51 36.61 -10.47
C LEU F 113 51.32 38.10 -10.25
N THR F 114 51.90 38.92 -11.14
CA THR F 114 51.66 40.36 -11.14
C THR F 114 50.49 40.68 -12.07
N MET F 115 49.57 41.50 -11.57
CA MET F 115 48.30 41.72 -12.25
C MET F 115 47.99 43.18 -12.46
N GLN F 116 47.51 43.52 -13.65
CA GLN F 116 47.04 44.88 -13.94
C GLN F 116 45.66 44.85 -14.56
N ALA F 117 44.73 45.61 -13.96
CA ALA F 117 43.41 45.82 -14.52
C ALA F 117 43.20 47.31 -14.87
N ASN F 118 42.55 47.55 -16.02
CA ASN F 118 42.30 48.89 -16.54
C ASN F 118 40.82 49.12 -16.77
N LEU F 119 40.29 50.18 -16.16
CA LEU F 119 38.87 50.50 -16.30
C LEU F 119 38.59 51.08 -17.68
N ILE F 120 37.57 50.56 -18.32
CA ILE F 120 37.16 51.01 -19.63
C ILE F 120 35.96 51.95 -19.53
N SER F 121 34.86 51.44 -18.97
CA SER F 121 33.63 52.22 -18.83
C SER F 121 32.92 51.87 -17.53
N PHE F 122 32.32 52.90 -16.93
CA PHE F 122 31.57 52.75 -15.68
C PHE F 122 30.27 53.51 -15.89
N LYS F 123 29.15 52.89 -15.54
CA LYS F 123 27.86 53.55 -15.69
C LYS F 123 27.08 53.48 -14.37
N SER F 124 26.71 54.61 -13.75
CA SER F 124 25.76 54.52 -12.63
C SER F 124 24.41 54.00 -13.16
N SER F 125 24.40 53.46 -14.38
CA SER F 125 23.21 52.75 -14.96
C SER F 125 22.49 51.81 -13.98
N LEU F 126 23.20 50.73 -13.63
CA LEU F 126 22.74 49.68 -12.70
C LEU F 126 24.04 49.07 -12.17
N GLY F 127 25.11 49.86 -12.31
CA GLY F 127 26.38 49.39 -11.85
C GLY F 127 27.04 48.47 -12.87
N ILE F 128 27.19 48.95 -14.10
CA ILE F 128 27.88 48.22 -15.16
C ILE F 128 29.28 48.77 -15.30
N ALA F 129 30.27 47.96 -14.93
CA ALA F 129 31.65 48.34 -15.16
C ALA F 129 32.32 47.35 -16.09
N LYS F 130 33.12 47.87 -17.01
CA LYS F 130 33.91 47.04 -17.91
C LYS F 130 35.39 47.32 -17.71
N LEU F 131 36.18 46.27 -17.66
CA LEU F 131 37.62 46.39 -17.43
C LEU F 131 38.40 45.37 -18.25
N SER F 132 39.65 45.70 -18.59
CA SER F 132 40.56 44.75 -19.23
C SER F 132 41.60 44.32 -18.20
N GLY F 133 42.28 43.20 -18.46
CA GLY F 133 43.24 42.65 -17.48
C GLY F 133 44.40 41.94 -18.15
N VAL F 134 45.59 42.06 -17.56
CA VAL F 134 46.77 41.32 -17.97
C VAL F 134 47.46 40.80 -16.72
N GLY F 135 47.94 39.57 -16.77
CA GLY F 135 48.74 38.97 -15.69
C GLY F 135 50.10 38.54 -16.20
N TYR F 136 51.13 38.83 -15.41
CA TYR F 136 52.50 38.49 -15.78
C TYR F 136 53.16 37.62 -14.72
N VAL F 137 54.12 36.81 -15.20
CA VAL F 137 55.10 36.19 -14.34
C VAL F 137 56.47 36.47 -14.94
N ASN F 138 57.33 37.10 -14.15
CA ASN F 138 58.65 37.47 -14.62
C ASN F 138 58.59 38.34 -15.89
N GLY F 139 57.76 39.40 -15.83
CA GLY F 139 57.59 40.30 -16.97
C GLY F 139 57.00 39.70 -18.24
N LYS F 140 56.87 38.36 -18.29
CA LYS F 140 56.22 37.67 -19.41
C LYS F 140 54.72 37.51 -19.19
N VAL F 141 53.93 37.84 -20.22
CA VAL F 141 52.48 37.70 -20.20
C VAL F 141 52.03 36.23 -20.02
N VAL F 142 51.18 35.99 -19.02
CA VAL F 142 50.63 34.63 -18.80
C VAL F 142 49.13 34.59 -19.06
N ILE F 143 48.44 35.67 -18.77
CA ILE F 143 47.01 35.74 -19.09
C ILE F 143 46.62 37.10 -19.65
N ASN F 144 45.84 37.12 -20.73
CA ASN F 144 45.16 38.31 -21.24
C ASN F 144 43.65 38.23 -21.10
N ILE F 145 43.03 39.32 -20.68
CA ILE F 145 41.58 39.45 -20.72
C ILE F 145 41.20 40.77 -21.41
N SER F 146 40.56 40.68 -22.57
CA SER F 146 39.99 41.85 -23.27
C SER F 146 38.98 42.59 -22.46
N GLU F 147 37.96 41.90 -21.95
CA GLU F 147 36.88 42.56 -21.26
C GLU F 147 36.23 41.76 -20.15
N MET F 148 36.26 42.32 -18.96
CA MET F 148 35.51 41.80 -17.83
C MET F 148 34.32 42.72 -17.60
N THR F 149 33.14 42.13 -17.46
CA THR F 149 31.94 42.90 -17.21
C THR F 149 31.40 42.61 -15.82
N PHE F 150 31.20 43.68 -15.04
CA PHE F 150 30.73 43.55 -13.68
C PHE F 150 29.42 44.24 -13.40
N ALA F 151 28.56 43.53 -12.68
CA ALA F 151 27.26 44.05 -12.23
C ALA F 151 27.22 43.99 -10.73
N LEU F 152 26.53 44.94 -10.14
CA LEU F 152 26.54 45.00 -8.70
C LEU F 152 25.14 44.98 -8.14
N SER F 153 24.78 43.82 -7.61
CA SER F 153 23.49 43.57 -6.94
C SER F 153 23.18 44.61 -5.86
N ASP G 8 7.32 -22.15 44.86
CA ASP G 8 7.06 -22.88 43.58
C ASP G 8 7.39 -22.03 42.36
N THR G 9 7.43 -20.71 42.54
CA THR G 9 7.81 -19.72 41.50
C THR G 9 7.13 -19.85 40.11
N SER G 10 6.05 -20.65 40.04
CA SER G 10 5.31 -20.83 38.77
C SER G 10 4.00 -20.05 38.82
N ILE G 11 3.73 -19.21 37.82
CA ILE G 11 2.49 -18.39 37.77
C ILE G 11 1.42 -18.96 36.84
N ASP G 12 0.31 -19.44 37.40
CA ASP G 12 -0.68 -20.18 36.60
C ASP G 12 -1.60 -19.23 35.92
N ILE G 13 -2.39 -19.77 35.02
CA ILE G 13 -3.26 -18.97 34.17
C ILE G 13 -4.12 -17.93 34.93
N GLU G 14 -4.70 -18.31 36.09
CA GLU G 14 -5.61 -17.41 36.84
C GLU G 14 -4.91 -16.13 37.27
N ASP G 15 -3.65 -16.27 37.69
CA ASP G 15 -2.83 -15.15 38.09
C ASP G 15 -2.28 -14.34 36.92
N ILE G 16 -2.05 -15.02 35.80
CA ILE G 16 -1.67 -14.32 34.57
C ILE G 16 -2.78 -13.34 34.23
N LYS G 17 -4.03 -13.80 34.32
CA LYS G 17 -5.21 -13.00 34.00
C LYS G 17 -5.39 -11.81 34.92
N LYS G 18 -4.72 -11.84 36.07
CA LYS G 18 -4.75 -10.70 36.99
C LYS G 18 -3.72 -9.66 36.64
N ILE G 19 -2.66 -10.08 35.95
CA ILE G 19 -1.62 -9.18 35.47
C ILE G 19 -1.98 -8.66 34.09
N LEU G 20 -2.27 -9.56 33.13
CA LEU G 20 -2.60 -9.17 31.74
C LEU G 20 -4.07 -8.90 31.49
N PRO G 21 -4.40 -7.89 30.67
CA PRO G 21 -5.82 -7.70 30.35
C PRO G 21 -6.29 -8.61 29.24
N HIS G 22 -5.36 -9.17 28.47
CA HIS G 22 -5.71 -10.04 27.33
C HIS G 22 -6.68 -11.19 27.75
N ARG G 23 -7.69 -11.45 26.92
CA ARG G 23 -8.56 -12.62 27.11
C ARG G 23 -8.69 -13.44 25.82
N TYR G 24 -9.53 -14.47 25.87
CA TYR G 24 -9.74 -15.31 24.75
C TYR G 24 -10.37 -14.42 23.70
N PRO G 25 -10.02 -14.60 22.41
CA PRO G 25 -9.08 -15.58 21.88
C PRO G 25 -7.68 -15.01 21.67
N PHE G 26 -7.23 -14.14 22.58
CA PHE G 26 -5.96 -13.43 22.38
C PHE G 26 -5.09 -13.36 23.62
N LEU G 27 -5.20 -14.40 24.46
CA LEU G 27 -4.23 -14.59 25.55
C LEU G 27 -3.45 -15.80 25.13
N LEU G 28 -2.14 -15.58 24.96
CA LEU G 28 -1.21 -16.52 24.34
C LEU G 28 -0.03 -16.89 25.26
N VAL G 29 -0.17 -16.68 26.56
CA VAL G 29 0.73 -17.28 27.54
C VAL G 29 -0.08 -18.18 28.48
N ASP G 30 0.20 -19.49 28.41
CA ASP G 30 -0.52 -20.45 29.24
C ASP G 30 0.02 -20.48 30.64
N LYS G 31 1.33 -20.46 30.80
CA LYS G 31 1.91 -20.51 32.15
C LYS G 31 3.32 -19.92 32.24
N VAL G 32 3.56 -19.20 33.33
CA VAL G 32 4.87 -18.61 33.61
C VAL G 32 5.65 -19.54 34.52
N ILE G 33 6.82 -20.02 34.06
CA ILE G 33 7.58 -21.02 34.82
C ILE G 33 8.77 -20.50 35.63
N TYR G 34 9.37 -19.39 35.18
CA TYR G 34 10.40 -18.66 35.94
C TYR G 34 10.33 -17.16 35.62
N MET G 35 10.53 -16.33 36.64
CA MET G 35 10.54 -14.88 36.47
C MET G 35 11.49 -14.22 37.46
N GLN G 36 12.36 -13.37 36.92
CA GLN G 36 13.22 -12.54 37.75
C GLN G 36 12.99 -11.07 37.44
N PRO G 37 12.40 -10.32 38.40
CA PRO G 37 11.99 -8.93 38.17
C PRO G 37 13.15 -8.14 37.58
N ASN G 38 12.84 -7.20 36.69
CA ASN G 38 13.87 -6.36 36.03
C ASN G 38 14.93 -7.11 35.22
N LYS G 39 14.79 -8.43 35.08
CA LYS G 39 15.79 -9.20 34.31
C LYS G 39 15.21 -10.09 33.21
N THR G 40 14.69 -11.26 33.60
CA THR G 40 14.25 -12.27 32.63
C THR G 40 12.96 -13.01 33.06
N ILE G 41 12.30 -13.63 32.09
CA ILE G 41 11.05 -14.34 32.31
C ILE G 41 11.00 -15.51 31.35
N ILE G 42 10.57 -16.65 31.86
CA ILE G 42 10.39 -17.84 31.07
C ILE G 42 8.97 -18.35 31.26
N GLY G 43 8.31 -18.68 30.14
CA GLY G 43 6.94 -19.16 30.15
C GLY G 43 6.68 -20.08 28.98
N LEU G 44 5.48 -20.66 28.94
CA LEU G 44 5.10 -21.50 27.81
C LEU G 44 3.71 -21.24 27.23
N LYS G 45 3.53 -21.60 25.96
CA LYS G 45 2.24 -21.61 25.29
C LYS G 45 2.07 -22.98 24.68
N GLN G 46 1.00 -23.65 25.07
CA GLN G 46 0.72 -24.96 24.54
C GLN G 46 -0.06 -24.83 23.24
N VAL G 47 0.42 -25.52 22.21
CA VAL G 47 -0.13 -25.41 20.87
C VAL G 47 -1.00 -26.60 20.55
N SER G 48 -2.31 -26.35 20.56
CA SER G 48 -3.27 -27.41 20.26
C SER G 48 -3.99 -27.16 18.93
N THR G 49 -4.41 -28.24 18.27
CA THR G 49 -5.30 -28.10 17.12
C THR G 49 -6.65 -27.51 17.48
N ASN G 50 -7.00 -27.50 18.75
CA ASN G 50 -8.28 -27.00 19.17
C ASN G 50 -8.22 -25.53 19.52
N GLU G 51 -7.59 -24.75 18.63
CA GLU G 51 -7.49 -23.31 18.85
C GLU G 51 -8.14 -22.65 17.66
N PRO G 52 -8.79 -21.51 17.88
CA PRO G 52 -9.69 -20.97 16.87
C PRO G 52 -8.98 -20.53 15.59
N PHE G 53 -7.71 -20.11 15.69
CA PHE G 53 -6.95 -19.62 14.52
C PHE G 53 -6.57 -20.70 13.52
N PHE G 54 -6.50 -21.93 13.99
CA PHE G 54 -5.93 -22.95 13.14
C PHE G 54 -6.73 -23.26 11.90
N ASN G 55 -8.04 -23.05 11.98
CA ASN G 55 -8.92 -23.31 10.83
C ASN G 55 -8.57 -22.43 9.65
N GLY G 56 -8.01 -21.25 9.92
CA GLY G 56 -7.72 -20.28 8.87
C GLY G 56 -6.27 -20.20 8.46
N HIS G 57 -5.40 -20.99 9.10
CA HIS G 57 -3.96 -20.89 8.91
C HIS G 57 -3.27 -22.24 9.18
N PHE G 58 -3.54 -23.26 8.36
CA PHE G 58 -4.33 -23.17 7.14
C PHE G 58 -5.24 -24.41 7.03
N PRO G 59 -6.35 -24.30 6.27
CA PRO G 59 -7.22 -25.43 6.10
C PRO G 59 -6.46 -26.72 5.76
N GLN G 60 -5.54 -26.67 4.79
CA GLN G 60 -4.80 -27.86 4.35
C GLN G 60 -3.56 -28.21 5.19
N LYS G 61 -3.07 -27.24 5.98
CA LYS G 61 -1.86 -27.41 6.79
C LYS G 61 -1.88 -26.47 7.98
N GLN G 62 -2.01 -27.04 9.18
CA GLN G 62 -2.05 -26.24 10.40
C GLN G 62 -0.66 -25.78 10.84
N ILE G 63 -0.43 -24.46 10.77
CA ILE G 63 0.85 -23.89 11.20
C ILE G 63 0.62 -22.61 12.01
N MET G 64 1.12 -22.58 13.24
CA MET G 64 0.89 -21.41 14.09
C MET G 64 1.42 -20.15 13.40
N PRO G 65 0.53 -19.16 13.17
CA PRO G 65 0.96 -17.90 12.56
C PRO G 65 2.13 -17.26 13.29
N GLY G 66 3.15 -16.86 12.52
CA GLY G 66 4.35 -16.23 13.05
C GLY G 66 4.03 -14.99 13.90
N VAL G 67 3.08 -14.19 13.42
CA VAL G 67 2.65 -13.04 14.19
C VAL G 67 2.10 -13.40 15.58
N LEU G 68 1.47 -14.56 15.73
CA LEU G 68 1.01 -14.97 17.05
C LEU G 68 2.13 -15.46 17.99
N GLN G 69 3.21 -15.98 17.41
CA GLN G 69 4.45 -16.22 18.15
C GLN G 69 5.05 -14.92 18.68
N ILE G 70 4.98 -13.85 17.88
CA ILE G 70 5.43 -12.54 18.29
C ILE G 70 4.57 -12.08 19.47
N GLU G 71 3.26 -12.05 19.27
CA GLU G 71 2.30 -11.70 20.32
C GLU G 71 2.53 -12.48 21.61
N ALA G 72 2.75 -13.80 21.50
CA ALA G 72 2.97 -14.65 22.69
C ALA G 72 4.13 -14.12 23.50
N LEU G 73 5.29 -14.04 22.85
CA LEU G 73 6.46 -13.44 23.49
C LEU G 73 6.11 -12.04 24.05
N ALA G 74 5.40 -11.23 23.27
CA ALA G 74 5.14 -9.85 23.64
C ALA G 74 4.35 -9.77 24.93
N GLN G 75 3.37 -10.67 25.07
CA GLN G 75 2.58 -10.83 26.30
C GLN G 75 3.43 -11.27 27.49
N LEU G 76 4.33 -12.22 27.27
CA LEU G 76 5.24 -12.69 28.30
C LEU G 76 6.12 -11.53 28.75
N ALA G 77 6.72 -10.82 27.78
CA ALA G 77 7.56 -9.66 28.07
C ALA G 77 6.76 -8.61 28.88
N GLY G 78 5.52 -8.39 28.45
CA GLY G 78 4.57 -7.52 29.15
C GLY G 78 4.38 -7.91 30.61
N ILE G 79 4.32 -9.22 30.90
CA ILE G 79 4.18 -9.66 32.27
C ILE G 79 5.36 -9.18 33.06
N LEU G 80 6.55 -9.49 32.58
CA LEU G 80 7.80 -9.05 33.23
C LEU G 80 7.80 -7.55 33.54
N CYS G 81 7.45 -6.72 32.55
CA CYS G 81 7.36 -5.27 32.75
C CYS G 81 6.42 -4.90 33.91
N LEU G 82 5.23 -5.50 33.95
CA LEU G 82 4.22 -5.19 34.95
C LEU G 82 4.53 -5.71 36.35
N LYS G 83 5.33 -6.76 36.43
CA LYS G 83 5.79 -7.24 37.75
C LYS G 83 7.11 -6.62 38.19
N SER G 84 7.91 -6.15 37.23
CA SER G 84 9.14 -5.39 37.53
C SER G 84 8.87 -4.00 38.15
N ASP G 85 7.79 -3.34 37.70
CA ASP G 85 7.48 -1.96 38.12
C ASP G 85 5.99 -1.68 37.87
N ASP G 86 5.17 -1.79 38.92
CA ASP G 86 3.73 -1.47 38.80
C ASP G 86 3.35 -0.16 39.51
N SER G 87 4.31 0.72 39.74
CA SER G 87 4.01 2.07 40.23
C SER G 87 3.02 2.75 39.28
N GLN G 88 3.24 2.61 37.96
CA GLN G 88 2.24 2.98 36.94
C GLN G 88 1.15 1.91 36.87
N LYS G 89 0.05 2.17 37.57
CA LYS G 89 -1.04 1.20 37.69
C LYS G 89 -1.85 1.07 36.41
N ASN G 90 -1.15 0.88 35.28
CA ASN G 90 -1.78 0.69 33.99
C ASN G 90 -1.29 -0.64 33.42
N ASN G 91 -2.22 -1.56 33.15
CA ASN G 91 -1.86 -2.87 32.60
C ASN G 91 -2.03 -2.98 31.06
N LEU G 92 -2.66 -1.96 30.46
CA LEU G 92 -2.80 -1.87 29.00
C LEU G 92 -1.50 -1.43 28.34
N PHE G 93 -0.67 -2.42 27.95
CA PHE G 93 0.59 -2.16 27.27
C PHE G 93 0.41 -2.34 25.78
N LEU G 94 0.80 -1.30 25.04
CA LEU G 94 0.76 -1.38 23.59
C LEU G 94 2.14 -1.58 22.98
N PHE G 95 2.18 -2.46 21.99
CA PHE G 95 3.31 -2.67 21.11
C PHE G 95 3.61 -1.37 20.37
N ALA G 96 4.79 -0.81 20.60
CA ALA G 96 5.22 0.41 19.90
C ALA G 96 6.11 0.13 18.67
N GLY G 97 6.93 -0.91 18.74
CA GLY G 97 7.79 -1.32 17.65
C GLY G 97 8.35 -2.70 17.90
N VAL G 98 8.68 -3.40 16.82
CA VAL G 98 9.38 -4.66 16.93
C VAL G 98 10.43 -4.76 15.81
N ASP G 99 11.51 -5.47 16.09
CA ASP G 99 12.67 -5.43 15.23
C ASP G 99 13.42 -6.73 15.27
N GLY G 100 13.92 -7.14 14.12
CA GLY G 100 14.82 -8.30 14.05
C GLY G 100 14.15 -9.59 14.44
N VAL G 101 12.97 -9.84 13.83
CA VAL G 101 12.24 -11.08 14.03
C VAL G 101 12.62 -12.07 12.95
N ARG G 102 12.95 -13.28 13.39
CA ARG G 102 13.30 -14.36 12.47
C ARG G 102 12.67 -15.68 12.89
N TRP G 103 11.90 -16.26 11.98
CA TRP G 103 11.24 -17.54 12.23
C TRP G 103 12.07 -18.60 11.54
N LYS G 104 12.39 -19.67 12.28
CA LYS G 104 13.36 -20.66 11.85
C LYS G 104 12.67 -21.95 11.44
N LYS G 105 11.62 -22.29 12.16
CA LYS G 105 10.99 -23.61 12.08
C LYS G 105 9.51 -23.42 12.41
N PRO G 106 8.62 -24.01 11.61
CA PRO G 106 7.18 -23.97 11.83
C PRO G 106 6.74 -24.52 13.21
N VAL G 107 5.85 -23.80 13.88
CA VAL G 107 5.31 -24.26 15.16
C VAL G 107 3.97 -24.98 14.93
N LEU G 108 3.90 -26.28 15.25
CA LEU G 108 2.75 -27.11 14.87
C LEU G 108 1.89 -27.57 16.07
N PRO G 109 0.59 -27.87 15.85
CA PRO G 109 -0.25 -28.50 16.88
C PRO G 109 0.44 -29.71 17.51
N GLY G 110 0.54 -29.74 18.83
CA GLY G 110 1.28 -30.81 19.50
C GLY G 110 2.53 -30.27 20.17
N ASP G 111 3.05 -29.14 19.69
CA ASP G 111 4.23 -28.54 20.29
C ASP G 111 3.97 -27.78 21.57
N THR G 112 5.02 -27.64 22.39
CA THR G 112 5.02 -26.75 23.55
C THR G 112 6.00 -25.65 23.24
N LEU G 113 5.48 -24.44 23.05
CA LEU G 113 6.30 -23.26 22.74
C LEU G 113 6.86 -22.71 24.07
N THR G 114 8.14 -22.94 24.32
CA THR G 114 8.81 -22.41 25.51
C THR G 114 9.42 -21.07 25.13
N MET G 115 9.18 -20.07 25.96
CA MET G 115 9.51 -18.71 25.61
C MET G 115 10.31 -18.07 26.72
N GLN G 116 11.28 -17.24 26.30
CA GLN G 116 12.06 -16.42 27.19
C GLN G 116 12.21 -15.00 26.67
N ALA G 117 11.90 -14.04 27.53
CA ALA G 117 12.10 -12.63 27.23
C ALA G 117 13.05 -12.02 28.27
N ASN G 118 13.88 -11.08 27.80
CA ASN G 118 14.90 -10.44 28.61
C ASN G 118 14.78 -8.93 28.51
N LEU G 119 14.66 -8.29 29.66
CA LEU G 119 14.57 -6.83 29.72
C LEU G 119 15.92 -6.17 29.38
N ILE G 120 15.88 -5.17 28.49
CA ILE G 120 17.10 -4.51 28.01
C ILE G 120 17.19 -3.15 28.69
N SER G 121 16.14 -2.34 28.53
CA SER G 121 16.05 -1.02 29.15
C SER G 121 14.62 -0.71 29.53
N PHE G 122 14.48 0.06 30.60
CA PHE G 122 13.18 0.53 31.10
C PHE G 122 13.38 1.97 31.53
N LYS G 123 12.57 2.87 30.96
CA LYS G 123 12.56 4.27 31.40
C LYS G 123 11.16 4.53 32.02
N SER G 124 11.01 4.22 33.31
CA SER G 124 9.67 4.17 33.98
C SER G 124 9.03 5.56 34.33
N SER G 125 9.67 6.63 33.86
CA SER G 125 9.06 7.95 33.78
C SER G 125 8.20 8.06 32.48
N LEU G 126 8.82 7.79 31.32
CA LEU G 126 8.12 7.88 30.02
C LEU G 126 7.12 6.72 29.78
N GLY G 127 7.55 5.48 30.07
CA GLY G 127 6.84 4.21 29.84
C GLY G 127 7.37 3.38 28.67
N ILE G 128 8.64 3.58 28.30
CA ILE G 128 9.26 2.86 27.16
C ILE G 128 10.17 1.71 27.63
N ALA G 129 9.66 0.48 27.50
CA ALA G 129 10.49 -0.71 27.74
C ALA G 129 10.92 -1.41 26.43
N LYS G 130 12.14 -1.92 26.43
CA LYS G 130 12.67 -2.68 25.31
C LYS G 130 13.09 -4.05 25.82
N LEU G 131 12.69 -5.07 25.09
CA LEU G 131 13.01 -6.45 25.45
C LEU G 131 13.41 -7.28 24.23
N SER G 132 14.11 -8.39 24.50
CA SER G 132 14.48 -9.36 23.46
C SER G 132 13.72 -10.63 23.74
N GLY G 133 13.54 -11.49 22.73
CA GLY G 133 12.77 -12.71 22.93
C GLY G 133 13.32 -13.87 22.15
N VAL G 134 13.23 -15.06 22.72
CA VAL G 134 13.47 -16.32 21.99
C VAL G 134 12.37 -17.34 22.30
N GLY G 135 11.97 -18.10 21.29
CA GLY G 135 10.96 -19.16 21.46
C GLY G 135 11.50 -20.47 20.97
N TYR G 136 11.33 -21.51 21.79
CA TYR G 136 11.84 -22.85 21.50
C TYR G 136 10.76 -23.90 21.50
N VAL G 137 10.98 -24.92 20.69
CA VAL G 137 10.21 -26.16 20.73
C VAL G 137 11.23 -27.29 20.77
N ASN G 138 11.18 -28.11 21.81
CA ASN G 138 12.13 -29.22 21.98
C ASN G 138 13.58 -28.76 22.02
N GLY G 139 13.81 -27.63 22.67
CA GLY G 139 15.17 -27.10 22.77
C GLY G 139 15.71 -26.48 21.49
N LYS G 140 15.00 -26.66 20.37
CA LYS G 140 15.37 -26.01 19.09
C LYS G 140 14.73 -24.62 18.96
N VAL G 141 15.49 -23.65 18.49
CA VAL G 141 14.99 -22.28 18.32
C VAL G 141 13.98 -22.19 17.17
N VAL G 142 12.82 -21.58 17.41
CA VAL G 142 11.82 -21.43 16.35
C VAL G 142 11.61 -19.96 15.97
N ILE G 143 11.68 -19.06 16.95
CA ILE G 143 11.57 -17.64 16.70
C ILE G 143 12.61 -16.86 17.52
N ASN G 144 13.22 -15.88 16.85
CA ASN G 144 14.08 -14.88 17.48
C ASN G 144 13.51 -13.50 17.34
N ILE G 145 13.59 -12.71 18.40
CA ILE G 145 13.24 -11.28 18.34
C ILE G 145 14.33 -10.44 19.01
N SER G 146 15.00 -9.63 18.19
CA SER G 146 16.05 -8.74 18.66
C SER G 146 15.53 -7.79 19.70
N GLU G 147 14.42 -7.13 19.36
CA GLU G 147 13.93 -6.03 20.20
C GLU G 147 12.43 -5.85 20.08
N MET G 148 11.78 -5.87 21.23
CA MET G 148 10.37 -5.51 21.31
C MET G 148 10.30 -4.22 22.10
N THR G 149 9.56 -3.25 21.57
CA THR G 149 9.41 -1.96 22.24
C THR G 149 7.94 -1.71 22.64
N PHE G 150 7.74 -1.30 23.89
CA PHE G 150 6.38 -1.15 24.41
C PHE G 150 6.05 0.20 24.97
N ALA G 151 4.83 0.63 24.73
CA ALA G 151 4.32 1.85 25.37
C ALA G 151 3.13 1.51 26.26
N LEU G 152 3.06 2.19 27.37
CA LEU G 152 1.93 2.07 28.25
C LEU G 152 0.91 3.18 27.89
N SER G 153 -0.31 2.80 27.50
CA SER G 153 -1.40 3.77 27.27
C SER G 153 -1.64 4.70 28.48
N LYS G 154 -1.43 6.00 28.29
CA LYS G 154 -1.41 6.97 29.37
C LYS G 154 -2.70 6.99 30.22
N THR H 9 -6.74 -3.05 -10.84
CA THR H 9 -8.16 -3.56 -10.69
C THR H 9 -8.62 -3.52 -9.20
N SER H 10 -9.94 -3.50 -8.99
CA SER H 10 -10.56 -3.70 -7.66
C SER H 10 -10.81 -5.19 -7.44
N ILE H 11 -9.99 -5.87 -6.65
CA ILE H 11 -10.26 -7.30 -6.34
C ILE H 11 -11.18 -7.48 -5.08
N ASP H 12 -12.44 -7.88 -5.31
CA ASP H 12 -13.40 -8.15 -4.24
C ASP H 12 -12.94 -9.36 -3.43
N ILE H 13 -13.69 -9.74 -2.40
CA ILE H 13 -13.23 -10.77 -1.47
C ILE H 13 -13.19 -12.20 -2.04
N GLU H 14 -14.12 -12.55 -2.92
CA GLU H 14 -14.22 -13.94 -3.42
C GLU H 14 -12.96 -14.34 -4.17
N ASP H 15 -12.41 -13.39 -4.92
CA ASP H 15 -11.21 -13.62 -5.71
C ASP H 15 -9.95 -13.61 -4.85
N ILE H 16 -9.95 -12.79 -3.81
CA ILE H 16 -8.90 -12.84 -2.82
C ILE H 16 -8.75 -14.27 -2.31
N LYS H 17 -9.88 -14.92 -2.01
CA LYS H 17 -9.86 -16.27 -1.43
C LYS H 17 -9.34 -17.30 -2.43
N LYS H 18 -9.28 -16.93 -3.70
CA LYS H 18 -8.77 -17.85 -4.74
C LYS H 18 -7.24 -17.65 -4.84
N ILE H 19 -6.78 -16.50 -4.37
CA ILE H 19 -5.34 -16.24 -4.34
C ILE H 19 -4.73 -16.73 -3.03
N LEU H 20 -5.28 -16.23 -1.91
CA LEU H 20 -4.77 -16.61 -0.60
C LEU H 20 -5.42 -17.90 -0.06
N PRO H 21 -4.69 -18.68 0.78
CA PRO H 21 -5.31 -19.80 1.42
C PRO H 21 -5.99 -19.45 2.74
N HIS H 22 -5.62 -18.30 3.31
CA HIS H 22 -6.13 -17.85 4.61
C HIS H 22 -7.65 -17.82 4.64
N ARG H 23 -8.22 -18.32 5.72
CA ARG H 23 -9.66 -18.23 5.95
C ARG H 23 -10.00 -17.59 7.31
N TYR H 24 -11.29 -17.53 7.62
CA TYR H 24 -11.76 -17.07 8.92
C TYR H 24 -11.20 -18.01 9.97
N PRO H 25 -10.71 -17.47 11.11
CA PRO H 25 -10.66 -16.06 11.49
C PRO H 25 -9.34 -15.37 11.29
N PHE H 26 -8.68 -15.63 10.17
CA PHE H 26 -7.36 -15.07 9.90
C PHE H 26 -7.18 -14.61 8.48
N LEU H 27 -8.25 -14.18 7.82
CA LEU H 27 -8.12 -13.48 6.53
C LEU H 27 -8.32 -12.02 6.83
N LEU H 28 -7.26 -11.25 6.62
CA LEU H 28 -7.23 -9.88 7.07
C LEU H 28 -7.14 -8.84 5.94
N VAL H 29 -7.54 -9.25 4.73
CA VAL H 29 -7.64 -8.32 3.62
C VAL H 29 -9.04 -8.42 3.07
N ASP H 30 -9.78 -7.33 3.20
CA ASP H 30 -11.17 -7.33 2.78
C ASP H 30 -11.30 -7.06 1.29
N LYS H 31 -10.52 -6.09 0.79
CA LYS H 31 -10.58 -5.70 -0.61
C LYS H 31 -9.22 -5.25 -1.13
N VAL H 32 -8.90 -5.63 -2.37
CA VAL H 32 -7.76 -5.04 -3.09
C VAL H 32 -8.28 -3.92 -4.00
N ILE H 33 -7.77 -2.71 -3.88
CA ILE H 33 -8.27 -1.57 -4.67
C ILE H 33 -7.38 -1.15 -5.82
N TYR H 34 -6.08 -1.38 -5.71
CA TYR H 34 -5.13 -1.17 -6.83
C TYR H 34 -3.96 -2.16 -6.77
N MET H 35 -3.60 -2.71 -7.92
CA MET H 35 -2.45 -3.62 -7.94
C MET H 35 -1.63 -3.46 -9.21
N GLN H 36 -0.32 -3.33 -9.05
CA GLN H 36 0.59 -3.34 -10.20
C GLN H 36 1.63 -4.44 -10.06
N PRO H 37 1.57 -5.46 -10.94
CA PRO H 37 2.40 -6.66 -10.80
C PRO H 37 3.85 -6.27 -10.63
N ASN H 38 4.60 -7.04 -9.85
CA ASN H 38 6.03 -6.76 -9.58
C ASN H 38 6.36 -5.39 -8.97
N LYS H 39 5.34 -4.60 -8.62
CA LYS H 39 5.58 -3.24 -8.09
C LYS H 39 4.90 -2.92 -6.76
N THR H 40 3.61 -2.59 -6.82
CA THR H 40 2.89 -2.12 -5.64
C THR H 40 1.46 -2.64 -5.58
N ILE H 41 0.90 -2.69 -4.37
CA ILE H 41 -0.47 -3.13 -4.16
C ILE H 41 -1.14 -2.25 -3.09
N ILE H 42 -2.41 -1.94 -3.32
CA ILE H 42 -3.15 -1.18 -2.34
C ILE H 42 -4.44 -1.90 -2.01
N GLY H 43 -4.70 -2.08 -0.73
CA GLY H 43 -5.92 -2.72 -0.27
C GLY H 43 -6.44 -2.15 1.04
N LEU H 44 -7.58 -2.67 1.49
CA LEU H 44 -8.13 -2.27 2.79
C LEU H 44 -8.63 -3.42 3.67
N LYS H 45 -8.58 -3.19 4.97
CA LYS H 45 -9.21 -4.05 5.93
C LYS H 45 -10.14 -3.18 6.73
N GLN H 46 -11.42 -3.56 6.77
CA GLN H 46 -12.39 -2.80 7.56
C GLN H 46 -12.39 -3.32 9.00
N VAL H 47 -12.13 -2.41 9.93
CA VAL H 47 -12.10 -2.74 11.35
C VAL H 47 -13.48 -2.54 11.99
N SER H 48 -14.08 -3.66 12.42
CA SER H 48 -15.39 -3.66 13.07
C SER H 48 -15.28 -4.22 14.47
N THR H 49 -16.18 -3.76 15.35
CA THR H 49 -16.24 -4.36 16.70
C THR H 49 -16.73 -5.82 16.64
N ASN H 50 -17.30 -6.22 15.51
CA ASN H 50 -17.84 -7.55 15.37
C ASN H 50 -16.83 -8.51 14.80
N GLU H 51 -15.62 -8.42 15.34
CA GLU H 51 -14.55 -9.31 14.95
C GLU H 51 -14.10 -10.07 16.18
N PRO H 52 -13.83 -11.38 16.04
CA PRO H 52 -13.60 -12.27 17.18
C PRO H 52 -12.50 -11.86 18.12
N PHE H 53 -11.45 -11.22 17.64
CA PHE H 53 -10.28 -10.90 18.45
C PHE H 53 -10.50 -9.80 19.45
N PHE H 54 -11.56 -9.01 19.23
CA PHE H 54 -11.72 -7.76 19.99
C PHE H 54 -12.09 -8.02 21.46
N ASN H 55 -12.85 -9.08 21.71
CA ASN H 55 -13.14 -9.52 23.07
C ASN H 55 -11.95 -9.77 23.96
N GLY H 56 -10.83 -10.19 23.37
CA GLY H 56 -9.62 -10.37 24.16
C GLY H 56 -8.59 -9.25 24.09
N HIS H 57 -8.84 -8.20 23.32
CA HIS H 57 -7.81 -7.19 23.09
C HIS H 57 -8.42 -5.80 22.89
N PHE H 58 -9.03 -5.21 23.92
CA PHE H 58 -9.14 -5.74 25.27
C PHE H 58 -10.58 -5.60 25.76
N PRO H 59 -10.96 -6.34 26.82
CA PRO H 59 -12.32 -6.26 27.39
C PRO H 59 -12.78 -4.83 27.66
N GLN H 60 -11.87 -4.03 28.19
CA GLN H 60 -12.12 -2.68 28.66
C GLN H 60 -11.85 -1.58 27.60
N LYS H 61 -11.16 -1.97 26.52
CA LYS H 61 -10.70 -1.02 25.49
C LYS H 61 -10.30 -1.74 24.21
N GLN H 62 -11.19 -1.73 23.22
CA GLN H 62 -10.99 -2.43 21.97
C GLN H 62 -9.96 -1.73 21.09
N ILE H 63 -8.79 -2.36 20.94
CA ILE H 63 -7.69 -1.87 20.08
C ILE H 63 -7.14 -2.99 19.22
N MET H 64 -7.21 -2.85 17.91
CA MET H 64 -6.75 -3.91 16.99
C MET H 64 -5.29 -4.24 17.22
N PRO H 65 -4.99 -5.50 17.53
CA PRO H 65 -3.61 -5.93 17.81
C PRO H 65 -2.60 -5.53 16.72
N GLY H 66 -1.50 -4.92 17.16
CA GLY H 66 -0.37 -4.55 16.32
C GLY H 66 0.03 -5.68 15.40
N VAL H 67 0.16 -6.87 15.96
CA VAL H 67 0.54 -8.04 15.18
C VAL H 67 -0.44 -8.35 14.01
N LEU H 68 -1.73 -8.07 14.21
CA LEU H 68 -2.70 -8.36 13.15
C LEU H 68 -2.64 -7.27 12.05
N GLN H 69 -2.14 -6.09 12.40
CA GLN H 69 -1.84 -5.10 11.38
C GLN H 69 -0.70 -5.64 10.51
N ILE H 70 0.35 -6.14 11.15
CA ILE H 70 1.43 -6.79 10.43
C ILE H 70 0.90 -7.85 9.49
N GLU H 71 0.14 -8.81 10.04
CA GLU H 71 -0.44 -9.90 9.26
C GLU H 71 -1.26 -9.38 8.09
N ALA H 72 -2.05 -8.34 8.31
CA ALA H 72 -2.86 -7.74 7.25
C ALA H 72 -1.99 -7.31 6.09
N LEU H 73 -1.02 -6.46 6.38
CA LEU H 73 -0.04 -6.07 5.38
C LEU H 73 0.66 -7.25 4.72
N ALA H 74 0.96 -8.29 5.52
CA ALA H 74 1.72 -9.41 5.05
C ALA H 74 0.93 -10.18 4.03
N GLN H 75 -0.37 -10.31 4.29
CA GLN H 75 -1.31 -10.98 3.38
C GLN H 75 -1.47 -10.19 2.07
N LEU H 76 -1.59 -8.88 2.16
CA LEU H 76 -1.65 -8.03 1.00
C LEU H 76 -0.39 -8.15 0.16
N ALA H 77 0.76 -8.10 0.82
CA ALA H 77 2.05 -8.29 0.16
C ALA H 77 2.06 -9.65 -0.52
N GLY H 78 1.53 -10.66 0.17
CA GLY H 78 1.50 -12.03 -0.33
C GLY H 78 0.69 -12.14 -1.61
N ILE H 79 -0.43 -11.40 -1.68
CA ILE H 79 -1.24 -11.33 -2.90
C ILE H 79 -0.40 -10.85 -4.08
N LEU H 80 0.24 -9.68 -3.91
CA LEU H 80 1.16 -9.12 -4.92
C LEU H 80 2.17 -10.17 -5.44
N CYS H 81 2.90 -10.83 -4.54
CA CYS H 81 3.85 -11.86 -4.93
C CYS H 81 3.20 -12.96 -5.79
N LEU H 82 2.02 -13.44 -5.38
CA LEU H 82 1.36 -14.53 -6.08
C LEU H 82 0.80 -14.13 -7.46
N LYS H 83 0.45 -12.85 -7.61
CA LYS H 83 -0.01 -12.34 -8.89
C LYS H 83 1.14 -11.79 -9.74
N SER H 84 2.28 -11.54 -9.11
CA SER H 84 3.47 -11.08 -9.83
C SER H 84 4.15 -12.22 -10.58
N ASP H 85 4.14 -13.41 -9.98
CA ASP H 85 4.80 -14.60 -10.52
C ASP H 85 4.17 -15.86 -9.91
N ASP H 86 3.26 -16.50 -10.65
CA ASP H 86 2.63 -17.77 -10.22
C ASP H 86 3.14 -19.02 -10.99
N SER H 87 4.36 -18.92 -11.53
CA SER H 87 5.06 -20.09 -12.08
C SER H 87 5.21 -21.15 -11.00
N GLN H 88 5.63 -20.73 -9.79
CA GLN H 88 5.59 -21.59 -8.60
C GLN H 88 4.14 -21.67 -8.11
N LYS H 89 3.45 -22.76 -8.45
CA LYS H 89 2.03 -22.96 -8.13
C LYS H 89 1.78 -23.32 -6.66
N ASN H 90 2.42 -22.58 -5.76
CA ASN H 90 2.26 -22.77 -4.32
C ASN H 90 1.75 -21.46 -3.74
N ASN H 91 0.56 -21.48 -3.14
CA ASN H 91 -0.02 -20.27 -2.50
C ASN H 91 0.24 -20.14 -0.98
N LEU H 92 0.74 -21.22 -0.37
CA LEU H 92 1.17 -21.22 1.05
C LEU H 92 2.50 -20.48 1.22
N PHE H 93 2.44 -19.18 1.52
CA PHE H 93 3.62 -18.37 1.78
C PHE H 93 3.82 -18.27 3.29
N LEU H 94 5.04 -18.49 3.72
CA LEU H 94 5.34 -18.30 5.13
C LEU H 94 6.22 -17.08 5.38
N PHE H 95 5.81 -16.30 6.40
CA PHE H 95 6.59 -15.22 6.96
C PHE H 95 7.94 -15.76 7.41
N ALA H 96 9.02 -15.28 6.78
CA ALA H 96 10.40 -15.67 7.13
C ALA H 96 11.10 -14.70 8.11
N GLY H 97 10.78 -13.40 7.97
CA GLY H 97 11.30 -12.39 8.86
C GLY H 97 10.57 -11.09 8.65
N VAL H 98 10.57 -10.26 9.68
CA VAL H 98 10.02 -8.93 9.55
C VAL H 98 10.92 -7.94 10.29
N ASP H 99 10.96 -6.70 9.81
CA ASP H 99 11.94 -5.75 10.31
C ASP H 99 11.42 -4.33 10.24
N GLY H 100 11.71 -3.57 11.28
CA GLY H 100 11.46 -2.14 11.29
C GLY H 100 10.01 -1.80 11.33
N VAL H 101 9.30 -2.47 12.24
CA VAL H 101 7.88 -2.21 12.43
C VAL H 101 7.71 -1.10 13.46
N ARG H 102 6.87 -0.13 13.15
CA ARG H 102 6.62 0.98 14.07
C ARG H 102 5.15 1.38 14.06
N TRP H 103 4.45 1.13 15.17
CA TRP H 103 3.03 1.49 15.30
C TRP H 103 2.98 2.91 15.82
N LYS H 104 2.18 3.75 15.19
CA LYS H 104 2.15 5.19 15.51
C LYS H 104 0.89 5.57 16.28
N LYS H 105 -0.23 4.98 15.90
CA LYS H 105 -1.54 5.39 16.37
C LYS H 105 -2.39 4.12 16.42
N PRO H 106 -3.17 3.94 17.53
CA PRO H 106 -4.04 2.77 17.71
C PRO H 106 -5.07 2.71 16.62
N VAL H 107 -5.32 1.53 16.09
CA VAL H 107 -6.41 1.30 15.14
C VAL H 107 -7.68 0.73 15.81
N LEU H 108 -8.78 1.49 15.77
CA LEU H 108 -9.98 1.20 16.55
C LEU H 108 -11.21 0.78 15.71
N PRO H 109 -12.20 0.10 16.34
CA PRO H 109 -13.41 -0.29 15.63
C PRO H 109 -14.04 0.94 15.03
N GLY H 110 -14.44 0.85 13.77
CA GLY H 110 -14.98 1.99 13.03
C GLY H 110 -13.98 2.54 12.01
N ASP H 111 -12.70 2.19 12.16
CA ASP H 111 -11.67 2.58 11.19
C ASP H 111 -11.62 1.75 9.89
N THR H 112 -11.09 2.34 8.83
CA THR H 112 -10.80 1.62 7.61
C THR H 112 -9.30 1.68 7.46
N LEU H 113 -8.71 0.51 7.61
CA LEU H 113 -7.25 0.39 7.49
C LEU H 113 -6.91 0.30 6.01
N THR H 114 -6.38 1.39 5.46
CA THR H 114 -5.88 1.39 4.09
C THR H 114 -4.43 0.97 4.14
N MET H 115 -4.06 0.05 3.25
CA MET H 115 -2.73 -0.54 3.27
C MET H 115 -2.06 -0.59 1.90
N GLN H 116 -0.76 -0.38 1.92
CA GLN H 116 0.04 -0.38 0.69
C GLN H 116 1.31 -1.13 0.94
N ALA H 117 1.58 -2.10 0.06
CA ALA H 117 2.83 -2.83 0.08
C ALA H 117 3.59 -2.69 -1.22
N ASN H 118 4.92 -2.63 -1.13
CA ASN H 118 5.79 -2.39 -2.27
C ASN H 118 6.86 -3.44 -2.34
N LEU H 119 6.96 -4.10 -3.50
CA LEU H 119 7.96 -5.14 -3.71
C LEU H 119 9.36 -4.51 -3.86
N ILE H 120 10.31 -5.06 -3.12
CA ILE H 120 11.69 -4.59 -3.12
C ILE H 120 12.57 -5.50 -3.96
N SER H 121 12.60 -6.80 -3.62
CA SER H 121 13.33 -7.79 -4.39
C SER H 121 12.59 -9.12 -4.42
N PHE H 122 12.73 -9.84 -5.54
CA PHE H 122 12.14 -11.15 -5.74
C PHE H 122 13.19 -12.03 -6.40
N LYS H 123 13.44 -13.20 -5.80
CA LYS H 123 14.41 -14.15 -6.34
C LYS H 123 13.71 -15.50 -6.54
N SER H 124 13.44 -15.86 -7.80
CA SER H 124 12.80 -17.15 -8.09
C SER H 124 13.71 -18.32 -7.62
N SER H 125 14.80 -17.96 -6.92
CA SER H 125 15.77 -18.92 -6.36
C SER H 125 15.35 -19.54 -5.00
N LEU H 126 14.26 -20.32 -5.02
CA LEU H 126 13.63 -20.87 -3.79
C LEU H 126 12.65 -19.90 -3.09
N GLY H 127 12.36 -18.78 -3.78
CA GLY H 127 11.22 -17.95 -3.43
C GLY H 127 11.40 -17.05 -2.22
N ILE H 128 12.45 -16.23 -2.23
CA ILE H 128 12.62 -15.22 -1.18
C ILE H 128 12.22 -13.82 -1.70
N ALA H 129 11.01 -13.35 -1.33
CA ALA H 129 10.57 -11.99 -1.67
C ALA H 129 10.69 -11.07 -0.45
N LYS H 130 11.06 -9.81 -0.70
CA LYS H 130 11.12 -8.76 0.35
C LYS H 130 10.22 -7.60 -0.07
N LEU H 131 9.44 -7.08 0.88
CA LEU H 131 8.48 -5.99 0.61
C LEU H 131 8.42 -5.04 1.79
N SER H 132 8.00 -3.81 1.53
CA SER H 132 7.80 -2.82 2.59
C SER H 132 6.29 -2.60 2.72
N GLY H 133 5.84 -2.04 3.83
CA GLY H 133 4.42 -1.79 4.00
C GLY H 133 4.11 -0.55 4.82
N VAL H 134 3.03 0.13 4.45
CA VAL H 134 2.47 1.21 5.28
C VAL H 134 0.96 1.00 5.44
N GLY H 135 0.43 1.29 6.63
CA GLY H 135 -1.01 1.22 6.86
C GLY H 135 -1.49 2.56 7.34
N TYR H 136 -2.63 3.00 6.80
CA TYR H 136 -3.19 4.32 7.10
C TYR H 136 -4.61 4.22 7.61
N VAL H 137 -5.00 5.21 8.39
CA VAL H 137 -6.38 5.44 8.75
C VAL H 137 -6.62 6.94 8.60
N ASN H 138 -7.58 7.32 7.75
CA ASN H 138 -7.86 8.72 7.47
C ASN H 138 -6.63 9.47 7.00
N GLY H 139 -5.89 8.88 6.08
CA GLY H 139 -4.67 9.52 5.55
C GLY H 139 -3.50 9.67 6.52
N LYS H 140 -3.69 9.36 7.80
CA LYS H 140 -2.60 9.39 8.78
C LYS H 140 -2.01 8.01 9.01
N VAL H 141 -0.68 7.96 9.11
CA VAL H 141 0.04 6.68 9.17
C VAL H 141 -0.20 6.05 10.54
N VAL H 142 -0.58 4.77 10.54
CA VAL H 142 -0.72 4.01 11.80
C VAL H 142 0.38 2.99 12.00
N ILE H 143 0.81 2.35 10.92
CA ILE H 143 1.86 1.32 10.97
C ILE H 143 2.83 1.42 9.78
N ASN H 144 4.13 1.31 10.11
CA ASN H 144 5.21 1.23 9.12
C ASN H 144 5.92 -0.09 9.20
N ILE H 145 6.20 -0.69 8.05
CA ILE H 145 7.07 -1.84 8.02
C ILE H 145 8.18 -1.63 7.00
N SER H 146 9.42 -1.60 7.47
CA SER H 146 10.58 -1.48 6.60
C SER H 146 10.66 -2.64 5.63
N GLU H 147 10.61 -3.84 6.16
CA GLU H 147 10.89 -5.04 5.35
C GLU H 147 10.18 -6.26 5.87
N MET H 148 9.39 -6.85 5.01
CA MET H 148 8.76 -8.14 5.27
C MET H 148 9.44 -9.17 4.37
N THR H 149 9.87 -10.28 4.96
CA THR H 149 10.54 -11.30 4.17
C THR H 149 9.73 -12.57 4.13
N PHE H 150 9.50 -13.08 2.93
CA PHE H 150 8.68 -14.26 2.75
C PHE H 150 9.40 -15.41 2.03
N ALA H 151 8.97 -16.62 2.36
CA ALA H 151 9.44 -17.85 1.73
C ALA H 151 8.23 -18.63 1.16
N LEU H 152 8.40 -19.19 -0.04
CA LEU H 152 7.30 -19.77 -0.83
C LEU H 152 7.23 -21.28 -0.67
N SER H 153 7.07 -21.69 0.59
CA SER H 153 7.10 -23.08 1.04
C SER H 153 5.88 -23.89 0.64
N THR I 9 -41.65 -27.58 40.77
CA THR I 9 -41.80 -26.29 40.04
C THR I 9 -40.58 -25.97 39.17
N SER I 10 -40.89 -25.47 37.97
CA SER I 10 -39.98 -25.21 36.83
C SER I 10 -38.96 -24.10 37.05
N ILE I 11 -37.84 -24.16 36.32
CA ILE I 11 -36.86 -23.03 36.24
C ILE I 11 -36.49 -22.74 34.78
N ASP I 12 -36.67 -21.49 34.40
CA ASP I 12 -36.19 -20.89 33.13
C ASP I 12 -34.62 -20.89 33.01
N ILE I 13 -34.03 -20.34 31.92
CA ILE I 13 -32.53 -20.22 31.74
C ILE I 13 -31.73 -19.23 32.63
N GLU I 14 -32.30 -18.06 32.90
CA GLU I 14 -31.64 -16.97 33.67
C GLU I 14 -31.30 -17.41 35.09
N ASP I 15 -32.21 -18.20 35.66
CA ASP I 15 -32.06 -18.73 37.02
C ASP I 15 -31.07 -19.88 37.05
N ILE I 16 -31.07 -20.69 36.00
CA ILE I 16 -30.09 -21.78 35.86
C ILE I 16 -28.72 -21.19 36.01
N LYS I 17 -28.46 -20.11 35.27
CA LYS I 17 -27.20 -19.38 35.34
C LYS I 17 -26.85 -18.86 36.75
N LYS I 18 -27.85 -18.67 37.61
CA LYS I 18 -27.58 -18.23 38.98
C LYS I 18 -27.18 -19.41 39.85
N ILE I 19 -27.60 -20.61 39.46
CA ILE I 19 -27.19 -21.80 40.19
C ILE I 19 -25.83 -22.29 39.66
N LEU I 20 -25.76 -22.54 38.35
CA LEU I 20 -24.56 -23.13 37.73
C LEU I 20 -23.58 -22.05 37.34
N PRO I 21 -22.27 -22.38 37.36
CA PRO I 21 -21.29 -21.38 36.89
C PRO I 21 -21.00 -21.52 35.41
N HIS I 22 -21.40 -22.67 34.82
CA HIS I 22 -21.18 -22.93 33.39
C HIS I 22 -21.72 -21.78 32.52
N ARG I 23 -20.93 -21.37 31.53
CA ARG I 23 -21.42 -20.44 30.50
C ARG I 23 -21.19 -20.99 29.09
N TYR I 24 -21.49 -20.15 28.09
CA TYR I 24 -21.31 -20.51 26.69
C TYR I 24 -19.82 -20.69 26.45
N PRO I 25 -19.38 -21.70 25.66
CA PRO I 25 -20.16 -22.72 24.95
C PRO I 25 -20.34 -24.05 25.68
N PHE I 26 -20.49 -24.01 27.01
CA PHE I 26 -20.55 -25.26 27.77
C PHE I 26 -21.68 -25.34 28.80
N LEU I 27 -22.76 -24.63 28.53
CA LEU I 27 -23.92 -24.73 29.39
C LEU I 27 -24.89 -25.51 28.59
N LEU I 28 -25.22 -26.71 29.06
CA LEU I 28 -25.96 -27.69 28.25
C LEU I 28 -27.32 -28.09 28.86
N VAL I 29 -27.81 -27.31 29.81
CA VAL I 29 -29.18 -27.40 30.23
C VAL I 29 -29.92 -26.12 29.84
N ASP I 30 -30.87 -26.25 28.93
CA ASP I 30 -31.70 -25.11 28.55
C ASP I 30 -32.81 -24.76 29.57
N LYS I 31 -33.48 -25.78 30.09
CA LYS I 31 -34.63 -25.55 30.98
C LYS I 31 -34.78 -26.69 32.00
N VAL I 32 -35.02 -26.32 33.26
CA VAL I 32 -35.47 -27.30 34.25
C VAL I 32 -37.00 -27.27 34.30
N ILE I 33 -37.62 -28.43 34.04
CA ILE I 33 -39.10 -28.53 34.00
C ILE I 33 -39.78 -29.12 35.27
N TYR I 34 -39.06 -29.99 35.99
CA TYR I 34 -39.52 -30.46 37.31
C TYR I 34 -38.33 -30.75 38.23
N MET I 35 -38.44 -30.34 39.49
CA MET I 35 -37.40 -30.64 40.47
C MET I 35 -37.92 -30.95 41.87
N GLN I 36 -37.44 -32.04 42.43
CA GLN I 36 -37.78 -32.42 43.81
C GLN I 36 -36.48 -32.51 44.61
N PRO I 37 -36.28 -31.57 45.52
CA PRO I 37 -35.03 -31.52 46.28
C PRO I 37 -34.71 -32.88 46.90
N ASN I 38 -33.42 -33.23 46.94
CA ASN I 38 -32.96 -34.51 47.51
C ASN I 38 -33.53 -35.76 46.83
N LYS I 39 -34.26 -35.61 45.71
CA LYS I 39 -34.82 -36.76 45.03
C LYS I 39 -34.54 -36.86 43.52
N THR I 40 -35.29 -36.10 42.72
CA THR I 40 -35.21 -36.17 41.27
C THR I 40 -35.27 -34.78 40.58
N ILE I 41 -34.79 -34.73 39.34
CA ILE I 41 -34.81 -33.51 38.53
C ILE I 41 -35.03 -33.86 37.07
N ILE I 42 -35.86 -33.06 36.41
CA ILE I 42 -36.15 -33.26 35.01
C ILE I 42 -35.93 -31.94 34.28
N GLY I 43 -35.15 -32.00 33.21
CA GLY I 43 -34.90 -30.83 32.39
C GLY I 43 -34.79 -31.18 30.90
N LEU I 44 -34.52 -30.15 30.09
CA LEU I 44 -34.29 -30.38 28.67
C LEU I 44 -33.14 -29.57 28.04
N LYS I 45 -32.58 -30.17 26.99
CA LYS I 45 -31.60 -29.52 26.16
C LYS I 45 -32.05 -29.60 24.72
N GLN I 46 -32.24 -28.43 24.11
CA GLN I 46 -32.65 -28.34 22.74
C GLN I 46 -31.43 -28.45 21.84
N VAL I 47 -31.53 -29.41 20.91
CA VAL I 47 -30.45 -29.69 19.99
C VAL I 47 -30.70 -28.97 18.66
N SER I 48 -29.92 -27.94 18.40
CA SER I 48 -30.04 -27.19 17.14
C SER I 48 -28.76 -27.33 16.34
N THR I 49 -28.88 -27.29 15.01
CA THR I 49 -27.68 -27.25 14.16
C THR I 49 -26.81 -26.06 14.43
N ASN I 50 -27.38 -25.04 15.07
CA ASN I 50 -26.71 -23.73 15.25
C ASN I 50 -25.90 -23.67 16.57
N GLU I 51 -25.20 -24.77 16.82
CA GLU I 51 -24.39 -24.95 18.02
C GLU I 51 -22.94 -25.19 17.61
N PRO I 52 -22.00 -24.59 18.34
CA PRO I 52 -20.63 -24.53 17.86
C PRO I 52 -19.96 -25.86 17.65
N PHE I 53 -20.40 -26.90 18.37
CA PHE I 53 -19.71 -28.21 18.30
C PHE I 53 -20.02 -29.00 17.04
N PHE I 54 -21.07 -28.60 16.33
CA PHE I 54 -21.59 -29.45 15.27
C PHE I 54 -20.71 -29.45 14.05
N ASN I 55 -20.02 -28.33 13.83
CA ASN I 55 -19.06 -28.21 12.72
C ASN I 55 -17.93 -29.20 12.76
N GLY I 56 -17.59 -29.69 13.96
CA GLY I 56 -16.52 -30.66 14.14
C GLY I 56 -16.94 -32.07 14.46
N HIS I 57 -18.23 -32.29 14.62
CA HIS I 57 -18.74 -33.62 15.02
C HIS I 57 -20.11 -33.92 14.37
N PHE I 58 -20.17 -34.06 13.05
CA PHE I 58 -19.03 -34.12 12.16
C PHE I 58 -19.39 -33.26 10.92
N PRO I 59 -18.38 -32.79 10.19
CA PRO I 59 -18.65 -32.07 8.93
C PRO I 59 -19.65 -32.76 8.00
N GLN I 60 -19.56 -34.08 7.86
CA GLN I 60 -20.42 -34.79 6.90
C GLN I 60 -21.71 -35.29 7.54
N LYS I 61 -21.75 -35.36 8.86
CA LYS I 61 -22.90 -35.92 9.58
C LYS I 61 -23.00 -35.39 11.01
N GLN I 62 -23.90 -34.43 11.21
CA GLN I 62 -24.07 -33.81 12.52
C GLN I 62 -24.68 -34.75 13.56
N ILE I 63 -23.86 -35.16 14.53
CA ILE I 63 -24.33 -36.00 15.64
C ILE I 63 -23.84 -35.49 16.97
N MET I 64 -24.76 -35.15 17.88
CA MET I 64 -24.37 -34.65 19.19
C MET I 64 -23.41 -35.59 19.91
N PRO I 65 -22.18 -35.15 20.19
CA PRO I 65 -21.21 -35.99 20.91
C PRO I 65 -21.77 -36.67 22.20
N GLY I 66 -21.57 -37.97 22.29
CA GLY I 66 -21.89 -38.73 23.51
C GLY I 66 -21.43 -38.07 24.80
N VAL I 67 -20.18 -37.62 24.83
CA VAL I 67 -19.65 -36.96 26.02
C VAL I 67 -20.45 -35.72 26.46
N LEU I 68 -21.04 -35.00 25.50
CA LEU I 68 -21.78 -33.77 25.82
C LEU I 68 -23.17 -34.12 26.31
N GLN I 69 -23.65 -35.31 25.97
CA GLN I 69 -24.84 -35.84 26.59
C GLN I 69 -24.53 -36.12 28.08
N ILE I 70 -23.39 -36.74 28.34
CA ILE I 70 -22.98 -36.95 29.70
C ILE I 70 -22.95 -35.59 30.41
N GLU I 71 -22.29 -34.61 29.79
CA GLU I 71 -22.10 -33.31 30.46
C GLU I 71 -23.44 -32.67 30.81
N ALA I 72 -24.40 -32.85 29.91
CA ALA I 72 -25.70 -32.24 30.06
C ALA I 72 -26.35 -32.83 31.29
N LEU I 73 -26.52 -34.14 31.30
CA LEU I 73 -27.01 -34.82 32.49
C LEU I 73 -26.24 -34.38 33.73
N ALA I 74 -24.93 -34.30 33.63
CA ALA I 74 -24.14 -33.97 34.80
C ALA I 74 -24.53 -32.60 35.35
N GLN I 75 -24.77 -31.66 34.42
CA GLN I 75 -25.10 -30.30 34.78
C GLN I 75 -26.45 -30.24 35.44
N LEU I 76 -27.40 -31.00 34.90
CA LEU I 76 -28.74 -31.13 35.49
C LEU I 76 -28.64 -31.72 36.90
N ALA I 77 -27.91 -32.83 37.05
CA ALA I 77 -27.65 -33.44 38.33
C ALA I 77 -27.08 -32.44 39.28
N GLY I 78 -26.12 -31.65 38.80
CA GLY I 78 -25.43 -30.65 39.61
C GLY I 78 -26.39 -29.61 40.17
N ILE I 79 -27.36 -29.20 39.35
CA ILE I 79 -28.42 -28.28 39.79
C ILE I 79 -29.14 -28.87 41.02
N LEU I 80 -29.63 -30.10 40.86
CA LEU I 80 -30.29 -30.84 41.95
C LEU I 80 -29.47 -30.78 43.24
N CYS I 81 -28.18 -31.14 43.15
CA CYS I 81 -27.30 -31.09 44.32
C CYS I 81 -27.29 -29.71 44.99
N LEU I 82 -27.17 -28.66 44.18
CA LEU I 82 -27.02 -27.31 44.72
C LEU I 82 -28.31 -26.74 45.34
N LYS I 83 -29.46 -27.21 44.85
CA LYS I 83 -30.75 -26.80 45.40
C LYS I 83 -31.20 -27.73 46.55
N SER I 84 -30.68 -28.97 46.57
CA SER I 84 -30.95 -29.90 47.66
C SER I 84 -30.27 -29.45 48.97
N ASP I 85 -29.07 -28.88 48.84
CA ASP I 85 -28.28 -28.53 50.00
C ASP I 85 -27.24 -27.49 49.57
N ASP I 86 -27.52 -26.21 49.83
CA ASP I 86 -26.57 -25.12 49.56
C ASP I 86 -25.95 -24.53 50.85
N SER I 87 -25.94 -25.31 51.94
CA SER I 87 -25.13 -24.92 53.12
C SER I 87 -23.66 -24.69 52.72
N GLN I 88 -23.08 -25.61 51.94
CA GLN I 88 -21.80 -25.38 51.25
C GLN I 88 -22.02 -24.42 50.06
N LYS I 89 -21.67 -23.14 50.30
CA LYS I 89 -21.85 -22.05 49.32
C LYS I 89 -20.84 -22.12 48.17
N ASN I 90 -20.61 -23.34 47.65
CA ASN I 90 -19.70 -23.54 46.52
C ASN I 90 -20.49 -24.11 45.37
N ASN I 91 -20.59 -23.37 44.26
CA ASN I 91 -21.28 -23.87 43.07
C ASN I 91 -20.39 -24.58 42.04
N LEU I 92 -19.07 -24.47 42.21
CA LEU I 92 -18.11 -25.20 41.37
C LEU I 92 -18.03 -26.67 41.74
N PHE I 93 -18.82 -27.47 41.02
CA PHE I 93 -18.83 -28.93 41.22
C PHE I 93 -17.97 -29.56 40.14
N LEU I 94 -17.10 -30.49 40.55
CA LEU I 94 -16.30 -31.25 39.60
C LEU I 94 -16.70 -32.71 39.55
N PHE I 95 -16.83 -33.19 38.32
CA PHE I 95 -17.04 -34.60 38.01
C PHE I 95 -15.87 -35.42 38.57
N ALA I 96 -16.18 -36.36 39.46
CA ALA I 96 -15.16 -37.19 40.13
C ALA I 96 -15.05 -38.58 39.52
N GLY I 97 -16.16 -39.06 38.97
CA GLY I 97 -16.19 -40.32 38.27
C GLY I 97 -17.54 -40.51 37.64
N VAL I 98 -17.58 -41.35 36.61
CA VAL I 98 -18.82 -41.74 35.96
C VAL I 98 -18.72 -43.21 35.51
N ASP I 99 -19.86 -43.88 35.48
CA ASP I 99 -19.89 -45.33 35.41
C ASP I 99 -21.16 -45.81 34.76
N GLY I 100 -21.03 -46.84 33.92
CA GLY I 100 -22.17 -47.47 33.29
C GLY I 100 -22.95 -46.58 32.35
N VAL I 101 -22.22 -45.89 31.47
CA VAL I 101 -22.81 -45.08 30.41
C VAL I 101 -23.03 -45.95 29.18
N ARG I 102 -24.21 -45.80 28.57
CA ARG I 102 -24.58 -46.53 27.37
C ARG I 102 -25.42 -45.69 26.42
N TRP I 103 -24.87 -45.40 25.25
CA TRP I 103 -25.55 -44.61 24.22
C TRP I 103 -26.31 -45.57 23.30
N LYS I 104 -27.61 -45.32 23.13
CA LYS I 104 -28.47 -46.27 22.40
C LYS I 104 -28.77 -45.78 21.00
N LYS I 105 -28.96 -44.46 20.87
CA LYS I 105 -29.48 -43.87 19.65
C LYS I 105 -28.83 -42.50 19.49
N PRO I 106 -28.40 -42.16 18.26
CA PRO I 106 -27.75 -40.87 18.01
C PRO I 106 -28.73 -39.72 18.30
N VAL I 107 -28.26 -38.66 18.98
CA VAL I 107 -29.07 -37.43 19.17
C VAL I 107 -28.73 -36.39 18.12
N LEU I 108 -29.69 -36.03 17.27
CA LEU I 108 -29.44 -35.19 16.07
C LEU I 108 -30.04 -33.76 16.15
N PRO I 109 -29.48 -32.79 15.40
CA PRO I 109 -30.11 -31.46 15.32
C PRO I 109 -31.63 -31.59 15.07
N GLY I 110 -32.41 -30.83 15.84
CA GLY I 110 -33.87 -30.86 15.70
C GLY I 110 -34.57 -31.59 16.84
N ASP I 111 -33.77 -32.33 17.62
CA ASP I 111 -34.25 -33.17 18.70
C ASP I 111 -34.34 -32.37 19.98
N THR I 112 -35.21 -32.81 20.88
CA THR I 112 -35.30 -32.26 22.19
C THR I 112 -34.79 -33.36 23.12
N LEU I 113 -33.63 -33.12 23.74
CA LEU I 113 -33.11 -34.04 24.73
C LEU I 113 -33.79 -33.81 26.08
N THR I 114 -34.69 -34.73 26.45
CA THR I 114 -35.30 -34.70 27.78
C THR I 114 -34.44 -35.53 28.72
N MET I 115 -34.16 -34.99 29.89
CA MET I 115 -33.21 -35.62 30.77
C MET I 115 -33.76 -35.72 32.17
N GLN I 116 -33.41 -36.81 32.86
CA GLN I 116 -33.81 -37.02 34.24
C GLN I 116 -32.63 -37.57 35.05
N ALA I 117 -32.34 -36.92 36.16
CA ALA I 117 -31.31 -37.38 37.08
C ALA I 117 -31.92 -37.65 38.47
N ASN I 118 -31.37 -38.65 39.15
CA ASN I 118 -31.89 -39.17 40.41
C ASN I 118 -30.78 -39.26 41.41
N LEU I 119 -30.97 -38.59 42.54
CA LEU I 119 -29.98 -38.63 43.61
C LEU I 119 -30.01 -40.00 44.26
N ILE I 120 -28.83 -40.57 44.47
CA ILE I 120 -28.69 -41.88 45.12
C ILE I 120 -28.20 -41.72 46.57
N SER I 121 -27.07 -41.02 46.75
CA SER I 121 -26.53 -40.71 48.07
C SER I 121 -25.85 -39.37 48.06
N PHE I 122 -25.88 -38.72 49.22
CA PHE I 122 -25.25 -37.43 49.43
C PHE I 122 -24.60 -37.50 50.80
N LYS I 123 -23.28 -37.21 50.87
CA LYS I 123 -22.59 -37.15 52.16
C LYS I 123 -22.29 -35.67 52.41
N SER I 124 -22.97 -35.19 53.47
CA SER I 124 -22.99 -33.84 54.07
C SER I 124 -21.71 -33.06 54.08
N SER I 125 -20.77 -33.57 54.88
CA SER I 125 -19.55 -32.83 55.15
C SER I 125 -18.34 -33.51 54.52
N LEU I 126 -18.59 -34.11 53.36
CA LEU I 126 -17.52 -34.71 52.55
C LEU I 126 -17.62 -34.30 51.06
N GLY I 127 -18.78 -33.77 50.68
CA GLY I 127 -19.09 -33.32 49.33
C GLY I 127 -19.25 -34.36 48.23
N ILE I 128 -19.40 -35.65 48.58
CA ILE I 128 -19.55 -36.74 47.59
C ILE I 128 -21.03 -37.06 47.31
N ALA I 129 -21.52 -36.68 46.13
CA ALA I 129 -22.89 -37.01 45.71
C ALA I 129 -22.83 -37.96 44.54
N LYS I 130 -23.72 -38.96 44.56
CA LYS I 130 -23.86 -39.95 43.50
C LYS I 130 -25.28 -39.92 42.93
N LEU I 131 -25.41 -39.92 41.60
CA LEU I 131 -26.69 -39.76 40.92
C LEU I 131 -26.69 -40.65 39.73
N SER I 132 -27.90 -41.03 39.29
CA SER I 132 -28.09 -41.78 38.04
C SER I 132 -28.74 -40.86 37.02
N GLY I 133 -28.63 -41.19 35.74
CA GLY I 133 -29.23 -40.36 34.69
C GLY I 133 -29.77 -41.12 33.50
N VAL I 134 -30.86 -40.60 32.93
CA VAL I 134 -31.39 -41.08 31.67
C VAL I 134 -31.74 -39.91 30.75
N GLY I 135 -31.43 -40.05 29.46
CA GLY I 135 -31.83 -39.04 28.50
C GLY I 135 -32.71 -39.61 27.42
N TYR I 136 -33.74 -38.85 27.04
CA TYR I 136 -34.71 -39.32 26.06
C TYR I 136 -34.86 -38.35 24.92
N VAL I 137 -35.16 -38.91 23.75
CA VAL I 137 -35.69 -38.15 22.64
C VAL I 137 -36.94 -38.90 22.14
N ASN I 138 -38.07 -38.18 22.10
CA ASN I 138 -39.33 -38.77 21.65
C ASN I 138 -39.72 -39.98 22.47
N GLY I 139 -39.44 -39.93 23.77
CA GLY I 139 -39.77 -41.04 24.67
C GLY I 139 -38.71 -42.12 24.66
N LYS I 140 -38.11 -42.35 23.49
CA LYS I 140 -37.08 -43.37 23.35
C LYS I 140 -35.82 -43.00 24.12
N VAL I 141 -35.21 -43.99 24.75
CA VAL I 141 -33.98 -43.77 25.53
C VAL I 141 -32.78 -43.59 24.59
N VAL I 142 -32.02 -42.53 24.79
CA VAL I 142 -30.79 -42.34 24.00
C VAL I 142 -29.49 -42.54 24.84
N ILE I 143 -29.55 -42.19 26.13
CA ILE I 143 -28.40 -42.36 26.99
C ILE I 143 -28.84 -42.83 28.39
N ASN I 144 -28.09 -43.81 28.91
CA ASN I 144 -28.20 -44.27 30.29
C ASN I 144 -26.92 -44.01 31.05
N ILE I 145 -27.03 -43.49 32.27
CA ILE I 145 -25.89 -43.41 33.15
C ILE I 145 -26.23 -44.04 34.51
N SER I 146 -25.55 -45.15 34.83
CA SER I 146 -25.71 -45.83 36.12
C SER I 146 -25.38 -44.92 37.29
N GLU I 147 -24.21 -44.28 37.21
CA GLU I 147 -23.71 -43.51 38.34
C GLU I 147 -22.83 -42.34 37.91
N MET I 148 -23.19 -41.16 38.39
CA MET I 148 -22.34 -40.00 38.27
C MET I 148 -21.88 -39.64 39.67
N THR I 149 -20.58 -39.47 39.84
CA THR I 149 -20.07 -39.08 41.13
C THR I 149 -19.44 -37.68 41.07
N PHE I 150 -19.75 -36.84 42.08
CA PHE I 150 -19.29 -35.44 42.10
C PHE I 150 -18.54 -35.00 43.36
N ALA I 151 -17.57 -34.09 43.18
CA ALA I 151 -16.74 -33.55 44.29
C ALA I 151 -16.76 -32.01 44.38
N LEU I 152 -16.60 -31.46 45.59
CA LEU I 152 -16.96 -30.06 45.87
C LEU I 152 -15.98 -29.34 46.79
N ASP J 8 9.44 -42.85 15.50
CA ASP J 8 8.37 -42.22 14.66
C ASP J 8 7.34 -43.25 14.17
N THR J 9 6.75 -43.99 15.12
CA THR J 9 5.51 -44.73 14.89
C THR J 9 4.45 -43.62 14.99
N SER J 10 4.96 -42.39 14.89
CA SER J 10 4.22 -41.16 15.10
C SER J 10 3.37 -40.75 13.93
N ILE J 11 2.06 -40.72 14.15
CA ILE J 11 1.16 -40.02 13.24
C ILE J 11 0.80 -38.66 13.86
N ASP J 12 1.23 -37.61 13.19
CA ASP J 12 1.04 -36.23 13.58
C ASP J 12 -0.31 -35.71 13.08
N ILE J 13 -0.58 -34.44 13.37
CA ILE J 13 -1.93 -33.89 13.19
C ILE J 13 -2.56 -34.04 11.80
N GLU J 14 -1.77 -33.92 10.73
CA GLU J 14 -2.30 -34.03 9.37
C GLU J 14 -2.74 -35.45 9.05
N ASP J 15 -1.96 -36.42 9.52
CA ASP J 15 -2.25 -37.83 9.30
C ASP J 15 -3.35 -38.32 10.27
N ILE J 16 -3.42 -37.72 11.46
CA ILE J 16 -4.51 -38.02 12.38
C ILE J 16 -5.83 -37.75 11.63
N LYS J 17 -5.90 -36.58 11.01
CA LYS J 17 -7.08 -36.15 10.26
C LYS J 17 -7.44 -37.07 9.09
N LYS J 18 -6.48 -37.88 8.64
CA LYS J 18 -6.76 -38.84 7.60
C LYS J 18 -7.38 -40.10 8.20
N ILE J 19 -7.09 -40.37 9.46
CA ILE J 19 -7.66 -41.52 10.13
C ILE J 19 -9.02 -41.17 10.70
N LEU J 20 -9.05 -40.19 11.62
CA LEU J 20 -10.31 -39.73 12.29
C LEU J 20 -11.13 -38.77 11.43
N PRO J 21 -12.46 -38.76 11.62
CA PRO J 21 -13.29 -37.78 10.91
C PRO J 21 -13.46 -36.49 11.71
N HIS J 22 -13.12 -36.53 13.00
CA HIS J 22 -13.36 -35.44 13.92
C HIS J 22 -12.60 -34.22 13.43
N ARG J 23 -13.21 -33.06 13.59
CA ARG J 23 -12.61 -31.81 13.20
C ARG J 23 -12.80 -30.80 14.33
N TYR J 24 -12.33 -29.58 14.14
CA TYR J 24 -12.55 -28.52 15.09
C TYR J 24 -14.05 -28.30 15.20
N PRO J 25 -14.57 -28.07 16.42
CA PRO J 25 -13.87 -27.93 17.68
C PRO J 25 -13.86 -29.19 18.51
N PHE J 26 -13.71 -30.34 17.88
CA PHE J 26 -13.90 -31.61 18.58
C PHE J 26 -12.88 -32.66 18.19
N LEU J 27 -11.72 -32.21 17.74
CA LEU J 27 -10.59 -33.11 17.58
C LEU J 27 -9.70 -32.89 18.77
N LEU J 28 -9.53 -33.94 19.57
CA LEU J 28 -8.89 -33.80 20.87
C LEU J 28 -7.58 -34.61 21.03
N VAL J 29 -7.09 -35.13 19.91
CA VAL J 29 -5.74 -35.66 19.88
C VAL J 29 -4.82 -34.74 19.07
N ASP J 30 -3.80 -34.17 19.69
CA ASP J 30 -2.84 -33.34 18.95
C ASP J 30 -1.75 -34.17 18.22
N LYS J 31 -1.26 -35.21 18.87
CA LYS J 31 -0.15 -36.00 18.36
C LYS J 31 -0.18 -37.46 18.87
N VAL J 32 0.05 -38.38 17.96
CA VAL J 32 0.30 -39.76 18.39
C VAL J 32 1.82 -39.95 18.44
N ILE J 33 2.33 -40.32 19.62
CA ILE J 33 3.76 -40.56 19.85
C ILE J 33 4.26 -42.03 19.80
N TYR J 34 3.41 -43.01 20.11
CA TYR J 34 3.76 -44.42 19.95
C TYR J 34 2.50 -45.21 19.65
N MET J 35 2.57 -46.15 18.70
CA MET J 35 1.42 -47.00 18.45
C MET J 35 1.84 -48.44 18.12
N GLN J 36 1.21 -49.40 18.77
CA GLN J 36 1.41 -50.81 18.42
C GLN J 36 0.10 -51.48 18.04
N PRO J 37 -0.06 -51.80 16.74
CA PRO J 37 -1.35 -52.33 16.24
C PRO J 37 -1.90 -53.46 17.14
N ASN J 38 -3.22 -53.53 17.30
CA ASN J 38 -3.85 -54.56 18.14
C ASN J 38 -3.42 -54.58 19.63
N LYS J 39 -2.57 -53.64 20.03
CA LYS J 39 -2.11 -53.62 21.43
C LYS J 39 -2.30 -52.28 22.18
N THR J 40 -1.39 -51.33 21.95
CA THR J 40 -1.40 -50.09 22.70
C THR J 40 -1.16 -48.85 21.84
N ILE J 41 -1.56 -47.69 22.37
CA ILE J 41 -1.33 -46.41 21.70
C ILE J 41 -1.05 -45.34 22.73
N ILE J 42 -0.13 -44.45 22.41
CA ILE J 42 0.21 -43.36 23.29
C ILE J 42 0.17 -42.09 22.45
N GLY J 43 -0.53 -41.08 22.97
CA GLY J 43 -0.62 -39.79 22.31
C GLY J 43 -0.74 -38.65 23.30
N LEU J 44 -0.80 -37.43 22.78
CA LEU J 44 -0.96 -36.29 23.67
C LEU J 44 -1.97 -35.24 23.18
N LYS J 45 -2.49 -34.47 24.13
CA LYS J 45 -3.36 -33.33 23.83
C LYS J 45 -2.84 -32.16 24.61
N GLN J 46 -2.48 -31.09 23.91
CA GLN J 46 -1.93 -29.91 24.56
C GLN J 46 -3.09 -29.07 25.02
N VAL J 47 -3.05 -28.63 26.28
CA VAL J 47 -4.13 -27.93 26.91
C VAL J 47 -3.75 -26.47 26.94
N SER J 48 -4.48 -25.66 26.17
CA SER J 48 -4.22 -24.23 26.08
C SER J 48 -5.44 -23.44 26.50
N THR J 49 -5.23 -22.25 27.05
CA THR J 49 -6.35 -21.36 27.36
C THR J 49 -7.05 -20.92 26.07
N ASN J 50 -6.38 -21.10 24.95
CA ASN J 50 -6.88 -20.55 23.71
C ASN J 50 -7.71 -21.57 23.03
N GLU J 51 -8.59 -22.22 23.81
CA GLU J 51 -9.47 -23.28 23.30
C GLU J 51 -10.89 -22.89 23.60
N PRO J 52 -11.80 -23.15 22.65
CA PRO J 52 -13.12 -22.56 22.71
C PRO J 52 -13.96 -22.91 23.92
N PHE J 53 -13.72 -24.10 24.51
CA PHE J 53 -14.50 -24.57 25.65
C PHE J 53 -14.20 -23.91 26.99
N PHE J 54 -13.04 -23.31 27.12
CA PHE J 54 -12.64 -22.78 28.40
C PHE J 54 -13.44 -21.58 28.91
N ASN J 55 -13.99 -20.81 27.98
CA ASN J 55 -14.81 -19.66 28.36
C ASN J 55 -16.06 -20.11 29.14
N GLY J 56 -16.55 -21.31 28.85
CA GLY J 56 -17.71 -21.82 29.51
C GLY J 56 -17.45 -22.77 30.68
N HIS J 57 -16.19 -23.05 31.01
CA HIS J 57 -15.90 -24.13 31.97
C HIS J 57 -14.56 -23.91 32.61
N PHE J 58 -14.42 -22.87 33.44
CA PHE J 58 -15.48 -21.93 33.81
C PHE J 58 -14.95 -20.49 33.72
N PRO J 59 -15.88 -19.50 33.60
CA PRO J 59 -15.47 -18.08 33.54
C PRO J 59 -14.49 -17.69 34.67
N GLN J 60 -14.74 -18.17 35.88
CA GLN J 60 -13.89 -17.77 37.01
C GLN J 60 -12.71 -18.72 37.23
N LYS J 61 -12.73 -19.89 36.60
CA LYS J 61 -11.69 -20.89 36.80
C LYS J 61 -11.67 -21.91 35.65
N GLN J 62 -10.65 -21.80 34.81
CA GLN J 62 -10.54 -22.64 33.63
C GLN J 62 -10.08 -24.04 34.00
N ILE J 63 -10.97 -25.02 33.83
CA ILE J 63 -10.67 -26.44 34.12
C ILE J 63 -11.16 -27.36 33.02
N MET J 64 -10.27 -28.12 32.41
CA MET J 64 -10.68 -28.96 31.25
C MET J 64 -11.82 -29.95 31.60
N PRO J 65 -12.97 -29.83 30.93
CA PRO J 65 -14.11 -30.71 31.24
C PRO J 65 -13.77 -32.20 31.24
N GLY J 66 -14.17 -32.89 32.31
CA GLY J 66 -13.88 -34.31 32.50
C GLY J 66 -14.28 -35.07 31.26
N VAL J 67 -15.45 -34.74 30.72
CA VAL J 67 -16.00 -35.45 29.57
C VAL J 67 -15.10 -35.31 28.34
N LEU J 68 -14.43 -34.18 28.19
CA LEU J 68 -13.54 -34.02 27.05
C LEU J 68 -12.24 -34.84 27.22
N GLN J 69 -11.88 -35.12 28.47
CA GLN J 69 -10.77 -36.02 28.74
C GLN J 69 -11.19 -37.40 28.25
N ILE J 70 -12.42 -37.79 28.59
CA ILE J 70 -12.96 -39.05 28.07
C ILE J 70 -12.89 -39.10 26.54
N GLU J 71 -13.47 -38.09 25.88
CA GLU J 71 -13.46 -37.97 24.43
C GLU J 71 -12.03 -38.03 23.82
N ALA J 72 -11.08 -37.32 24.44
CA ALA J 72 -9.71 -37.37 23.96
C ALA J 72 -9.16 -38.83 23.95
N LEU J 73 -9.21 -39.49 25.08
CA LEU J 73 -8.84 -40.89 25.13
C LEU J 73 -9.64 -41.73 24.12
N ALA J 74 -10.92 -41.45 24.01
CA ALA J 74 -11.78 -42.21 23.11
C ALA J 74 -11.33 -42.08 21.66
N GLN J 75 -10.99 -40.87 21.25
CA GLN J 75 -10.41 -40.60 19.92
C GLN J 75 -9.08 -41.32 19.71
N LEU J 76 -8.19 -41.24 20.69
CA LEU J 76 -6.95 -42.00 20.66
C LEU J 76 -7.23 -43.49 20.48
N ALA J 77 -8.09 -44.04 21.34
CA ALA J 77 -8.46 -45.44 21.28
C ALA J 77 -8.96 -45.79 19.88
N GLY J 78 -9.78 -44.89 19.33
CA GLY J 78 -10.37 -45.03 18.00
C GLY J 78 -9.32 -45.10 16.89
N ILE J 79 -8.25 -44.32 17.04
CA ILE J 79 -7.15 -44.39 16.07
C ILE J 79 -6.58 -45.80 16.07
N LEU J 80 -6.17 -46.30 17.23
CA LEU J 80 -5.70 -47.68 17.37
C LEU J 80 -6.60 -48.71 16.69
N CYS J 81 -7.90 -48.66 16.96
CA CYS J 81 -8.84 -49.55 16.31
C CYS J 81 -8.73 -49.48 14.79
N LEU J 82 -8.72 -48.27 14.24
CA LEU J 82 -8.71 -48.08 12.78
C LEU J 82 -7.38 -48.48 12.13
N LYS J 83 -6.28 -48.41 12.88
CA LYS J 83 -5.01 -48.82 12.31
C LYS J 83 -4.72 -50.29 12.62
N SER J 84 -5.45 -50.85 13.59
CA SER J 84 -5.34 -52.29 13.91
C SER J 84 -6.03 -53.17 12.88
N ASP J 85 -7.14 -52.68 12.35
CA ASP J 85 -7.95 -53.42 11.39
C ASP J 85 -8.83 -52.44 10.57
N ASP J 86 -8.40 -52.13 9.33
CA ASP J 86 -9.21 -51.26 8.44
C ASP J 86 -9.88 -52.02 7.28
N SER J 87 -10.04 -53.34 7.43
CA SER J 87 -10.90 -54.12 6.50
C SER J 87 -12.32 -53.52 6.38
N GLN J 88 -12.96 -53.22 7.53
CA GLN J 88 -14.16 -52.38 7.57
C GLN J 88 -13.79 -50.91 7.31
N LYS J 89 -13.98 -50.48 6.06
CA LYS J 89 -13.57 -49.13 5.59
C LYS J 89 -14.53 -48.04 6.08
N ASN J 90 -14.85 -48.10 7.37
CA ASN J 90 -15.69 -47.10 8.05
C ASN J 90 -14.89 -46.45 9.16
N ASN J 91 -14.68 -45.14 9.06
CA ASN J 91 -13.96 -44.40 10.12
C ASN J 91 -14.87 -43.77 11.19
N LEU J 92 -16.17 -43.68 10.89
CA LEU J 92 -17.16 -43.19 11.88
C LEU J 92 -17.41 -44.24 12.97
N PHE J 93 -16.70 -44.10 14.09
CA PHE J 93 -16.92 -45.00 15.23
C PHE J 93 -17.75 -44.25 16.24
N LEU J 94 -18.72 -44.96 16.81
CA LEU J 94 -19.51 -44.38 17.89
C LEU J 94 -19.26 -45.06 19.22
N PHE J 95 -19.16 -44.22 20.24
CA PHE J 95 -19.07 -44.61 21.61
C PHE J 95 -20.34 -45.37 21.93
N ALA J 96 -20.20 -46.64 22.33
CA ALA J 96 -21.35 -47.47 22.70
C ALA J 96 -21.56 -47.54 24.21
N GLY J 97 -20.47 -47.42 24.96
CA GLY J 97 -20.50 -47.47 26.41
C GLY J 97 -19.16 -47.07 27.00
N VAL J 98 -19.18 -46.53 28.21
CA VAL J 98 -17.95 -46.30 28.94
C VAL J 98 -18.18 -46.66 30.39
N ASP J 99 -17.12 -47.09 31.08
CA ASP J 99 -17.26 -47.67 32.40
C ASP J 99 -16.04 -47.41 33.22
N GLY J 100 -16.25 -47.16 34.51
CA GLY J 100 -15.14 -47.03 35.47
C GLY J 100 -14.23 -45.85 35.17
N VAL J 101 -14.84 -44.68 35.01
CA VAL J 101 -14.09 -43.44 34.83
C VAL J 101 -13.86 -42.81 36.18
N ARG J 102 -12.62 -42.41 36.44
CA ARG J 102 -12.29 -41.71 37.68
C ARG J 102 -11.36 -40.56 37.40
N TRP J 103 -11.78 -39.34 37.74
CA TRP J 103 -10.92 -38.17 37.58
C TRP J 103 -10.22 -37.89 38.90
N LYS J 104 -8.90 -37.74 38.85
CA LYS J 104 -8.11 -37.65 40.08
C LYS J 104 -7.68 -36.22 40.35
N LYS J 105 -7.37 -35.50 39.28
CA LYS J 105 -6.70 -34.21 39.41
C LYS J 105 -7.17 -33.36 38.23
N PRO J 106 -7.52 -32.08 38.48
CA PRO J 106 -7.97 -31.17 37.46
C PRO J 106 -6.91 -30.99 36.40
N VAL J 107 -7.33 -30.95 35.13
CA VAL J 107 -6.40 -30.68 34.02
C VAL J 107 -6.51 -29.22 33.55
N LEU J 108 -5.42 -28.44 33.65
CA LEU J 108 -5.47 -26.96 33.54
C LEU J 108 -4.72 -26.42 32.32
N PRO J 109 -5.10 -25.21 31.86
CA PRO J 109 -4.35 -24.59 30.78
C PRO J 109 -2.89 -24.59 31.11
N GLY J 110 -2.06 -24.98 30.14
CA GLY J 110 -0.62 -25.07 30.31
C GLY J 110 -0.11 -26.48 30.44
N ASP J 111 -1.01 -27.43 30.75
CA ASP J 111 -0.67 -28.86 30.89
C ASP J 111 -0.52 -29.59 29.54
N THR J 112 0.22 -30.69 29.58
CA THR J 112 0.27 -31.59 28.46
C THR J 112 -0.40 -32.87 28.90
N LEU J 113 -1.53 -33.19 28.29
CA LEU J 113 -2.25 -34.39 28.63
C LEU J 113 -1.67 -35.54 27.84
N THR J 114 -0.88 -36.39 28.51
CA THR J 114 -0.34 -37.59 27.86
C THR J 114 -1.32 -38.70 28.10
N MET J 115 -1.68 -39.40 27.03
CA MET J 115 -2.73 -40.41 27.08
C MET J 115 -2.27 -41.76 26.54
N GLN J 116 -2.75 -42.83 27.17
CA GLN J 116 -2.50 -44.18 26.70
C GLN J 116 -3.79 -44.98 26.71
N ALA J 117 -4.04 -45.67 25.59
CA ALA J 117 -5.16 -46.58 25.46
C ALA J 117 -4.68 -47.97 25.09
N ASN J 118 -5.36 -48.97 25.64
CA ASN J 118 -4.94 -50.36 25.50
C ASN J 118 -6.12 -51.19 25.01
N LEU J 119 -5.92 -51.90 23.92
CA LEU J 119 -6.99 -52.75 23.39
C LEU J 119 -7.15 -53.99 24.28
N ILE J 120 -8.41 -54.33 24.60
CA ILE J 120 -8.73 -55.50 25.42
C ILE J 120 -9.29 -56.63 24.55
N SER J 121 -10.32 -56.33 23.78
CA SER J 121 -10.93 -57.30 22.86
C SER J 121 -11.44 -56.60 21.61
N PHE J 122 -11.41 -57.33 20.50
CA PHE J 122 -11.90 -56.85 19.22
C PHE J 122 -12.63 -58.00 18.57
N LYS J 123 -13.88 -57.77 18.19
CA LYS J 123 -14.64 -58.75 17.42
C LYS J 123 -14.98 -58.04 16.11
N SER J 124 -14.00 -57.85 15.22
CA SER J 124 -14.26 -57.17 13.93
C SER J 124 -15.22 -58.06 13.13
N SER J 125 -15.76 -59.05 13.85
CA SER J 125 -16.86 -59.90 13.37
C SER J 125 -18.16 -59.10 13.30
N LEU J 126 -18.32 -58.14 14.21
CA LEU J 126 -19.57 -57.32 14.34
C LEU J 126 -19.34 -55.81 14.66
N GLY J 127 -18.07 -55.45 14.92
CA GLY J 127 -17.55 -54.12 15.18
C GLY J 127 -17.54 -53.68 16.64
N ILE J 128 -17.36 -54.63 17.58
CA ILE J 128 -17.33 -54.30 19.00
C ILE J 128 -15.92 -54.37 19.57
N ALA J 129 -15.34 -53.19 19.84
CA ALA J 129 -14.01 -53.09 20.45
C ALA J 129 -14.10 -52.52 21.86
N LYS J 130 -13.29 -53.07 22.76
CA LYS J 130 -13.21 -52.64 24.14
C LYS J 130 -11.79 -52.27 24.49
N LEU J 131 -11.62 -51.11 25.13
CA LEU J 131 -10.28 -50.59 25.46
C LEU J 131 -10.25 -49.90 26.82
N SER J 132 -9.07 -49.87 27.43
CA SER J 132 -8.87 -49.15 28.68
C SER J 132 -8.03 -47.89 28.42
N GLY J 133 -8.10 -46.92 29.34
CA GLY J 133 -7.38 -45.69 29.11
C GLY J 133 -6.88 -45.01 30.38
N VAL J 134 -5.72 -44.36 30.27
CA VAL J 134 -5.17 -43.60 31.37
C VAL J 134 -4.65 -42.27 30.80
N GLY J 135 -4.87 -41.17 31.54
CA GLY J 135 -4.34 -39.88 31.14
C GLY J 135 -3.45 -39.30 32.20
N TYR J 136 -2.34 -38.70 31.79
CA TYR J 136 -1.33 -38.20 32.74
C TYR J 136 -0.96 -36.76 32.45
N VAL J 137 -0.64 -36.06 33.53
CA VAL J 137 -0.01 -34.78 33.42
C VAL J 137 1.20 -34.81 34.36
N ASN J 138 2.39 -34.60 33.80
CA ASN J 138 3.63 -34.61 34.58
C ASN J 138 3.82 -35.92 35.34
N GLY J 139 3.63 -37.03 34.63
CA GLY J 139 3.71 -38.36 35.23
C GLY J 139 2.67 -38.72 36.28
N LYS J 140 1.84 -37.78 36.72
CA LYS J 140 0.76 -38.06 37.68
C LYS J 140 -0.58 -38.35 36.99
N VAL J 141 -1.29 -39.38 37.47
CA VAL J 141 -2.53 -39.82 36.84
C VAL J 141 -3.64 -38.80 37.04
N VAL J 142 -4.34 -38.43 35.98
CA VAL J 142 -5.44 -37.47 36.10
C VAL J 142 -6.79 -38.14 35.81
N ILE J 143 -6.80 -39.08 34.87
CA ILE J 143 -8.01 -39.81 34.51
C ILE J 143 -7.74 -41.28 34.26
N ASN J 144 -8.60 -42.12 34.84
CA ASN J 144 -8.66 -43.54 34.57
C ASN J 144 -9.93 -43.94 33.89
N ILE J 145 -9.81 -44.82 32.90
CA ILE J 145 -11.00 -45.44 32.29
C ILE J 145 -10.83 -46.95 32.18
N SER J 146 -11.65 -47.69 32.94
CA SER J 146 -11.61 -49.15 32.96
C SER J 146 -11.90 -49.71 31.59
N GLU J 147 -12.98 -49.21 30.98
CA GLU J 147 -13.45 -49.79 29.73
C GLU J 147 -14.20 -48.78 28.87
N MET J 148 -13.73 -48.64 27.65
CA MET J 148 -14.41 -47.90 26.60
C MET J 148 -14.93 -48.92 25.60
N THR J 149 -16.19 -48.76 25.20
CA THR J 149 -16.78 -49.69 24.25
C THR J 149 -17.23 -48.93 23.01
N PHE J 150 -16.80 -49.44 21.84
CA PHE J 150 -17.09 -48.80 20.55
C PHE J 150 -17.69 -49.77 19.55
N ALA J 151 -18.50 -49.22 18.65
CA ALA J 151 -19.16 -50.01 17.61
C ALA J 151 -18.98 -49.37 16.22
N ASP K 8 -22.49 14.45 18.59
CA ASP K 8 -21.70 15.70 18.88
C ASP K 8 -20.19 15.42 18.65
N THR K 9 -19.45 15.16 19.75
CA THR K 9 -18.16 14.43 19.69
C THR K 9 -18.38 13.18 18.84
N SER K 10 -17.36 12.73 18.13
CA SER K 10 -17.31 11.35 17.71
C SER K 10 -17.27 10.51 18.99
N ILE K 11 -18.31 9.72 19.26
CA ILE K 11 -18.34 8.86 20.45
C ILE K 11 -17.83 7.43 20.14
N ASP K 12 -16.86 6.97 20.93
CA ASP K 12 -16.19 5.68 20.70
C ASP K 12 -17.01 4.40 20.96
N ILE K 13 -16.39 3.24 20.73
CA ILE K 13 -17.05 1.96 20.94
C ILE K 13 -17.22 1.65 22.44
N GLU K 14 -16.27 2.11 23.24
CA GLU K 14 -16.26 1.88 24.69
C GLU K 14 -17.47 2.50 25.39
N ASP K 15 -17.84 3.71 24.94
CA ASP K 15 -19.02 4.41 25.40
C ASP K 15 -20.34 3.88 24.80
N ILE K 16 -20.30 3.38 23.58
CA ILE K 16 -21.45 2.69 23.02
C ILE K 16 -21.85 1.53 23.96
N LYS K 17 -20.84 0.76 24.37
CA LYS K 17 -21.03 -0.39 25.27
C LYS K 17 -21.57 0.01 26.65
N LYS K 18 -21.45 1.29 27.00
CA LYS K 18 -22.03 1.75 28.24
C LYS K 18 -23.49 2.08 28.09
N ILE K 19 -23.90 2.51 26.89
CA ILE K 19 -25.30 2.72 26.56
C ILE K 19 -26.03 1.39 26.22
N LEU K 20 -25.58 0.70 25.17
CA LEU K 20 -26.23 -0.53 24.73
C LEU K 20 -25.78 -1.76 25.51
N PRO K 21 -26.67 -2.77 25.69
CA PRO K 21 -26.25 -3.98 26.39
C PRO K 21 -25.62 -4.98 25.45
N HIS K 22 -25.87 -4.84 24.15
CA HIS K 22 -25.43 -5.79 23.13
C HIS K 22 -23.94 -6.00 23.21
N ARG K 23 -23.52 -7.24 23.06
CA ARG K 23 -22.11 -7.58 22.96
C ARG K 23 -21.83 -8.51 21.76
N TYR K 24 -20.58 -8.92 21.63
CA TYR K 24 -20.17 -9.78 20.53
C TYR K 24 -20.93 -11.09 20.72
N PRO K 25 -21.45 -11.69 19.62
CA PRO K 25 -21.28 -11.27 18.25
C PRO K 25 -22.48 -10.50 17.71
N PHE K 26 -23.09 -9.63 18.53
CA PHE K 26 -24.32 -8.96 18.10
C PHE K 26 -24.35 -7.45 18.40
N LEU K 27 -23.18 -6.85 18.38
CA LEU K 27 -23.09 -5.41 18.50
C LEU K 27 -22.65 -4.95 17.14
N LEU K 28 -23.52 -4.15 16.52
CA LEU K 28 -23.45 -3.85 15.08
C LEU K 28 -23.37 -2.34 14.84
N VAL K 29 -23.00 -1.61 15.87
CA VAL K 29 -22.64 -0.22 15.67
C VAL K 29 -21.20 -0.04 16.11
N ASP K 30 -20.31 0.29 15.18
CA ASP K 30 -18.92 0.50 15.50
C ASP K 30 -18.65 1.89 16.08
N LYS K 31 -19.30 2.91 15.52
CA LYS K 31 -19.05 4.28 15.92
C LYS K 31 -20.27 5.14 15.72
N VAL K 32 -20.58 6.00 16.69
CA VAL K 32 -21.54 7.12 16.52
C VAL K 32 -20.80 8.42 16.18
N ILE K 33 -21.17 9.01 15.05
CA ILE K 33 -20.42 10.16 14.52
C ILE K 33 -21.12 11.52 14.68
N TYR K 34 -22.46 11.46 14.77
CA TYR K 34 -23.25 12.63 15.15
C TYR K 34 -24.53 12.19 15.87
N MET K 35 -24.90 12.95 16.89
CA MET K 35 -26.16 12.68 17.55
C MET K 35 -26.85 13.97 18.02
N GLN K 36 -28.14 14.06 17.73
CA GLN K 36 -28.92 15.15 18.29
C GLN K 36 -30.08 14.56 19.04
N PRO K 37 -30.07 14.68 20.39
CA PRO K 37 -31.10 14.12 21.29
C PRO K 37 -32.49 14.44 20.79
N ASN K 38 -33.40 13.48 20.90
CA ASN K 38 -34.79 13.63 20.48
C ASN K 38 -34.97 13.91 18.99
N LYS K 39 -33.87 13.93 18.22
CA LYS K 39 -33.95 14.18 16.78
C LYS K 39 -33.35 13.09 15.88
N THR K 40 -32.05 13.14 15.70
CA THR K 40 -31.40 12.29 14.73
C THR K 40 -30.11 11.70 15.29
N ILE K 41 -29.63 10.63 14.64
CA ILE K 41 -28.36 9.98 15.01
C ILE K 41 -27.69 9.41 13.76
N ILE K 42 -26.37 9.60 13.69
CA ILE K 42 -25.62 9.12 12.56
C ILE K 42 -24.47 8.35 13.09
N GLY K 43 -24.28 7.13 12.56
CA GLY K 43 -23.22 6.24 12.96
C GLY K 43 -22.82 5.31 11.82
N LEU K 44 -21.78 4.50 12.05
CA LEU K 44 -21.28 3.59 11.04
C LEU K 44 -20.95 2.20 11.57
N LYS K 45 -21.10 1.22 10.68
CA LYS K 45 -20.68 -0.15 10.91
C LYS K 45 -19.68 -0.55 9.81
N GLN K 46 -18.48 -0.93 10.21
CA GLN K 46 -17.47 -1.35 9.25
C GLN K 46 -17.66 -2.82 8.91
N VAL K 47 -17.83 -3.14 7.63
CA VAL K 47 -18.09 -4.50 7.18
C VAL K 47 -16.79 -5.17 6.76
N SER K 48 -16.39 -6.20 7.50
CA SER K 48 -15.15 -6.92 7.26
C SER K 48 -15.44 -8.38 6.99
N THR K 49 -14.59 -9.04 6.19
CA THR K 49 -14.71 -10.47 5.97
C THR K 49 -14.47 -11.25 7.27
N ASN K 50 -13.77 -10.62 8.21
CA ASN K 50 -13.41 -11.29 9.47
C ASN K 50 -14.51 -11.15 10.51
N GLU K 51 -15.75 -11.44 10.10
CA GLU K 51 -16.91 -11.35 11.00
C GLU K 51 -17.61 -12.67 10.95
N PRO K 52 -18.05 -13.15 12.11
CA PRO K 52 -18.42 -14.56 12.26
C PRO K 52 -19.55 -15.03 11.35
N PHE K 53 -20.44 -14.11 10.97
CA PHE K 53 -21.60 -14.45 10.15
C PHE K 53 -21.28 -14.80 8.71
N PHE K 54 -20.18 -14.26 8.21
CA PHE K 54 -19.92 -14.32 6.77
C PHE K 54 -19.74 -15.74 6.24
N ASN K 55 -19.25 -16.63 7.09
CA ASN K 55 -19.02 -18.03 6.72
C ASN K 55 -20.31 -18.73 6.35
N GLY K 56 -21.41 -18.21 6.88
CA GLY K 56 -22.71 -18.81 6.66
C GLY K 56 -23.57 -18.07 5.63
N HIS K 57 -23.13 -16.92 5.16
CA HIS K 57 -24.00 -16.06 4.37
C HIS K 57 -23.18 -15.25 3.32
N PHE K 58 -22.54 -15.92 2.36
CA PHE K 58 -22.65 -17.35 2.11
C PHE K 58 -21.26 -17.88 1.79
N PRO K 59 -21.05 -19.21 1.91
CA PRO K 59 -19.75 -19.82 1.62
C PRO K 59 -19.15 -19.41 0.29
N GLN K 60 -19.99 -19.38 -0.75
CA GLN K 60 -19.56 -19.01 -2.11
C GLN K 60 -19.63 -17.52 -2.42
N LYS K 61 -20.33 -16.74 -1.59
CA LYS K 61 -20.51 -15.32 -1.84
C LYS K 61 -20.91 -14.58 -0.58
N GLN K 62 -19.92 -13.90 0.01
CA GLN K 62 -20.13 -13.17 1.26
C GLN K 62 -20.97 -11.92 1.10
N ILE K 63 -22.19 -11.97 1.61
CA ILE K 63 -23.11 -10.80 1.57
C ILE K 63 -23.71 -10.57 2.97
N MET K 64 -23.53 -9.37 3.52
CA MET K 64 -24.06 -9.07 4.84
C MET K 64 -25.55 -9.21 4.88
N PRO K 65 -26.05 -10.06 5.77
CA PRO K 65 -27.49 -10.41 5.83
C PRO K 65 -28.35 -9.18 6.01
N GLY K 66 -29.39 -9.06 5.18
CA GLY K 66 -30.34 -7.93 5.26
C GLY K 66 -30.85 -7.64 6.67
N VAL K 67 -31.19 -8.71 7.39
CA VAL K 67 -31.66 -8.62 8.74
C VAL K 67 -30.64 -7.95 9.69
N LEU K 68 -29.35 -8.15 9.42
CA LEU K 68 -28.33 -7.55 10.31
C LEU K 68 -28.15 -6.05 9.99
N GLN K 69 -28.55 -5.68 8.78
CA GLN K 69 -28.62 -4.26 8.43
C GLN K 69 -29.78 -3.62 9.19
N ILE K 70 -30.90 -4.33 9.26
CA ILE K 70 -31.97 -3.90 10.15
C ILE K 70 -31.44 -3.75 11.56
N GLU K 71 -30.83 -4.83 12.09
CA GLU K 71 -30.38 -4.84 13.48
C GLU K 71 -29.47 -3.62 13.78
N ALA K 72 -28.51 -3.40 12.89
CA ALA K 72 -27.54 -2.33 13.02
C ALA K 72 -28.27 -0.99 13.20
N LEU K 73 -29.15 -0.66 12.25
CA LEU K 73 -29.96 0.57 12.39
C LEU K 73 -30.78 0.52 13.69
N ALA K 74 -31.25 -0.66 14.07
CA ALA K 74 -32.09 -0.74 15.25
C ALA K 74 -31.31 -0.37 16.49
N GLN K 75 -30.09 -0.86 16.55
CA GLN K 75 -29.17 -0.53 17.64
C GLN K 75 -28.79 0.97 17.73
N LEU K 76 -28.51 1.56 16.56
CA LEU K 76 -28.24 2.98 16.43
C LEU K 76 -29.46 3.79 16.94
N ALA K 77 -30.65 3.43 16.47
CA ALA K 77 -31.90 4.06 16.87
C ALA K 77 -32.10 3.93 18.34
N GLY K 78 -31.74 2.77 18.86
CA GLY K 78 -31.80 2.48 20.28
C GLY K 78 -30.94 3.44 21.05
N ILE K 79 -29.75 3.73 20.52
CA ILE K 79 -28.81 4.62 21.21
C ILE K 79 -29.52 5.94 21.40
N LEU K 80 -30.00 6.51 20.31
CA LEU K 80 -30.73 7.77 20.31
C LEU K 80 -31.83 7.77 21.40
N CYS K 81 -32.69 6.76 21.42
CA CYS K 81 -33.74 6.66 22.46
C CYS K 81 -33.20 6.76 23.89
N LEU K 82 -32.08 6.08 24.15
CA LEU K 82 -31.50 6.01 25.51
C LEU K 82 -30.78 7.28 25.96
N LYS K 83 -30.25 8.04 24.99
CA LYS K 83 -29.61 9.34 25.26
C LYS K 83 -30.62 10.51 25.18
N SER K 84 -31.74 10.30 24.48
CA SER K 84 -32.82 11.28 24.43
C SER K 84 -33.59 11.39 25.74
N ASP K 85 -33.75 10.27 26.44
CA ASP K 85 -34.55 10.19 27.66
C ASP K 85 -34.17 8.94 28.47
N ASP K 86 -33.27 9.10 29.45
CA ASP K 86 -32.86 7.98 30.32
C ASP K 86 -33.47 8.07 31.74
N SER K 87 -34.61 8.77 31.87
CA SER K 87 -35.40 8.71 33.12
C SER K 87 -35.77 7.25 33.44
N GLN K 88 -36.27 6.52 32.42
CA GLN K 88 -36.43 5.06 32.53
C GLN K 88 -35.08 4.39 32.39
N LYS K 89 -34.51 4.04 33.55
CA LYS K 89 -33.16 3.48 33.60
C LYS K 89 -33.15 2.04 33.15
N ASN K 90 -33.78 1.77 32.00
CA ASN K 90 -33.79 0.45 31.34
C ASN K 90 -33.13 0.54 29.94
N ASN K 91 -31.98 -0.12 29.76
CA ASN K 91 -31.27 -0.15 28.46
C ASN K 91 -31.66 -1.35 27.55
N LEU K 92 -32.34 -2.35 28.12
CA LEU K 92 -32.84 -3.49 27.35
C LEU K 92 -34.08 -3.09 26.58
N PHE K 93 -33.87 -2.71 25.32
CA PHE K 93 -34.98 -2.33 24.42
C PHE K 93 -35.24 -3.48 23.47
N LEU K 94 -36.51 -3.85 23.36
CA LEU K 94 -36.88 -4.87 22.40
C LEU K 94 -37.61 -4.29 21.19
N PHE K 95 -37.23 -4.79 20.03
CA PHE K 95 -37.92 -4.55 18.76
C PHE K 95 -39.37 -5.01 18.87
N ALA K 96 -40.31 -4.10 18.68
CA ALA K 96 -41.73 -4.44 18.77
C ALA K 96 -42.33 -4.64 17.40
N GLY K 97 -41.81 -3.90 16.43
CA GLY K 97 -42.31 -4.01 15.07
C GLY K 97 -41.39 -3.28 14.13
N VAL K 98 -41.36 -3.70 12.87
CA VAL K 98 -40.64 -2.96 11.84
C VAL K 98 -41.47 -2.99 10.57
N ASP K 99 -41.34 -1.96 9.75
CA ASP K 99 -42.23 -1.76 8.63
C ASP K 99 -41.52 -1.04 7.51
N GLY K 100 -41.80 -1.44 6.29
CA GLY K 100 -41.29 -0.71 5.11
C GLY K 100 -39.80 -0.77 4.94
N VAL K 101 -39.27 -1.98 5.02
CA VAL K 101 -37.87 -2.23 4.79
C VAL K 101 -37.64 -2.56 3.30
N ARG K 102 -36.68 -1.89 2.70
CA ARG K 102 -36.29 -2.12 1.32
C ARG K 102 -34.78 -2.14 1.17
N TRP K 103 -34.26 -3.27 0.71
CA TRP K 103 -32.81 -3.41 0.49
C TRP K 103 -32.62 -3.15 -0.97
N LYS K 104 -31.68 -2.24 -1.27
CA LYS K 104 -31.46 -1.79 -2.66
C LYS K 104 -30.25 -2.44 -3.30
N LYS K 105 -29.19 -2.58 -2.51
CA LYS K 105 -27.89 -2.95 -3.04
C LYS K 105 -27.21 -3.79 -1.97
N PRO K 106 -26.59 -4.93 -2.36
CA PRO K 106 -25.87 -5.83 -1.42
C PRO K 106 -24.77 -5.11 -0.67
N VAL K 107 -24.63 -5.42 0.62
CA VAL K 107 -23.54 -4.84 1.40
C VAL K 107 -22.43 -5.89 1.55
N LEU K 108 -21.23 -5.56 1.04
CA LEU K 108 -20.12 -6.54 0.96
C LEU K 108 -18.91 -6.22 1.82
N PRO K 109 -18.11 -7.25 2.15
CA PRO K 109 -16.90 -7.01 2.90
C PRO K 109 -16.08 -5.90 2.26
N GLY K 110 -15.59 -4.97 3.05
CA GLY K 110 -14.82 -3.86 2.51
C GLY K 110 -15.61 -2.56 2.54
N ASP K 111 -16.95 -2.66 2.57
CA ASP K 111 -17.83 -1.48 2.70
C ASP K 111 -17.89 -0.82 4.10
N THR K 112 -18.22 0.47 4.12
CA THR K 112 -18.49 1.19 5.34
C THR K 112 -19.97 1.53 5.32
N LEU K 113 -20.74 0.89 6.18
CA LEU K 113 -22.17 1.13 6.24
C LEU K 113 -22.40 2.36 7.11
N THR K 114 -22.71 3.48 6.44
CA THR K 114 -23.08 4.70 7.15
C THR K 114 -24.60 4.67 7.38
N MET K 115 -25.00 4.91 8.64
CA MET K 115 -26.39 4.80 9.03
C MET K 115 -26.94 6.07 9.70
N GLN K 116 -28.20 6.36 9.42
CA GLN K 116 -28.90 7.45 10.05
C GLN K 116 -30.28 7.00 10.51
N ALA K 117 -30.59 7.24 11.77
CA ALA K 117 -31.93 7.02 12.28
C ALA K 117 -32.54 8.33 12.79
N ASN K 118 -33.85 8.47 12.60
CA ASN K 118 -34.58 9.70 12.90
C ASN K 118 -35.80 9.42 13.75
N LEU K 119 -35.87 10.09 14.89
CA LEU K 119 -36.98 9.88 15.84
C LEU K 119 -38.27 10.49 15.31
N ILE K 120 -39.36 9.70 15.31
CA ILE K 120 -40.67 10.14 14.82
C ILE K 120 -41.63 10.51 15.98
N SER K 121 -41.79 9.58 16.91
CA SER K 121 -42.58 9.82 18.11
C SER K 121 -42.00 9.06 19.32
N PHE K 122 -42.15 9.66 20.49
CA PHE K 122 -41.73 9.02 21.72
C PHE K 122 -42.87 9.22 22.72
N LYS K 123 -43.36 8.13 23.30
CA LYS K 123 -44.29 8.25 24.41
C LYS K 123 -43.69 7.71 25.70
N GLY K 127 -43.28 3.27 27.05
CA GLY K 127 -42.03 3.36 26.28
C GLY K 127 -42.13 2.89 24.83
N ILE K 128 -43.02 3.49 24.04
CA ILE K 128 -43.03 3.20 22.59
C ILE K 128 -42.43 4.35 21.83
N ALA K 129 -41.28 4.06 21.21
CA ALA K 129 -40.63 4.99 20.31
C ALA K 129 -40.73 4.41 18.91
N LYS K 130 -40.95 5.30 17.94
CA LYS K 130 -40.95 4.96 16.54
C LYS K 130 -39.90 5.77 15.81
N LEU K 131 -39.09 5.10 14.98
CA LEU K 131 -38.00 5.75 14.24
C LEU K 131 -37.89 5.27 12.79
N SER K 132 -37.35 6.11 11.92
CA SER K 132 -37.06 5.73 10.56
C SER K 132 -35.55 5.53 10.42
N GLY K 133 -35.12 4.81 9.38
CA GLY K 133 -33.70 4.54 9.20
C GLY K 133 -33.26 4.44 7.76
N VAL K 134 -32.04 4.89 7.48
CA VAL K 134 -31.47 4.72 6.14
C VAL K 134 -30.05 4.24 6.31
N GLY K 135 -29.59 3.35 5.43
CA GLY K 135 -28.19 2.96 5.43
C GLY K 135 -27.54 3.19 4.08
N TYR K 136 -26.33 3.75 4.09
CA TYR K 136 -25.60 4.09 2.85
C TYR K 136 -24.23 3.44 2.78
N VAL K 137 -23.84 3.15 1.54
CA VAL K 137 -22.46 2.79 1.23
C VAL K 137 -22.05 3.68 0.05
N ASN K 138 -20.98 4.46 0.27
CA ASN K 138 -20.46 5.35 -0.75
C ASN K 138 -21.52 6.35 -1.23
N GLY K 139 -22.22 6.97 -0.28
CA GLY K 139 -23.29 7.86 -0.63
C GLY K 139 -24.44 7.26 -1.44
N LYS K 140 -24.48 5.95 -1.65
CA LYS K 140 -25.63 5.30 -2.35
C LYS K 140 -26.44 4.54 -1.31
N VAL K 141 -27.77 4.66 -1.38
CA VAL K 141 -28.67 4.00 -0.44
C VAL K 141 -28.67 2.48 -0.62
N VAL K 142 -28.46 1.76 0.49
CA VAL K 142 -28.51 0.29 0.47
C VAL K 142 -29.74 -0.29 1.20
N ILE K 143 -30.19 0.40 2.26
CA ILE K 143 -31.35 0.00 3.04
C ILE K 143 -32.16 1.18 3.50
N ASN K 144 -33.47 1.02 3.38
CA ASN K 144 -34.47 1.95 3.86
C ASN K 144 -35.34 1.27 4.89
N ILE K 145 -35.65 1.98 5.96
CA ILE K 145 -36.66 1.51 6.89
C ILE K 145 -37.62 2.64 7.24
N SER K 146 -38.88 2.47 6.81
CA SER K 146 -39.94 3.44 7.08
C SER K 146 -40.11 3.68 8.57
N GLU K 147 -40.22 2.60 9.35
CA GLU K 147 -40.58 2.71 10.76
C GLU K 147 -40.09 1.53 11.53
N MET K 148 -39.34 1.83 12.58
CA MET K 148 -38.93 0.85 13.55
C MET K 148 -39.70 1.21 14.80
N THR K 149 -40.29 0.21 15.45
CA THR K 149 -41.01 0.42 16.70
C THR K 149 -40.34 -0.35 17.87
N PHE K 150 -40.05 0.40 18.93
CA PHE K 150 -39.34 -0.14 20.11
C PHE K 150 -40.10 -0.03 21.43
N ALA K 151 -39.94 -1.06 22.26
CA ALA K 151 -40.64 -1.14 23.53
C ALA K 151 -39.73 -1.48 24.71
N LEU K 152 -40.22 -1.13 25.91
CA LEU K 152 -39.51 -1.34 27.18
C LEU K 152 -39.58 -2.76 27.70
N ASP L 8 -47.00 -33.84 3.30
CA ASP L 8 -46.34 -34.61 4.42
C ASP L 8 -44.93 -35.02 4.05
N THR L 9 -43.96 -34.33 4.70
CA THR L 9 -42.53 -34.67 4.61
C THR L 9 -41.64 -34.10 5.75
N SER L 10 -40.96 -34.97 6.47
CA SER L 10 -39.90 -34.52 7.34
C SER L 10 -38.60 -34.31 6.54
N ILE L 11 -38.20 -33.04 6.39
CA ILE L 11 -36.85 -32.73 5.92
C ILE L 11 -35.94 -32.46 7.10
N ASP L 12 -34.97 -33.36 7.32
CA ASP L 12 -33.92 -33.19 8.33
C ASP L 12 -32.86 -32.16 7.87
N ILE L 13 -31.97 -31.77 8.80
CA ILE L 13 -30.89 -30.75 8.61
C ILE L 13 -29.81 -30.98 7.52
N GLU L 14 -29.53 -32.23 7.12
CA GLU L 14 -28.55 -32.51 6.08
C GLU L 14 -29.11 -32.08 4.73
N ASP L 15 -30.41 -32.30 4.56
CA ASP L 15 -31.05 -32.05 3.30
C ASP L 15 -31.39 -30.60 3.18
N ILE L 16 -31.54 -29.96 4.33
CA ILE L 16 -31.79 -28.53 4.36
C ILE L 16 -30.58 -27.88 3.76
N LYS L 17 -29.41 -28.33 4.22
CA LYS L 17 -28.10 -27.83 3.74
C LYS L 17 -27.88 -28.05 2.24
N LYS L 18 -28.59 -29.02 1.65
CA LYS L 18 -28.53 -29.17 0.18
C LYS L 18 -29.38 -28.14 -0.56
N ILE L 19 -30.40 -27.64 0.11
CA ILE L 19 -31.25 -26.64 -0.49
C ILE L 19 -30.70 -25.25 -0.23
N LEU L 20 -30.44 -24.94 1.04
CA LEU L 20 -29.98 -23.58 1.41
C LEU L 20 -28.47 -23.46 1.39
N PRO L 21 -27.95 -22.26 1.11
CA PRO L 21 -26.49 -22.14 1.12
C PRO L 21 -25.98 -21.73 2.50
N HIS L 22 -26.89 -21.18 3.32
CA HIS L 22 -26.59 -20.74 4.70
C HIS L 22 -25.87 -21.82 5.50
N ARG L 23 -24.84 -21.44 6.23
CA ARG L 23 -24.19 -22.34 7.20
C ARG L 23 -24.07 -21.65 8.57
N TYR L 24 -23.36 -22.31 9.51
CA TYR L 24 -23.08 -21.78 10.81
C TYR L 24 -22.24 -20.54 10.62
N PRO L 25 -22.54 -19.45 11.36
CA PRO L 25 -23.55 -19.35 12.44
C PRO L 25 -24.87 -18.72 11.98
N PHE L 26 -25.24 -18.94 10.73
CA PHE L 26 -26.42 -18.24 10.20
C PHE L 26 -27.40 -19.15 9.49
N LEU L 27 -27.46 -20.43 9.90
CA LEU L 27 -28.51 -21.33 9.42
C LEU L 27 -29.52 -21.48 10.56
N LEU L 28 -30.73 -21.00 10.33
CA LEU L 28 -31.65 -20.83 11.44
C LEU L 28 -32.94 -21.71 11.29
N VAL L 29 -32.89 -22.69 10.40
CA VAL L 29 -33.94 -23.67 10.32
C VAL L 29 -33.36 -25.01 10.65
N ASP L 30 -33.80 -25.57 11.77
CA ASP L 30 -33.32 -26.90 12.23
C ASP L 30 -34.01 -28.06 11.49
N LYS L 31 -35.33 -27.94 11.28
CA LYS L 31 -36.10 -29.02 10.70
C LYS L 31 -37.31 -28.53 9.93
N VAL L 32 -37.52 -29.08 8.73
CA VAL L 32 -38.78 -28.84 8.01
C VAL L 32 -39.71 -29.99 8.34
N ILE L 33 -40.90 -29.67 8.89
CA ILE L 33 -41.87 -30.73 9.28
C ILE L 33 -43.01 -30.99 8.28
N TYR L 34 -43.39 -29.95 7.52
CA TYR L 34 -44.40 -30.09 6.45
C TYR L 34 -44.11 -29.08 5.36
N MET L 35 -44.32 -29.49 4.12
CA MET L 35 -44.13 -28.61 2.98
C MET L 35 -45.09 -28.95 1.84
N GLN L 36 -45.75 -27.95 1.29
CA GLN L 36 -46.53 -28.18 0.13
C GLN L 36 -46.09 -27.19 -0.94
N PRO L 37 -45.52 -27.72 -2.04
CA PRO L 37 -44.93 -26.88 -3.11
C PRO L 37 -45.90 -25.79 -3.54
N ASN L 38 -45.38 -24.60 -3.81
CA ASN L 38 -46.19 -23.47 -4.30
C ASN L 38 -47.25 -22.95 -3.31
N LYS L 39 -47.23 -23.49 -2.10
CA LYS L 39 -48.27 -23.15 -1.12
C LYS L 39 -47.72 -22.75 0.25
N THR L 40 -47.34 -23.73 1.07
CA THR L 40 -47.03 -23.48 2.46
C THR L 40 -45.92 -24.39 2.92
N ILE L 41 -45.27 -23.98 4.01
CA ILE L 41 -44.16 -24.72 4.63
C ILE L 41 -44.20 -24.51 6.14
N ILE L 42 -43.94 -25.59 6.86
CA ILE L 42 -43.88 -25.51 8.29
C ILE L 42 -42.56 -26.10 8.75
N GLY L 43 -41.91 -25.41 9.66
CA GLY L 43 -40.69 -25.95 10.23
C GLY L 43 -40.43 -25.47 11.64
N LEU L 44 -39.27 -25.85 12.18
CA LEU L 44 -38.88 -25.39 13.49
C LEU L 44 -37.39 -24.97 13.70
N LYS L 45 -37.21 -24.05 14.63
CA LYS L 45 -35.88 -23.68 15.07
C LYS L 45 -35.83 -23.88 16.59
N GLN L 46 -34.95 -24.78 17.04
CA GLN L 46 -34.78 -25.03 18.47
C GLN L 46 -33.88 -23.97 19.07
N VAL L 47 -34.40 -23.26 20.08
CA VAL L 47 -33.70 -22.17 20.75
C VAL L 47 -32.94 -22.66 21.99
N SER L 48 -31.60 -22.68 21.87
CA SER L 48 -30.75 -23.12 22.96
C SER L 48 -29.85 -21.99 23.47
N THR L 49 -29.55 -22.00 24.78
CA THR L 49 -28.58 -21.05 25.34
C THR L 49 -27.20 -21.25 24.69
N ASN L 50 -26.99 -22.42 24.08
CA ASN L 50 -25.66 -22.73 23.54
C ASN L 50 -25.52 -22.33 22.10
N GLU L 51 -25.94 -21.09 21.81
CA GLU L 51 -25.88 -20.51 20.47
C GLU L 51 -25.05 -19.25 20.63
N PRO L 52 -24.22 -18.97 19.61
CA PRO L 52 -23.23 -17.89 19.68
C PRO L 52 -23.80 -16.47 19.94
N PHE L 53 -25.02 -16.18 19.46
CA PHE L 53 -25.57 -14.86 19.56
C PHE L 53 -26.02 -14.44 20.98
N PHE L 54 -26.21 -15.44 21.85
CA PHE L 54 -26.88 -15.18 23.09
C PHE L 54 -26.03 -14.37 24.06
N ASN L 55 -24.72 -14.50 23.90
CA ASN L 55 -23.76 -13.83 24.79
C ASN L 55 -23.82 -12.34 24.59
N GLY L 56 -24.19 -11.91 23.38
CA GLY L 56 -24.35 -10.47 23.07
C GLY L 56 -25.77 -9.90 23.02
N HIS L 57 -26.79 -10.72 23.34
CA HIS L 57 -28.20 -10.31 23.31
C HIS L 57 -29.09 -11.09 24.30
N PHE L 58 -28.91 -10.92 25.62
CA PHE L 58 -27.98 -9.95 26.22
C PHE L 58 -27.25 -10.64 27.38
N PRO L 59 -26.09 -10.10 27.80
CA PRO L 59 -25.34 -10.63 28.94
C PRO L 59 -26.18 -10.86 30.21
N GLN L 60 -27.06 -9.91 30.53
CA GLN L 60 -27.93 -10.02 31.72
C GLN L 60 -29.26 -10.74 31.50
N LYS L 61 -29.65 -10.92 30.23
CA LYS L 61 -30.93 -11.50 29.89
C LYS L 61 -30.90 -12.02 28.47
N GLN L 62 -30.96 -13.33 28.33
CA GLN L 62 -30.89 -13.98 27.04
C GLN L 62 -32.20 -13.98 26.32
N ILE L 63 -32.29 -13.17 25.26
CA ILE L 63 -33.48 -13.04 24.41
C ILE L 63 -33.11 -13.18 22.92
N MET L 64 -33.72 -14.14 22.22
CA MET L 64 -33.42 -14.33 20.80
C MET L 64 -33.76 -13.06 20.01
N PRO L 65 -32.78 -12.50 19.30
CA PRO L 65 -33.00 -11.26 18.56
C PRO L 65 -34.18 -11.35 17.56
N GLY L 66 -35.06 -10.36 17.58
CA GLY L 66 -36.15 -10.29 16.65
C GLY L 66 -35.69 -10.48 15.19
N VAL L 67 -34.57 -9.85 14.81
CA VAL L 67 -34.12 -9.90 13.42
C VAL L 67 -33.75 -11.34 13.02
N LEU L 68 -33.31 -12.13 14.00
CA LEU L 68 -33.00 -13.53 13.70
C LEU L 68 -34.29 -14.38 13.58
N GLN L 69 -35.36 -13.93 14.23
CA GLN L 69 -36.68 -14.52 14.01
C GLN L 69 -37.15 -14.24 12.59
N ILE L 70 -36.91 -13.03 12.10
CA ILE L 70 -37.22 -12.71 10.71
C ILE L 70 -36.39 -13.62 9.80
N GLU L 71 -35.07 -13.69 10.06
CA GLU L 71 -34.18 -14.48 9.21
C GLU L 71 -34.64 -15.94 9.16
N ALA L 72 -35.00 -16.48 10.32
CA ALA L 72 -35.42 -17.88 10.40
C ALA L 72 -36.61 -18.16 9.44
N LEU L 73 -37.67 -17.38 9.62
CA LEU L 73 -38.79 -17.43 8.70
C LEU L 73 -38.36 -17.20 7.26
N ALA L 74 -37.41 -16.30 7.04
CA ALA L 74 -36.97 -15.99 5.68
C ALA L 74 -36.32 -17.20 5.03
N GLN L 75 -35.54 -17.91 5.83
CA GLN L 75 -34.85 -19.12 5.37
C GLN L 75 -35.83 -20.22 5.01
N LEU L 76 -36.78 -20.46 5.91
CA LEU L 76 -37.88 -21.37 5.69
C LEU L 76 -38.66 -21.05 4.41
N ALA L 77 -39.13 -19.81 4.28
CA ALA L 77 -39.79 -19.32 3.08
C ALA L 77 -38.91 -19.56 1.85
N GLY L 78 -37.61 -19.29 1.99
CA GLY L 78 -36.64 -19.54 0.94
C GLY L 78 -36.64 -20.98 0.50
N ILE L 79 -36.70 -21.91 1.47
CA ILE L 79 -36.74 -23.33 1.14
C ILE L 79 -37.91 -23.59 0.21
N LEU L 80 -39.10 -23.14 0.63
CA LEU L 80 -40.33 -23.34 -0.14
C LEU L 80 -40.20 -22.86 -1.60
N CYS L 81 -39.67 -21.65 -1.78
CA CYS L 81 -39.38 -21.11 -3.13
C CYS L 81 -38.50 -22.04 -3.97
N LEU L 82 -37.43 -22.56 -3.37
CA LEU L 82 -36.46 -23.39 -4.09
C LEU L 82 -36.97 -24.79 -4.40
N LYS L 83 -37.92 -25.27 -3.61
CA LYS L 83 -38.53 -26.57 -3.86
C LYS L 83 -39.81 -26.47 -4.68
N SER L 84 -40.42 -25.28 -4.70
CA SER L 84 -41.58 -24.95 -5.58
C SER L 84 -41.21 -24.80 -7.04
N ASP L 85 -40.03 -24.24 -7.31
CA ASP L 85 -39.56 -23.98 -8.69
C ASP L 85 -38.04 -23.85 -8.71
N ASP L 86 -37.33 -24.94 -9.08
CA ASP L 86 -35.85 -24.90 -9.20
C ASP L 86 -35.37 -24.89 -10.67
N SER L 87 -36.20 -24.40 -11.59
CA SER L 87 -35.76 -24.21 -12.97
C SER L 87 -34.58 -23.22 -13.01
N GLN L 88 -34.70 -22.13 -12.23
CA GLN L 88 -33.57 -21.24 -11.97
C GLN L 88 -32.64 -21.85 -10.90
N LYS L 89 -31.55 -22.46 -11.39
CA LYS L 89 -30.61 -23.21 -10.57
C LYS L 89 -29.71 -22.29 -9.74
N ASN L 90 -30.35 -21.35 -9.03
CA ASN L 90 -29.66 -20.42 -8.16
C ASN L 90 -30.27 -20.56 -6.78
N ASN L 91 -29.48 -20.97 -5.79
CA ASN L 91 -29.97 -21.10 -4.40
C ASN L 91 -29.67 -19.87 -3.51
N LEU L 92 -28.88 -18.92 -4.04
CA LEU L 92 -28.60 -17.65 -3.33
C LEU L 92 -29.74 -16.65 -3.51
N PHE L 93 -30.72 -16.69 -2.60
CA PHE L 93 -31.84 -15.77 -2.58
C PHE L 93 -31.51 -14.65 -1.66
N LEU L 94 -31.76 -13.42 -2.09
CA LEU L 94 -31.58 -12.27 -1.21
C LEU L 94 -32.89 -11.62 -0.84
N PHE L 95 -32.97 -11.26 0.42
CA PHE L 95 -34.03 -10.45 0.99
C PHE L 95 -34.08 -9.09 0.28
N ALA L 96 -35.19 -8.81 -0.39
CA ALA L 96 -35.38 -7.54 -1.15
C ALA L 96 -36.20 -6.50 -0.37
N GLY L 97 -37.14 -7.00 0.45
CA GLY L 97 -37.97 -6.17 1.30
C GLY L 97 -38.75 -7.01 2.30
N VAL L 98 -39.06 -6.40 3.44
CA VAL L 98 -39.92 -7.02 4.43
C VAL L 98 -40.87 -5.96 4.99
N ASP L 99 -42.05 -6.40 5.44
CA ASP L 99 -43.13 -5.48 5.74
C ASP L 99 -44.05 -6.09 6.76
N GLY L 100 -44.54 -5.25 7.66
CA GLY L 100 -45.51 -5.65 8.68
C GLY L 100 -45.02 -6.71 9.66
N VAL L 101 -43.83 -6.49 10.20
CA VAL L 101 -43.30 -7.38 11.22
C VAL L 101 -43.73 -6.90 12.60
N ARG L 102 -44.19 -7.82 13.43
CA ARG L 102 -44.66 -7.51 14.76
C ARG L 102 -44.22 -8.63 15.67
N TRP L 103 -43.42 -8.27 16.67
CA TRP L 103 -43.03 -9.26 17.67
C TRP L 103 -43.97 -9.09 18.88
N LYS L 104 -44.52 -10.20 19.36
CA LYS L 104 -45.53 -10.14 20.41
C LYS L 104 -44.99 -10.59 21.77
N LYS L 105 -44.07 -11.56 21.75
CA LYS L 105 -43.62 -12.21 22.98
C LYS L 105 -42.18 -12.64 22.78
N PRO L 106 -41.32 -12.38 23.79
CA PRO L 106 -39.91 -12.70 23.69
C PRO L 106 -39.70 -14.19 23.44
N VAL L 107 -38.76 -14.57 22.56
CA VAL L 107 -38.33 -15.96 22.35
C VAL L 107 -37.08 -16.33 23.16
N LEU L 108 -37.24 -17.23 24.13
CA LEU L 108 -36.15 -17.52 25.11
C LEU L 108 -35.47 -18.91 24.92
N PRO L 109 -34.20 -19.04 25.38
CA PRO L 109 -33.56 -20.35 25.47
C PRO L 109 -34.49 -21.40 26.08
N GLY L 110 -34.64 -22.54 25.42
CA GLY L 110 -35.55 -23.59 25.87
C GLY L 110 -36.78 -23.73 25.00
N ASP L 111 -37.06 -22.70 24.21
CA ASP L 111 -38.28 -22.66 23.40
C ASP L 111 -38.06 -23.36 22.10
N THR L 112 -39.16 -23.80 21.50
CA THR L 112 -39.13 -24.37 20.18
C THR L 112 -39.92 -23.40 19.33
N LEU L 113 -39.22 -22.73 18.43
CA LEU L 113 -39.83 -21.79 17.53
C LEU L 113 -40.42 -22.56 16.33
N THR L 114 -41.74 -22.71 16.31
CA THR L 114 -42.43 -23.35 15.20
C THR L 114 -42.80 -22.26 14.24
N MET L 115 -42.51 -22.49 12.96
CA MET L 115 -42.69 -21.44 11.96
C MET L 115 -43.43 -21.90 10.73
N GLN L 116 -44.25 -20.98 10.19
CA GLN L 116 -45.00 -21.24 8.99
C GLN L 116 -44.88 -20.07 8.07
N ALA L 117 -44.57 -20.38 6.79
CA ALA L 117 -44.53 -19.41 5.71
C ALA L 117 -45.46 -19.83 4.56
N ASN L 118 -46.05 -18.84 3.91
CA ASN L 118 -47.13 -19.03 2.94
C ASN L 118 -46.83 -18.23 1.71
N LEU L 119 -46.68 -18.89 0.58
CA LEU L 119 -46.41 -18.21 -0.67
C LEU L 119 -47.65 -17.41 -1.14
N ILE L 120 -47.41 -16.15 -1.53
CA ILE L 120 -48.47 -15.25 -1.98
C ILE L 120 -48.45 -15.09 -3.50
N SER L 121 -47.31 -14.71 -4.04
CA SER L 121 -47.10 -14.57 -5.48
C SER L 121 -45.66 -14.96 -5.85
N PHE L 122 -45.52 -15.50 -7.06
CA PHE L 122 -44.22 -15.90 -7.62
C PHE L 122 -44.23 -15.50 -9.09
N LYS L 123 -43.20 -14.79 -9.53
CA LYS L 123 -43.10 -14.36 -10.94
C LYS L 123 -41.75 -14.71 -11.59
N SER L 124 -41.73 -15.04 -12.89
CA SER L 124 -40.42 -15.25 -13.57
C SER L 124 -39.63 -13.98 -14.00
N SER L 125 -40.33 -12.84 -14.12
CA SER L 125 -39.79 -11.51 -14.60
C SER L 125 -38.52 -10.97 -13.93
N LEU L 126 -38.30 -11.35 -12.65
CA LEU L 126 -37.09 -11.00 -11.86
C LEU L 126 -36.82 -12.00 -10.69
N GLY L 127 -37.45 -13.18 -10.75
CA GLY L 127 -37.49 -14.06 -9.59
C GLY L 127 -37.96 -13.33 -8.35
N ILE L 128 -39.11 -12.67 -8.44
CA ILE L 128 -39.74 -11.91 -7.33
C ILE L 128 -40.84 -12.74 -6.63
N ALA L 129 -40.49 -13.29 -5.47
CA ALA L 129 -41.46 -14.07 -4.68
C ALA L 129 -41.82 -13.28 -3.43
N LYS L 130 -43.11 -13.33 -3.07
CA LYS L 130 -43.62 -12.69 -1.85
C LYS L 130 -44.25 -13.75 -0.95
N LEU L 131 -43.96 -13.68 0.34
CA LEU L 131 -44.52 -14.65 1.28
C LEU L 131 -44.87 -13.97 2.60
N SER L 132 -45.77 -14.61 3.36
CA SER L 132 -46.13 -14.17 4.69
C SER L 132 -45.53 -15.14 5.70
N GLY L 133 -45.43 -14.76 6.97
CA GLY L 133 -44.90 -15.69 7.96
C GLY L 133 -45.46 -15.51 9.34
N VAL L 134 -45.51 -16.60 10.10
CA VAL L 134 -45.88 -16.56 11.52
C VAL L 134 -44.95 -17.48 12.31
N GLY L 135 -44.51 -17.04 13.47
CA GLY L 135 -43.72 -17.90 14.33
C GLY L 135 -44.39 -18.06 15.68
N TYR L 136 -44.36 -19.28 16.20
CA TYR L 136 -45.09 -19.66 17.42
C TYR L 136 -44.16 -20.30 18.42
N VAL L 137 -44.48 -20.11 19.69
CA VAL L 137 -43.92 -20.89 20.78
C VAL L 137 -45.08 -21.36 21.65
N ASN L 138 -45.20 -22.67 21.85
CA ASN L 138 -46.30 -23.23 22.63
C ASN L 138 -47.69 -22.78 22.12
N GLY L 139 -47.87 -22.83 20.80
CA GLY L 139 -49.14 -22.46 20.16
C GLY L 139 -49.51 -20.98 20.26
N LYS L 140 -48.75 -20.19 21.03
CA LYS L 140 -48.93 -18.74 21.10
C LYS L 140 -48.04 -18.02 20.07
N VAL L 141 -48.58 -16.99 19.42
CA VAL L 141 -47.88 -16.27 18.34
C VAL L 141 -46.77 -15.38 18.93
N VAL L 142 -45.56 -15.51 18.40
CA VAL L 142 -44.46 -14.64 18.87
C VAL L 142 -44.04 -13.60 17.81
N ILE L 143 -44.14 -13.97 16.53
CA ILE L 143 -43.80 -13.07 15.41
C ILE L 143 -44.76 -13.21 14.24
N ASN L 144 -45.13 -12.07 13.66
CA ASN L 144 -45.96 -11.99 12.46
C ASN L 144 -45.20 -11.26 11.40
N ILE L 145 -45.25 -11.76 10.17
CA ILE L 145 -44.70 -11.02 9.04
C ILE L 145 -45.72 -10.99 7.91
N SER L 146 -46.20 -9.79 7.61
CA SER L 146 -47.16 -9.58 6.55
C SER L 146 -46.62 -10.09 5.21
N GLU L 147 -45.44 -9.60 4.87
CA GLU L 147 -44.88 -9.83 3.57
C GLU L 147 -43.36 -9.84 3.59
N MET L 148 -42.79 -10.95 3.09
CA MET L 148 -41.38 -11.05 2.81
C MET L 148 -41.20 -11.05 1.31
N THR L 149 -40.30 -10.21 0.83
CA THR L 149 -40.04 -10.15 -0.61
C THR L 149 -38.60 -10.59 -0.89
N PHE L 150 -38.44 -11.52 -1.81
CA PHE L 150 -37.15 -12.14 -2.10
C PHE L 150 -36.73 -12.02 -3.53
N ALA L 151 -35.52 -11.49 -3.73
CA ALA L 151 -34.95 -11.45 -5.05
C ALA L 151 -34.06 -12.68 -5.25
N LEU L 152 -34.47 -13.46 -6.25
CA LEU L 152 -33.79 -14.65 -6.70
C LEU L 152 -32.43 -14.21 -7.23
N SER L 153 -31.43 -14.22 -6.34
CA SER L 153 -30.12 -13.64 -6.59
C SER L 153 -29.11 -14.64 -7.16
N ASP M 8 22.73 -75.61 -7.76
CA ASP M 8 22.43 -74.20 -7.38
C ASP M 8 20.91 -73.92 -7.30
N THR M 9 20.12 -74.50 -8.20
CA THR M 9 18.66 -74.19 -8.34
C THR M 9 18.32 -72.71 -8.75
N SER M 10 19.32 -71.94 -9.20
CA SER M 10 19.22 -70.48 -9.22
C SER M 10 19.69 -69.81 -10.52
N ILE M 11 18.73 -69.18 -11.18
CA ILE M 11 18.82 -68.66 -12.53
C ILE M 11 18.81 -67.17 -12.48
N ASP M 12 19.90 -66.56 -12.90
CA ASP M 12 20.00 -65.12 -12.80
C ASP M 12 19.41 -64.45 -14.03
N ILE M 13 19.24 -63.13 -13.94
CA ILE M 13 18.56 -62.37 -14.97
C ILE M 13 18.93 -62.73 -16.43
N GLU M 14 20.20 -63.06 -16.69
CA GLU M 14 20.67 -63.36 -18.05
C GLU M 14 20.08 -64.67 -18.56
N ASP M 15 19.97 -65.64 -17.65
CA ASP M 15 19.43 -66.93 -18.02
C ASP M 15 17.92 -66.90 -18.14
N ILE M 16 17.29 -66.00 -17.39
CA ILE M 16 15.86 -65.79 -17.48
C ILE M 16 15.54 -65.33 -18.89
N LYS M 17 16.34 -64.38 -19.37
CA LYS M 17 16.16 -63.81 -20.69
C LYS M 17 16.34 -64.85 -21.80
N LYS M 18 17.02 -65.96 -21.47
CA LYS M 18 17.17 -67.08 -22.41
C LYS M 18 15.93 -67.98 -22.44
N ILE M 19 15.15 -67.95 -21.36
CA ILE M 19 13.94 -68.71 -21.25
C ILE M 19 12.76 -67.88 -21.76
N LEU M 20 12.50 -66.75 -21.11
CA LEU M 20 11.43 -65.84 -21.52
C LEU M 20 11.79 -64.95 -22.72
N PRO M 21 10.80 -64.63 -23.57
CA PRO M 21 11.04 -63.68 -24.66
C PRO M 21 10.81 -62.23 -24.22
N HIS M 22 10.15 -62.03 -23.05
CA HIS M 22 9.84 -60.72 -22.51
C HIS M 22 11.09 -59.87 -22.33
N ARG M 23 10.97 -58.57 -22.67
CA ARG M 23 12.06 -57.62 -22.47
C ARG M 23 11.55 -56.34 -21.83
N TYR M 24 12.45 -55.38 -21.64
CA TYR M 24 12.10 -54.10 -21.08
C TYR M 24 11.07 -53.45 -22.03
N PRO M 25 10.03 -52.79 -21.48
CA PRO M 25 9.75 -52.58 -20.05
C PRO M 25 8.74 -53.54 -19.50
N PHE M 26 8.82 -54.79 -19.95
CA PHE M 26 7.78 -55.78 -19.58
C PHE M 26 8.30 -57.14 -19.16
N LEU M 27 9.52 -57.17 -18.62
CA LEU M 27 10.07 -58.36 -17.99
C LEU M 27 10.04 -58.08 -16.52
N LEU M 28 9.18 -58.83 -15.81
CA LEU M 28 8.88 -58.59 -14.40
C LEU M 28 9.34 -59.69 -13.44
N VAL M 29 10.29 -60.51 -13.89
CA VAL M 29 10.97 -61.41 -12.97
C VAL M 29 12.46 -61.07 -12.92
N ASP M 30 12.92 -60.65 -11.75
CA ASP M 30 14.35 -60.29 -11.55
C ASP M 30 15.25 -61.47 -11.29
N LYS M 31 14.76 -62.44 -10.53
CA LYS M 31 15.56 -63.63 -10.15
C LYS M 31 14.70 -64.83 -9.75
N VAL M 32 15.09 -65.99 -10.23
CA VAL M 32 14.46 -67.23 -9.81
C VAL M 32 15.32 -67.87 -8.72
N ILE M 33 14.79 -67.91 -7.50
CA ILE M 33 15.56 -68.44 -6.36
C ILE M 33 15.48 -69.96 -6.12
N TYR M 34 14.32 -70.57 -6.40
CA TYR M 34 14.12 -72.04 -6.33
C TYR M 34 13.12 -72.53 -7.37
N MET M 35 13.47 -73.61 -8.07
CA MET M 35 12.60 -74.19 -9.08
C MET M 35 12.64 -75.71 -9.05
N GLN M 36 11.45 -76.32 -8.98
CA GLN M 36 11.32 -77.77 -9.11
C GLN M 36 10.40 -78.08 -10.30
N PRO M 37 10.98 -78.63 -11.39
CA PRO M 37 10.26 -78.91 -12.61
C PRO M 37 8.94 -79.62 -12.31
N ASN M 38 7.93 -79.33 -13.11
CA ASN M 38 6.63 -79.99 -12.97
C ASN M 38 5.90 -79.75 -11.66
N LYS M 39 6.52 -79.03 -10.72
CA LYS M 39 5.90 -78.79 -9.41
C LYS M 39 5.73 -77.33 -8.98
N THR M 40 6.82 -76.64 -8.68
CA THR M 40 6.73 -75.30 -8.09
C THR M 40 7.95 -74.44 -8.48
N ILE M 41 7.81 -73.13 -8.32
CA ILE M 41 8.85 -72.14 -8.64
C ILE M 41 8.72 -70.93 -7.70
N ILE M 42 9.86 -70.50 -7.17
CA ILE M 42 9.89 -69.30 -6.37
C ILE M 42 10.89 -68.33 -7.01
N GLY M 43 10.47 -67.07 -7.11
CA GLY M 43 11.29 -66.04 -7.70
C GLY M 43 10.97 -64.71 -7.04
N LEU M 44 11.70 -63.67 -7.44
CA LEU M 44 11.43 -62.35 -6.92
C LEU M 44 11.47 -61.21 -7.96
N LYS M 45 10.69 -60.16 -7.69
CA LYS M 45 10.76 -58.93 -8.45
C LYS M 45 11.05 -57.82 -7.46
N GLN M 46 12.05 -56.99 -7.77
CA GLN M 46 12.42 -55.88 -6.89
C GLN M 46 11.67 -54.66 -7.34
N VAL M 47 11.08 -53.95 -6.40
CA VAL M 47 10.17 -52.88 -6.72
C VAL M 47 10.87 -51.59 -6.40
N SER M 48 11.30 -50.89 -7.45
CA SER M 48 11.96 -49.59 -7.26
C SER M 48 11.15 -48.41 -7.84
N THR M 49 11.31 -47.24 -7.25
CA THR M 49 10.76 -46.01 -7.82
C THR M 49 11.30 -45.70 -9.22
N ASN M 50 12.46 -46.27 -9.56
CA ASN M 50 13.07 -46.04 -10.85
C ASN M 50 12.55 -46.99 -11.94
N GLU M 51 11.23 -47.19 -11.97
CA GLU M 51 10.62 -48.06 -13.00
C GLU M 51 9.59 -47.24 -13.74
N PRO M 52 9.50 -47.43 -15.07
CA PRO M 52 8.80 -46.49 -15.93
C PRO M 52 7.30 -46.35 -15.64
N PHE M 53 6.67 -47.37 -15.07
CA PHE M 53 5.24 -47.31 -14.83
C PHE M 53 4.84 -46.42 -13.67
N PHE M 54 5.80 -46.13 -12.79
CA PHE M 54 5.45 -45.46 -11.53
C PHE M 54 5.01 -44.04 -11.71
N ASN M 55 5.44 -43.43 -12.81
CA ASN M 55 5.10 -42.02 -13.05
C ASN M 55 3.61 -41.89 -13.33
N GLY M 56 3.05 -42.92 -13.97
CA GLY M 56 1.63 -42.92 -14.30
C GLY M 56 0.73 -43.65 -13.31
N HIS M 57 1.29 -44.22 -12.25
CA HIS M 57 0.47 -45.03 -11.32
C HIS M 57 0.94 -44.98 -9.86
N PHE M 58 0.86 -43.82 -9.20
CA PHE M 58 0.26 -42.59 -9.67
C PHE M 58 1.17 -41.40 -9.35
N PRO M 59 0.97 -40.27 -10.03
CA PRO M 59 1.80 -39.11 -9.78
C PRO M 59 1.92 -38.78 -8.32
N GLN M 60 0.78 -38.69 -7.62
CA GLN M 60 0.72 -38.33 -6.18
C GLN M 60 1.01 -39.49 -5.22
N LYS M 61 0.90 -40.73 -5.68
CA LYS M 61 1.16 -41.88 -4.82
C LYS M 61 1.59 -43.10 -5.65
N GLN M 62 2.84 -43.53 -5.48
CA GLN M 62 3.37 -44.60 -6.29
C GLN M 62 2.97 -45.96 -5.72
N ILE M 63 2.20 -46.74 -6.49
CA ILE M 63 1.68 -48.06 -6.10
C ILE M 63 1.83 -49.02 -7.27
N MET M 64 2.47 -50.15 -7.05
CA MET M 64 2.64 -51.09 -8.15
C MET M 64 1.29 -51.61 -8.68
N PRO M 65 0.99 -51.38 -9.97
CA PRO M 65 -0.27 -51.88 -10.55
C PRO M 65 -0.55 -53.34 -10.27
N GLY M 66 -1.74 -53.63 -9.77
CA GLY M 66 -2.19 -54.99 -9.53
C GLY M 66 -1.96 -55.86 -10.74
N VAL M 67 -2.34 -55.34 -11.90
CA VAL M 67 -2.18 -56.10 -13.11
C VAL M 67 -0.74 -56.51 -13.38
N LEU M 68 0.23 -55.69 -12.94
CA LEU M 68 1.62 -56.03 -13.16
C LEU M 68 2.12 -57.05 -12.15
N GLN M 69 1.45 -57.14 -11.00
CA GLN M 69 1.72 -58.24 -10.07
C GLN M 69 1.21 -59.58 -10.64
N ILE M 70 0.04 -59.55 -11.31
CA ILE M 70 -0.40 -60.70 -12.08
C ILE M 70 0.67 -61.07 -13.11
N GLU M 71 1.03 -60.12 -13.97
CA GLU M 71 2.01 -60.41 -15.02
C GLU M 71 3.29 -61.02 -14.44
N ALA M 72 3.77 -60.47 -13.33
CA ALA M 72 4.99 -60.99 -12.73
C ALA M 72 4.84 -62.48 -12.43
N LEU M 73 3.85 -62.83 -11.61
CA LEU M 73 3.55 -64.25 -11.31
C LEU M 73 3.34 -65.11 -12.54
N ALA M 74 2.65 -64.55 -13.53
CA ALA M 74 2.41 -65.24 -14.80
C ALA M 74 3.71 -65.55 -15.55
N GLN M 75 4.65 -64.60 -15.54
CA GLN M 75 5.93 -64.82 -16.19
C GLN M 75 6.72 -65.90 -15.46
N LEU M 76 6.71 -65.83 -14.13
CA LEU M 76 7.37 -66.83 -13.30
C LEU M 76 6.77 -68.21 -13.55
N ALA M 77 5.43 -68.27 -13.55
CA ALA M 77 4.71 -69.49 -13.95
C ALA M 77 5.15 -69.97 -15.31
N GLY M 78 5.29 -69.04 -16.26
CA GLY M 78 5.76 -69.36 -17.61
C GLY M 78 7.12 -70.01 -17.65
N ILE M 79 8.01 -69.59 -16.75
CA ILE M 79 9.36 -70.13 -16.70
C ILE M 79 9.31 -71.61 -16.30
N LEU M 80 8.55 -71.88 -15.23
CA LEU M 80 8.32 -73.25 -14.78
C LEU M 80 7.81 -74.15 -15.91
N CYS M 81 6.74 -73.73 -16.61
CA CYS M 81 6.25 -74.47 -17.79
C CYS M 81 7.34 -74.76 -18.81
N LEU M 82 8.15 -73.77 -19.16
CA LEU M 82 9.15 -73.93 -20.22
C LEU M 82 10.33 -74.78 -19.80
N LYS M 83 10.58 -74.87 -18.50
CA LYS M 83 11.64 -75.73 -18.00
C LYS M 83 11.09 -77.09 -17.61
N SER M 84 9.79 -77.17 -17.35
CA SER M 84 9.12 -78.45 -17.07
C SER M 84 8.99 -79.35 -18.31
N ASP M 85 8.76 -78.72 -19.46
CA ASP M 85 8.60 -79.43 -20.72
C ASP M 85 8.87 -78.48 -21.91
N ASP M 86 10.07 -78.60 -22.50
CA ASP M 86 10.43 -77.80 -23.70
C ASP M 86 10.52 -78.66 -24.98
N SER M 87 9.78 -79.77 -24.99
CA SER M 87 9.62 -80.53 -26.24
C SER M 87 8.94 -79.64 -27.30
N GLN M 88 7.93 -78.85 -26.88
CA GLN M 88 7.37 -77.76 -27.72
C GLN M 88 8.30 -76.54 -27.70
N LYS M 89 9.15 -76.45 -28.71
CA LYS M 89 10.21 -75.43 -28.78
C LYS M 89 9.67 -74.02 -29.11
N ASN M 90 8.67 -73.61 -28.33
CA ASN M 90 8.01 -72.32 -28.47
C ASN M 90 7.99 -71.64 -27.09
N ASN M 91 8.69 -70.50 -26.97
CA ASN M 91 8.72 -69.75 -25.70
C ASN M 91 7.64 -68.66 -25.55
N LEU M 92 7.03 -68.28 -26.67
CA LEU M 92 5.89 -67.37 -26.66
C LEU M 92 4.63 -68.06 -26.13
N PHE M 93 4.46 -68.05 -24.82
CA PHE M 93 3.19 -68.47 -24.24
C PHE M 93 2.30 -67.25 -24.34
N LEU M 94 0.99 -67.47 -24.17
CA LEU M 94 0.01 -66.41 -24.04
C LEU M 94 -0.94 -66.74 -22.89
N PHE M 95 -1.28 -65.70 -22.13
CA PHE M 95 -2.26 -65.78 -21.06
C PHE M 95 -3.61 -66.09 -21.69
N ALA M 96 -4.21 -67.24 -21.34
CA ALA M 96 -5.54 -67.61 -21.89
C ALA M 96 -6.68 -67.21 -20.94
N GLY M 97 -6.40 -67.30 -19.64
CA GLY M 97 -7.34 -66.89 -18.63
C GLY M 97 -6.69 -66.75 -17.28
N VAL M 98 -7.35 -65.98 -16.42
CA VAL M 98 -6.95 -65.88 -15.02
C VAL M 98 -8.19 -65.75 -14.11
N ASP M 99 -8.10 -66.35 -12.93
CA ASP M 99 -9.26 -66.52 -12.09
C ASP M 99 -8.91 -66.41 -10.62
N GLY M 100 -9.85 -65.86 -9.85
CA GLY M 100 -9.69 -65.69 -8.40
C GLY M 100 -8.44 -64.95 -8.02
N VAL M 101 -8.35 -63.69 -8.45
CA VAL M 101 -7.25 -62.80 -8.07
C VAL M 101 -7.72 -61.91 -6.95
N ARG M 102 -6.92 -61.82 -5.89
CA ARG M 102 -7.22 -60.93 -4.78
C ARG M 102 -5.97 -60.19 -4.34
N TRP M 103 -6.03 -58.86 -4.37
CA TRP M 103 -4.98 -58.03 -3.86
C TRP M 103 -5.31 -57.62 -2.43
N LYS M 104 -4.45 -58.00 -1.50
CA LYS M 104 -4.66 -57.67 -0.09
C LYS M 104 -3.96 -56.37 0.29
N LYS M 105 -2.64 -56.38 0.23
CA LYS M 105 -1.85 -55.20 0.57
C LYS M 105 -1.17 -54.61 -0.67
N PRO M 106 -1.08 -53.28 -0.72
CA PRO M 106 -0.45 -52.60 -1.85
C PRO M 106 1.06 -52.80 -1.86
N VAL M 107 1.63 -52.90 -3.05
CA VAL M 107 3.08 -53.10 -3.19
C VAL M 107 3.76 -51.77 -3.55
N LEU M 108 4.72 -51.34 -2.74
CA LEU M 108 5.33 -50.00 -2.88
C LEU M 108 6.82 -49.99 -3.25
N PRO M 109 7.35 -48.88 -3.79
CA PRO M 109 8.78 -48.76 -4.07
C PRO M 109 9.64 -49.03 -2.83
N GLY M 110 10.56 -49.96 -2.96
CA GLY M 110 11.34 -50.34 -1.81
C GLY M 110 11.07 -51.75 -1.34
N ASP M 111 9.96 -52.33 -1.79
CA ASP M 111 9.57 -53.68 -1.40
C ASP M 111 10.30 -54.72 -2.22
N THR M 112 10.40 -55.95 -1.69
CA THR M 112 10.79 -57.10 -2.50
C THR M 112 9.61 -58.03 -2.66
N LEU M 113 9.20 -58.25 -3.91
CA LEU M 113 8.03 -59.05 -4.16
C LEU M 113 8.54 -60.46 -4.36
N THR M 114 8.38 -61.31 -3.35
CA THR M 114 8.69 -62.72 -3.47
C THR M 114 7.46 -63.41 -4.06
N MET M 115 7.68 -64.30 -5.01
CA MET M 115 6.57 -64.89 -5.76
C MET M 115 6.69 -66.39 -5.84
N GLN M 116 5.57 -67.08 -5.69
CA GLN M 116 5.57 -68.51 -5.85
C GLN M 116 4.43 -68.93 -6.78
N ALA M 117 4.77 -69.76 -7.77
CA ALA M 117 3.78 -70.36 -8.64
C ALA M 117 3.81 -71.89 -8.56
N ASN M 118 2.61 -72.50 -8.57
CA ASN M 118 2.48 -73.96 -8.46
C ASN M 118 1.71 -74.53 -9.64
N LEU M 119 2.31 -75.51 -10.31
CA LEU M 119 1.66 -76.17 -11.45
C LEU M 119 0.53 -77.09 -10.95
N ILE M 120 -0.62 -76.98 -11.61
CA ILE M 120 -1.82 -77.75 -11.25
C ILE M 120 -2.06 -78.89 -12.25
N SER M 121 -2.07 -78.54 -13.54
CA SER M 121 -2.24 -79.51 -14.63
C SER M 121 -1.54 -79.03 -15.89
N PHE M 122 -0.99 -79.97 -16.63
CA PHE M 122 -0.34 -79.67 -17.88
C PHE M 122 -0.88 -80.70 -18.86
N LYS M 123 -1.38 -80.22 -19.99
CA LYS M 123 -1.79 -81.09 -21.11
C LYS M 123 -0.95 -80.74 -22.36
N SER M 124 0.36 -80.99 -22.33
CA SER M 124 1.26 -80.45 -23.37
C SER M 124 0.88 -80.86 -24.80
N SER M 125 0.15 -81.99 -24.92
CA SER M 125 -0.47 -82.41 -26.17
C SER M 125 -0.85 -81.13 -26.98
N LEU M 126 -1.65 -80.26 -26.38
CA LEU M 126 -2.13 -79.03 -27.03
C LEU M 126 -1.24 -77.85 -26.65
N GLY M 127 -1.17 -77.62 -25.34
CA GLY M 127 -0.41 -76.56 -24.73
C GLY M 127 -1.24 -75.83 -23.69
N ILE M 128 -2.04 -76.57 -22.90
CA ILE M 128 -2.84 -75.95 -21.82
C ILE M 128 -2.26 -76.24 -20.42
N ALA M 129 -1.69 -75.20 -19.79
CA ALA M 129 -1.13 -75.31 -18.44
C ALA M 129 -1.91 -74.44 -17.47
N LYS M 130 -2.16 -74.98 -16.28
CA LYS M 130 -2.92 -74.27 -15.26
C LYS M 130 -2.11 -74.20 -14.00
N LEU M 131 -1.98 -72.99 -13.44
CA LEU M 131 -1.13 -72.74 -12.29
C LEU M 131 -1.78 -71.80 -11.29
N SER M 132 -1.36 -71.90 -10.03
CA SER M 132 -1.77 -70.98 -8.97
C SER M 132 -0.58 -70.13 -8.60
N GLY M 133 -0.84 -68.98 -7.98
CA GLY M 133 0.25 -68.10 -7.59
C GLY M 133 -0.03 -67.32 -6.33
N VAL M 134 1.06 -67.00 -5.62
CA VAL M 134 1.02 -66.17 -4.41
C VAL M 134 2.19 -65.21 -4.43
N GLY M 135 1.95 -63.97 -4.01
CA GLY M 135 3.02 -62.98 -3.91
C GLY M 135 3.12 -62.43 -2.50
N TYR M 136 4.35 -62.22 -2.01
CA TYR M 136 4.59 -61.82 -0.63
C TYR M 136 5.52 -60.63 -0.55
N VAL M 137 5.31 -59.84 0.50
CA VAL M 137 6.19 -58.78 0.85
C VAL M 137 6.34 -58.91 2.37
N ASN M 138 7.58 -59.09 2.81
CA ASN M 138 7.89 -59.28 4.22
C ASN M 138 7.05 -60.41 4.83
N GLY M 139 7.05 -61.57 4.16
CA GLY M 139 6.28 -62.72 4.63
C GLY M 139 4.77 -62.54 4.68
N LYS M 140 4.28 -61.38 4.28
CA LYS M 140 2.83 -61.14 4.28
C LYS M 140 2.28 -61.23 2.88
N VAL M 141 1.13 -61.88 2.74
CA VAL M 141 0.48 -62.06 1.43
C VAL M 141 -0.01 -60.76 0.84
N VAL M 142 0.41 -60.46 -0.39
CA VAL M 142 -0.07 -59.25 -1.09
C VAL M 142 -1.02 -59.59 -2.25
N ILE M 143 -0.72 -60.67 -2.95
CA ILE M 143 -1.58 -61.10 -4.04
C ILE M 143 -1.78 -62.63 -4.00
N ASN M 144 -3.04 -63.02 -4.19
CA ASN M 144 -3.41 -64.41 -4.42
C ASN M 144 -3.95 -64.60 -5.83
N ILE M 145 -3.57 -65.69 -6.48
CA ILE M 145 -4.21 -66.08 -7.76
C ILE M 145 -4.57 -67.56 -7.75
N SER M 146 -5.86 -67.85 -7.66
CA SER M 146 -6.35 -69.22 -7.73
C SER M 146 -5.84 -69.92 -8.99
N GLU M 147 -6.09 -69.37 -10.15
CA GLU M 147 -5.80 -70.08 -11.36
C GLU M 147 -5.33 -69.16 -12.47
N MET M 148 -4.15 -69.46 -13.00
CA MET M 148 -3.69 -68.89 -14.25
C MET M 148 -3.72 -69.96 -15.32
N THR M 149 -4.24 -69.62 -16.48
CA THR M 149 -4.31 -70.56 -17.59
C THR M 149 -3.47 -70.05 -18.76
N PHE M 150 -2.55 -70.89 -19.26
CA PHE M 150 -1.68 -70.53 -20.35
C PHE M 150 -1.74 -71.43 -21.55
N ALA M 151 -1.57 -70.80 -22.72
CA ALA M 151 -1.54 -71.47 -24.02
C ALA M 151 -0.28 -71.12 -24.83
N LEU M 152 0.54 -72.11 -25.12
CA LEU M 152 1.62 -72.03 -26.09
C LEU M 152 1.01 -71.99 -27.51
N SER M 153 0.63 -70.78 -27.99
CA SER M 153 -0.15 -70.63 -29.27
C SER M 153 0.66 -70.22 -30.52
N THR N 9 -22.67 -39.55 -21.53
CA THR N 9 -22.26 -38.32 -22.29
C THR N 9 -20.76 -38.37 -22.76
N SER N 10 -20.42 -37.65 -23.83
CA SER N 10 -19.09 -37.81 -24.48
C SER N 10 -17.85 -37.30 -23.67
N ILE N 11 -16.87 -38.21 -23.48
CA ILE N 11 -15.68 -37.92 -22.67
C ILE N 11 -14.34 -38.31 -23.33
N ASP N 12 -13.69 -37.28 -23.88
CA ASP N 12 -12.35 -37.33 -24.54
C ASP N 12 -11.21 -37.50 -23.53
N ILE N 13 -9.98 -37.22 -23.99
CA ILE N 13 -8.80 -37.44 -23.17
C ILE N 13 -8.51 -36.41 -22.04
N GLU N 14 -8.70 -35.13 -22.32
CA GLU N 14 -8.43 -34.10 -21.29
C GLU N 14 -9.36 -34.23 -20.09
N ASP N 15 -10.63 -34.52 -20.34
CA ASP N 15 -11.62 -34.67 -19.26
C ASP N 15 -11.46 -35.99 -18.51
N ILE N 16 -10.98 -37.03 -19.22
CA ILE N 16 -10.65 -38.32 -18.60
C ILE N 16 -9.60 -38.10 -17.53
N LYS N 17 -8.54 -37.36 -17.90
CA LYS N 17 -7.44 -37.01 -16.98
C LYS N 17 -7.89 -36.17 -15.79
N LYS N 18 -9.05 -35.53 -15.91
CA LYS N 18 -9.63 -34.85 -14.76
C LYS N 18 -10.34 -35.83 -13.82
N ILE N 19 -10.82 -36.95 -14.36
CA ILE N 19 -11.47 -37.95 -13.52
C ILE N 19 -10.46 -38.95 -12.93
N LEU N 20 -9.79 -39.69 -13.81
CA LEU N 20 -8.69 -40.58 -13.42
C LEU N 20 -7.37 -39.89 -13.02
N PRO N 21 -6.63 -40.49 -12.04
CA PRO N 21 -5.33 -39.97 -11.67
C PRO N 21 -4.18 -40.60 -12.48
N HIS N 22 -4.49 -41.65 -13.24
CA HIS N 22 -3.51 -42.36 -14.06
C HIS N 22 -2.87 -41.43 -15.08
N ARG N 23 -1.59 -41.60 -15.31
CA ARG N 23 -0.89 -40.88 -16.37
C ARG N 23 -0.02 -41.81 -17.22
N TYR N 24 0.71 -41.21 -18.17
CA TYR N 24 1.64 -41.95 -19.02
C TYR N 24 2.70 -42.58 -18.11
N PRO N 25 3.09 -43.85 -18.35
CA PRO N 25 2.65 -44.73 -19.41
C PRO N 25 1.57 -45.72 -18.97
N PHE N 26 0.60 -45.26 -18.18
CA PHE N 26 -0.37 -46.20 -17.59
C PHE N 26 -1.78 -45.63 -17.60
N LEU N 27 -2.09 -44.79 -18.56
CA LEU N 27 -3.46 -44.38 -18.81
C LEU N 27 -3.88 -45.14 -20.07
N LEU N 28 -4.86 -46.01 -19.94
CA LEU N 28 -5.18 -46.95 -20.99
C LEU N 28 -6.62 -46.80 -21.53
N VAL N 29 -7.19 -45.61 -21.31
CA VAL N 29 -8.45 -45.27 -21.91
C VAL N 29 -8.26 -43.99 -22.71
N ASP N 30 -8.39 -44.11 -24.02
CA ASP N 30 -8.24 -42.96 -24.91
C ASP N 30 -9.50 -42.08 -24.99
N LYS N 31 -10.68 -42.69 -24.92
CA LYS N 31 -11.93 -41.95 -25.11
C LYS N 31 -13.13 -42.73 -24.60
N VAL N 32 -14.03 -42.02 -23.93
CA VAL N 32 -15.29 -42.60 -23.46
C VAL N 32 -16.41 -42.18 -24.42
N ILE N 33 -16.94 -43.14 -25.16
CA ILE N 33 -17.95 -42.81 -26.15
C ILE N 33 -19.40 -42.76 -25.62
N TYR N 34 -19.73 -43.63 -24.65
CA TYR N 34 -21.06 -43.59 -23.99
C TYR N 34 -20.98 -43.93 -22.50
N MET N 35 -21.68 -43.15 -21.68
CA MET N 35 -21.73 -43.43 -20.24
C MET N 35 -23.09 -43.15 -19.64
N GLN N 36 -23.60 -44.13 -18.87
CA GLN N 36 -24.86 -43.99 -18.16
C GLN N 36 -24.62 -44.27 -16.69
N PRO N 37 -24.66 -43.21 -15.86
CA PRO N 37 -24.29 -43.31 -14.45
C PRO N 37 -24.95 -44.52 -13.80
N ASN N 38 -24.27 -45.08 -12.81
CA ASN N 38 -24.82 -46.22 -12.04
C ASN N 38 -25.14 -47.48 -12.88
N LYS N 39 -24.95 -47.42 -14.19
CA LYS N 39 -25.27 -48.54 -15.06
C LYS N 39 -24.12 -49.09 -15.89
N THR N 40 -23.72 -48.36 -16.93
CA THR N 40 -22.80 -48.92 -17.92
C THR N 40 -21.92 -47.85 -18.51
N ILE N 41 -20.82 -48.27 -19.12
CA ILE N 41 -19.88 -47.33 -19.77
C ILE N 41 -19.23 -47.99 -20.97
N ILE N 42 -19.14 -47.25 -22.07
CA ILE N 42 -18.42 -47.72 -23.23
C ILE N 42 -17.28 -46.75 -23.57
N GLY N 43 -16.10 -47.31 -23.81
CA GLY N 43 -14.96 -46.49 -24.17
C GLY N 43 -14.01 -47.22 -25.09
N LEU N 44 -13.01 -46.52 -25.59
CA LEU N 44 -12.04 -47.19 -26.44
C LEU N 44 -10.56 -46.90 -26.15
N LYS N 45 -9.74 -47.91 -26.42
CA LYS N 45 -8.31 -47.75 -26.40
C LYS N 45 -7.74 -48.10 -27.80
N GLN N 46 -6.97 -47.16 -28.36
CA GLN N 46 -6.36 -47.36 -29.66
C GLN N 46 -5.04 -48.07 -29.43
N VAL N 47 -4.79 -49.11 -30.20
CA VAL N 47 -3.61 -49.93 -30.01
C VAL N 47 -2.64 -49.62 -31.12
N SER N 48 -1.54 -48.95 -30.77
CA SER N 48 -0.49 -48.56 -31.72
C SER N 48 0.85 -49.19 -31.41
N THR N 49 1.61 -49.57 -32.45
CA THR N 49 3.02 -49.99 -32.31
C THR N 49 3.88 -48.98 -31.54
N ASN N 50 3.47 -47.71 -31.58
CA ASN N 50 4.21 -46.67 -30.90
C ASN N 50 3.84 -46.54 -29.44
N GLU N 51 3.77 -47.65 -28.74
CA GLU N 51 3.48 -47.64 -27.31
C GLU N 51 4.61 -48.33 -26.59
N PRO N 52 4.99 -47.84 -25.41
CA PRO N 52 6.25 -48.26 -24.78
C PRO N 52 6.33 -49.74 -24.37
N PHE N 53 5.21 -50.40 -24.11
CA PHE N 53 5.23 -51.82 -23.75
C PHE N 53 5.58 -52.80 -24.89
N PHE N 54 5.31 -52.40 -26.15
CA PHE N 54 5.41 -53.33 -27.25
C PHE N 54 6.81 -53.83 -27.54
N ASN N 55 7.83 -53.03 -27.23
CA ASN N 55 9.23 -53.50 -27.38
C ASN N 55 9.52 -54.69 -26.48
N GLY N 56 8.82 -54.76 -25.36
CA GLY N 56 9.06 -55.83 -24.44
C GLY N 56 8.04 -56.95 -24.48
N HIS N 57 7.09 -56.91 -25.42
CA HIS N 57 6.01 -57.90 -25.45
C HIS N 57 5.40 -58.03 -26.82
N PHE N 58 6.13 -58.56 -27.78
CA PHE N 58 7.45 -59.14 -27.62
C PHE N 58 8.30 -58.64 -28.76
N PRO N 59 9.62 -58.67 -28.61
CA PRO N 59 10.50 -58.24 -29.71
C PRO N 59 10.11 -58.85 -31.06
N GLN N 60 9.93 -60.17 -31.11
CA GLN N 60 9.64 -60.84 -32.37
C GLN N 60 8.16 -60.81 -32.81
N LYS N 61 7.27 -60.45 -31.89
CA LYS N 61 5.86 -60.44 -32.16
C LYS N 61 5.11 -59.55 -31.18
N GLN N 62 4.65 -58.42 -31.68
CA GLN N 62 3.96 -57.45 -30.84
C GLN N 62 2.53 -57.83 -30.53
N ILE N 63 2.27 -58.10 -29.25
CA ILE N 63 0.94 -58.50 -28.77
C ILE N 63 0.64 -57.67 -27.52
N MET N 64 -0.51 -56.99 -27.50
CA MET N 64 -0.89 -56.26 -26.29
C MET N 64 -1.03 -57.23 -25.13
N PRO N 65 -0.26 -57.01 -24.07
CA PRO N 65 -0.39 -57.81 -22.85
C PRO N 65 -1.83 -57.90 -22.31
N GLY N 66 -2.30 -59.15 -22.16
CA GLY N 66 -3.59 -59.42 -21.53
C GLY N 66 -3.84 -58.61 -20.28
N VAL N 67 -2.87 -58.60 -19.38
CA VAL N 67 -2.98 -57.81 -18.17
C VAL N 67 -3.31 -56.33 -18.39
N LEU N 68 -2.83 -55.75 -19.49
CA LEU N 68 -3.12 -54.33 -19.78
C LEU N 68 -4.49 -54.16 -20.40
N GLN N 69 -5.04 -55.26 -20.92
CA GLN N 69 -6.42 -55.29 -21.38
C GLN N 69 -7.27 -55.18 -20.12
N ILE N 70 -6.98 -56.02 -19.14
CA ILE N 70 -7.65 -55.92 -17.82
C ILE N 70 -7.61 -54.47 -17.35
N GLU N 71 -6.42 -53.91 -17.23
CA GLU N 71 -6.23 -52.56 -16.67
C GLU N 71 -7.09 -51.54 -17.43
N ALA N 72 -7.14 -51.65 -18.75
CA ALA N 72 -7.93 -50.75 -19.57
C ALA N 72 -9.40 -50.76 -19.17
N LEU N 73 -9.99 -51.96 -19.15
CA LEU N 73 -11.35 -52.13 -18.69
C LEU N 73 -11.49 -51.62 -17.28
N ALA N 74 -10.50 -51.90 -16.44
CA ALA N 74 -10.64 -51.56 -15.04
C ALA N 74 -10.67 -50.05 -14.85
N GLN N 75 -9.87 -49.34 -15.68
CA GLN N 75 -9.82 -47.89 -15.66
C GLN N 75 -11.14 -47.31 -16.11
N LEU N 76 -11.68 -47.89 -17.18
CA LEU N 76 -13.00 -47.52 -17.72
C LEU N 76 -14.08 -47.73 -16.66
N ALA N 77 -14.05 -48.91 -16.03
CA ALA N 77 -14.93 -49.19 -14.90
C ALA N 77 -14.79 -48.12 -13.80
N GLY N 78 -13.54 -47.73 -13.53
CA GLY N 78 -13.27 -46.73 -12.51
C GLY N 78 -13.88 -45.38 -12.83
N ILE N 79 -13.94 -45.07 -14.12
CA ILE N 79 -14.52 -43.80 -14.56
C ILE N 79 -15.99 -43.77 -14.20
N LEU N 80 -16.69 -44.83 -14.60
CA LEU N 80 -18.09 -45.00 -14.28
C LEU N 80 -18.36 -44.85 -12.75
N CYS N 81 -17.58 -45.55 -11.92
CA CYS N 81 -17.73 -45.41 -10.47
C CYS N 81 -17.61 -43.99 -9.99
N LEU N 82 -16.57 -43.28 -10.44
CA LEU N 82 -16.31 -41.91 -10.01
C LEU N 82 -17.33 -40.91 -10.53
N LYS N 83 -17.98 -41.21 -11.66
CA LYS N 83 -19.04 -40.33 -12.14
C LYS N 83 -20.43 -40.75 -11.63
N SER N 84 -20.55 -41.99 -11.17
CA SER N 84 -21.79 -42.50 -10.60
C SER N 84 -22.04 -41.95 -9.21
N ASP N 85 -20.95 -41.73 -8.48
CA ASP N 85 -20.98 -41.30 -7.08
C ASP N 85 -19.60 -40.69 -6.69
N ASP N 86 -19.52 -39.36 -6.70
CA ASP N 86 -18.30 -38.66 -6.24
C ASP N 86 -18.50 -37.92 -4.91
N SER N 87 -19.46 -38.36 -4.10
CA SER N 87 -19.55 -37.88 -2.71
C SER N 87 -18.24 -38.18 -1.95
N GLN N 88 -17.66 -39.36 -2.19
CA GLN N 88 -16.31 -39.71 -1.72
C GLN N 88 -15.30 -39.08 -2.68
N LYS N 89 -14.79 -37.90 -2.30
CA LYS N 89 -13.89 -37.10 -3.15
C LYS N 89 -12.48 -37.67 -3.27
N ASN N 90 -12.40 -38.96 -3.56
CA ASN N 90 -11.13 -39.69 -3.68
C ASN N 90 -11.14 -40.39 -5.02
N ASN N 91 -10.28 -39.95 -5.95
CA ASN N 91 -10.17 -40.59 -7.29
C ASN N 91 -9.21 -41.77 -7.37
N LEU N 92 -8.35 -41.93 -6.36
CA LEU N 92 -7.44 -43.10 -6.26
C LEU N 92 -8.20 -44.37 -5.85
N PHE N 93 -8.61 -45.15 -6.83
CA PHE N 93 -9.31 -46.40 -6.58
C PHE N 93 -8.34 -47.54 -6.83
N LEU N 94 -8.32 -48.51 -5.93
CA LEU N 94 -7.42 -49.65 -6.09
C LEU N 94 -8.17 -50.93 -6.43
N PHE N 95 -7.56 -51.71 -7.32
CA PHE N 95 -8.04 -53.01 -7.72
C PHE N 95 -7.94 -53.92 -6.50
N ALA N 96 -9.07 -54.49 -6.09
CA ALA N 96 -9.13 -55.33 -4.89
C ALA N 96 -9.19 -56.78 -5.24
N GLY N 97 -9.88 -57.08 -6.34
CA GLY N 97 -9.96 -58.44 -6.85
C GLY N 97 -10.47 -58.46 -8.27
N VAL N 98 -10.07 -59.49 -9.02
CA VAL N 98 -10.60 -59.72 -10.36
C VAL N 98 -10.81 -61.22 -10.57
N ASP N 99 -11.85 -61.55 -11.33
CA ASP N 99 -12.36 -62.89 -11.41
C ASP N 99 -12.96 -63.21 -12.77
N GLY N 100 -12.70 -64.43 -13.24
CA GLY N 100 -13.23 -64.92 -14.50
C GLY N 100 -12.80 -64.08 -15.68
N VAL N 101 -11.48 -64.01 -15.88
CA VAL N 101 -10.91 -63.35 -17.03
C VAL N 101 -10.62 -64.38 -18.10
N ARG N 102 -10.99 -64.07 -19.34
CA ARG N 102 -10.70 -64.98 -20.45
C ARG N 102 -10.31 -64.20 -21.69
N TRP N 103 -9.10 -64.48 -22.18
CA TRP N 103 -8.64 -63.87 -23.43
C TRP N 103 -8.90 -64.79 -24.60
N LYS N 104 -9.70 -64.31 -25.55
CA LYS N 104 -10.11 -65.13 -26.69
C LYS N 104 -9.16 -65.00 -27.89
N LYS N 105 -8.77 -63.76 -28.17
CA LYS N 105 -8.06 -63.41 -29.38
C LYS N 105 -6.97 -62.39 -29.04
N PRO N 106 -5.82 -62.45 -29.73
CA PRO N 106 -4.72 -61.49 -29.50
C PRO N 106 -5.07 -60.09 -29.98
N VAL N 107 -4.72 -59.07 -29.18
CA VAL N 107 -4.91 -57.67 -29.58
C VAL N 107 -3.61 -57.08 -30.14
N LEU N 108 -3.67 -56.65 -31.39
CA LEU N 108 -2.48 -56.27 -32.15
C LEU N 108 -2.42 -54.78 -32.46
N PRO N 109 -1.22 -54.24 -32.73
CA PRO N 109 -1.05 -52.87 -33.22
C PRO N 109 -1.89 -52.65 -34.46
N GLY N 110 -2.70 -51.61 -34.47
CA GLY N 110 -3.61 -51.36 -35.57
C GLY N 110 -5.06 -51.56 -35.17
N ASP N 111 -5.28 -52.24 -34.06
CA ASP N 111 -6.63 -52.54 -33.59
C ASP N 111 -7.26 -51.37 -32.82
N THR N 112 -8.59 -51.33 -32.79
CA THR N 112 -9.28 -50.44 -31.85
C THR N 112 -9.94 -51.34 -30.82
N LEU N 113 -9.56 -51.16 -29.56
CA LEU N 113 -10.12 -51.94 -28.47
C LEU N 113 -11.33 -51.21 -27.93
N THR N 114 -12.52 -51.68 -28.31
CA THR N 114 -13.77 -51.11 -27.80
C THR N 114 -14.11 -51.86 -26.51
N MET N 115 -14.46 -51.11 -25.49
CA MET N 115 -14.63 -51.69 -24.16
C MET N 115 -15.89 -51.26 -23.49
N GLN N 116 -16.54 -52.22 -22.83
CA GLN N 116 -17.75 -51.94 -22.07
C GLN N 116 -17.63 -52.52 -20.68
N ALA N 117 -17.90 -51.68 -19.69
CA ALA N 117 -18.02 -52.12 -18.29
C ALA N 117 -19.44 -51.87 -17.75
N ASN N 118 -19.93 -52.83 -16.96
CA ASN N 118 -21.27 -52.77 -16.35
C ASN N 118 -21.24 -52.88 -14.84
N LEU N 119 -21.81 -51.90 -14.16
CA LEU N 119 -21.87 -51.92 -12.70
C LEU N 119 -22.84 -53.00 -12.19
N ILE N 120 -22.39 -53.76 -11.19
CA ILE N 120 -23.17 -54.84 -10.62
C ILE N 120 -23.70 -54.44 -9.25
N SER N 121 -22.79 -53.97 -8.40
CA SER N 121 -23.17 -53.52 -7.07
C SER N 121 -22.22 -52.44 -6.56
N PHE N 122 -22.78 -51.51 -5.82
CA PHE N 122 -22.01 -50.42 -5.21
C PHE N 122 -22.47 -50.36 -3.75
N LYS N 123 -21.50 -50.35 -2.83
CA LYS N 123 -21.77 -50.16 -1.42
C LYS N 123 -21.02 -48.90 -0.96
N SER N 124 -21.59 -47.75 -1.35
CA SER N 124 -21.08 -46.37 -1.17
C SER N 124 -20.37 -45.87 0.13
N SER N 125 -20.81 -46.35 1.29
CA SER N 125 -20.20 -45.91 2.59
C SER N 125 -18.89 -46.64 2.89
N LEU N 126 -18.78 -47.86 2.34
CA LEU N 126 -17.60 -48.73 2.45
C LEU N 126 -16.55 -48.36 1.42
N GLY N 127 -16.94 -48.44 0.14
CA GLY N 127 -16.13 -48.18 -1.04
C GLY N 127 -15.91 -49.42 -1.89
N ILE N 128 -16.90 -50.31 -1.94
CA ILE N 128 -16.77 -51.58 -2.67
C ILE N 128 -17.68 -51.57 -3.89
N ALA N 129 -17.07 -51.56 -5.06
CA ALA N 129 -17.84 -51.63 -6.31
C ALA N 129 -17.42 -52.85 -7.08
N LYS N 130 -18.40 -53.49 -7.69
CA LYS N 130 -18.19 -54.70 -8.47
C LYS N 130 -18.71 -54.47 -9.87
N LEU N 131 -17.91 -54.82 -10.86
CA LEU N 131 -18.26 -54.55 -12.25
C LEU N 131 -17.84 -55.71 -13.14
N SER N 132 -18.50 -55.84 -14.29
CA SER N 132 -18.14 -56.81 -15.29
C SER N 132 -17.60 -56.06 -16.50
N GLY N 133 -16.83 -56.74 -17.35
CA GLY N 133 -16.19 -56.09 -18.49
C GLY N 133 -16.04 -56.96 -19.72
N VAL N 134 -16.19 -56.35 -20.89
CA VAL N 134 -15.96 -57.04 -22.17
C VAL N 134 -15.21 -56.11 -23.11
N GLY N 135 -14.25 -56.67 -23.84
CA GLY N 135 -13.49 -55.90 -24.82
C GLY N 135 -13.64 -56.47 -26.20
N TYR N 136 -13.80 -55.60 -27.21
CA TYR N 136 -14.01 -56.05 -28.59
C TYR N 136 -12.98 -55.47 -29.57
N VAL N 137 -12.75 -56.23 -30.63
CA VAL N 137 -12.01 -55.74 -31.77
C VAL N 137 -12.78 -56.23 -32.99
N ASN N 138 -13.28 -55.29 -33.79
CA ASN N 138 -14.07 -55.63 -34.96
C ASN N 138 -15.29 -56.43 -34.55
N GLY N 139 -16.07 -55.88 -33.63
CA GLY N 139 -17.25 -56.56 -33.11
C GLY N 139 -17.06 -57.99 -32.61
N LYS N 140 -15.83 -58.47 -32.55
CA LYS N 140 -15.54 -59.78 -31.98
C LYS N 140 -14.94 -59.67 -30.59
N VAL N 141 -15.38 -60.53 -29.67
CA VAL N 141 -14.93 -60.55 -28.28
C VAL N 141 -13.47 -60.97 -28.18
N VAL N 142 -12.67 -60.16 -27.49
CA VAL N 142 -11.25 -60.47 -27.26
C VAL N 142 -10.98 -60.73 -25.78
N ILE N 143 -11.68 -60.00 -24.91
CA ILE N 143 -11.56 -60.28 -23.49
C ILE N 143 -12.93 -60.25 -22.82
N ASN N 144 -13.13 -61.23 -21.94
CA ASN N 144 -14.20 -61.27 -20.94
C ASN N 144 -13.71 -61.17 -19.50
N ILE N 145 -14.42 -60.39 -18.69
CA ILE N 145 -14.16 -60.31 -17.25
C ILE N 145 -15.47 -60.43 -16.49
N SER N 146 -15.68 -61.56 -15.83
CA SER N 146 -16.86 -61.73 -14.98
C SER N 146 -17.01 -60.61 -13.94
N GLU N 147 -16.00 -60.46 -13.10
CA GLU N 147 -16.10 -59.55 -11.97
C GLU N 147 -14.78 -58.82 -11.68
N MET N 148 -14.84 -57.49 -11.70
CA MET N 148 -13.77 -56.64 -11.19
C MET N 148 -14.27 -56.09 -9.88
N THR N 149 -13.40 -56.07 -8.88
CA THR N 149 -13.75 -55.54 -7.57
C THR N 149 -12.84 -54.35 -7.27
N PHE N 150 -13.45 -53.21 -6.93
CA PHE N 150 -12.71 -51.99 -6.60
C PHE N 150 -13.03 -51.42 -5.23
N ALA N 151 -11.99 -50.86 -4.62
CA ALA N 151 -12.07 -50.23 -3.30
C ALA N 151 -11.47 -48.82 -3.37
N LEU N 152 -12.19 -47.85 -2.81
CA LEU N 152 -11.67 -46.49 -2.66
C LEU N 152 -10.66 -46.33 -1.47
N SER N 153 -9.38 -46.20 -1.81
CA SER N 153 -8.31 -45.99 -0.84
C SER N 153 -7.18 -45.14 -1.41
N THR O 9 43.11 -39.81 -35.97
CA THR O 9 41.89 -39.92 -36.82
C THR O 9 40.67 -39.92 -35.94
N SER O 10 39.50 -39.75 -36.57
CA SER O 10 38.20 -39.65 -35.88
C SER O 10 37.40 -40.97 -35.65
N ILE O 11 36.30 -40.88 -34.91
CA ILE O 11 35.29 -41.92 -34.83
C ILE O 11 33.89 -41.26 -34.86
N ASP O 12 33.05 -41.63 -35.83
CA ASP O 12 31.67 -41.16 -35.86
C ASP O 12 30.88 -41.99 -34.84
N ILE O 13 29.66 -41.59 -34.51
CA ILE O 13 28.85 -42.36 -33.58
C ILE O 13 28.75 -43.83 -33.91
N GLU O 14 28.59 -44.15 -35.18
CA GLU O 14 28.43 -45.55 -35.61
C GLU O 14 29.66 -46.39 -35.25
N ASP O 15 30.84 -45.82 -35.44
CA ASP O 15 32.09 -46.52 -35.11
C ASP O 15 32.33 -46.56 -33.61
N ILE O 16 31.85 -45.56 -32.88
CA ILE O 16 31.89 -45.59 -31.42
C ILE O 16 31.13 -46.83 -30.92
N LYS O 17 29.93 -47.01 -31.45
CA LYS O 17 29.11 -48.14 -31.10
C LYS O 17 29.72 -49.51 -31.43
N LYS O 18 30.72 -49.53 -32.33
CA LYS O 18 31.44 -50.76 -32.66
C LYS O 18 32.53 -51.02 -31.63
N ILE O 19 32.98 -49.96 -30.96
CA ILE O 19 34.05 -50.08 -29.98
C ILE O 19 33.38 -50.35 -28.64
N LEU O 20 32.54 -49.42 -28.21
CA LEU O 20 31.86 -49.54 -26.89
C LEU O 20 30.59 -50.41 -26.96
N PRO O 21 30.29 -51.12 -25.85
CA PRO O 21 29.04 -51.87 -25.79
C PRO O 21 27.84 -51.05 -25.25
N HIS O 22 28.10 -49.87 -24.69
CA HIS O 22 27.07 -48.97 -24.17
C HIS O 22 26.08 -48.59 -25.24
N ARG O 23 24.81 -48.57 -24.87
CA ARG O 23 23.76 -48.12 -25.74
C ARG O 23 22.82 -47.15 -25.04
N TYR O 24 21.77 -46.72 -25.74
CA TYR O 24 20.79 -45.84 -25.16
C TYR O 24 20.16 -46.52 -23.92
N PRO O 25 19.91 -45.77 -22.84
CA PRO O 25 20.17 -44.36 -22.57
C PRO O 25 21.47 -44.14 -21.77
N PHE O 26 22.49 -44.91 -22.06
CA PHE O 26 23.73 -44.77 -21.33
C PHE O 26 25.02 -44.67 -22.18
N LEU O 27 24.89 -44.32 -23.45
CA LEU O 27 26.07 -44.03 -24.23
C LEU O 27 26.24 -42.51 -24.25
N LEU O 28 27.34 -42.05 -23.65
CA LEU O 28 27.51 -40.65 -23.35
C LEU O 28 28.71 -40.03 -24.07
N VAL O 29 29.11 -40.64 -25.18
CA VAL O 29 30.07 -40.00 -26.07
C VAL O 29 29.44 -39.86 -27.43
N ASP O 30 29.26 -38.64 -27.94
CA ASP O 30 28.67 -38.43 -29.26
C ASP O 30 29.69 -38.52 -30.38
N LYS O 31 30.91 -38.10 -30.12
CA LYS O 31 31.92 -38.02 -31.19
C LYS O 31 33.33 -37.96 -30.59
N VAL O 32 34.24 -38.70 -31.20
CA VAL O 32 35.67 -38.64 -30.87
C VAL O 32 36.35 -37.76 -31.89
N ILE O 33 36.91 -36.64 -31.45
CA ILE O 33 37.50 -35.69 -32.39
C ILE O 33 39.00 -35.87 -32.62
N TYR O 34 39.71 -36.40 -31.64
CA TYR O 34 41.12 -36.71 -31.79
C TYR O 34 41.50 -37.83 -30.86
N MET O 35 42.26 -38.80 -31.39
CA MET O 35 42.76 -39.89 -30.57
C MET O 35 44.19 -40.28 -30.95
N GLN O 36 45.03 -40.47 -29.93
CA GLN O 36 46.40 -40.91 -30.09
C GLN O 36 46.64 -42.13 -29.19
N PRO O 37 46.61 -43.31 -29.78
CA PRO O 37 46.74 -44.56 -29.06
C PRO O 37 47.79 -44.49 -27.97
N ASN O 38 47.55 -45.21 -26.88
CA ASN O 38 48.45 -45.20 -25.70
C ASN O 38 48.75 -43.83 -25.06
N LYS O 39 48.14 -42.75 -25.55
CA LYS O 39 48.41 -41.45 -24.95
C LYS O 39 47.15 -40.65 -24.51
N THR O 40 46.42 -40.13 -25.49
CA THR O 40 45.35 -39.19 -25.17
C THR O 40 44.16 -39.32 -26.16
N ILE O 41 43.01 -38.82 -25.71
CA ILE O 41 41.80 -38.83 -26.50
C ILE O 41 40.98 -37.58 -26.23
N ILE O 42 40.46 -36.99 -27.27
CA ILE O 42 39.53 -35.89 -27.14
C ILE O 42 38.21 -36.22 -27.83
N GLY O 43 37.11 -36.07 -27.11
CA GLY O 43 35.79 -36.25 -27.69
C GLY O 43 34.77 -35.27 -27.15
N LEU O 44 33.56 -35.34 -27.67
CA LEU O 44 32.53 -34.45 -27.15
C LEU O 44 31.17 -35.14 -26.88
N LYS O 45 30.43 -34.58 -25.93
CA LYS O 45 29.08 -34.94 -25.65
C LYS O 45 28.24 -33.68 -25.79
N GLN O 46 27.16 -33.76 -26.57
CA GLN O 46 26.27 -32.66 -26.73
C GLN O 46 25.17 -32.75 -25.71
N VAL O 47 24.88 -31.64 -25.04
CA VAL O 47 23.96 -31.65 -23.91
C VAL O 47 22.69 -30.95 -24.33
N SER O 48 21.62 -31.71 -24.44
CA SER O 48 20.35 -31.18 -24.91
C SER O 48 19.26 -31.44 -23.87
N THR O 49 18.26 -30.59 -23.82
CA THR O 49 17.07 -30.79 -22.99
C THR O 49 16.34 -32.11 -23.25
N ASN O 50 16.48 -32.59 -24.50
CA ASN O 50 15.81 -33.76 -25.00
C ASN O 50 16.57 -35.02 -24.65
N GLU O 51 17.06 -35.08 -23.42
CA GLU O 51 17.68 -36.31 -22.91
C GLU O 51 16.85 -36.83 -21.73
N PRO O 52 16.74 -38.17 -21.60
CA PRO O 52 15.81 -38.74 -20.63
C PRO O 52 16.12 -38.42 -19.15
N PHE O 53 17.36 -38.09 -18.81
CA PHE O 53 17.68 -37.85 -17.42
C PHE O 53 17.20 -36.47 -16.92
N PHE O 54 16.92 -35.55 -17.85
CA PHE O 54 16.70 -34.16 -17.47
C PHE O 54 15.41 -33.94 -16.74
N ASN O 55 14.44 -34.78 -16.99
CA ASN O 55 13.16 -34.65 -16.28
C ASN O 55 13.31 -34.92 -14.80
N GLY O 56 14.28 -35.75 -14.44
CA GLY O 56 14.50 -36.09 -13.05
C GLY O 56 15.63 -35.36 -12.33
N HIS O 57 16.27 -34.41 -13.02
CA HIS O 57 17.45 -33.78 -12.48
C HIS O 57 17.69 -32.42 -13.11
N PHE O 58 16.81 -31.44 -12.84
CA PHE O 58 15.69 -31.56 -11.90
C PHE O 58 14.46 -30.98 -12.57
N PRO O 59 13.26 -31.33 -12.10
CA PRO O 59 12.06 -30.72 -12.65
C PRO O 59 12.16 -29.19 -12.79
N GLN O 60 12.57 -28.51 -11.71
CA GLN O 60 12.59 -27.04 -11.68
C GLN O 60 13.84 -26.43 -12.34
N LYS O 61 14.89 -27.21 -12.45
CA LYS O 61 16.15 -26.69 -12.97
C LYS O 61 16.98 -27.81 -13.59
N GLN O 62 17.17 -27.76 -14.89
CA GLN O 62 17.84 -28.84 -15.61
C GLN O 62 19.34 -28.70 -15.49
N ILE O 63 19.99 -29.66 -14.81
CA ILE O 63 21.46 -29.67 -14.63
C ILE O 63 21.98 -31.07 -14.90
N MET O 64 22.97 -31.19 -15.80
CA MET O 64 23.51 -32.50 -16.09
C MET O 64 24.12 -33.07 -14.84
N PRO O 65 23.63 -34.24 -14.40
CA PRO O 65 24.19 -34.90 -13.20
C PRO O 65 25.69 -35.13 -13.33
N GLY O 66 26.44 -34.63 -12.36
CA GLY O 66 27.86 -34.89 -12.25
C GLY O 66 28.29 -36.32 -12.52
N VAL O 67 27.61 -37.26 -11.90
CA VAL O 67 27.92 -38.67 -12.10
C VAL O 67 27.91 -39.06 -13.57
N LEU O 68 27.10 -38.37 -14.38
CA LEU O 68 27.07 -38.66 -15.81
C LEU O 68 28.16 -37.96 -16.59
N GLN O 69 28.68 -36.86 -16.09
CA GLN O 69 29.96 -36.32 -16.61
C GLN O 69 31.12 -37.26 -16.35
N ILE O 70 31.14 -37.93 -15.19
CA ILE O 70 32.15 -38.92 -14.91
C ILE O 70 32.01 -40.04 -15.90
N GLU O 71 30.80 -40.58 -16.03
CA GLU O 71 30.55 -41.64 -16.97
C GLU O 71 31.02 -41.31 -18.39
N ALA O 72 30.74 -40.09 -18.85
CA ALA O 72 31.07 -39.72 -20.20
C ALA O 72 32.59 -39.77 -20.39
N LEU O 73 33.33 -39.14 -19.47
CA LEU O 73 34.78 -39.22 -19.46
C LEU O 73 35.30 -40.62 -19.36
N ALA O 74 34.65 -41.42 -18.56
CA ALA O 74 35.05 -42.82 -18.40
C ALA O 74 34.88 -43.66 -19.65
N GLN O 75 33.78 -43.43 -20.37
CA GLN O 75 33.53 -44.08 -21.66
C GLN O 75 34.55 -43.68 -22.70
N LEU O 76 34.85 -42.39 -22.77
CA LEU O 76 35.86 -41.86 -23.65
C LEU O 76 37.20 -42.50 -23.34
N ALA O 77 37.56 -42.52 -22.05
CA ALA O 77 38.74 -43.23 -21.56
C ALA O 77 38.77 -44.68 -22.04
N GLY O 78 37.63 -45.36 -21.87
CA GLY O 78 37.41 -46.72 -22.34
C GLY O 78 37.67 -46.96 -23.81
N ILE O 79 37.35 -45.97 -24.64
CA ILE O 79 37.59 -46.05 -26.09
C ILE O 79 39.10 -46.09 -26.33
N LEU O 80 39.81 -45.17 -25.70
CA LEU O 80 41.26 -45.09 -25.83
C LEU O 80 41.92 -46.42 -25.43
N CYS O 81 41.48 -46.99 -24.31
CA CYS O 81 42.02 -48.27 -23.87
C CYS O 81 41.82 -49.32 -24.93
N LEU O 82 40.60 -49.40 -25.45
CA LEU O 82 40.25 -50.45 -26.41
C LEU O 82 40.95 -50.30 -27.78
N LYS O 83 41.33 -49.07 -28.14
CA LYS O 83 42.04 -48.84 -29.39
C LYS O 83 43.55 -48.86 -29.19
N SER O 84 43.99 -48.61 -27.95
CA SER O 84 45.40 -48.70 -27.58
C SER O 84 45.92 -50.14 -27.56
N ASP O 85 45.06 -51.07 -27.17
CA ASP O 85 45.43 -52.48 -27.05
C ASP O 85 44.17 -53.36 -27.05
N ASP O 86 43.83 -53.93 -28.21
CA ASP O 86 42.69 -54.86 -28.30
C ASP O 86 43.14 -56.31 -28.50
N SER O 87 44.32 -56.66 -28.01
CA SER O 87 44.72 -58.07 -27.92
C SER O 87 43.74 -58.84 -27.02
N GLN O 88 43.33 -58.21 -25.90
CA GLN O 88 42.22 -58.68 -25.07
C GLN O 88 40.90 -58.31 -25.74
N LYS O 89 40.35 -59.26 -26.51
CA LYS O 89 39.11 -59.06 -27.29
C LYS O 89 37.84 -58.99 -26.39
N ASN O 90 37.91 -58.15 -25.36
CA ASN O 90 36.81 -57.94 -24.44
C ASN O 90 36.55 -56.45 -24.39
N ASN O 91 35.38 -56.02 -24.88
CA ASN O 91 35.00 -54.59 -24.83
C ASN O 91 34.29 -54.17 -23.53
N LEU O 92 33.76 -55.13 -22.78
CA LEU O 92 33.13 -54.84 -21.48
C LEU O 92 34.20 -54.45 -20.43
N PHE O 93 34.51 -53.16 -20.32
CA PHE O 93 35.38 -52.67 -19.22
C PHE O 93 34.45 -52.40 -18.06
N LEU O 94 34.99 -52.39 -16.86
CA LEU O 94 34.22 -52.01 -15.68
C LEU O 94 35.05 -51.01 -14.91
N PHE O 95 34.38 -49.97 -14.44
CA PHE O 95 34.92 -48.98 -13.54
C PHE O 95 35.30 -49.65 -12.24
N ALA O 96 36.58 -49.59 -11.89
CA ALA O 96 37.07 -50.22 -10.65
C ALA O 96 37.26 -49.20 -9.51
N GLY O 97 37.64 -47.98 -9.87
CA GLY O 97 37.81 -46.92 -8.91
C GLY O 97 37.88 -45.57 -9.61
N VAL O 98 37.53 -44.53 -8.87
CA VAL O 98 37.69 -43.18 -9.37
C VAL O 98 38.07 -42.28 -8.21
N ASP O 99 38.96 -41.32 -8.49
CA ASP O 99 39.59 -40.55 -7.46
C ASP O 99 39.79 -39.08 -7.86
N GLY O 100 39.61 -38.18 -6.89
CA GLY O 100 39.87 -36.77 -7.11
C GLY O 100 39.01 -36.15 -8.17
N VAL O 101 37.68 -36.25 -7.99
CA VAL O 101 36.70 -35.64 -8.88
C VAL O 101 36.26 -34.28 -8.32
N ARG O 102 36.30 -33.26 -9.17
CA ARG O 102 35.85 -31.93 -8.78
C ARG O 102 34.97 -31.31 -9.85
N TRP O 103 33.75 -30.97 -9.48
CA TRP O 103 32.86 -30.24 -10.36
C TRP O 103 32.94 -28.74 -10.06
N LYS O 104 33.33 -27.98 -11.08
CA LYS O 104 33.53 -26.53 -10.96
C LYS O 104 32.26 -25.74 -11.32
N LYS O 105 31.65 -26.13 -12.43
CA LYS O 105 30.57 -25.36 -13.01
C LYS O 105 29.49 -26.32 -13.48
N PRO O 106 28.20 -25.96 -13.28
CA PRO O 106 27.09 -26.73 -13.79
C PRO O 106 27.10 -26.88 -15.31
N VAL O 107 26.83 -28.10 -15.80
CA VAL O 107 26.67 -28.32 -17.24
C VAL O 107 25.20 -28.29 -17.64
N LEU O 108 24.83 -27.41 -18.57
CA LEU O 108 23.42 -27.12 -18.86
C LEU O 108 22.97 -27.49 -20.30
N PRO O 109 21.66 -27.69 -20.51
CA PRO O 109 21.19 -27.96 -21.86
C PRO O 109 21.60 -26.82 -22.80
N GLY O 110 22.22 -27.16 -23.92
CA GLY O 110 22.69 -26.16 -24.85
C GLY O 110 24.20 -26.13 -24.93
N ASP O 111 24.85 -26.72 -23.90
CA ASP O 111 26.29 -26.78 -23.80
C ASP O 111 26.90 -27.87 -24.72
N THR O 112 28.17 -27.72 -25.09
CA THR O 112 28.93 -28.80 -25.68
C THR O 112 29.99 -29.20 -24.66
N LEU O 113 29.93 -30.43 -24.19
CA LEU O 113 30.89 -30.93 -23.26
C LEU O 113 32.07 -31.50 -24.02
N THR O 114 33.16 -30.74 -24.10
CA THR O 114 34.39 -31.25 -24.70
C THR O 114 35.17 -31.96 -23.60
N MET O 115 35.68 -33.15 -23.91
CA MET O 115 36.31 -34.01 -22.93
C MET O 115 37.65 -34.52 -23.40
N GLN O 116 38.59 -34.59 -22.47
CA GLN O 116 39.89 -35.14 -22.75
C GLN O 116 40.29 -36.14 -21.67
N ALA O 117 40.75 -37.31 -22.11
CA ALA O 117 41.27 -38.33 -21.20
C ALA O 117 42.69 -38.70 -21.57
N ASN O 118 43.52 -38.95 -20.56
CA ASN O 118 44.95 -39.22 -20.74
C ASN O 118 45.38 -40.47 -20.01
N LEU O 119 45.96 -41.39 -20.76
CA LEU O 119 46.40 -42.64 -20.18
C LEU O 119 47.61 -42.43 -19.29
N ILE O 120 47.59 -43.05 -18.12
CA ILE O 120 48.67 -42.88 -17.14
C ILE O 120 49.51 -44.14 -17.08
N SER O 121 48.84 -45.28 -16.88
CA SER O 121 49.47 -46.59 -16.86
C SER O 121 48.52 -47.65 -17.39
N PHE O 122 49.07 -48.64 -18.07
CA PHE O 122 48.33 -49.76 -18.58
C PHE O 122 49.14 -50.99 -18.22
N LYS O 123 48.51 -51.98 -17.59
CA LYS O 123 49.20 -53.20 -17.22
C LYS O 123 48.67 -54.44 -17.93
N SER O 124 48.92 -54.43 -19.24
CA SER O 124 48.79 -55.57 -20.15
C SER O 124 47.47 -56.35 -19.95
N SER O 125 47.57 -57.66 -19.74
CA SER O 125 46.43 -58.52 -19.37
C SER O 125 46.36 -58.78 -17.84
N LEU O 126 46.52 -57.70 -17.08
CA LEU O 126 46.10 -57.66 -15.68
C LEU O 126 44.82 -56.84 -15.77
N GLY O 127 44.65 -56.31 -16.96
CA GLY O 127 43.57 -55.45 -17.35
C GLY O 127 43.39 -54.24 -16.47
N ILE O 128 44.50 -53.70 -15.94
CA ILE O 128 44.44 -52.47 -15.15
C ILE O 128 44.90 -51.26 -15.94
N ALA O 129 43.97 -50.35 -16.19
CA ALA O 129 44.34 -49.10 -16.82
C ALA O 129 43.96 -47.97 -15.90
N LYS O 130 44.85 -46.98 -15.82
CA LYS O 130 44.57 -45.75 -15.05
C LYS O 130 44.66 -44.52 -15.95
N LEU O 131 43.68 -43.64 -15.82
CA LEU O 131 43.58 -42.47 -16.69
C LEU O 131 43.14 -41.23 -15.92
N SER O 132 43.46 -40.05 -16.46
CA SER O 132 42.97 -38.79 -15.94
C SER O 132 42.00 -38.18 -16.94
N GLY O 133 41.17 -37.26 -16.47
CA GLY O 133 40.19 -36.66 -17.35
C GLY O 133 39.84 -35.24 -16.99
N VAL O 134 39.55 -34.47 -18.03
CA VAL O 134 39.10 -33.09 -17.87
C VAL O 134 37.91 -32.83 -18.81
N GLY O 135 36.92 -32.09 -18.33
CA GLY O 135 35.79 -31.70 -19.18
C GLY O 135 35.65 -30.19 -19.30
N TYR O 136 35.41 -29.70 -20.51
CA TYR O 136 35.25 -28.28 -20.73
C TYR O 136 33.92 -27.90 -21.34
N VAL O 137 33.51 -26.68 -21.02
CA VAL O 137 32.39 -26.01 -21.71
C VAL O 137 32.87 -24.59 -21.94
N ASN O 138 32.91 -24.18 -23.21
CA ASN O 138 33.41 -22.87 -23.65
C ASN O 138 34.83 -22.59 -23.15
N GLY O 139 35.75 -23.50 -23.42
CA GLY O 139 37.12 -23.37 -22.96
C GLY O 139 37.31 -23.31 -21.45
N LYS O 140 36.22 -23.39 -20.67
CA LYS O 140 36.31 -23.36 -19.22
C LYS O 140 36.10 -24.72 -18.59
N VAL O 141 36.93 -25.06 -17.60
CA VAL O 141 36.91 -26.35 -16.93
C VAL O 141 35.62 -26.53 -16.14
N VAL O 142 34.93 -27.65 -16.36
CA VAL O 142 33.72 -27.95 -15.61
C VAL O 142 33.93 -29.15 -14.71
N ILE O 143 34.73 -30.11 -15.16
CA ILE O 143 35.01 -31.29 -14.36
C ILE O 143 36.46 -31.69 -14.51
N ASN O 144 37.08 -31.97 -13.36
CA ASN O 144 38.39 -32.61 -13.24
C ASN O 144 38.31 -33.98 -12.61
N ILE O 145 39.04 -34.93 -13.19
CA ILE O 145 39.21 -36.26 -12.58
C ILE O 145 40.70 -36.64 -12.54
N SER O 146 41.27 -36.72 -11.34
CA SER O 146 42.67 -37.12 -11.17
C SER O 146 42.92 -38.50 -11.72
N GLU O 147 42.13 -39.47 -11.28
CA GLU O 147 42.37 -40.86 -11.63
C GLU O 147 41.10 -41.67 -11.78
N MET O 148 40.94 -42.27 -12.97
CA MET O 148 39.93 -43.31 -13.20
C MET O 148 40.69 -44.62 -13.35
N THR O 149 40.16 -45.66 -12.72
CA THR O 149 40.76 -46.99 -12.76
C THR O 149 39.79 -48.00 -13.39
N PHE O 150 40.26 -48.80 -14.35
CA PHE O 150 39.40 -49.79 -15.01
C PHE O 150 39.94 -51.22 -14.97
N ALA O 151 39.03 -52.20 -14.92
CA ALA O 151 39.39 -53.62 -15.07
C ALA O 151 38.66 -54.28 -16.25
N LEU O 152 39.29 -55.34 -16.83
CA LEU O 152 38.95 -55.93 -18.16
C LEU O 152 39.37 -57.41 -18.40
N ASP P 8 9.95 -45.85 14.84
CA ASP P 8 9.89 -45.80 13.39
C ASP P 8 10.58 -44.55 12.86
N THR P 9 11.90 -44.52 12.97
CA THR P 9 12.69 -43.37 12.51
C THR P 9 12.73 -43.20 10.94
N SER P 10 12.19 -44.20 10.20
CA SER P 10 12.24 -44.34 8.69
C SER P 10 11.50 -43.31 7.77
N ILE P 11 11.78 -43.38 6.44
CA ILE P 11 11.20 -42.47 5.44
C ILE P 11 10.92 -43.11 4.08
N ASP P 12 9.63 -43.36 3.82
CA ASP P 12 9.15 -43.94 2.57
C ASP P 12 9.31 -43.04 1.35
N ILE P 13 8.94 -43.58 0.20
CA ILE P 13 9.15 -42.90 -1.06
C ILE P 13 8.44 -41.55 -1.22
N GLU P 14 7.22 -41.44 -0.71
CA GLU P 14 6.46 -40.17 -0.78
C GLU P 14 7.12 -39.05 0.01
N ASP P 15 7.67 -39.39 1.17
CA ASP P 15 8.29 -38.39 2.03
C ASP P 15 9.69 -38.10 1.53
N ILE P 16 10.32 -39.09 0.92
CA ILE P 16 11.62 -38.86 0.30
C ILE P 16 11.51 -37.74 -0.75
N LYS P 17 10.48 -37.86 -1.60
CA LYS P 17 10.17 -36.87 -2.63
C LYS P 17 9.80 -35.51 -2.08
N LYS P 18 9.46 -35.42 -0.81
CA LYS P 18 9.27 -34.09 -0.18
C LYS P 18 10.60 -33.45 0.22
N ILE P 19 11.61 -34.28 0.42
CA ILE P 19 12.91 -33.79 0.86
C ILE P 19 13.75 -33.51 -0.35
N LEU P 20 14.04 -34.54 -1.14
CA LEU P 20 14.80 -34.41 -2.41
C LEU P 20 13.96 -33.88 -3.59
N PRO P 21 14.60 -33.11 -4.46
CA PRO P 21 13.92 -32.65 -5.66
C PRO P 21 14.02 -33.63 -6.85
N HIS P 22 14.87 -34.64 -6.73
CA HIS P 22 15.12 -35.61 -7.79
C HIS P 22 13.84 -36.36 -8.12
N ARG P 23 13.63 -36.62 -9.40
CA ARG P 23 12.50 -37.41 -9.82
C ARG P 23 12.96 -38.43 -10.83
N TYR P 24 12.00 -39.21 -11.34
CA TYR P 24 12.24 -40.21 -12.37
C TYR P 24 12.83 -39.55 -13.62
N PRO P 25 13.85 -40.17 -14.24
CA PRO P 25 14.54 -41.41 -13.91
C PRO P 25 15.82 -41.21 -13.09
N PHE P 26 15.83 -40.27 -12.17
CA PHE P 26 17.06 -40.00 -11.43
C PHE P 26 16.90 -39.87 -9.92
N LEU P 27 15.84 -40.48 -9.39
CA LEU P 27 15.71 -40.68 -7.95
C LEU P 27 16.11 -42.12 -7.62
N LEU P 28 17.20 -42.22 -6.86
CA LEU P 28 17.86 -43.52 -6.65
C LEU P 28 17.91 -43.95 -5.20
N VAL P 29 16.98 -43.41 -4.42
CA VAL P 29 16.76 -43.89 -3.07
C VAL P 29 15.31 -44.33 -2.96
N ASP P 30 15.09 -45.64 -2.78
CA ASP P 30 13.72 -46.16 -2.60
C ASP P 30 13.18 -45.98 -1.19
N LYS P 31 14.02 -46.20 -0.17
CA LYS P 31 13.56 -46.19 1.23
C LYS P 31 14.65 -45.84 2.24
N VAL P 32 14.36 -44.91 3.15
CA VAL P 32 15.29 -44.64 4.25
C VAL P 32 14.87 -45.45 5.47
N ILE P 33 15.71 -46.40 5.89
CA ILE P 33 15.34 -47.30 6.98
C ILE P 33 15.75 -46.83 8.37
N TYR P 34 16.83 -46.03 8.47
CA TYR P 34 17.30 -45.45 9.75
C TYR P 34 18.01 -44.13 9.50
N MET P 35 17.71 -43.12 10.31
CA MET P 35 18.40 -41.86 10.19
C MET P 35 18.61 -41.22 11.55
N GLN P 36 19.84 -40.78 11.81
CA GLN P 36 20.17 -40.01 12.99
C GLN P 36 20.78 -38.67 12.58
N PRO P 37 20.01 -37.57 12.75
CA PRO P 37 20.44 -36.24 12.34
C PRO P 37 21.87 -35.93 12.77
N ASN P 38 22.60 -35.23 11.90
CA ASN P 38 23.99 -34.84 12.15
C ASN P 38 24.97 -35.98 12.28
N LYS P 39 24.48 -37.21 12.15
CA LYS P 39 25.38 -38.38 12.29
C LYS P 39 25.43 -39.34 11.08
N THR P 40 24.36 -40.13 10.92
CA THR P 40 24.39 -41.22 9.95
C THR P 40 23.00 -41.46 9.34
N ILE P 41 22.98 -42.04 8.15
CA ILE P 41 21.74 -42.45 7.49
C ILE P 41 21.87 -43.78 6.78
N ILE P 42 20.87 -44.65 6.91
CA ILE P 42 20.88 -45.92 6.22
C ILE P 42 19.62 -45.98 5.40
N GLY P 43 19.75 -46.39 4.15
CA GLY P 43 18.61 -46.53 3.24
C GLY P 43 18.88 -47.60 2.24
N LEU P 44 17.91 -47.85 1.38
CA LEU P 44 18.08 -48.87 0.36
C LEU P 44 17.54 -48.48 -1.05
N LYS P 45 18.22 -49.02 -2.08
CA LYS P 45 17.77 -48.93 -3.47
C LYS P 45 17.58 -50.33 -4.01
N GLN P 46 16.40 -50.59 -4.57
CA GLN P 46 16.06 -51.91 -5.10
C GLN P 46 16.49 -51.94 -6.53
N VAL P 47 17.24 -52.96 -6.92
CA VAL P 47 17.80 -53.04 -8.27
C VAL P 47 16.99 -54.02 -9.12
N SER P 48 16.30 -53.52 -10.13
CA SER P 48 15.43 -54.36 -10.95
C SER P 48 15.76 -54.21 -12.41
N THR P 49 15.60 -55.29 -13.15
CA THR P 49 15.77 -55.26 -14.61
C THR P 49 14.86 -54.20 -15.26
N ASN P 50 13.78 -53.85 -14.55
CA ASN P 50 12.79 -52.92 -15.08
C ASN P 50 13.11 -51.48 -14.77
N GLU P 51 14.35 -51.11 -15.07
CA GLU P 51 14.83 -49.76 -14.86
C GLU P 51 15.44 -49.30 -16.17
N PRO P 52 15.21 -48.02 -16.54
CA PRO P 52 15.54 -47.54 -17.88
C PRO P 52 17.02 -47.58 -18.26
N PHE P 53 17.93 -47.54 -17.29
CA PHE P 53 19.35 -47.58 -17.63
C PHE P 53 19.90 -48.95 -18.08
N PHE P 54 19.20 -50.04 -17.72
CA PHE P 54 19.77 -51.36 -17.93
C PHE P 54 19.91 -51.77 -19.40
N ASN P 55 19.09 -51.19 -20.27
CA ASN P 55 19.10 -51.50 -21.69
C ASN P 55 20.38 -51.00 -22.29
N GLY P 56 20.89 -49.89 -21.75
CA GLY P 56 22.14 -49.31 -22.22
C GLY P 56 23.40 -49.75 -21.49
N HIS P 57 23.29 -50.58 -20.45
CA HIS P 57 24.44 -50.91 -19.59
C HIS P 57 24.36 -52.30 -18.93
N PHE P 58 24.52 -53.37 -19.68
CA PHE P 58 24.75 -53.37 -21.12
C PHE P 58 23.77 -54.31 -21.76
N PRO P 59 23.54 -54.18 -23.10
CA PRO P 59 22.62 -55.08 -23.82
C PRO P 59 22.89 -56.56 -23.52
N GLN P 60 24.15 -56.97 -23.55
CA GLN P 60 24.52 -58.36 -23.36
C GLN P 60 24.64 -58.77 -21.89
N LYS P 61 24.77 -57.80 -21.00
CA LYS P 61 25.02 -58.04 -19.57
C LYS P 61 24.61 -56.86 -18.69
N GLN P 62 23.55 -57.05 -17.92
CA GLN P 62 22.99 -55.99 -17.12
C GLN P 62 23.75 -55.75 -15.81
N ILE P 63 24.42 -54.63 -15.72
CA ILE P 63 25.20 -54.29 -14.52
C ILE P 63 24.82 -52.88 -14.13
N MET P 64 24.46 -52.66 -12.88
CA MET P 64 24.22 -51.28 -12.45
C MET P 64 25.48 -50.43 -12.58
N PRO P 65 25.39 -49.32 -13.36
CA PRO P 65 26.55 -48.40 -13.49
C PRO P 65 27.03 -47.97 -12.12
N GLY P 66 28.33 -48.06 -11.93
CA GLY P 66 29.01 -47.55 -10.72
C GLY P 66 28.69 -46.10 -10.42
N VAL P 67 28.77 -45.24 -11.41
CA VAL P 67 28.35 -43.86 -11.20
C VAL P 67 26.96 -43.69 -10.61
N LEU P 68 26.04 -44.63 -10.88
CA LEU P 68 24.69 -44.50 -10.31
C LEU P 68 24.61 -45.02 -8.87
N GLN P 69 25.64 -45.78 -8.51
CA GLN P 69 25.82 -46.24 -7.15
C GLN P 69 26.31 -45.04 -6.35
N ILE P 70 27.22 -44.26 -6.95
CA ILE P 70 27.67 -43.04 -6.33
C ILE P 70 26.47 -42.16 -6.12
N GLU P 71 25.70 -41.86 -7.18
CA GLU P 71 24.55 -40.97 -7.12
C GLU P 71 23.58 -41.38 -6.03
N ALA P 72 23.30 -42.67 -5.91
CA ALA P 72 22.38 -43.18 -4.89
C ALA P 72 22.88 -42.81 -3.49
N LEU P 73 24.13 -43.15 -3.20
CA LEU P 73 24.72 -42.75 -1.91
C LEU P 73 24.71 -41.25 -1.70
N ALA P 74 25.00 -40.52 -2.77
CA ALA P 74 24.99 -39.07 -2.67
C ALA P 74 23.61 -38.56 -2.32
N GLN P 75 22.58 -39.13 -2.93
CA GLN P 75 21.22 -38.69 -2.65
C GLN P 75 20.84 -38.95 -1.21
N LEU P 76 21.14 -40.17 -0.74
CA LEU P 76 21.01 -40.56 0.66
C LEU P 76 21.74 -39.62 1.58
N ALA P 77 22.99 -39.32 1.28
CA ALA P 77 23.77 -38.34 2.02
C ALA P 77 23.06 -37.00 2.05
N GLY P 78 22.50 -36.59 0.92
CA GLY P 78 21.79 -35.31 0.80
C GLY P 78 20.56 -35.26 1.69
N ILE P 79 19.89 -36.39 1.84
CA ILE P 79 18.72 -36.43 2.70
C ILE P 79 19.16 -36.07 4.10
N LEU P 80 20.22 -36.74 4.57
CA LEU P 80 20.77 -36.52 5.91
C LEU P 80 21.12 -35.05 6.13
N CYS P 81 21.79 -34.43 5.17
CA CYS P 81 22.11 -33.00 5.28
C CYS P 81 20.85 -32.17 5.43
N LEU P 82 19.84 -32.44 4.61
CA LEU P 82 18.60 -31.66 4.60
C LEU P 82 17.75 -31.86 5.83
N LYS P 83 17.92 -33.00 6.50
CA LYS P 83 17.19 -33.22 7.74
C LYS P 83 18.00 -32.85 8.95
N SER P 84 19.32 -32.73 8.77
CA SER P 84 20.24 -32.34 9.84
C SER P 84 20.20 -30.86 10.09
N ASP P 85 19.96 -30.09 9.04
CA ASP P 85 19.92 -28.63 9.13
C ASP P 85 19.18 -28.05 7.90
N ASP P 86 17.90 -27.70 8.09
CA ASP P 86 17.10 -27.07 7.02
C ASP P 86 16.81 -25.57 7.26
N SER P 87 17.66 -24.91 8.08
CA SER P 87 17.62 -23.45 8.18
C SER P 87 17.83 -22.80 6.79
N GLN P 88 18.75 -23.36 5.99
CA GLN P 88 18.90 -23.03 4.56
C GLN P 88 17.81 -23.76 3.73
N LYS P 89 16.71 -23.07 3.46
CA LYS P 89 15.52 -23.68 2.84
C LYS P 89 15.72 -23.91 1.35
N ASN P 90 16.82 -24.57 1.02
CA ASN P 90 17.20 -24.86 -0.35
C ASN P 90 17.46 -26.35 -0.40
N ASN P 91 16.63 -27.10 -1.12
CA ASN P 91 16.82 -28.55 -1.28
C ASN P 91 17.74 -28.97 -2.45
N LEU P 92 18.01 -28.03 -3.37
CA LEU P 92 18.94 -28.28 -4.49
C LEU P 92 20.39 -28.20 -3.98
N PHE P 93 20.93 -29.29 -3.45
CA PHE P 93 22.39 -29.37 -3.25
C PHE P 93 23.00 -29.81 -4.60
N LEU P 94 24.29 -29.51 -4.78
CA LEU P 94 25.07 -30.00 -5.91
C LEU P 94 26.32 -30.69 -5.42
N PHE P 95 26.64 -31.80 -6.08
CA PHE P 95 27.86 -32.54 -5.89
C PHE P 95 29.02 -31.61 -6.25
N ALA P 96 29.90 -31.35 -5.30
CA ALA P 96 31.01 -30.47 -5.54
C ALA P 96 32.29 -31.27 -5.77
N GLY P 97 32.35 -32.45 -5.16
CA GLY P 97 33.49 -33.33 -5.32
C GLY P 97 33.23 -34.70 -4.75
N VAL P 98 33.96 -35.69 -5.26
CA VAL P 98 33.94 -37.01 -4.68
C VAL P 98 35.35 -37.61 -4.75
N ASP P 99 35.69 -38.40 -3.74
CA ASP P 99 37.04 -38.88 -3.57
C ASP P 99 37.09 -40.28 -2.98
N GLY P 100 38.05 -41.08 -3.44
CA GLY P 100 38.25 -42.45 -2.94
C GLY P 100 37.05 -43.35 -3.14
N VAL P 101 36.66 -43.53 -4.39
CA VAL P 101 35.60 -44.43 -4.72
C VAL P 101 36.21 -45.75 -5.16
N ARG P 102 35.66 -46.84 -4.60
CA ARG P 102 36.08 -48.17 -5.00
C ARG P 102 34.88 -49.10 -5.17
N TRP P 103 34.73 -49.65 -6.37
CA TRP P 103 33.71 -50.66 -6.64
C TRP P 103 34.32 -52.06 -6.55
N LYS P 104 33.78 -52.84 -5.61
CA LYS P 104 34.33 -54.16 -5.30
C LYS P 104 33.69 -55.24 -6.14
N LYS P 105 32.37 -55.17 -6.27
CA LYS P 105 31.57 -56.25 -6.80
C LYS P 105 30.46 -55.61 -7.65
N PRO P 106 30.08 -56.27 -8.79
CA PRO P 106 29.01 -55.79 -9.63
C PRO P 106 27.68 -55.80 -8.89
N VAL P 107 26.87 -54.76 -9.07
CA VAL P 107 25.51 -54.79 -8.57
C VAL P 107 24.55 -55.19 -9.72
N LEU P 108 23.74 -56.22 -9.48
CA LEU P 108 22.91 -56.84 -10.56
C LEU P 108 21.40 -56.79 -10.32
N PRO P 109 20.59 -56.94 -11.38
CA PRO P 109 19.15 -56.97 -11.21
C PRO P 109 18.74 -58.09 -10.28
N GLY P 110 17.94 -57.75 -9.28
CA GLY P 110 17.56 -58.69 -8.21
C GLY P 110 18.25 -58.43 -6.89
N ASP P 111 19.21 -57.50 -6.88
CA ASP P 111 19.95 -57.16 -5.64
C ASP P 111 19.16 -56.12 -4.84
N THR P 112 19.39 -56.08 -3.53
CA THR P 112 18.99 -54.93 -2.73
C THR P 112 20.25 -54.15 -2.32
N LEU P 113 20.32 -52.90 -2.73
CA LEU P 113 21.49 -52.09 -2.43
C LEU P 113 21.24 -51.36 -1.11
N THR P 114 21.87 -51.85 -0.05
CA THR P 114 21.75 -51.23 1.25
C THR P 114 22.88 -50.20 1.32
N MET P 115 22.52 -49.00 1.74
CA MET P 115 23.45 -47.89 1.70
C MET P 115 23.55 -47.15 3.04
N GLN P 116 24.77 -46.77 3.42
CA GLN P 116 24.98 -45.99 4.62
C GLN P 116 25.87 -44.80 4.31
N ALA P 117 25.42 -43.62 4.71
CA ALA P 117 26.21 -42.42 4.61
C ALA P 117 26.45 -41.82 6.00
N ASN P 118 27.67 -41.34 6.23
CA ASN P 118 28.07 -40.76 7.51
C ASN P 118 28.63 -39.35 7.34
N LEU P 119 28.06 -38.42 8.09
CA LEU P 119 28.47 -37.02 8.06
C LEU P 119 29.84 -36.88 8.73
N ILE P 120 30.74 -36.14 8.11
CA ILE P 120 32.06 -35.92 8.63
C ILE P 120 32.19 -34.47 9.15
N SER P 121 31.81 -33.51 8.31
CA SER P 121 31.84 -32.10 8.68
C SER P 121 30.77 -31.34 7.92
N PHE P 122 30.19 -30.36 8.61
CA PHE P 122 29.19 -29.47 8.05
C PHE P 122 29.63 -28.05 8.46
N LYS P 123 29.70 -27.14 7.49
CA LYS P 123 29.97 -25.74 7.77
C LYS P 123 28.76 -24.96 7.27
N SER P 124 27.65 -25.09 8.03
CA SER P 124 26.27 -24.64 7.68
C SER P 124 26.11 -23.18 7.22
N SER P 125 27.08 -22.34 7.63
CA SER P 125 27.20 -20.95 7.22
C SER P 125 28.14 -20.84 6.00
N LEU P 126 28.26 -21.94 5.24
CA LEU P 126 29.12 -22.04 4.01
C LEU P 126 28.56 -22.99 2.91
N GLY P 127 27.55 -23.75 3.30
CA GLY P 127 26.96 -24.83 2.56
C GLY P 127 27.89 -25.93 2.10
N ILE P 128 28.95 -26.20 2.89
CA ILE P 128 29.91 -27.29 2.56
C ILE P 128 29.77 -28.46 3.54
N ALA P 129 29.20 -29.57 3.04
CA ALA P 129 29.06 -30.78 3.82
C ALA P 129 29.94 -31.88 3.24
N LYS P 130 30.58 -32.65 4.12
CA LYS P 130 31.43 -33.76 3.70
C LYS P 130 30.96 -35.05 4.36
N LEU P 131 30.78 -36.09 3.55
CA LEU P 131 30.26 -37.36 4.03
C LEU P 131 31.01 -38.55 3.43
N SER P 132 30.96 -39.68 4.12
CA SER P 132 31.46 -40.94 3.59
C SER P 132 30.29 -41.88 3.32
N GLY P 133 30.50 -42.85 2.43
CA GLY P 133 29.45 -43.78 2.09
C GLY P 133 29.91 -45.20 1.83
N VAL P 134 29.06 -46.16 2.18
CA VAL P 134 29.31 -47.56 1.89
C VAL P 134 28.02 -48.15 1.33
N GLY P 135 28.16 -49.02 0.33
CA GLY P 135 27.01 -49.80 -0.15
C GLY P 135 27.20 -51.30 -0.02
N TYR P 136 26.15 -51.99 0.37
CA TYR P 136 26.20 -53.45 0.54
C TYR P 136 25.13 -54.17 -0.27
N VAL P 137 25.48 -55.39 -0.69
CA VAL P 137 24.54 -56.35 -1.20
C VAL P 137 24.81 -57.67 -0.48
N ASN P 138 23.82 -58.16 0.26
CA ASN P 138 23.93 -59.38 1.06
C ASN P 138 25.06 -59.29 2.10
N GLY P 139 25.04 -58.22 2.86
CA GLY P 139 26.11 -57.98 3.82
C GLY P 139 27.54 -57.91 3.28
N LYS P 140 27.72 -57.93 1.96
CA LYS P 140 29.05 -57.79 1.34
C LYS P 140 29.24 -56.40 0.74
N VAL P 141 30.41 -55.81 0.94
CA VAL P 141 30.70 -54.46 0.43
C VAL P 141 30.75 -54.44 -1.10
N VAL P 142 29.96 -53.58 -1.71
CA VAL P 142 30.03 -53.39 -3.17
C VAL P 142 30.65 -52.05 -3.57
N ILE P 143 30.39 -51.01 -2.80
CA ILE P 143 30.99 -49.72 -3.05
C ILE P 143 31.47 -48.99 -1.78
N ASN P 144 32.69 -48.46 -1.86
CA ASN P 144 33.20 -47.53 -0.87
C ASN P 144 33.35 -46.14 -1.43
N ILE P 145 33.01 -45.15 -0.61
CA ILE P 145 33.33 -43.76 -0.90
C ILE P 145 33.93 -43.11 0.34
N SER P 146 35.21 -42.76 0.26
CA SER P 146 35.88 -42.03 1.31
C SER P 146 35.19 -40.70 1.61
N GLU P 147 35.02 -39.87 0.58
CA GLU P 147 34.54 -38.52 0.76
C GLU P 147 33.66 -38.00 -0.39
N MET P 148 32.44 -37.63 -0.05
CA MET P 148 31.56 -36.88 -0.92
C MET P 148 31.51 -35.46 -0.37
N THR P 149 31.58 -34.49 -1.26
CA THR P 149 31.53 -33.09 -0.87
C THR P 149 30.35 -32.40 -1.57
N PHE P 150 29.50 -31.75 -0.76
CA PHE P 150 28.33 -31.03 -1.26
C PHE P 150 28.33 -29.52 -1.01
N ALA P 151 27.70 -28.79 -1.94
CA ALA P 151 27.42 -27.35 -1.77
C ALA P 151 25.96 -27.10 -2.04
N ASP Q 8 -1.78 -56.75 -50.21
CA ASP Q 8 -2.96 -57.46 -50.67
C ASP Q 8 -3.45 -58.32 -49.54
N THR Q 9 -2.55 -59.14 -49.03
CA THR Q 9 -2.76 -59.82 -47.78
C THR Q 9 -2.40 -58.67 -46.91
N SER Q 10 -2.85 -58.64 -45.67
CA SER Q 10 -2.52 -57.47 -44.83
C SER Q 10 -1.02 -57.38 -44.39
N ILE Q 11 -0.28 -56.41 -44.95
CA ILE Q 11 1.09 -56.11 -44.45
C ILE Q 11 1.06 -55.62 -42.98
N ASP Q 12 1.38 -56.56 -42.07
CA ASP Q 12 1.19 -56.41 -40.63
C ASP Q 12 2.50 -55.93 -39.98
N ILE Q 13 2.40 -55.46 -38.73
CA ILE Q 13 3.51 -54.74 -38.12
C ILE Q 13 4.86 -55.53 -38.12
N GLU Q 14 4.79 -56.85 -37.95
CA GLU Q 14 6.02 -57.65 -37.91
C GLU Q 14 6.66 -57.62 -39.29
N ASP Q 15 5.84 -57.68 -40.33
CA ASP Q 15 6.35 -57.62 -41.71
C ASP Q 15 6.71 -56.22 -42.15
N ILE Q 16 6.06 -55.23 -41.53
CA ILE Q 16 6.43 -53.83 -41.74
C ILE Q 16 7.87 -53.64 -41.30
N LYS Q 17 8.16 -54.15 -40.10
CA LYS Q 17 9.47 -54.01 -39.49
C LYS Q 17 10.56 -54.70 -40.31
N LYS Q 18 10.13 -55.61 -41.19
CA LYS Q 18 11.07 -56.30 -42.08
C LYS Q 18 11.41 -55.43 -43.27
N ILE Q 19 10.49 -54.55 -43.64
CA ILE Q 19 10.69 -53.66 -44.77
C ILE Q 19 11.37 -52.39 -44.31
N LEU Q 20 10.75 -51.69 -43.37
CA LEU Q 20 11.33 -50.46 -42.79
C LEU Q 20 12.40 -50.69 -41.70
N PRO Q 21 13.41 -49.81 -41.62
CA PRO Q 21 14.38 -49.88 -40.52
C PRO Q 21 13.93 -49.12 -39.26
N HIS Q 22 12.93 -48.26 -39.41
CA HIS Q 22 12.38 -47.49 -38.28
C HIS Q 22 11.93 -48.38 -37.12
N ARG Q 23 12.26 -47.98 -35.90
CA ARG Q 23 11.77 -48.65 -34.70
C ARG Q 23 11.22 -47.63 -33.68
N TYR Q 24 10.78 -48.11 -32.53
CA TYR Q 24 10.29 -47.26 -31.47
C TYR Q 24 11.40 -46.29 -31.04
N PRO Q 25 11.05 -45.02 -30.75
CA PRO Q 25 9.74 -44.42 -30.81
C PRO Q 25 9.49 -43.69 -32.12
N PHE Q 26 9.91 -44.28 -33.23
CA PHE Q 26 9.80 -43.56 -34.49
C PHE Q 26 9.30 -44.40 -35.66
N LEU Q 27 8.57 -45.46 -35.35
CA LEU Q 27 7.84 -46.18 -36.38
C LEU Q 27 6.38 -45.73 -36.25
N LEU Q 28 5.88 -45.15 -37.32
CA LEU Q 28 4.58 -44.50 -37.29
C LEU Q 28 3.62 -45.08 -38.33
N VAL Q 29 3.80 -46.35 -38.63
CA VAL Q 29 2.84 -47.09 -39.44
C VAL Q 29 2.49 -48.39 -38.68
N ASP Q 30 1.25 -48.50 -38.25
CA ASP Q 30 0.80 -49.64 -37.50
C ASP Q 30 0.37 -50.83 -38.40
N LYS Q 31 -0.19 -50.52 -39.57
CA LYS Q 31 -0.74 -51.53 -40.46
C LYS Q 31 -0.91 -51.01 -41.90
N VAL Q 32 -0.45 -51.79 -42.87
CA VAL Q 32 -0.71 -51.52 -44.29
C VAL Q 32 -1.92 -52.33 -44.76
N ILE Q 33 -3.00 -51.63 -45.09
CA ILE Q 33 -4.24 -52.35 -45.40
C ILE Q 33 -4.37 -52.71 -46.88
N TYR Q 34 -3.83 -51.86 -47.75
CA TYR Q 34 -3.78 -52.16 -49.18
C TYR Q 34 -2.53 -51.60 -49.84
N MET Q 35 -1.92 -52.40 -50.70
CA MET Q 35 -0.77 -51.93 -51.46
C MET Q 35 -0.76 -52.44 -52.91
N GLN Q 36 -0.55 -51.53 -53.85
CA GLN Q 36 -0.38 -51.88 -55.24
C GLN Q 36 0.96 -51.33 -55.69
N PRO Q 37 1.92 -52.24 -55.93
CA PRO Q 37 3.27 -51.86 -56.31
C PRO Q 37 3.28 -50.82 -57.42
N ASN Q 38 4.23 -49.89 -57.36
CA ASN Q 38 4.41 -48.83 -58.36
C ASN Q 38 3.21 -47.87 -58.48
N LYS Q 39 2.19 -48.05 -57.66
CA LYS Q 39 1.01 -47.19 -57.76
C LYS Q 39 0.60 -46.47 -56.46
N THR Q 40 0.10 -47.24 -55.49
CA THR Q 40 -0.54 -46.64 -54.33
C THR Q 40 -0.44 -47.58 -53.13
N ILE Q 41 -0.55 -46.98 -51.95
CA ILE Q 41 -0.52 -47.70 -50.69
C ILE Q 41 -1.45 -47.02 -49.70
N ILE Q 42 -2.26 -47.83 -49.00
CA ILE Q 42 -3.11 -47.35 -47.93
C ILE Q 42 -2.78 -48.08 -46.63
N GLY Q 43 -2.64 -47.33 -45.55
CA GLY Q 43 -2.34 -47.91 -44.26
C GLY Q 43 -2.90 -47.07 -43.12
N LEU Q 44 -2.65 -47.49 -41.89
CA LEU Q 44 -3.16 -46.74 -40.78
C LEU Q 44 -2.24 -46.63 -39.57
N LYS Q 45 -2.37 -45.51 -38.87
CA LYS Q 45 -1.66 -45.28 -37.62
C LYS Q 45 -2.70 -44.96 -36.56
N GLN Q 46 -2.67 -45.75 -35.47
CA GLN Q 46 -3.58 -45.58 -34.35
C GLN Q 46 -3.01 -44.57 -33.39
N VAL Q 47 -3.81 -43.59 -33.01
CA VAL Q 47 -3.33 -42.49 -32.23
C VAL Q 47 -3.84 -42.61 -30.79
N SER Q 48 -2.92 -42.91 -29.88
CA SER Q 48 -3.29 -43.17 -28.51
C SER Q 48 -2.58 -42.21 -27.58
N THR Q 49 -3.21 -41.93 -26.45
CA THR Q 49 -2.59 -41.13 -25.38
C THR Q 49 -1.31 -41.75 -24.83
N ASN Q 50 -1.20 -43.07 -24.95
CA ASN Q 50 -0.07 -43.80 -24.45
C ASN Q 50 1.07 -43.84 -25.46
N GLU Q 51 1.38 -42.68 -26.03
CA GLU Q 51 2.51 -42.53 -26.97
C GLU Q 51 3.44 -41.47 -26.44
N PRO Q 52 4.76 -41.69 -26.55
CA PRO Q 52 5.75 -40.89 -25.78
C PRO Q 52 5.78 -39.42 -26.12
N PHE Q 53 5.38 -39.04 -27.33
CA PHE Q 53 5.38 -37.61 -27.71
C PHE Q 53 4.29 -36.76 -27.06
N PHE Q 54 3.22 -37.38 -26.58
CA PHE Q 54 2.04 -36.64 -26.17
C PHE Q 54 2.24 -35.77 -24.95
N ASN Q 55 3.15 -36.20 -24.07
CA ASN Q 55 3.48 -35.47 -22.85
C ASN Q 55 4.12 -34.18 -23.17
N GLY Q 56 4.80 -34.10 -24.29
CA GLY Q 56 5.43 -32.85 -24.72
C GLY Q 56 4.69 -31.98 -25.73
N HIS Q 57 3.51 -32.39 -26.19
CA HIS Q 57 2.80 -31.72 -27.28
C HIS Q 57 1.29 -31.98 -27.22
N PHE Q 58 0.59 -31.39 -26.25
CA PHE Q 58 1.14 -30.53 -25.23
C PHE Q 58 0.65 -30.98 -23.85
N PRO Q 59 1.31 -30.56 -22.75
CA PRO Q 59 0.82 -30.88 -21.40
C PRO Q 59 -0.66 -30.57 -21.20
N GLN Q 60 -1.09 -29.40 -21.61
CA GLN Q 60 -2.48 -28.97 -21.40
C GLN Q 60 -3.44 -29.44 -22.47
N LYS Q 61 -2.91 -29.86 -23.61
CA LYS Q 61 -3.75 -30.32 -24.69
C LYS Q 61 -2.96 -31.28 -25.61
N GLN Q 62 -3.41 -32.53 -25.66
CA GLN Q 62 -2.74 -33.51 -26.48
C GLN Q 62 -3.15 -33.48 -27.98
N ILE Q 63 -2.21 -33.06 -28.82
CA ILE Q 63 -2.40 -32.92 -30.28
C ILE Q 63 -1.25 -33.57 -31.04
N MET Q 64 -1.55 -34.56 -31.86
CA MET Q 64 -0.49 -35.20 -32.66
C MET Q 64 0.27 -34.17 -33.47
N PRO Q 65 1.59 -34.08 -33.25
CA PRO Q 65 2.40 -33.13 -33.98
C PRO Q 65 2.24 -33.30 -35.50
N GLY Q 66 1.90 -32.22 -36.17
CA GLY Q 66 1.86 -32.14 -37.61
C GLY Q 66 3.01 -32.82 -38.30
N VAL Q 67 4.24 -32.51 -37.91
CA VAL Q 67 5.42 -33.13 -38.49
C VAL Q 67 5.44 -34.68 -38.38
N LEU Q 68 4.76 -35.22 -37.39
CA LEU Q 68 4.75 -36.68 -37.22
C LEU Q 68 3.70 -37.31 -38.10
N GLN Q 69 2.76 -36.47 -38.56
CA GLN Q 69 1.77 -36.89 -39.54
C GLN Q 69 2.50 -36.99 -40.87
N ILE Q 70 3.40 -36.03 -41.11
CA ILE Q 70 4.23 -36.09 -42.30
C ILE Q 70 5.03 -37.37 -42.27
N GLU Q 71 5.78 -37.59 -41.20
CA GLU Q 71 6.63 -38.78 -41.03
C GLU Q 71 5.87 -40.11 -41.25
N ALA Q 72 4.66 -40.21 -40.71
CA ALA Q 72 3.83 -41.38 -40.94
C ALA Q 72 3.56 -41.66 -42.45
N LEU Q 73 2.98 -40.69 -43.14
CA LEU Q 73 2.81 -40.77 -44.58
C LEU Q 73 4.11 -41.07 -45.31
N ALA Q 74 5.20 -40.49 -44.83
CA ALA Q 74 6.46 -40.67 -45.54
C ALA Q 74 7.01 -42.07 -45.39
N GLN Q 75 6.73 -42.67 -44.23
CA GLN Q 75 7.16 -44.03 -43.92
C GLN Q 75 6.35 -44.98 -44.78
N LEU Q 76 5.04 -44.71 -44.88
CA LEU Q 76 4.13 -45.45 -45.71
C LEU Q 76 4.57 -45.36 -47.16
N ALA Q 77 4.81 -44.13 -47.62
CA ALA Q 77 5.37 -43.92 -48.95
C ALA Q 77 6.63 -44.77 -49.14
N GLY Q 78 7.48 -44.79 -48.11
CA GLY Q 78 8.72 -45.55 -48.14
C GLY Q 78 8.52 -47.06 -48.31
N ILE Q 79 7.47 -47.59 -47.69
CA ILE Q 79 7.13 -49.00 -47.84
C ILE Q 79 6.82 -49.32 -49.29
N LEU Q 80 5.92 -48.53 -49.87
CA LEU Q 80 5.58 -48.64 -51.30
C LEU Q 80 6.84 -48.66 -52.18
N CYS Q 81 7.74 -47.69 -52.01
CA CYS Q 81 8.98 -47.65 -52.79
C CYS Q 81 9.79 -48.94 -52.70
N LEU Q 82 9.89 -49.47 -51.48
CA LEU Q 82 10.77 -50.61 -51.22
C LEU Q 82 10.16 -51.90 -51.71
N LYS Q 83 8.82 -51.94 -51.80
CA LYS Q 83 8.14 -53.11 -52.36
C LYS Q 83 7.93 -52.97 -53.87
N SER Q 84 8.03 -51.74 -54.37
CA SER Q 84 7.86 -51.45 -55.81
C SER Q 84 9.09 -51.86 -56.60
N ASP Q 85 10.24 -51.67 -55.97
CA ASP Q 85 11.53 -51.96 -56.58
C ASP Q 85 12.60 -52.14 -55.50
N ASP Q 86 12.93 -53.40 -55.18
CA ASP Q 86 14.00 -53.72 -54.19
C ASP Q 86 15.26 -54.28 -54.84
N SER Q 87 15.47 -53.98 -56.13
CA SER Q 87 16.76 -54.24 -56.78
C SER Q 87 17.91 -53.53 -56.03
N GLN Q 88 17.66 -52.28 -55.61
CA GLN Q 88 18.53 -51.57 -54.69
C GLN Q 88 18.31 -52.02 -53.23
N LYS Q 89 19.13 -52.99 -52.79
CA LYS Q 89 18.97 -53.64 -51.48
C LYS Q 89 19.33 -52.73 -50.30
N ASN Q 90 18.78 -51.53 -50.32
CA ASN Q 90 19.01 -50.52 -49.28
C ASN Q 90 17.64 -50.06 -48.76
N ASN Q 91 17.34 -50.37 -47.49
CA ASN Q 91 16.07 -49.92 -46.88
C ASN Q 91 16.12 -48.52 -46.22
N LEU Q 92 17.33 -48.05 -45.94
CA LEU Q 92 17.51 -46.68 -45.42
C LEU Q 92 17.21 -45.63 -46.50
N PHE Q 93 15.93 -45.29 -46.66
CA PHE Q 93 15.53 -44.15 -47.50
C PHE Q 93 15.63 -42.88 -46.66
N LEU Q 94 16.07 -41.76 -47.24
CA LEU Q 94 16.06 -40.44 -46.56
C LEU Q 94 15.13 -39.46 -47.29
N PHE Q 95 14.39 -38.69 -46.49
CA PHE Q 95 13.58 -37.58 -46.93
C PHE Q 95 14.50 -36.52 -47.55
N ALA Q 96 14.26 -36.19 -48.83
CA ALA Q 96 15.06 -35.20 -49.53
C ALA Q 96 14.36 -33.86 -49.64
N GLY Q 97 13.04 -33.92 -49.69
CA GLY Q 97 12.24 -32.71 -49.78
C GLY Q 97 10.79 -33.02 -49.61
N VAL Q 98 10.04 -32.04 -49.15
CA VAL Q 98 8.61 -32.15 -49.02
C VAL Q 98 7.99 -30.80 -49.36
N ASP Q 99 6.80 -30.84 -49.94
CA ASP Q 99 6.21 -29.67 -50.55
C ASP Q 99 4.70 -29.69 -50.46
N GLY Q 100 4.11 -28.52 -50.25
CA GLY Q 100 2.66 -28.36 -50.24
C GLY Q 100 1.97 -29.15 -49.15
N VAL Q 101 2.40 -28.96 -47.92
CA VAL Q 101 1.79 -29.64 -46.79
C VAL Q 101 0.73 -28.71 -46.17
N ARG Q 102 -0.44 -29.28 -45.90
CA ARG Q 102 -1.50 -28.53 -45.28
C ARG Q 102 -2.24 -29.39 -44.25
N TRP Q 103 -2.26 -28.89 -43.03
CA TRP Q 103 -3.00 -29.53 -41.95
C TRP Q 103 -4.34 -28.85 -41.81
N LYS Q 104 -5.41 -29.63 -41.92
CA LYS Q 104 -6.77 -29.12 -41.90
C LYS Q 104 -7.41 -29.20 -40.51
N LYS Q 105 -7.19 -30.32 -39.83
CA LYS Q 105 -7.87 -30.60 -38.58
C LYS Q 105 -6.84 -31.24 -37.65
N PRO Q 106 -6.92 -30.96 -36.33
CA PRO Q 106 -6.05 -31.62 -35.35
C PRO Q 106 -6.29 -33.12 -35.27
N VAL Q 107 -5.22 -33.90 -35.15
CA VAL Q 107 -5.35 -35.34 -34.88
C VAL Q 107 -5.16 -35.64 -33.39
N LEU Q 108 -6.19 -36.17 -32.75
CA LEU Q 108 -6.23 -36.37 -31.31
C LEU Q 108 -6.18 -37.85 -30.84
N PRO Q 109 -5.81 -38.09 -29.56
CA PRO Q 109 -5.83 -39.45 -29.02
C PRO Q 109 -7.20 -40.10 -29.15
N GLY Q 110 -7.25 -41.28 -29.71
CA GLY Q 110 -8.51 -41.98 -29.95
C GLY Q 110 -8.85 -42.03 -31.42
N ASP Q 111 -8.16 -41.25 -32.25
CA ASP Q 111 -8.40 -41.22 -33.69
C ASP Q 111 -7.69 -42.38 -34.40
N THR Q 112 -8.22 -42.78 -35.56
CA THR Q 112 -7.49 -43.68 -36.45
C THR Q 112 -7.02 -42.85 -37.65
N LEU Q 113 -5.71 -42.74 -37.84
CA LEU Q 113 -5.22 -41.99 -38.97
C LEU Q 113 -5.11 -42.95 -40.15
N THR Q 114 -6.02 -42.81 -41.13
CA THR Q 114 -5.95 -43.59 -42.32
C THR Q 114 -5.12 -42.79 -43.33
N MET Q 115 -4.19 -43.46 -44.02
CA MET Q 115 -3.22 -42.77 -44.84
C MET Q 115 -3.06 -43.41 -46.22
N GLN Q 116 -2.93 -42.56 -47.21
CA GLN Q 116 -2.77 -43.01 -48.59
C GLN Q 116 -1.65 -42.26 -49.23
N ALA Q 117 -0.71 -43.01 -49.82
CA ALA Q 117 0.36 -42.42 -50.60
C ALA Q 117 0.35 -42.95 -52.02
N ASN Q 118 0.61 -42.04 -52.96
CA ASN Q 118 0.59 -42.34 -54.38
C ASN Q 118 1.91 -41.99 -55.06
N LEU Q 119 2.51 -42.98 -55.71
CA LEU Q 119 3.73 -42.78 -56.47
C LEU Q 119 3.48 -41.93 -57.74
N ILE Q 120 4.35 -40.94 -57.93
CA ILE Q 120 4.26 -40.03 -59.06
C ILE Q 120 5.35 -40.38 -60.10
N SER Q 121 6.61 -40.43 -59.65
CA SER Q 121 7.73 -40.77 -60.51
C SER Q 121 8.81 -41.47 -59.71
N PHE Q 122 9.43 -42.45 -60.35
CA PHE Q 122 10.54 -43.20 -59.77
C PHE Q 122 11.64 -43.22 -60.82
N LYS Q 123 12.86 -42.84 -60.42
CA LYS Q 123 14.01 -42.85 -61.33
C LYS Q 123 15.08 -43.80 -60.80
N GLY Q 127 18.40 -43.26 -56.77
CA GLY Q 127 16.93 -43.21 -56.64
C GLY Q 127 16.24 -42.04 -56.01
N ILE Q 128 15.47 -41.41 -56.91
CA ILE Q 128 14.67 -40.24 -56.63
C ILE Q 128 13.23 -40.65 -56.86
N ALA Q 129 12.50 -40.87 -55.77
CA ALA Q 129 11.08 -41.17 -55.85
C ALA Q 129 10.30 -39.97 -55.35
N LYS Q 130 9.20 -39.67 -56.04
CA LYS Q 130 8.31 -38.60 -55.64
C LYS Q 130 6.89 -39.15 -55.44
N LEU Q 131 6.26 -38.76 -54.33
CA LEU Q 131 4.96 -39.28 -53.97
C LEU Q 131 4.09 -38.19 -53.37
N SER Q 132 2.77 -38.41 -53.39
CA SER Q 132 1.82 -37.50 -52.77
C SER Q 132 1.15 -38.28 -51.66
N GLY Q 133 0.54 -37.57 -50.72
CA GLY Q 133 -0.04 -38.24 -49.57
C GLY Q 133 -1.23 -37.52 -49.01
N VAL Q 134 -2.17 -38.29 -48.47
CA VAL Q 134 -3.36 -37.76 -47.83
C VAL Q 134 -3.63 -38.58 -46.56
N GLY Q 135 -4.01 -37.90 -45.49
CA GLY Q 135 -4.40 -38.58 -44.28
C GLY Q 135 -5.80 -38.22 -43.84
N TYR Q 136 -6.53 -39.21 -43.35
CA TYR Q 136 -7.95 -39.06 -42.96
C TYR Q 136 -8.24 -39.53 -41.57
N VAL Q 137 -9.20 -38.86 -40.95
CA VAL Q 137 -9.77 -39.30 -39.70
C VAL Q 137 -11.27 -39.20 -39.89
N ASN Q 138 -11.95 -40.31 -39.71
CA ASN Q 138 -13.41 -40.40 -39.97
C ASN Q 138 -13.83 -39.91 -41.38
N GLY Q 139 -13.14 -40.39 -42.42
CA GLY Q 139 -13.43 -40.00 -43.79
C GLY Q 139 -13.19 -38.54 -44.10
N LYS Q 140 -12.71 -37.77 -43.13
CA LYS Q 140 -12.41 -36.35 -43.34
C LYS Q 140 -10.90 -36.12 -43.47
N VAL Q 141 -10.51 -35.23 -44.38
CA VAL Q 141 -9.11 -34.96 -44.63
C VAL Q 141 -8.48 -34.19 -43.47
N VAL Q 142 -7.39 -34.70 -42.94
CA VAL Q 142 -6.67 -34.00 -41.87
C VAL Q 142 -5.32 -33.44 -42.38
N ILE Q 143 -4.66 -34.14 -43.30
CA ILE Q 143 -3.41 -33.67 -43.86
C ILE Q 143 -3.32 -33.94 -45.36
N ASN Q 144 -2.85 -32.95 -46.08
CA ASN Q 144 -2.50 -33.09 -47.48
C ASN Q 144 -1.01 -32.91 -47.72
N ILE Q 145 -0.43 -33.71 -48.60
CA ILE Q 145 0.94 -33.47 -49.03
C ILE Q 145 1.04 -33.62 -50.53
N SER Q 146 1.27 -32.51 -51.22
CA SER Q 146 1.45 -32.52 -52.68
C SER Q 146 2.61 -33.38 -53.09
N GLU Q 147 3.79 -33.16 -52.51
CA GLU Q 147 4.95 -33.89 -52.98
C GLU Q 147 5.89 -34.24 -51.84
N MET Q 148 6.15 -35.53 -51.67
CA MET Q 148 7.29 -36.01 -50.90
C MET Q 148 8.40 -36.47 -51.85
N THR Q 149 9.64 -36.10 -51.57
CA THR Q 149 10.78 -36.51 -52.38
C THR Q 149 11.75 -37.32 -51.52
N PHE Q 150 12.27 -38.43 -52.07
CA PHE Q 150 13.18 -39.30 -51.32
C PHE Q 150 14.41 -39.69 -52.12
N ALA Q 151 15.52 -39.75 -51.39
CA ALA Q 151 16.76 -40.30 -51.91
C ALA Q 151 17.07 -41.60 -51.16
N LEU Q 152 17.56 -42.60 -51.90
CA LEU Q 152 17.67 -43.97 -51.39
C LEU Q 152 18.54 -44.81 -52.32
N ASP R 8 19.81 -9.68 -29.34
CA ASP R 8 21.08 -10.22 -28.78
C ASP R 8 20.75 -10.82 -27.41
N THR R 9 19.47 -11.21 -27.31
CA THR R 9 18.96 -11.89 -26.15
C THR R 9 19.63 -13.28 -26.17
N SER R 10 20.14 -13.75 -25.03
CA SER R 10 20.57 -15.14 -25.02
C SER R 10 19.60 -15.89 -24.09
N ILE R 11 18.64 -16.62 -24.67
CA ILE R 11 17.61 -17.33 -23.86
C ILE R 11 17.97 -18.76 -23.48
N ASP R 12 17.84 -19.07 -22.21
CA ASP R 12 18.20 -20.40 -21.78
C ASP R 12 16.98 -21.30 -21.64
N ILE R 13 17.28 -22.57 -21.64
CA ILE R 13 16.24 -23.54 -21.64
C ILE R 13 15.08 -23.29 -20.65
N GLU R 14 15.34 -22.63 -19.54
CA GLU R 14 14.27 -22.44 -18.52
C GLU R 14 13.26 -21.41 -18.96
N ASP R 15 13.75 -20.35 -19.60
CA ASP R 15 12.92 -19.27 -20.11
C ASP R 15 12.22 -19.68 -21.39
N ILE R 16 12.86 -20.53 -22.21
CA ILE R 16 12.21 -21.14 -23.36
C ILE R 16 10.95 -21.86 -22.93
N LYS R 17 11.08 -22.72 -21.92
CA LYS R 17 9.94 -23.41 -21.34
C LYS R 17 8.83 -22.51 -20.77
N LYS R 18 9.13 -21.25 -20.51
CA LYS R 18 8.11 -20.31 -20.11
C LYS R 18 7.36 -19.71 -21.30
N ILE R 19 8.02 -19.70 -22.46
CA ILE R 19 7.41 -19.26 -23.70
C ILE R 19 6.62 -20.34 -24.39
N LEU R 20 7.29 -21.44 -24.77
CA LEU R 20 6.68 -22.62 -25.41
C LEU R 20 6.00 -23.55 -24.42
N PRO R 21 4.98 -24.27 -24.87
CA PRO R 21 4.35 -25.27 -24.02
C PRO R 21 4.94 -26.65 -24.20
N HIS R 22 5.79 -26.80 -25.22
CA HIS R 22 6.37 -28.08 -25.61
C HIS R 22 7.23 -28.63 -24.48
N ARG R 23 7.16 -29.94 -24.23
CA ARG R 23 8.05 -30.59 -23.25
C ARG R 23 8.69 -31.87 -23.80
N TYR R 24 9.49 -32.54 -22.97
CA TYR R 24 10.15 -33.76 -23.34
C TYR R 24 9.09 -34.76 -23.71
N PRO R 25 9.30 -35.54 -24.78
CA PRO R 25 10.43 -35.59 -25.69
C PRO R 25 10.20 -34.82 -26.98
N PHE R 26 9.57 -33.66 -26.89
CA PHE R 26 9.25 -32.92 -28.08
C PHE R 26 9.62 -31.42 -28.03
N LEU R 27 10.59 -31.06 -27.21
CA LEU R 27 11.08 -29.68 -27.17
C LEU R 27 12.45 -29.68 -27.82
N LEU R 28 12.53 -29.05 -28.98
CA LEU R 28 13.65 -29.24 -29.88
C LEU R 28 14.41 -27.94 -30.09
N VAL R 29 14.22 -26.98 -29.20
CA VAL R 29 15.12 -25.84 -29.15
C VAL R 29 15.86 -25.86 -27.82
N ASP R 30 17.18 -25.94 -27.87
CA ASP R 30 17.98 -25.90 -26.62
C ASP R 30 18.31 -24.50 -26.13
N LYS R 31 18.52 -23.56 -27.06
CA LYS R 31 18.94 -22.20 -26.71
C LYS R 31 18.61 -21.18 -27.81
N VAL R 32 18.11 -20.02 -27.42
CA VAL R 32 17.94 -18.91 -28.33
C VAL R 32 19.10 -17.95 -28.17
N ILE R 33 19.93 -17.81 -29.21
CA ILE R 33 21.15 -16.96 -29.11
C ILE R 33 20.98 -15.49 -29.53
N TYR R 34 20.08 -15.21 -30.46
CA TYR R 34 19.73 -13.86 -30.87
C TYR R 34 18.28 -13.79 -31.32
N MET R 35 17.58 -12.75 -30.87
CA MET R 35 16.19 -12.54 -31.27
C MET R 35 15.92 -11.07 -31.49
N GLN R 36 15.27 -10.76 -32.60
CA GLN R 36 14.80 -9.40 -32.85
C GLN R 36 13.33 -9.45 -33.16
N PRO R 37 12.49 -8.97 -32.22
CA PRO R 37 11.02 -9.07 -32.33
C PRO R 37 10.53 -8.60 -33.69
N ASN R 38 9.48 -9.24 -34.19
CA ASN R 38 8.90 -8.91 -35.49
C ASN R 38 9.81 -9.09 -36.70
N LYS R 39 11.04 -9.53 -36.48
CA LYS R 39 11.96 -9.72 -37.58
C LYS R 39 12.59 -11.13 -37.70
N THR R 40 13.51 -11.47 -36.80
CA THR R 40 14.33 -12.69 -36.98
C THR R 40 14.73 -13.33 -35.65
N ILE R 41 15.00 -14.63 -35.68
CA ILE R 41 15.43 -15.37 -34.49
C ILE R 41 16.50 -16.39 -34.83
N ILE R 42 17.53 -16.46 -34.00
CA ILE R 42 18.55 -17.46 -34.17
C ILE R 42 18.62 -18.27 -32.90
N GLY R 43 18.67 -19.60 -33.06
CA GLY R 43 18.72 -20.52 -31.94
C GLY R 43 19.49 -21.77 -32.32
N LEU R 44 19.64 -22.67 -31.34
CA LEU R 44 20.36 -23.90 -31.58
C LEU R 44 19.77 -25.14 -30.89
N LYS R 45 19.93 -26.28 -31.57
CA LYS R 45 19.56 -27.58 -31.03
C LYS R 45 20.79 -28.47 -31.07
N GLN R 46 21.21 -28.94 -29.90
CA GLN R 46 22.34 -29.88 -29.83
C GLN R 46 21.88 -31.29 -30.11
N VAL R 47 22.60 -31.96 -31.01
CA VAL R 47 22.24 -33.29 -31.48
C VAL R 47 23.12 -34.32 -30.81
N SER R 48 22.51 -35.14 -29.97
CA SER R 48 23.24 -36.16 -29.23
C SER R 48 22.65 -37.53 -29.44
N THR R 49 23.50 -38.54 -29.50
CA THR R 49 23.08 -39.93 -29.50
C THR R 49 22.13 -40.26 -28.37
N ASN R 50 22.22 -39.57 -27.25
CA ASN R 50 21.36 -39.83 -26.08
C ASN R 50 19.97 -39.18 -26.15
N GLU R 51 19.35 -39.26 -27.34
CA GLU R 51 18.03 -38.70 -27.56
C GLU R 51 17.12 -39.82 -27.98
N PRO R 52 15.85 -39.82 -27.50
CA PRO R 52 15.03 -41.04 -27.59
C PRO R 52 14.72 -41.48 -29.02
N PHE R 53 14.72 -40.56 -29.96
CA PHE R 53 14.34 -40.89 -31.29
C PHE R 53 15.39 -41.69 -32.06
N PHE R 54 16.63 -41.65 -31.58
CA PHE R 54 17.74 -42.19 -32.36
C PHE R 54 17.74 -43.73 -32.46
N ASN R 55 17.14 -44.37 -31.45
CA ASN R 55 17.03 -45.81 -31.49
C ASN R 55 16.19 -46.28 -32.64
N GLY R 56 15.26 -45.45 -33.05
CA GLY R 56 14.35 -45.90 -34.07
C GLY R 56 14.59 -45.26 -35.41
N HIS R 57 15.66 -44.44 -35.52
CA HIS R 57 15.91 -43.73 -36.77
C HIS R 57 17.39 -43.44 -36.98
N PHE R 58 18.22 -44.47 -37.22
CA PHE R 58 17.82 -45.87 -37.38
C PHE R 58 18.75 -46.73 -36.56
N PRO R 59 18.32 -47.95 -36.18
CA PRO R 59 19.19 -48.88 -35.44
C PRO R 59 20.63 -49.02 -36.00
N GLN R 60 20.77 -49.13 -37.32
CA GLN R 60 22.07 -49.33 -37.96
C GLN R 60 22.77 -48.02 -38.28
N LYS R 61 22.05 -46.92 -38.29
CA LYS R 61 22.64 -45.64 -38.70
C LYS R 61 21.82 -44.50 -38.15
N GLN R 62 22.41 -43.78 -37.20
CA GLN R 62 21.68 -42.72 -36.52
C GLN R 62 21.65 -41.41 -37.32
N ILE R 63 20.45 -41.01 -37.73
CA ILE R 63 20.21 -39.80 -38.55
C ILE R 63 19.02 -39.02 -37.99
N MET R 64 19.24 -37.77 -37.59
CA MET R 64 18.13 -36.98 -37.11
C MET R 64 17.03 -36.88 -38.20
N PRO R 65 15.81 -37.22 -37.80
CA PRO R 65 14.71 -37.20 -38.74
C PRO R 65 14.50 -35.82 -39.26
N GLY R 66 14.34 -35.72 -40.56
CA GLY R 66 14.10 -34.46 -41.25
C GLY R 66 12.90 -33.74 -40.67
N VAL R 67 11.83 -34.48 -40.40
CA VAL R 67 10.64 -33.86 -39.86
C VAL R 67 10.94 -33.22 -38.52
N LEU R 68 11.91 -33.78 -37.77
CA LEU R 68 12.23 -33.16 -36.47
C LEU R 68 13.07 -31.91 -36.62
N GLN R 69 13.72 -31.78 -37.78
CA GLN R 69 14.41 -30.57 -38.15
C GLN R 69 13.36 -29.50 -38.43
N ILE R 70 12.29 -29.88 -39.14
CA ILE R 70 11.20 -28.97 -39.39
C ILE R 70 10.64 -28.47 -38.05
N GLU R 71 10.25 -29.40 -37.19
CA GLU R 71 9.71 -29.06 -35.85
C GLU R 71 10.61 -28.12 -35.06
N ALA R 72 11.92 -28.35 -35.10
CA ALA R 72 12.85 -27.50 -34.34
C ALA R 72 12.76 -26.05 -34.84
N LEU R 73 12.87 -25.87 -36.16
CA LEU R 73 12.70 -24.55 -36.76
C LEU R 73 11.30 -23.98 -36.51
N ALA R 74 10.31 -24.85 -36.51
CA ALA R 74 8.93 -24.40 -36.25
C ALA R 74 8.76 -23.88 -34.82
N GLN R 75 9.40 -24.55 -33.87
CA GLN R 75 9.35 -24.12 -32.49
C GLN R 75 10.09 -22.81 -32.26
N LEU R 76 11.27 -22.69 -32.89
CA LEU R 76 12.01 -21.44 -32.89
C LEU R 76 11.15 -20.32 -33.48
N ALA R 77 10.60 -20.56 -34.66
CA ALA R 77 9.69 -19.60 -35.28
C ALA R 77 8.60 -19.20 -34.31
N GLY R 78 8.02 -20.20 -33.62
CA GLY R 78 6.95 -20.00 -32.63
C GLY R 78 7.37 -19.12 -31.45
N ILE R 79 8.64 -19.20 -31.06
CA ILE R 79 9.16 -18.35 -30.00
C ILE R 79 9.13 -16.89 -30.43
N LEU R 80 9.66 -16.61 -31.62
CA LEU R 80 9.61 -15.26 -32.24
C LEU R 80 8.21 -14.68 -32.29
N CYS R 81 7.23 -15.46 -32.77
CA CYS R 81 5.84 -15.03 -32.84
C CYS R 81 5.33 -14.61 -31.46
N LEU R 82 5.60 -15.44 -30.45
CA LEU R 82 5.06 -15.21 -29.11
C LEU R 82 5.75 -14.05 -28.39
N LYS R 83 6.98 -13.74 -28.78
CA LYS R 83 7.67 -12.58 -28.21
C LYS R 83 7.47 -11.32 -29.04
N SER R 84 7.06 -11.47 -30.30
CA SER R 84 6.76 -10.33 -31.18
C SER R 84 5.41 -9.70 -30.85
N ASP R 85 4.47 -10.53 -30.42
CA ASP R 85 3.12 -10.09 -30.10
C ASP R 85 2.41 -11.09 -29.17
N ASP R 86 2.38 -10.79 -27.87
CA ASP R 86 1.68 -11.67 -26.91
C ASP R 86 0.37 -11.04 -26.40
N SER R 87 -0.22 -10.14 -27.18
CA SER R 87 -1.55 -9.63 -26.84
C SER R 87 -2.56 -10.80 -26.83
N GLN R 88 -2.41 -11.72 -27.78
CA GLN R 88 -3.14 -13.02 -27.74
C GLN R 88 -2.45 -13.99 -26.76
N LYS R 89 -2.97 -14.04 -25.52
CA LYS R 89 -2.35 -14.81 -24.43
C LYS R 89 -2.55 -16.32 -24.60
N ASN R 90 -2.17 -16.83 -25.76
CA ASN R 90 -2.30 -18.24 -26.11
C ASN R 90 -0.95 -18.70 -26.65
N ASN R 91 -0.29 -19.60 -25.93
CA ASN R 91 1.02 -20.11 -26.37
C ASN R 91 0.93 -21.35 -27.27
N LEU R 92 -0.22 -22.02 -27.26
CA LEU R 92 -0.47 -23.18 -28.13
C LEU R 92 -0.63 -22.80 -29.61
N PHE R 93 0.48 -22.91 -30.34
CA PHE R 93 0.56 -22.62 -31.78
C PHE R 93 0.61 -23.90 -32.57
N LEU R 94 -0.34 -24.01 -33.50
CA LEU R 94 -0.41 -25.18 -34.36
C LEU R 94 0.10 -24.90 -35.76
N PHE R 95 0.89 -25.83 -36.25
CA PHE R 95 1.37 -25.85 -37.61
C PHE R 95 0.18 -25.94 -38.55
N ALA R 96 -0.02 -24.95 -39.42
CA ALA R 96 -1.14 -24.96 -40.37
C ALA R 96 -0.71 -25.41 -41.77
N GLY R 97 0.50 -25.03 -42.16
CA GLY R 97 1.05 -25.42 -43.44
C GLY R 97 2.55 -25.23 -43.47
N VAL R 98 3.21 -26.01 -44.30
CA VAL R 98 4.63 -25.84 -44.54
C VAL R 98 4.87 -26.09 -46.01
N ASP R 99 5.86 -25.37 -46.55
CA ASP R 99 6.09 -25.35 -47.97
C ASP R 99 7.56 -25.14 -48.33
N GLY R 100 7.98 -25.83 -49.39
CA GLY R 100 9.34 -25.73 -49.91
C GLY R 100 10.37 -26.12 -48.90
N VAL R 101 10.30 -27.37 -48.44
CA VAL R 101 11.31 -27.91 -47.53
C VAL R 101 12.32 -28.72 -48.30
N ARG R 102 13.59 -28.51 -48.02
CA ARG R 102 14.66 -29.25 -48.68
C ARG R 102 15.72 -29.63 -47.66
N TRP R 103 16.00 -30.92 -47.59
CA TRP R 103 17.12 -31.41 -46.81
C TRP R 103 18.35 -31.64 -47.71
N LYS R 104 19.44 -30.93 -47.42
CA LYS R 104 20.67 -31.01 -48.18
C LYS R 104 21.60 -32.09 -47.63
N LYS R 105 21.74 -32.15 -46.31
CA LYS R 105 22.79 -32.93 -45.69
C LYS R 105 22.22 -33.56 -44.43
N PRO R 106 22.58 -34.83 -44.14
CA PRO R 106 22.20 -35.48 -42.89
C PRO R 106 22.73 -34.78 -41.62
N VAL R 107 21.85 -34.63 -40.64
CA VAL R 107 22.25 -34.15 -39.34
C VAL R 107 22.49 -35.36 -38.39
N LEU R 108 23.70 -35.44 -37.82
CA LEU R 108 24.15 -36.61 -37.10
C LEU R 108 24.45 -36.28 -35.63
N PRO R 109 24.46 -37.31 -34.75
CA PRO R 109 24.86 -37.14 -33.35
C PRO R 109 26.22 -36.50 -33.21
N GLY R 110 26.29 -35.44 -32.43
CA GLY R 110 27.52 -34.70 -32.30
C GLY R 110 27.49 -33.35 -32.96
N ASP R 111 26.47 -33.12 -33.80
CA ASP R 111 26.35 -31.89 -34.56
C ASP R 111 25.69 -30.83 -33.72
N THR R 112 25.91 -29.56 -34.05
CA THR R 112 25.12 -28.47 -33.47
C THR R 112 24.28 -27.91 -34.59
N LEU R 113 22.97 -28.01 -34.42
CA LEU R 113 22.04 -27.47 -35.40
C LEU R 113 21.75 -26.02 -35.07
N THR R 114 22.35 -25.13 -35.85
CA THR R 114 22.09 -23.69 -35.71
C THR R 114 20.91 -23.38 -36.60
N MET R 115 19.96 -22.63 -36.09
CA MET R 115 18.72 -22.41 -36.82
C MET R 115 18.33 -20.94 -36.83
N GLN R 116 17.87 -20.48 -37.97
CA GLN R 116 17.39 -19.14 -38.10
C GLN R 116 15.99 -19.14 -38.73
N ALA R 117 15.06 -18.43 -38.09
CA ALA R 117 13.73 -18.20 -38.63
C ALA R 117 13.44 -16.72 -38.83
N ASN R 118 12.81 -16.40 -39.96
CA ASN R 118 12.51 -15.01 -40.30
C ASN R 118 11.03 -14.78 -40.58
N LEU R 119 10.47 -13.80 -39.88
CA LEU R 119 9.06 -13.45 -40.03
C LEU R 119 8.80 -12.76 -41.37
N ILE R 120 7.76 -13.23 -42.06
CA ILE R 120 7.39 -12.73 -43.36
C ILE R 120 6.16 -11.84 -43.21
N SER R 121 5.10 -12.39 -42.61
CA SER R 121 3.85 -11.66 -42.39
C SER R 121 3.14 -12.15 -41.15
N PHE R 122 2.47 -11.24 -40.48
CA PHE R 122 1.73 -11.55 -39.29
C PHE R 122 0.43 -10.81 -39.42
N LYS R 123 -0.66 -11.53 -39.17
CA LYS R 123 -1.99 -10.94 -39.22
C LYS R 123 -2.71 -11.23 -37.88
N SER R 124 -2.91 -10.19 -37.06
CA SER R 124 -3.88 -10.24 -35.92
C SER R 124 -5.16 -11.08 -36.14
N SER R 125 -5.83 -10.83 -37.27
CA SER R 125 -7.19 -11.30 -37.59
C SER R 125 -7.47 -12.77 -37.26
N LEU R 126 -6.68 -13.66 -37.88
CA LEU R 126 -6.85 -15.10 -37.69
C LEU R 126 -5.83 -15.72 -36.73
N GLY R 127 -4.76 -14.95 -36.44
CA GLY R 127 -3.55 -15.50 -35.87
C GLY R 127 -2.80 -16.26 -36.95
N ILE R 128 -2.53 -15.57 -38.05
CA ILE R 128 -1.84 -16.19 -39.18
C ILE R 128 -0.47 -15.59 -39.32
N ALA R 129 0.54 -16.39 -38.99
CA ALA R 129 1.93 -15.96 -39.15
C ALA R 129 2.63 -16.85 -40.15
N LYS R 130 3.45 -16.22 -41.00
CA LYS R 130 4.22 -16.95 -42.01
C LYS R 130 5.68 -16.63 -41.80
N LEU R 131 6.52 -17.69 -41.80
CA LEU R 131 7.94 -17.53 -41.56
C LEU R 131 8.75 -18.40 -42.48
N SER R 132 10.01 -18.05 -42.71
CA SER R 132 10.95 -18.91 -43.43
C SER R 132 11.99 -19.41 -42.44
N GLY R 133 12.68 -20.50 -42.77
CA GLY R 133 13.68 -21.05 -41.88
C GLY R 133 14.83 -21.69 -42.61
N VAL R 134 16.00 -21.62 -41.99
CA VAL R 134 17.22 -22.26 -42.44
C VAL R 134 17.94 -22.93 -41.23
N GLY R 135 18.51 -24.10 -41.44
CA GLY R 135 19.29 -24.80 -40.44
C GLY R 135 20.68 -25.08 -40.95
N TYR R 136 21.67 -24.88 -40.08
CA TYR R 136 23.07 -25.08 -40.44
C TYR R 136 23.78 -26.04 -39.49
N VAL R 137 24.81 -26.69 -40.03
CA VAL R 137 25.75 -27.46 -39.25
C VAL R 137 27.11 -27.09 -39.84
N ASN R 138 27.98 -26.54 -39.01
CA ASN R 138 29.30 -26.10 -39.46
C ASN R 138 29.26 -25.09 -40.64
N GLY R 139 28.44 -24.05 -40.46
CA GLY R 139 28.22 -23.03 -41.48
C GLY R 139 27.69 -23.52 -42.82
N LYS R 140 27.39 -24.82 -42.94
CA LYS R 140 26.82 -25.40 -44.17
C LYS R 140 25.32 -25.66 -44.02
N VAL R 141 24.55 -25.32 -45.05
CA VAL R 141 23.09 -25.47 -45.00
C VAL R 141 22.68 -26.93 -45.01
N VAL R 142 21.82 -27.31 -44.05
CA VAL R 142 21.31 -28.68 -43.98
C VAL R 142 19.81 -28.74 -44.28
N ILE R 143 19.07 -27.72 -43.87
CA ILE R 143 17.65 -27.66 -44.19
C ILE R 143 17.20 -26.24 -44.57
N ASN R 144 16.41 -26.17 -45.63
CA ASN R 144 15.73 -24.94 -46.09
C ASN R 144 14.22 -25.09 -45.96
N ILE R 145 13.57 -24.02 -45.50
CA ILE R 145 12.10 -23.99 -45.47
C ILE R 145 11.64 -22.64 -46.01
N SER R 146 11.07 -22.66 -47.21
CA SER R 146 10.53 -21.43 -47.82
C SER R 146 9.49 -20.77 -46.93
N GLU R 147 8.46 -21.52 -46.54
CA GLU R 147 7.35 -20.97 -45.79
C GLU R 147 6.80 -21.94 -44.75
N MET R 148 6.76 -21.48 -43.49
CA MET R 148 6.02 -22.15 -42.44
C MET R 148 4.81 -21.29 -42.12
N THR R 149 3.64 -21.91 -41.98
CA THR R 149 2.42 -21.17 -41.67
C THR R 149 1.85 -21.63 -40.34
N PHE R 150 1.59 -20.67 -39.45
CA PHE R 150 1.13 -20.98 -38.08
C PHE R 150 -0.18 -20.31 -37.70
N ALA R 151 -1.01 -21.08 -37.01
CA ALA R 151 -2.27 -20.61 -36.47
C ALA R 151 -2.25 -20.83 -34.95
N LEU R 152 -2.40 -19.78 -34.16
CA LEU R 152 -2.63 -19.99 -32.75
C LEU R 152 -3.91 -20.81 -32.56
N SER R 153 -3.90 -21.78 -31.67
CA SER R 153 -5.16 -22.31 -31.18
C SER R 153 -5.80 -21.24 -30.31
N ASP S 8 -31.05 41.51 -35.86
CA ASP S 8 -31.75 42.25 -34.75
C ASP S 8 -32.66 41.29 -33.98
N THR S 9 -32.28 40.01 -34.04
CA THR S 9 -33.06 38.88 -33.47
C THR S 9 -33.09 38.89 -31.92
N SER S 10 -33.78 39.89 -31.36
CA SER S 10 -33.71 40.23 -29.91
C SER S 10 -35.01 40.00 -29.13
N ILE S 11 -34.87 39.32 -28.00
CA ILE S 11 -35.95 39.18 -27.03
C ILE S 11 -35.46 40.03 -25.88
N ASP S 12 -35.91 41.29 -25.83
CA ASP S 12 -35.56 42.19 -24.72
C ASP S 12 -36.25 41.64 -23.47
N ILE S 13 -36.03 42.23 -22.30
CA ILE S 13 -36.46 41.60 -21.02
C ILE S 13 -37.96 41.21 -20.86
N GLU S 14 -38.89 42.10 -21.24
CA GLU S 14 -40.34 41.81 -21.14
C GLU S 14 -40.77 40.55 -21.88
N ASP S 15 -40.16 40.34 -23.04
CA ASP S 15 -40.46 39.18 -23.89
C ASP S 15 -39.81 37.91 -23.32
N ILE S 16 -38.62 38.06 -22.74
CA ILE S 16 -37.94 36.95 -22.06
C ILE S 16 -38.86 36.37 -21.03
N LYS S 17 -39.41 37.24 -20.18
CA LYS S 17 -40.41 36.87 -19.17
C LYS S 17 -41.67 36.15 -19.74
N LYS S 18 -41.91 36.26 -21.04
CA LYS S 18 -43.07 35.61 -21.66
C LYS S 18 -42.71 34.21 -22.09
N ILE S 19 -41.40 33.97 -22.22
CA ILE S 19 -40.90 32.64 -22.51
C ILE S 19 -40.62 31.90 -21.20
N LEU S 20 -39.71 32.42 -20.38
CA LEU S 20 -39.25 31.75 -19.15
C LEU S 20 -40.14 32.05 -17.96
N PRO S 21 -40.38 31.06 -17.10
CA PRO S 21 -41.20 31.30 -15.91
C PRO S 21 -40.41 31.90 -14.75
N HIS S 22 -39.08 31.89 -14.85
CA HIS S 22 -38.22 32.45 -13.82
C HIS S 22 -38.59 33.91 -13.54
N ARG S 23 -38.55 34.29 -12.27
CA ARG S 23 -38.66 35.70 -11.86
C ARG S 23 -37.56 36.09 -10.88
N TYR S 24 -37.55 37.36 -10.51
CA TYR S 24 -36.70 37.84 -9.43
C TYR S 24 -36.91 36.99 -8.14
N PRO S 25 -35.81 36.69 -7.42
CA PRO S 25 -34.39 36.94 -7.71
C PRO S 25 -33.70 35.76 -8.41
N PHE S 26 -34.30 35.20 -9.43
CA PHE S 26 -33.63 34.12 -10.09
C PHE S 26 -33.85 34.15 -11.59
N LEU S 27 -33.97 35.34 -12.15
CA LEU S 27 -34.00 35.48 -13.59
C LEU S 27 -32.67 36.09 -13.96
N LEU S 28 -31.86 35.29 -14.66
CA LEU S 28 -30.48 35.62 -14.87
C LEU S 28 -30.11 35.79 -16.35
N VAL S 29 -31.12 36.13 -17.15
CA VAL S 29 -30.87 36.57 -18.51
C VAL S 29 -31.45 37.99 -18.72
N ASP S 30 -30.57 38.96 -18.94
CA ASP S 30 -31.04 40.32 -19.15
C ASP S 30 -31.52 40.60 -20.56
N LYS S 31 -30.79 40.14 -21.56
CA LYS S 31 -31.18 40.39 -22.94
C LYS S 31 -30.76 39.26 -23.87
N VAL S 32 -31.58 38.93 -24.85
CA VAL S 32 -31.15 38.01 -25.90
C VAL S 32 -30.76 38.84 -27.12
N ILE S 33 -29.51 38.72 -27.57
CA ILE S 33 -29.02 39.54 -28.69
C ILE S 33 -29.04 38.85 -30.06
N TYR S 34 -28.90 37.52 -30.09
CA TYR S 34 -29.02 36.77 -31.35
C TYR S 34 -29.51 35.37 -31.06
N MET S 35 -30.43 34.88 -31.89
CA MET S 35 -30.99 33.55 -31.73
C MET S 35 -31.33 32.90 -33.07
N GLN S 36 -30.86 31.66 -33.26
CA GLN S 36 -31.21 30.86 -34.43
C GLN S 36 -31.84 29.56 -33.97
N PRO S 37 -33.15 29.37 -34.26
CA PRO S 37 -33.93 28.22 -33.82
C PRO S 37 -33.18 26.92 -34.12
N ASN S 38 -33.29 25.97 -33.19
CA ASN S 38 -32.62 24.67 -33.31
C ASN S 38 -31.09 24.72 -33.43
N LYS S 39 -30.50 25.92 -33.39
CA LYS S 39 -29.05 26.00 -33.45
C LYS S 39 -28.37 26.63 -32.22
N THR S 40 -28.36 27.96 -32.18
CA THR S 40 -27.55 28.69 -31.22
C THR S 40 -28.27 29.94 -30.71
N ILE S 41 -27.87 30.41 -29.54
CA ILE S 41 -28.44 31.60 -28.91
C ILE S 41 -27.36 32.37 -28.19
N ILE S 42 -27.35 33.69 -28.39
CA ILE S 42 -26.41 34.57 -27.72
C ILE S 42 -27.19 35.60 -26.90
N GLY S 43 -26.83 35.75 -25.62
CA GLY S 43 -27.49 36.70 -24.76
C GLY S 43 -26.50 37.31 -23.80
N LEU S 44 -26.99 38.21 -22.95
CA LEU S 44 -26.15 38.76 -21.89
C LEU S 44 -26.83 38.91 -20.52
N LYS S 45 -26.01 38.85 -19.47
CA LYS S 45 -26.41 39.15 -18.11
C LYS S 45 -25.49 40.24 -17.59
N GLN S 46 -26.08 41.35 -17.16
CA GLN S 46 -25.30 42.46 -16.63
C GLN S 46 -25.09 42.21 -15.16
N VAL S 47 -23.84 42.33 -14.71
CA VAL S 47 -23.44 42.01 -13.34
C VAL S 47 -23.25 43.30 -12.57
N SER S 48 -24.14 43.56 -11.61
CA SER S 48 -24.13 44.79 -10.83
C SER S 48 -23.97 44.47 -9.36
N THR S 49 -23.32 45.35 -8.61
CA THR S 49 -23.24 45.21 -7.15
C THR S 49 -24.60 45.31 -6.45
N ASN S 50 -25.58 45.84 -7.18
CA ASN S 50 -26.94 45.94 -6.70
C ASN S 50 -27.79 44.70 -7.01
N GLU S 51 -27.27 43.53 -6.65
CA GLU S 51 -27.97 42.29 -6.85
C GLU S 51 -27.94 41.51 -5.54
N PRO S 52 -29.10 40.93 -5.13
CA PRO S 52 -29.27 40.37 -3.78
C PRO S 52 -28.23 39.30 -3.33
N PHE S 53 -27.70 38.51 -4.26
CA PHE S 53 -26.69 37.50 -3.91
C PHE S 53 -25.33 38.05 -3.48
N PHE S 54 -24.99 39.26 -3.88
CA PHE S 54 -23.61 39.75 -3.66
C PHE S 54 -23.21 39.95 -2.20
N ASN S 55 -24.16 40.39 -1.38
CA ASN S 55 -23.95 40.53 0.05
C ASN S 55 -23.47 39.23 0.69
N GLY S 56 -23.94 38.10 0.14
CA GLY S 56 -23.64 36.78 0.71
C GLY S 56 -22.48 36.08 0.03
N HIS S 57 -21.89 36.67 -1.00
CA HIS S 57 -20.88 35.97 -1.79
C HIS S 57 -19.89 36.95 -2.46
N PHE S 58 -19.05 37.64 -1.70
CA PHE S 58 -18.85 37.47 -0.24
C PHE S 58 -18.80 38.87 0.36
N PRO S 59 -19.15 39.01 1.66
CA PRO S 59 -19.08 40.30 2.34
C PRO S 59 -17.78 41.04 2.06
N GLN S 60 -16.66 40.31 2.07
CA GLN S 60 -15.35 40.96 1.93
C GLN S 60 -14.87 41.03 0.50
N LYS S 61 -15.52 40.26 -0.37
CA LYS S 61 -15.12 40.22 -1.79
C LYS S 61 -16.27 39.73 -2.69
N GLN S 62 -16.81 40.65 -3.51
CA GLN S 62 -18.00 40.33 -4.32
C GLN S 62 -17.60 39.61 -5.60
N ILE S 63 -17.97 38.34 -5.69
CA ILE S 63 -17.66 37.48 -6.83
C ILE S 63 -18.92 36.72 -7.20
N MET S 64 -19.34 36.79 -8.47
CA MET S 64 -20.59 36.18 -8.88
C MET S 64 -20.48 34.66 -8.80
N PRO S 65 -21.36 34.04 -7.97
CA PRO S 65 -21.27 32.61 -7.70
C PRO S 65 -21.20 31.78 -8.98
N GLY S 66 -20.25 30.87 -9.04
CA GLY S 66 -20.12 29.97 -10.19
C GLY S 66 -21.46 29.39 -10.57
N VAL S 67 -22.17 28.81 -9.61
CA VAL S 67 -23.44 28.14 -9.90
C VAL S 67 -24.44 29.06 -10.56
N LEU S 68 -24.36 30.36 -10.28
CA LEU S 68 -25.30 31.31 -10.92
C LEU S 68 -24.93 31.63 -12.35
N GLN S 69 -23.64 31.51 -12.68
CA GLN S 69 -23.20 31.54 -14.08
C GLN S 69 -23.78 30.31 -14.81
N ILE S 70 -23.77 29.16 -14.16
CA ILE S 70 -24.37 27.98 -14.77
C ILE S 70 -25.82 28.33 -15.07
N GLU S 71 -26.57 28.73 -14.03
CA GLU S 71 -28.00 28.94 -14.12
C GLU S 71 -28.35 29.90 -15.25
N ALA S 72 -27.55 30.96 -15.39
CA ALA S 72 -27.76 31.96 -16.46
C ALA S 72 -27.68 31.32 -17.85
N LEU S 73 -26.60 30.58 -18.10
CA LEU S 73 -26.49 29.84 -19.36
C LEU S 73 -27.67 28.92 -19.57
N ALA S 74 -28.02 28.16 -18.53
CA ALA S 74 -29.13 27.20 -18.61
C ALA S 74 -30.46 27.86 -18.97
N GLN S 75 -30.66 29.05 -18.42
CA GLN S 75 -31.84 29.83 -18.75
C GLN S 75 -31.87 30.24 -20.22
N LEU S 76 -30.73 30.78 -20.68
CA LEU S 76 -30.49 31.07 -22.09
C LEU S 76 -30.72 29.84 -22.95
N ALA S 77 -30.13 28.71 -22.53
CA ALA S 77 -30.34 27.45 -23.24
C ALA S 77 -31.81 27.06 -23.26
N GLY S 78 -32.47 27.31 -22.14
CA GLY S 78 -33.93 27.06 -22.02
C GLY S 78 -34.77 27.89 -22.98
N ILE S 79 -34.37 29.14 -23.19
CA ILE S 79 -35.05 30.02 -24.13
C ILE S 79 -34.98 29.41 -25.53
N LEU S 80 -33.76 29.03 -25.94
CA LEU S 80 -33.54 28.38 -27.23
C LEU S 80 -34.44 27.16 -27.44
N CYS S 81 -34.49 26.28 -26.45
CA CYS S 81 -35.35 25.10 -26.53
C CYS S 81 -36.80 25.44 -26.77
N LEU S 82 -37.32 26.38 -25.99
CA LEU S 82 -38.73 26.75 -26.06
C LEU S 82 -39.13 27.49 -27.35
N LYS S 83 -38.18 28.21 -27.94
CA LYS S 83 -38.43 28.87 -29.22
C LYS S 83 -38.15 27.94 -30.41
N SER S 84 -37.30 26.94 -30.19
CA SER S 84 -36.99 25.93 -31.22
C SER S 84 -38.13 24.95 -31.45
N ASP S 85 -38.88 24.66 -30.38
CA ASP S 85 -40.00 23.73 -30.44
C ASP S 85 -40.92 23.95 -29.25
N ASP S 86 -42.03 24.68 -29.47
CA ASP S 86 -43.07 24.89 -28.42
C ASP S 86 -44.36 24.05 -28.66
N SER S 87 -44.26 22.94 -29.41
CA SER S 87 -45.39 21.99 -29.50
C SER S 87 -45.78 21.48 -28.09
N GLN S 88 -44.77 21.14 -27.28
CA GLN S 88 -44.96 20.88 -25.85
C GLN S 88 -45.10 22.21 -25.08
N LYS S 89 -46.37 22.61 -24.84
CA LYS S 89 -46.74 23.94 -24.30
C LYS S 89 -46.44 24.06 -22.82
N ASN S 90 -45.22 23.67 -22.44
CA ASN S 90 -44.75 23.63 -21.07
C ASN S 90 -43.44 24.42 -21.01
N ASN S 91 -43.46 25.56 -20.33
CA ASN S 91 -42.26 26.39 -20.18
C ASN S 91 -41.40 26.04 -18.94
N LEU S 92 -41.91 25.15 -18.07
CA LEU S 92 -41.18 24.69 -16.87
C LEU S 92 -40.17 23.59 -17.22
N PHE S 93 -38.92 24.02 -17.44
CA PHE S 93 -37.79 23.16 -17.86
C PHE S 93 -36.90 22.86 -16.68
N LEU S 94 -36.77 21.60 -16.33
CA LEU S 94 -35.90 21.28 -15.24
C LEU S 94 -34.54 20.85 -15.73
N PHE S 95 -33.51 21.36 -15.06
CA PHE S 95 -32.16 20.87 -15.17
C PHE S 95 -32.14 19.39 -14.77
N ALA S 96 -31.69 18.52 -15.67
CA ALA S 96 -31.60 17.08 -15.40
C ALA S 96 -30.18 16.66 -15.12
N GLY S 97 -29.24 17.38 -15.75
CA GLY S 97 -27.82 17.13 -15.54
C GLY S 97 -26.94 18.22 -16.12
N VAL S 98 -25.73 18.32 -15.58
CA VAL S 98 -24.72 19.19 -16.18
C VAL S 98 -23.36 18.53 -16.03
N ASP S 99 -22.50 18.79 -17.01
CA ASP S 99 -21.24 18.07 -17.15
C ASP S 99 -20.17 18.99 -17.74
N GLY S 100 -18.93 18.81 -17.27
CA GLY S 100 -17.78 19.52 -17.81
C GLY S 100 -17.87 21.03 -17.70
N VAL S 101 -18.12 21.52 -16.49
CA VAL S 101 -18.12 22.93 -16.19
C VAL S 101 -16.74 23.32 -15.70
N ARG S 102 -16.22 24.40 -16.25
CA ARG S 102 -14.95 24.95 -15.80
C ARG S 102 -15.00 26.47 -15.75
N TRP S 103 -14.72 27.03 -14.58
CA TRP S 103 -14.65 28.47 -14.37
C TRP S 103 -13.21 28.94 -14.45
N LYS S 104 -12.92 29.85 -15.38
CA LYS S 104 -11.55 30.26 -15.65
C LYS S 104 -11.15 31.52 -14.91
N LYS S 105 -12.11 32.42 -14.73
CA LYS S 105 -11.84 33.76 -14.25
C LYS S 105 -13.08 34.24 -13.47
N PRO S 106 -12.86 34.90 -12.32
CA PRO S 106 -13.94 35.47 -11.50
C PRO S 106 -14.78 36.47 -12.30
N VAL S 107 -16.09 36.46 -12.12
CA VAL S 107 -16.97 37.44 -12.76
C VAL S 107 -17.40 38.47 -11.70
N LEU S 108 -17.02 39.72 -11.91
CA LEU S 108 -17.10 40.75 -10.89
C LEU S 108 -18.15 41.80 -11.22
N PRO S 109 -18.70 42.49 -10.19
CA PRO S 109 -19.60 43.62 -10.42
C PRO S 109 -18.99 44.60 -11.41
N GLY S 110 -19.78 45.01 -12.39
CA GLY S 110 -19.29 45.87 -13.48
C GLY S 110 -19.19 45.14 -14.83
N ASP S 111 -18.92 43.84 -14.76
CA ASP S 111 -18.76 43.04 -15.96
C ASP S 111 -20.09 42.80 -16.70
N THR S 112 -19.98 42.58 -18.01
CA THR S 112 -21.09 42.18 -18.83
C THR S 112 -20.78 40.75 -19.19
N LEU S 113 -21.67 39.85 -18.78
CA LEU S 113 -21.49 38.45 -19.02
C LEU S 113 -22.20 38.22 -20.32
N THR S 114 -21.41 37.99 -21.39
CA THR S 114 -21.94 37.56 -22.67
C THR S 114 -21.95 36.02 -22.77
N MET S 115 -23.11 35.47 -23.12
CA MET S 115 -23.31 34.04 -23.07
C MET S 115 -23.77 33.47 -24.39
N GLN S 116 -23.19 32.34 -24.76
CA GLN S 116 -23.62 31.61 -25.95
C GLN S 116 -23.91 30.17 -25.58
N ALA S 117 -25.10 29.69 -25.94
CA ALA S 117 -25.47 28.28 -25.79
C ALA S 117 -25.84 27.64 -27.14
N ASN S 118 -25.43 26.39 -27.32
CA ASN S 118 -25.56 25.72 -28.61
C ASN S 118 -26.29 24.39 -28.44
N LEU S 119 -27.30 24.16 -29.27
CA LEU S 119 -28.08 22.92 -29.19
C LEU S 119 -27.33 21.76 -29.82
N ILE S 120 -27.31 20.63 -29.13
CA ILE S 120 -26.57 19.45 -29.56
C ILE S 120 -27.52 18.38 -30.07
N SER S 121 -28.49 18.01 -29.25
CA SER S 121 -29.55 17.07 -29.65
C SER S 121 -30.85 17.43 -28.98
N PHE S 122 -31.94 17.19 -29.70
CA PHE S 122 -33.28 17.38 -29.16
C PHE S 122 -34.07 16.14 -29.49
N LYS S 123 -34.70 15.55 -28.49
CA LYS S 123 -35.58 14.37 -28.71
C LYS S 123 -36.99 14.67 -28.23
N SER S 124 -37.80 15.19 -29.14
CA SER S 124 -39.17 15.64 -28.84
C SER S 124 -39.93 14.60 -28.01
N SER S 125 -39.77 13.35 -28.42
CA SER S 125 -40.38 12.21 -27.74
C SER S 125 -40.09 12.33 -26.27
N LEU S 126 -38.81 12.19 -25.95
CA LEU S 126 -38.36 12.22 -24.58
C LEU S 126 -38.75 13.55 -23.94
N GLY S 127 -38.28 14.66 -24.53
CA GLY S 127 -38.21 15.98 -23.93
C GLY S 127 -36.78 16.19 -23.42
N ILE S 128 -35.83 15.40 -23.98
CA ILE S 128 -34.39 15.48 -23.60
C ILE S 128 -33.50 16.34 -24.54
N ALA S 129 -33.22 17.53 -24.08
CA ALA S 129 -32.40 18.43 -24.86
C ALA S 129 -31.04 18.54 -24.22
N LYS S 130 -30.01 18.52 -25.05
CA LYS S 130 -28.64 18.65 -24.61
C LYS S 130 -27.97 19.82 -25.30
N LEU S 131 -27.32 20.68 -24.51
CA LEU S 131 -26.74 21.90 -25.03
C LEU S 131 -25.42 22.20 -24.36
N SER S 132 -24.56 22.93 -25.08
CA SER S 132 -23.29 23.40 -24.55
C SER S 132 -23.36 24.89 -24.28
N GLY S 133 -22.46 25.41 -23.45
CA GLY S 133 -22.42 26.82 -23.22
C GLY S 133 -21.04 27.40 -23.00
N VAL S 134 -20.88 28.66 -23.35
CA VAL S 134 -19.68 29.42 -23.03
C VAL S 134 -20.09 30.82 -22.51
N GLY S 135 -19.37 31.31 -21.51
CA GLY S 135 -19.60 32.66 -21.00
C GLY S 135 -18.35 33.49 -21.12
N TYR S 136 -18.49 34.72 -21.63
CA TYR S 136 -17.37 35.67 -21.79
C TYR S 136 -17.60 36.94 -21.01
N VAL S 137 -16.49 37.52 -20.58
CA VAL S 137 -16.42 38.89 -20.14
C VAL S 137 -15.25 39.48 -20.91
N ASN S 138 -15.54 40.49 -21.73
CA ASN S 138 -14.53 41.21 -22.51
C ASN S 138 -13.79 40.30 -23.49
N GLY S 139 -14.53 39.50 -24.23
CA GLY S 139 -13.94 38.58 -25.18
C GLY S 139 -13.13 37.43 -24.59
N LYS S 140 -12.91 37.45 -23.28
CA LYS S 140 -12.20 36.38 -22.57
C LYS S 140 -13.20 35.34 -22.04
N VAL S 141 -12.82 34.07 -22.08
CA VAL S 141 -13.66 32.99 -21.54
C VAL S 141 -13.66 32.98 -20.01
N VAL S 142 -14.85 32.95 -19.43
CA VAL S 142 -14.95 32.87 -17.97
C VAL S 142 -15.52 31.53 -17.51
N ILE S 143 -16.47 31.01 -18.26
CA ILE S 143 -17.08 29.72 -17.97
C ILE S 143 -17.29 28.88 -19.21
N ASN S 144 -16.94 27.59 -19.09
CA ASN S 144 -17.29 26.59 -20.07
C ASN S 144 -18.25 25.55 -19.53
N ILE S 145 -19.19 25.12 -20.36
CA ILE S 145 -20.00 23.97 -20.03
C ILE S 145 -20.06 23.06 -21.25
N SER S 146 -19.49 21.87 -21.09
CA SER S 146 -19.53 20.85 -22.11
C SER S 146 -20.93 20.44 -22.48
N GLU S 147 -21.77 20.18 -21.47
CA GLU S 147 -23.10 19.66 -21.71
C GLU S 147 -24.07 20.00 -20.60
N MET S 148 -25.19 20.60 -20.98
CA MET S 148 -26.33 20.79 -20.12
C MET S 148 -27.44 19.86 -20.60
N THR S 149 -28.11 19.21 -19.67
CA THR S 149 -29.19 18.27 -20.01
C THR S 149 -30.51 18.69 -19.35
N PHE S 150 -31.56 18.82 -20.16
CA PHE S 150 -32.85 19.30 -19.68
C PHE S 150 -34.01 18.32 -19.90
N ALA S 151 -35.06 18.50 -19.08
CA ALA S 151 -36.28 17.70 -19.20
C ALA S 151 -37.51 18.60 -19.23
N LEU S 152 -38.55 18.17 -20.00
CA LEU S 152 -39.89 18.85 -20.04
C LEU S 152 -40.95 18.21 -19.09
N SER S 153 -40.69 18.34 -17.79
CA SER S 153 -41.52 17.82 -16.74
C SER S 153 -42.88 18.54 -16.77
N THR T 9 -17.45 14.46 14.00
CA THR T 9 -17.76 15.66 14.85
C THR T 9 -18.98 16.33 14.19
N SER T 10 -19.80 17.01 14.99
CA SER T 10 -21.04 17.61 14.50
C SER T 10 -20.99 19.12 14.65
N ILE T 11 -21.23 19.87 13.57
CA ILE T 11 -21.13 21.32 13.59
C ILE T 11 -22.50 22.00 13.52
N ASP T 12 -22.70 23.02 14.36
CA ASP T 12 -23.95 23.81 14.44
C ASP T 12 -23.88 25.05 13.46
N ILE T 13 -24.92 25.93 13.35
CA ILE T 13 -24.97 27.03 12.31
C ILE T 13 -24.10 28.29 12.57
N GLU T 14 -23.87 28.60 13.84
CA GLU T 14 -22.99 29.70 14.23
C GLU T 14 -21.53 29.38 13.92
N ASP T 15 -21.19 28.12 14.10
CA ASP T 15 -19.84 27.65 13.88
C ASP T 15 -19.57 27.52 12.39
N ILE T 16 -20.59 27.07 11.63
CA ILE T 16 -20.46 26.99 10.16
C ILE T 16 -20.00 28.35 9.62
N LYS T 17 -20.73 29.40 10.02
CA LYS T 17 -20.40 30.77 9.67
C LYS T 17 -18.99 31.20 10.06
N LYS T 18 -18.35 30.44 10.95
CA LYS T 18 -16.97 30.74 11.35
C LYS T 18 -15.99 30.09 10.40
N ILE T 19 -16.46 29.08 9.68
CA ILE T 19 -15.61 28.39 8.71
C ILE T 19 -15.80 29.02 7.31
N LEU T 20 -17.04 28.95 6.79
CA LEU T 20 -17.38 29.53 5.47
C LEU T 20 -17.59 31.05 5.51
N PRO T 21 -17.21 31.76 4.44
CA PRO T 21 -17.49 33.21 4.35
C PRO T 21 -18.88 33.53 3.78
N HIS T 22 -19.54 32.52 3.22
CA HIS T 22 -20.90 32.66 2.68
C HIS T 22 -21.88 33.23 3.71
N ARG T 23 -22.69 34.21 3.28
CA ARG T 23 -23.82 34.65 4.08
C ARG T 23 -25.16 34.60 3.31
N TYR T 24 -26.24 35.00 4.01
CA TYR T 24 -27.58 35.16 3.41
C TYR T 24 -27.39 36.11 2.22
N PRO T 25 -28.07 35.84 1.09
CA PRO T 25 -28.94 34.73 0.81
C PRO T 25 -28.23 33.61 0.07
N PHE T 26 -26.97 33.39 0.39
CA PHE T 26 -26.25 32.34 -0.28
C PHE T 26 -25.49 31.32 0.63
N LEU T 27 -25.99 31.11 1.85
CA LEU T 27 -25.39 30.13 2.76
C LEU T 27 -26.36 28.97 2.78
N LEU T 28 -25.91 27.86 2.20
CA LEU T 28 -26.84 26.79 1.89
C LEU T 28 -26.51 25.47 2.61
N VAL T 29 -25.80 25.57 3.73
CA VAL T 29 -25.66 24.45 4.66
C VAL T 29 -26.22 24.88 6.01
N ASP T 30 -27.31 24.25 6.45
CA ASP T 30 -27.90 24.55 7.76
C ASP T 30 -27.17 23.90 8.96
N LYS T 31 -26.78 22.63 8.82
CA LYS T 31 -26.14 21.91 9.93
C LYS T 31 -25.18 20.82 9.44
N VAL T 32 -24.02 20.71 10.06
CA VAL T 32 -23.11 19.58 9.80
C VAL T 32 -23.32 18.46 10.81
N ILE T 33 -23.75 17.31 10.34
CA ILE T 33 -24.11 16.27 11.30
C ILE T 33 -22.89 15.40 11.62
N TYR T 34 -22.18 14.92 10.62
CA TYR T 34 -20.94 14.20 10.84
C TYR T 34 -19.80 14.66 9.97
N MET T 35 -18.61 14.67 10.53
CA MET T 35 -17.45 15.05 9.73
C MET T 35 -16.19 14.24 10.08
N GLN T 36 -15.50 13.70 9.06
CA GLN T 36 -14.21 13.08 9.28
C GLN T 36 -13.12 13.74 8.45
N PRO T 37 -12.21 14.46 9.12
CA PRO T 37 -11.13 15.17 8.43
C PRO T 37 -10.45 14.31 7.35
N ASN T 38 -10.10 14.96 6.23
CA ASN T 38 -9.51 14.29 5.07
C ASN T 38 -10.34 13.10 4.49
N LYS T 39 -11.57 12.89 4.98
CA LYS T 39 -12.38 11.82 4.40
C LYS T 39 -13.77 12.23 3.88
N THR T 40 -14.74 12.31 4.79
CA THR T 40 -16.15 12.54 4.43
C THR T 40 -16.86 13.47 5.39
N ILE T 41 -17.95 14.06 4.90
CA ILE T 41 -18.75 15.01 5.65
C ILE T 41 -20.22 14.77 5.29
N ILE T 42 -21.06 14.80 6.31
CA ILE T 42 -22.49 14.71 6.12
C ILE T 42 -23.14 15.89 6.81
N GLY T 43 -24.07 16.53 6.09
CA GLY T 43 -24.75 17.71 6.60
C GLY T 43 -26.14 17.79 6.02
N LEU T 44 -26.87 18.85 6.39
CA LEU T 44 -28.22 19.03 5.85
C LEU T 44 -28.59 20.47 5.54
N LYS T 45 -29.51 20.62 4.59
CA LYS T 45 -30.10 21.91 4.26
C LYS T 45 -31.62 21.71 4.27
N GLN T 46 -32.31 22.49 5.10
CA GLN T 46 -33.77 22.40 5.20
C GLN T 46 -34.39 23.30 4.16
N VAL T 47 -35.39 22.78 3.48
CA VAL T 47 -35.94 23.45 2.32
C VAL T 47 -37.32 23.97 2.71
N SER T 48 -37.40 25.29 2.87
CA SER T 48 -38.63 25.94 3.27
C SER T 48 -39.15 26.78 2.13
N THR T 49 -40.48 26.98 2.07
CA THR T 49 -41.06 27.96 1.15
C THR T 49 -40.71 29.41 1.50
N ASN T 50 -40.20 29.62 2.71
CA ASN T 50 -39.82 30.96 3.17
C ASN T 50 -38.40 31.29 2.84
N GLU T 51 -37.99 30.94 1.62
CA GLU T 51 -36.63 31.23 1.12
C GLU T 51 -36.70 32.12 -0.14
N PRO T 52 -35.84 33.15 -0.22
CA PRO T 52 -35.96 34.19 -1.24
C PRO T 52 -35.96 33.69 -2.70
N PHE T 53 -35.33 32.55 -3.00
CA PHE T 53 -35.28 32.10 -4.38
C PHE T 53 -36.60 31.50 -4.90
N PHE T 54 -37.51 31.15 -3.98
CA PHE T 54 -38.67 30.32 -4.37
C PHE T 54 -39.68 31.09 -5.17
N ASN T 55 -39.75 32.37 -4.92
CA ASN T 55 -40.62 33.26 -5.67
C ASN T 55 -40.29 33.25 -7.16
N GLY T 56 -38.99 33.12 -7.43
CA GLY T 56 -38.49 33.18 -8.79
C GLY T 56 -38.32 31.86 -9.48
N HIS T 57 -38.59 30.75 -8.79
CA HIS T 57 -38.34 29.42 -9.35
C HIS T 57 -39.24 28.37 -8.70
N PHE T 58 -40.54 28.31 -9.04
CA PHE T 58 -41.21 29.17 -10.01
C PHE T 58 -42.49 29.69 -9.38
N PRO T 59 -43.01 30.85 -9.84
CA PRO T 59 -44.20 31.44 -9.28
C PRO T 59 -45.34 30.43 -9.18
N GLN T 60 -45.42 29.54 -10.17
CA GLN T 60 -46.53 28.62 -10.29
C GLN T 60 -46.23 27.25 -9.69
N LYS T 61 -44.95 26.99 -9.45
CA LYS T 61 -44.50 25.69 -8.92
C LYS T 61 -43.14 25.88 -8.29
N GLN T 62 -43.08 25.73 -6.97
CA GLN T 62 -41.83 25.94 -6.22
C GLN T 62 -40.92 24.69 -6.24
N ILE T 63 -39.81 24.79 -6.94
CA ILE T 63 -38.84 23.70 -7.03
C ILE T 63 -37.49 24.31 -6.73
N MET T 64 -36.79 23.81 -5.71
CA MET T 64 -35.42 24.27 -5.42
C MET T 64 -34.46 24.07 -6.62
N PRO T 65 -33.89 25.16 -7.12
CA PRO T 65 -33.07 25.12 -8.32
C PRO T 65 -31.93 24.11 -8.19
N GLY T 66 -31.73 23.35 -9.26
CA GLY T 66 -30.66 22.37 -9.37
C GLY T 66 -29.32 22.94 -9.01
N VAL T 67 -29.02 24.14 -9.52
CA VAL T 67 -27.74 24.78 -9.29
C VAL T 67 -27.51 25.04 -7.82
N LEU T 68 -28.58 25.28 -7.06
CA LEU T 68 -28.41 25.61 -5.63
C LEU T 68 -28.21 24.34 -4.81
N GLN T 69 -28.70 23.22 -5.34
CA GLN T 69 -28.33 21.94 -4.76
C GLN T 69 -26.82 21.72 -4.96
N ILE T 70 -26.30 22.02 -6.16
CA ILE T 70 -24.85 22.00 -6.37
C ILE T 70 -24.15 22.85 -5.28
N GLU T 71 -24.52 24.11 -5.22
CA GLU T 71 -23.84 25.05 -4.36
C GLU T 71 -23.82 24.59 -2.91
N ALA T 72 -24.93 24.00 -2.46
CA ALA T 72 -25.04 23.51 -1.09
C ALA T 72 -23.95 22.44 -0.87
N LEU T 73 -23.99 21.38 -1.68
CA LEU T 73 -22.94 20.35 -1.61
C LEU T 73 -21.56 20.96 -1.64
N ALA T 74 -21.33 21.89 -2.56
CA ALA T 74 -20.00 22.53 -2.69
C ALA T 74 -19.55 23.18 -1.36
N GLN T 75 -20.47 23.88 -0.74
CA GLN T 75 -20.23 24.54 0.54
C GLN T 75 -19.86 23.49 1.61
N LEU T 76 -20.66 22.42 1.70
CA LEU T 76 -20.38 21.30 2.60
C LEU T 76 -19.01 20.71 2.29
N ALA T 77 -18.73 20.44 1.01
CA ALA T 77 -17.40 20.01 0.56
C ALA T 77 -16.31 21.03 0.91
N GLY T 78 -16.64 22.32 0.86
CA GLY T 78 -15.67 23.35 1.25
C GLY T 78 -15.36 23.35 2.74
N ILE T 79 -16.36 22.99 3.56
CA ILE T 79 -16.18 22.96 5.02
C ILE T 79 -15.15 21.91 5.36
N LEU T 80 -15.34 20.72 4.75
CA LEU T 80 -14.43 19.60 4.89
C LEU T 80 -13.03 20.05 4.55
N CYS T 81 -12.84 20.69 3.39
CA CYS T 81 -11.49 21.10 2.98
C CYS T 81 -10.82 21.96 4.02
N LEU T 82 -11.57 22.92 4.55
CA LEU T 82 -11.05 23.93 5.46
C LEU T 82 -10.73 23.38 6.86
N LYS T 83 -11.49 22.39 7.29
CA LYS T 83 -11.21 21.68 8.55
C LYS T 83 -10.11 20.60 8.38
N SER T 84 -10.04 20.03 7.16
CA SER T 84 -9.03 19.00 6.84
C SER T 84 -7.62 19.58 6.83
N ASP T 85 -7.50 20.82 6.35
CA ASP T 85 -6.21 21.49 6.24
C ASP T 85 -6.42 23.01 6.22
N ASP T 86 -6.21 23.67 7.36
CA ASP T 86 -6.26 25.14 7.43
C ASP T 86 -4.87 25.80 7.59
N SER T 87 -3.82 25.12 7.14
CA SER T 87 -2.51 25.76 7.04
C SER T 87 -2.56 26.98 6.11
N GLN T 88 -3.29 26.84 5.00
CA GLN T 88 -3.62 27.98 4.12
C GLN T 88 -4.81 28.74 4.70
N LYS T 89 -4.49 29.78 5.46
CA LYS T 89 -5.48 30.55 6.22
C LYS T 89 -6.36 31.42 5.30
N ASN T 90 -6.93 30.78 4.28
CA ASN T 90 -7.82 31.42 3.32
C ASN T 90 -9.12 30.64 3.29
N ASN T 91 -10.22 31.27 3.74
CA ASN T 91 -11.53 30.61 3.69
C ASN T 91 -12.33 30.85 2.38
N LEU T 92 -11.82 31.74 1.54
CA LEU T 92 -12.47 32.03 0.25
C LEU T 92 -12.09 31.00 -0.83
N PHE T 93 -12.90 29.96 -1.00
CA PHE T 93 -12.60 29.00 -2.06
C PHE T 93 -13.59 29.13 -3.17
N LEU T 94 -13.01 29.14 -4.37
CA LEU T 94 -13.79 29.25 -5.56
C LEU T 94 -13.91 27.90 -6.24
N PHE T 95 -15.10 27.71 -6.77
CA PHE T 95 -15.45 26.60 -7.62
C PHE T 95 -14.60 26.77 -8.85
N ALA T 96 -13.85 25.72 -9.19
CA ALA T 96 -13.02 25.73 -10.37
C ALA T 96 -13.65 24.90 -11.49
N GLY T 97 -14.32 23.83 -11.11
CA GLY T 97 -14.99 22.97 -12.08
C GLY T 97 -15.96 22.02 -11.40
N VAL T 98 -16.95 21.54 -12.14
CA VAL T 98 -17.82 20.51 -11.65
C VAL T 98 -18.16 19.63 -12.80
N ASP T 99 -18.42 18.35 -12.51
CA ASP T 99 -18.54 17.33 -13.54
C ASP T 99 -19.51 16.26 -13.08
N GLY T 100 -20.22 15.67 -14.04
CA GLY T 100 -21.12 14.53 -13.80
C GLY T 100 -22.20 14.80 -12.78
N VAL T 101 -22.91 15.90 -12.96
CA VAL T 101 -24.07 16.21 -12.12
C VAL T 101 -25.32 15.57 -12.74
N ARG T 102 -26.16 14.98 -11.89
CA ARG T 102 -27.39 14.34 -12.34
C ARG T 102 -28.50 14.52 -11.29
N TRP T 103 -29.57 15.21 -11.68
CA TRP T 103 -30.71 15.48 -10.79
C TRP T 103 -31.79 14.46 -11.09
N LYS T 104 -32.16 13.66 -10.10
CA LYS T 104 -33.08 12.52 -10.30
C LYS T 104 -34.51 12.90 -9.95
N LYS T 105 -34.68 13.79 -8.97
CA LYS T 105 -35.98 14.03 -8.40
C LYS T 105 -35.99 15.47 -7.94
N PRO T 106 -37.11 16.19 -8.19
CA PRO T 106 -37.30 17.56 -7.71
C PRO T 106 -37.20 17.66 -6.19
N VAL T 107 -36.57 18.71 -5.66
CA VAL T 107 -36.49 18.96 -4.20
C VAL T 107 -37.41 20.11 -3.81
N LEU T 108 -38.47 19.76 -3.07
CA LEU T 108 -39.61 20.65 -2.81
C LEU T 108 -39.62 21.24 -1.40
N PRO T 109 -40.24 22.43 -1.21
CA PRO T 109 -40.42 22.99 0.14
C PRO T 109 -41.03 21.98 1.11
N GLY T 110 -40.43 21.84 2.29
CA GLY T 110 -40.87 20.77 3.18
C GLY T 110 -39.88 19.62 3.26
N ASP T 111 -39.05 19.45 2.23
CA ASP T 111 -38.00 18.45 2.24
C ASP T 111 -36.83 18.82 3.16
N THR T 112 -36.14 17.76 3.65
CA THR T 112 -34.83 17.86 4.27
C THR T 112 -33.83 17.35 3.27
N LEU T 113 -32.89 18.20 2.87
CA LEU T 113 -31.85 17.78 1.94
C LEU T 113 -30.66 17.29 2.76
N THR T 114 -30.50 15.98 2.82
CA THR T 114 -29.32 15.42 3.47
C THR T 114 -28.19 15.26 2.45
N MET T 115 -27.01 15.72 2.82
CA MET T 115 -25.91 15.83 1.88
C MET T 115 -24.65 15.14 2.38
N GLN T 116 -24.00 14.40 1.48
CA GLN T 116 -22.71 13.81 1.81
C GLN T 116 -21.71 14.13 0.72
N ALA T 117 -20.55 14.64 1.15
CA ALA T 117 -19.43 14.91 0.27
C ALA T 117 -18.16 14.13 0.70
N ASN T 118 -17.43 13.62 -0.28
CA ASN T 118 -16.30 12.78 -0.02
C ASN T 118 -15.04 13.33 -0.69
N LEU T 119 -13.98 13.51 0.10
CA LEU T 119 -12.69 13.94 -0.44
C LEU T 119 -11.97 12.85 -1.31
N ILE T 120 -11.53 13.23 -2.50
CA ILE T 120 -10.90 12.30 -3.43
C ILE T 120 -9.38 12.54 -3.53
N SER T 121 -8.99 13.78 -3.78
CA SER T 121 -7.60 14.18 -3.74
C SER T 121 -7.47 15.61 -3.21
N PHE T 122 -6.38 15.86 -2.50
CA PHE T 122 -6.01 17.19 -2.02
C PHE T 122 -4.52 17.41 -2.34
N LYS T 123 -4.23 18.53 -2.99
CA LYS T 123 -2.85 18.88 -3.29
C LYS T 123 -2.56 20.26 -2.71
N SER T 124 -2.16 20.32 -1.43
CA SER T 124 -1.91 21.62 -0.76
C SER T 124 -1.21 22.64 -1.63
N SER T 125 -0.30 22.18 -2.50
CA SER T 125 0.42 23.00 -3.48
C SER T 125 -0.26 24.24 -4.08
N LEU T 126 -1.36 24.06 -4.81
CA LEU T 126 -2.11 25.17 -5.40
C LEU T 126 -3.55 24.84 -5.04
N GLY T 127 -3.69 24.34 -3.80
CA GLY T 127 -4.98 24.15 -3.22
C GLY T 127 -5.95 23.54 -4.17
N ILE T 128 -5.53 22.44 -4.81
CA ILE T 128 -6.43 21.67 -5.73
C ILE T 128 -7.09 20.50 -5.01
N ALA T 129 -8.33 20.72 -4.54
CA ALA T 129 -9.12 19.66 -3.94
C ALA T 129 -10.24 19.23 -4.86
N LYS T 130 -10.42 17.91 -4.95
CA LYS T 130 -11.49 17.29 -5.74
C LYS T 130 -12.34 16.45 -4.81
N LEU T 131 -13.66 16.59 -4.91
CA LEU T 131 -14.60 15.89 -4.04
C LEU T 131 -15.82 15.44 -4.82
N SER T 132 -16.49 14.40 -4.33
CA SER T 132 -17.72 13.88 -4.91
C SER T 132 -18.84 14.17 -3.94
N GLY T 133 -20.09 14.09 -4.40
CA GLY T 133 -21.24 14.46 -3.59
C GLY T 133 -22.52 13.73 -3.95
N VAL T 134 -23.35 13.50 -2.95
CA VAL T 134 -24.70 12.92 -3.12
C VAL T 134 -25.69 13.67 -2.22
N GLY T 135 -26.90 13.87 -2.72
CA GLY T 135 -27.89 14.55 -1.90
C GLY T 135 -29.12 13.68 -1.81
N TYR T 136 -29.67 13.58 -0.63
CA TYR T 136 -30.87 12.74 -0.42
C TYR T 136 -32.04 13.50 0.14
N VAL T 137 -33.23 13.03 -0.24
CA VAL T 137 -34.48 13.41 0.44
C VAL T 137 -35.22 12.13 0.76
N ASN T 138 -35.39 11.86 2.06
CA ASN T 138 -36.04 10.62 2.52
C ASN T 138 -35.32 9.36 2.04
N GLY T 139 -34.02 9.30 2.29
CA GLY T 139 -33.21 8.18 1.86
C GLY T 139 -33.16 7.93 0.35
N LYS T 140 -33.92 8.68 -0.44
CA LYS T 140 -33.85 8.57 -1.91
C LYS T 140 -32.85 9.58 -2.51
N VAL T 141 -32.11 9.15 -3.54
CA VAL T 141 -31.12 10.04 -4.16
C VAL T 141 -31.82 11.14 -4.95
N VAL T 142 -31.46 12.40 -4.71
CA VAL T 142 -31.99 13.52 -5.55
C VAL T 142 -30.95 14.13 -6.49
N ILE T 143 -29.72 14.25 -5.99
CA ILE T 143 -28.61 14.77 -6.79
C ILE T 143 -27.32 14.00 -6.60
N ASN T 144 -26.66 13.67 -7.72
CA ASN T 144 -25.33 13.11 -7.74
C ASN T 144 -24.35 14.08 -8.33
N ILE T 145 -23.14 14.08 -7.78
CA ILE T 145 -22.03 14.81 -8.39
C ILE T 145 -20.80 13.91 -8.40
N SER T 146 -20.32 13.57 -9.60
CA SER T 146 -19.11 12.79 -9.75
C SER T 146 -17.89 13.47 -9.18
N GLU T 147 -17.72 14.77 -9.47
CA GLU T 147 -16.50 15.49 -9.10
C GLU T 147 -16.73 16.99 -9.05
N MET T 148 -16.38 17.56 -7.90
CA MET T 148 -16.30 19.00 -7.71
C MET T 148 -14.81 19.34 -7.56
N THR T 149 -14.38 20.41 -8.21
CA THR T 149 -13.00 20.86 -8.17
C THR T 149 -12.92 22.27 -7.60
N PHE T 150 -12.11 22.44 -6.56
CA PHE T 150 -11.96 23.74 -5.91
C PHE T 150 -10.55 24.28 -5.92
N ALA T 151 -10.43 25.57 -6.23
CA ALA T 151 -9.16 26.23 -6.18
C ALA T 151 -9.18 27.29 -5.12
N LEU T 152 -7.97 27.60 -4.64
CA LEU T 152 -7.78 28.61 -3.62
C LEU T 152 -6.61 29.57 -3.90
N SER T 153 -6.92 30.75 -4.44
CA SER T 153 -6.08 31.96 -4.33
C SER T 153 -6.74 32.85 -3.28
N THR U 9 -59.87 63.49 -1.38
CA THR U 9 -60.44 62.94 -0.10
C THR U 9 -59.45 61.96 0.57
N SER U 10 -59.84 61.35 1.70
CA SER U 10 -58.98 60.36 2.37
C SER U 10 -58.79 59.12 1.47
N ILE U 11 -57.55 58.76 1.18
CA ILE U 11 -57.21 57.63 0.28
C ILE U 11 -56.21 56.67 0.95
N ASP U 12 -56.63 55.41 1.12
CA ASP U 12 -55.77 54.46 1.80
C ASP U 12 -54.66 54.00 0.83
N ILE U 13 -53.95 52.96 1.20
CA ILE U 13 -52.88 52.43 0.41
C ILE U 13 -53.40 51.46 -0.66
N GLU U 14 -54.58 50.89 -0.47
CA GLU U 14 -55.14 49.96 -1.46
C GLU U 14 -55.57 50.71 -2.71
N ASP U 15 -56.20 51.88 -2.49
CA ASP U 15 -56.69 52.73 -3.58
C ASP U 15 -55.54 53.41 -4.33
N ILE U 16 -54.47 53.75 -3.60
CA ILE U 16 -53.26 54.32 -4.18
C ILE U 16 -52.73 53.36 -5.24
N LYS U 17 -52.66 52.08 -4.85
CA LYS U 17 -52.18 51.05 -5.74
C LYS U 17 -53.05 50.88 -6.98
N LYS U 18 -54.26 51.46 -6.93
CA LYS U 18 -55.22 51.37 -8.06
C LYS U 18 -54.96 52.49 -9.05
N ILE U 19 -54.28 53.51 -8.56
CA ILE U 19 -53.89 54.63 -9.37
C ILE U 19 -52.48 54.39 -9.90
N LEU U 20 -51.51 54.24 -9.01
CA LEU U 20 -50.11 54.14 -9.43
C LEU U 20 -49.74 52.71 -9.74
N PRO U 21 -48.84 52.50 -10.71
CA PRO U 21 -48.40 51.15 -11.04
C PRO U 21 -47.22 50.72 -10.16
N HIS U 22 -46.66 51.65 -9.37
CA HIS U 22 -45.48 51.36 -8.55
C HIS U 22 -45.82 50.31 -7.52
N ARG U 23 -44.92 49.37 -7.27
CA ARG U 23 -45.04 48.45 -6.15
C ARG U 23 -43.78 48.42 -5.28
N TYR U 24 -43.82 47.64 -4.20
CA TYR U 24 -42.65 47.32 -3.41
C TYR U 24 -41.50 46.80 -4.31
N PRO U 25 -40.27 47.27 -4.09
CA PRO U 25 -39.85 48.21 -3.05
C PRO U 25 -39.76 49.64 -3.59
N PHE U 26 -40.70 50.05 -4.42
CA PHE U 26 -40.59 51.40 -4.92
C PHE U 26 -41.90 52.15 -4.93
N LEU U 27 -42.77 51.81 -4.00
CA LEU U 27 -43.97 52.61 -3.75
C LEU U 27 -43.71 53.47 -2.51
N LEU U 28 -43.56 54.77 -2.72
CA LEU U 28 -43.16 55.69 -1.68
C LEU U 28 -44.24 56.70 -1.24
N VAL U 29 -45.51 56.35 -1.40
CA VAL U 29 -46.59 57.15 -0.85
C VAL U 29 -47.45 56.26 -0.01
N ASP U 30 -47.52 56.55 1.29
CA ASP U 30 -48.27 55.67 2.18
C ASP U 30 -49.74 56.02 2.22
N LYS U 31 -50.02 57.32 2.29
CA LYS U 31 -51.41 57.78 2.43
C LYS U 31 -51.62 59.18 1.82
N VAL U 32 -52.72 59.35 1.07
CA VAL U 32 -53.14 60.68 0.56
C VAL U 32 -54.16 61.28 1.52
N ILE U 33 -53.82 62.42 2.11
CA ILE U 33 -54.68 63.00 3.15
C ILE U 33 -55.61 64.09 2.64
N TYR U 34 -55.15 64.86 1.65
CA TYR U 34 -56.00 65.84 0.97
C TYR U 34 -55.65 65.96 -0.52
N MET U 35 -56.67 66.03 -1.37
CA MET U 35 -56.44 66.23 -2.80
C MET U 35 -57.51 67.11 -3.43
N GLN U 36 -57.07 68.09 -4.24
CA GLN U 36 -57.98 68.89 -5.02
C GLN U 36 -57.58 68.80 -6.48
N PRO U 37 -58.44 68.19 -7.31
CA PRO U 37 -58.18 67.98 -8.74
C PRO U 37 -57.72 69.24 -9.46
N ASN U 38 -56.73 69.07 -10.34
CA ASN U 38 -56.11 70.18 -11.08
C ASN U 38 -55.38 71.23 -10.23
N LYS U 39 -55.31 71.03 -8.91
CA LYS U 39 -54.67 72.01 -8.04
C LYS U 39 -53.52 71.49 -7.18
N THR U 40 -53.86 70.86 -6.06
CA THR U 40 -52.86 70.44 -5.10
C THR U 40 -53.19 69.09 -4.46
N ILE U 41 -52.16 68.46 -3.90
CA ILE U 41 -52.29 67.17 -3.22
C ILE U 41 -51.36 67.12 -1.99
N ILE U 42 -51.91 66.65 -0.87
CA ILE U 42 -51.13 66.44 0.33
C ILE U 42 -51.18 64.97 0.71
N GLY U 43 -50.01 64.38 0.98
CA GLY U 43 -49.91 62.99 1.39
C GLY U 43 -48.74 62.79 2.33
N LEU U 44 -48.53 61.55 2.76
CA LEU U 44 -47.41 61.24 3.65
C LEU U 44 -46.72 59.90 3.36
N LYS U 45 -45.47 59.82 3.76
CA LYS U 45 -44.66 58.62 3.64
C LYS U 45 -44.03 58.41 5.02
N GLN U 46 -44.33 57.26 5.61
CA GLN U 46 -43.81 56.91 6.93
C GLN U 46 -42.42 56.33 6.76
N VAL U 47 -41.46 56.90 7.50
CA VAL U 47 -40.10 56.47 7.41
C VAL U 47 -39.79 55.51 8.55
N SER U 48 -39.49 54.26 8.23
CA SER U 48 -39.23 53.23 9.23
C SER U 48 -37.88 52.64 9.00
N THR U 49 -37.24 52.12 10.03
CA THR U 49 -35.95 51.43 9.86
C THR U 49 -36.16 50.10 9.16
N ASN U 50 -37.39 49.59 9.21
CA ASN U 50 -37.71 48.31 8.54
C ASN U 50 -38.04 48.48 7.07
N GLU U 51 -37.19 49.24 6.35
CA GLU U 51 -37.32 49.47 4.93
C GLU U 51 -36.03 49.04 4.22
N PRO U 52 -36.17 48.30 3.11
CA PRO U 52 -35.01 47.67 2.47
C PRO U 52 -33.81 48.57 2.10
N PHE U 53 -34.03 49.86 1.81
CA PHE U 53 -32.91 50.78 1.42
C PHE U 53 -32.00 51.21 2.54
N PHE U 54 -32.52 51.18 3.76
CA PHE U 54 -31.78 51.68 4.90
C PHE U 54 -30.48 50.97 5.18
N ASN U 55 -30.46 49.65 4.97
CA ASN U 55 -29.26 48.85 5.13
C ASN U 55 -28.11 49.37 4.32
N GLY U 56 -28.43 49.98 3.18
CA GLY U 56 -27.41 50.43 2.24
C GLY U 56 -27.16 51.92 2.22
N HIS U 57 -27.88 52.64 3.08
CA HIS U 57 -27.78 54.12 3.10
C HIS U 57 -28.14 54.65 4.47
N PHE U 58 -27.27 54.44 5.48
CA PHE U 58 -25.95 53.81 5.37
C PHE U 58 -25.81 52.85 6.56
N PRO U 59 -24.99 51.77 6.42
CA PRO U 59 -24.76 50.82 7.50
C PRO U 59 -24.53 51.47 8.83
N GLN U 60 -23.74 52.55 8.86
CA GLN U 60 -23.34 53.22 10.11
C GLN U 60 -24.26 54.37 10.48
N LYS U 61 -25.08 54.82 9.55
CA LYS U 61 -25.97 55.96 9.81
C LYS U 61 -27.16 55.94 8.85
N GLN U 62 -28.36 55.71 9.37
CA GLN U 62 -29.52 55.51 8.49
C GLN U 62 -30.18 56.83 8.15
N ILE U 63 -30.03 57.25 6.89
CA ILE U 63 -30.58 58.48 6.37
C ILE U 63 -31.35 58.14 5.11
N MET U 64 -32.60 58.58 5.04
CA MET U 64 -33.42 58.33 3.85
C MET U 64 -32.89 59.06 2.64
N PRO U 65 -32.43 58.31 1.62
CA PRO U 65 -31.78 58.90 0.43
C PRO U 65 -32.57 60.07 -0.15
N GLY U 66 -31.85 61.15 -0.44
CA GLY U 66 -32.44 62.30 -1.09
C GLY U 66 -33.26 61.94 -2.33
N VAL U 67 -32.67 61.18 -3.23
CA VAL U 67 -33.38 60.83 -4.45
C VAL U 67 -34.74 60.19 -4.17
N LEU U 68 -34.86 59.47 -3.06
CA LEU U 68 -36.12 58.75 -2.77
C LEU U 68 -37.14 59.70 -2.20
N GLN U 69 -36.66 60.85 -1.69
CA GLN U 69 -37.56 61.92 -1.28
C GLN U 69 -38.18 62.59 -2.48
N ILE U 70 -37.35 62.83 -3.50
CA ILE U 70 -37.83 63.22 -4.83
C ILE U 70 -38.90 62.24 -5.34
N GLU U 71 -38.53 60.96 -5.43
CA GLU U 71 -39.41 59.94 -5.98
C GLU U 71 -40.78 59.93 -5.29
N ALA U 72 -40.76 60.03 -3.96
CA ALA U 72 -42.00 60.06 -3.16
C ALA U 72 -42.92 61.21 -3.60
N LEU U 73 -42.38 62.42 -3.61
CA LEU U 73 -43.11 63.56 -4.14
C LEU U 73 -43.61 63.32 -5.57
N ALA U 74 -42.72 62.85 -6.44
CA ALA U 74 -43.08 62.58 -7.85
C ALA U 74 -44.28 61.67 -8.00
N GLN U 75 -44.30 60.61 -7.20
CA GLN U 75 -45.41 59.70 -7.13
C GLN U 75 -46.69 60.40 -6.66
N LEU U 76 -46.60 61.19 -5.60
CA LEU U 76 -47.74 61.98 -5.11
C LEU U 76 -48.20 62.95 -6.21
N ALA U 77 -47.24 63.62 -6.86
CA ALA U 77 -47.55 64.49 -7.99
C ALA U 77 -48.18 63.70 -9.17
N GLY U 78 -47.75 62.45 -9.34
CA GLY U 78 -48.32 61.54 -10.34
C GLY U 78 -49.75 61.14 -10.06
N ILE U 79 -50.09 60.99 -8.77
CA ILE U 79 -51.47 60.68 -8.37
C ILE U 79 -52.38 61.83 -8.76
N LEU U 80 -51.96 63.05 -8.42
CA LEU U 80 -52.72 64.26 -8.74
C LEU U 80 -53.02 64.34 -10.24
N CYS U 81 -51.99 64.16 -11.07
CA CYS U 81 -52.16 64.15 -12.54
C CYS U 81 -53.21 63.15 -13.03
N LEU U 82 -53.14 61.93 -12.50
CA LEU U 82 -54.01 60.84 -12.94
C LEU U 82 -55.47 61.00 -12.47
N LYS U 83 -55.66 61.65 -11.34
CA LYS U 83 -57.00 61.95 -10.86
C LYS U 83 -57.54 63.26 -11.41
N SER U 84 -56.63 64.15 -11.84
CA SER U 84 -57.01 65.42 -12.48
C SER U 84 -57.55 65.21 -13.88
N ASP U 85 -56.96 64.25 -14.60
CA ASP U 85 -57.32 63.98 -15.99
C ASP U 85 -56.91 62.57 -16.40
N ASP U 86 -57.87 61.64 -16.35
CA ASP U 86 -57.63 60.24 -16.79
C ASP U 86 -58.27 59.91 -18.16
N SER U 87 -58.50 60.92 -19.00
CA SER U 87 -58.89 60.68 -20.38
C SER U 87 -57.82 59.83 -21.10
N GLN U 88 -56.56 60.15 -20.85
CA GLN U 88 -55.42 59.31 -21.25
C GLN U 88 -55.27 58.13 -20.29
N LYS U 89 -55.86 57.00 -20.67
CA LYS U 89 -55.95 55.81 -19.82
C LYS U 89 -54.59 55.11 -19.67
N ASN U 90 -53.56 55.90 -19.30
CA ASN U 90 -52.18 55.42 -19.14
C ASN U 90 -51.67 55.86 -17.79
N ASN U 91 -51.47 54.91 -16.87
CA ASN U 91 -50.97 55.22 -15.52
C ASN U 91 -49.46 55.20 -15.38
N LEU U 92 -48.79 54.76 -16.44
CA LEU U 92 -47.32 54.73 -16.49
C LEU U 92 -46.75 56.13 -16.82
N PHE U 93 -46.35 56.81 -15.75
CA PHE U 93 -45.78 58.14 -15.79
C PHE U 93 -44.29 58.18 -15.61
N LEU U 94 -43.61 58.69 -16.64
CA LEU U 94 -42.17 58.81 -16.55
C LEU U 94 -41.73 60.22 -16.25
N PHE U 95 -40.79 60.28 -15.31
CA PHE U 95 -40.09 61.49 -14.97
C PHE U 95 -39.39 61.94 -16.24
N ALA U 96 -39.67 63.16 -16.69
CA ALA U 96 -38.99 63.75 -17.85
C ALA U 96 -37.89 64.70 -17.44
N GLY U 97 -38.07 65.38 -16.31
CA GLY U 97 -37.08 66.31 -15.78
C GLY U 97 -37.41 66.78 -14.38
N VAL U 98 -36.38 67.23 -13.66
CA VAL U 98 -36.57 67.83 -12.34
C VAL U 98 -35.55 68.93 -12.12
N ASP U 99 -35.95 69.94 -11.36
CA ASP U 99 -35.24 71.20 -11.32
C ASP U 99 -35.40 71.82 -9.93
N GLY U 100 -34.35 72.48 -9.45
CA GLY U 100 -34.38 73.21 -8.20
C GLY U 100 -34.70 72.38 -6.97
N VAL U 101 -33.95 71.31 -6.80
CA VAL U 101 -34.12 70.48 -5.62
C VAL U 101 -33.13 70.93 -4.55
N ARG U 102 -33.65 71.11 -3.35
CA ARG U 102 -32.84 71.45 -2.19
C ARG U 102 -33.24 70.59 -1.01
N TRP U 103 -32.26 69.88 -0.44
CA TRP U 103 -32.47 69.14 0.79
C TRP U 103 -31.94 69.93 1.99
N LYS U 104 -32.79 70.24 2.97
CA LYS U 104 -32.40 71.11 4.09
C LYS U 104 -31.95 70.31 5.31
N LYS U 105 -32.57 69.16 5.49
CA LYS U 105 -32.49 68.43 6.75
C LYS U 105 -32.62 66.95 6.45
N PRO U 106 -31.77 66.13 7.08
CA PRO U 106 -31.85 64.66 6.90
C PRO U 106 -33.22 64.11 7.38
N VAL U 107 -33.77 63.16 6.64
CA VAL U 107 -35.01 62.52 7.03
C VAL U 107 -34.64 61.15 7.63
N LEU U 108 -35.01 60.93 8.89
CA LEU U 108 -34.48 59.79 9.65
C LEU U 108 -35.57 58.78 9.97
N PRO U 109 -35.20 57.52 10.26
CA PRO U 109 -36.24 56.54 10.69
C PRO U 109 -37.03 57.08 11.91
N GLY U 110 -38.33 56.86 11.91
CA GLY U 110 -39.22 57.43 12.93
C GLY U 110 -40.01 58.66 12.45
N ASP U 111 -39.43 59.42 11.51
CA ASP U 111 -40.09 60.60 10.94
C ASP U 111 -41.34 60.28 10.15
N THR U 112 -42.26 61.24 10.12
CA THR U 112 -43.34 61.23 9.14
C THR U 112 -43.01 62.30 8.11
N LEU U 113 -42.80 61.88 6.88
CA LEU U 113 -42.61 62.78 5.77
C LEU U 113 -43.98 63.20 5.24
N THR U 114 -44.38 64.43 5.55
CA THR U 114 -45.60 65.01 4.99
C THR U 114 -45.20 65.73 3.73
N MET U 115 -45.97 65.48 2.67
CA MET U 115 -45.64 65.98 1.34
C MET U 115 -46.80 66.72 0.69
N GLN U 116 -46.47 67.82 0.04
CA GLN U 116 -47.41 68.57 -0.77
C GLN U 116 -46.84 68.88 -2.16
N ALA U 117 -47.64 68.55 -3.18
CA ALA U 117 -47.29 68.86 -4.57
C ALA U 117 -48.38 69.72 -5.16
N ASN U 118 -47.97 70.66 -6.00
CA ASN U 118 -48.90 71.61 -6.61
C ASN U 118 -48.79 71.63 -8.13
N LEU U 119 -49.91 71.44 -8.83
CA LEU U 119 -49.91 71.53 -10.29
C LEU U 119 -49.69 72.96 -10.81
N ILE U 120 -48.79 73.09 -11.80
CA ILE U 120 -48.40 74.38 -12.39
C ILE U 120 -48.99 74.53 -13.80
N SER U 121 -48.69 73.55 -14.66
CA SER U 121 -49.27 73.52 -15.99
C SER U 121 -49.53 72.09 -16.45
N PHE U 122 -50.59 71.91 -17.21
CA PHE U 122 -50.96 70.64 -17.82
C PHE U 122 -51.31 70.86 -19.29
N LYS U 123 -50.61 70.16 -20.17
CA LYS U 123 -50.90 70.24 -21.59
C LYS U 123 -51.53 68.94 -22.07
N SER U 124 -52.83 69.07 -22.32
CA SER U 124 -53.81 68.05 -22.67
C SER U 124 -53.53 66.94 -23.69
N SER U 125 -52.57 67.09 -24.59
CA SER U 125 -52.38 65.99 -25.52
C SER U 125 -50.98 65.75 -26.08
N LEU U 126 -49.99 65.98 -25.24
CA LEU U 126 -48.61 65.67 -25.54
C LEU U 126 -48.12 65.09 -24.25
N GLY U 127 -48.99 65.21 -23.25
CA GLY U 127 -48.79 64.65 -21.92
C GLY U 127 -47.71 65.32 -21.13
N ILE U 128 -47.84 66.64 -20.97
CA ILE U 128 -46.80 67.36 -20.28
C ILE U 128 -47.33 68.10 -19.08
N ALA U 129 -46.98 67.56 -17.91
CA ALA U 129 -47.37 68.16 -16.66
C ALA U 129 -46.16 68.60 -15.87
N LYS U 130 -46.27 69.79 -15.29
CA LYS U 130 -45.24 70.38 -14.47
C LYS U 130 -45.83 70.68 -13.08
N LEU U 131 -45.10 70.28 -12.04
CA LEU U 131 -45.53 70.41 -10.66
C LEU U 131 -44.39 70.77 -9.75
N SER U 132 -44.74 71.39 -8.61
CA SER U 132 -43.78 71.78 -7.59
C SER U 132 -44.06 70.93 -6.35
N GLY U 133 -43.12 70.86 -5.43
CA GLY U 133 -43.26 70.01 -4.28
C GLY U 133 -42.47 70.49 -3.07
N VAL U 134 -43.01 70.19 -1.89
CA VAL U 134 -42.34 70.45 -0.63
C VAL U 134 -42.55 69.23 0.27
N GLY U 135 -41.53 68.90 1.05
CA GLY U 135 -41.65 67.81 2.00
C GLY U 135 -41.37 68.38 3.36
N TYR U 136 -42.20 68.00 4.34
CA TYR U 136 -41.97 68.36 5.74
C TYR U 136 -41.76 67.17 6.66
N VAL U 137 -40.99 67.43 7.73
CA VAL U 137 -40.99 66.59 8.95
C VAL U 137 -41.20 67.54 10.13
N ASN U 138 -42.30 67.34 10.83
CA ASN U 138 -42.62 68.14 12.01
C ASN U 138 -42.77 69.63 11.68
N GLY U 139 -43.59 69.96 10.69
CA GLY U 139 -43.75 71.34 10.23
C GLY U 139 -42.51 72.05 9.67
N LYS U 140 -41.35 71.43 9.78
CA LYS U 140 -40.11 71.99 9.22
C LYS U 140 -39.83 71.42 7.83
N VAL U 141 -39.41 72.29 6.92
CA VAL U 141 -39.08 71.91 5.53
C VAL U 141 -37.84 71.01 5.48
N VAL U 142 -37.97 69.87 4.79
CA VAL U 142 -36.81 69.00 4.58
C VAL U 142 -36.36 69.01 3.12
N ILE U 143 -37.33 69.04 2.20
CA ILE U 143 -37.04 69.04 0.75
C ILE U 143 -37.92 69.99 -0.03
N ASN U 144 -37.27 70.77 -0.90
CA ASN U 144 -37.96 71.61 -1.89
C ASN U 144 -37.76 71.09 -3.30
N ILE U 145 -38.79 71.20 -4.11
CA ILE U 145 -38.61 71.00 -5.55
C ILE U 145 -39.35 72.11 -6.31
N SER U 146 -38.58 72.90 -7.06
CA SER U 146 -39.12 73.98 -7.88
C SER U 146 -40.04 73.44 -8.95
N GLU U 147 -39.58 72.40 -9.64
CA GLU U 147 -40.33 71.92 -10.80
C GLU U 147 -40.05 70.47 -11.07
N MET U 148 -41.12 69.68 -11.12
CA MET U 148 -41.08 68.31 -11.63
C MET U 148 -41.80 68.26 -12.98
N THR U 149 -41.17 67.64 -13.96
CA THR U 149 -41.75 67.51 -15.30
C THR U 149 -42.02 66.04 -15.63
N PHE U 150 -43.28 65.73 -15.97
CA PHE U 150 -43.66 64.35 -16.26
C PHE U 150 -44.13 64.15 -17.69
N ALA U 151 -43.63 63.07 -18.30
CA ALA U 151 -44.10 62.69 -19.63
C ALA U 151 -45.05 61.56 -19.49
N LEU U 152 -46.25 61.88 -19.94
CA LEU U 152 -47.40 61.02 -19.86
C LEU U 152 -47.25 59.80 -20.77
N ASP V 8 -2.79 52.69 -16.53
CA ASP V 8 -4.14 52.39 -15.98
C ASP V 8 -4.52 53.49 -14.99
N THR V 9 -5.69 54.08 -15.21
CA THR V 9 -6.21 55.08 -14.27
C THR V 9 -7.63 54.71 -13.75
N SER V 10 -7.92 53.39 -13.71
CA SER V 10 -9.25 52.84 -13.37
C SER V 10 -9.36 52.14 -11.99
N ILE V 11 -10.62 51.89 -11.55
CA ILE V 11 -10.98 51.45 -10.16
C ILE V 11 -12.21 50.53 -10.15
N ASP V 12 -12.12 49.45 -9.38
CA ASP V 12 -13.21 48.49 -9.37
C ASP V 12 -13.98 48.50 -8.07
N ILE V 13 -14.85 47.53 -7.95
CA ILE V 13 -15.82 47.56 -6.88
C ILE V 13 -15.21 47.56 -5.47
N GLU V 14 -14.21 46.73 -5.22
CA GLU V 14 -13.67 46.58 -3.86
C GLU V 14 -13.08 47.90 -3.38
N ASP V 15 -12.34 48.57 -4.25
CA ASP V 15 -11.79 49.89 -3.95
C ASP V 15 -12.83 51.01 -3.93
N ILE V 16 -13.89 50.88 -4.73
CA ILE V 16 -15.00 51.83 -4.70
C ILE V 16 -15.62 51.84 -3.30
N LYS V 17 -15.85 50.66 -2.77
CA LYS V 17 -16.42 50.50 -1.42
C LYS V 17 -15.51 51.03 -0.33
N LYS V 18 -14.21 51.25 -0.65
CA LYS V 18 -13.25 51.86 0.31
C LYS V 18 -13.32 53.39 0.29
N ILE V 19 -13.88 53.92 -0.79
CA ILE V 19 -14.07 55.37 -0.90
C ILE V 19 -15.48 55.70 -0.40
N LEU V 20 -16.50 55.14 -1.07
CA LEU V 20 -17.90 55.44 -0.75
C LEU V 20 -18.42 54.62 0.42
N PRO V 21 -19.33 55.22 1.26
CA PRO V 21 -19.95 54.43 2.35
C PRO V 21 -21.18 53.66 1.91
N HIS V 22 -21.63 53.92 0.68
CA HIS V 22 -22.85 53.31 0.16
C HIS V 22 -22.68 51.79 0.10
N ARG V 23 -23.74 51.05 0.39
CA ARG V 23 -23.75 49.61 0.20
C ARG V 23 -25.04 49.16 -0.43
N TYR V 24 -25.13 47.87 -0.72
CA TYR V 24 -26.37 47.31 -1.21
C TYR V 24 -27.50 47.74 -0.26
N PRO V 25 -28.72 47.99 -0.80
CA PRO V 25 -29.06 48.06 -2.22
C PRO V 25 -28.98 49.47 -2.80
N PHE V 26 -27.94 50.23 -2.45
CA PHE V 26 -27.89 51.62 -2.91
C PHE V 26 -26.50 52.03 -3.30
N LEU V 27 -25.69 51.05 -3.73
CA LEU V 27 -24.40 51.38 -4.36
C LEU V 27 -24.62 51.26 -5.85
N LEU V 28 -24.44 52.38 -6.54
CA LEU V 28 -24.88 52.49 -7.94
C LEU V 28 -23.74 52.87 -8.89
N VAL V 29 -22.51 52.57 -8.48
CA VAL V 29 -21.35 52.66 -9.37
C VAL V 29 -20.62 51.32 -9.35
N ASP V 30 -20.61 50.65 -10.51
CA ASP V 30 -20.00 49.34 -10.61
C ASP V 30 -18.50 49.42 -10.83
N LYS V 31 -18.07 50.33 -11.71
CA LYS V 31 -16.66 50.46 -12.03
C LYS V 31 -16.29 51.88 -12.44
N VAL V 32 -15.15 52.36 -11.94
CA VAL V 32 -14.57 53.62 -12.41
C VAL V 32 -13.52 53.30 -13.49
N ILE V 33 -13.74 53.83 -14.70
CA ILE V 33 -12.83 53.50 -15.79
C ILE V 33 -11.73 54.54 -16.03
N TYR V 34 -12.01 55.82 -15.75
CA TYR V 34 -11.02 56.89 -15.87
C TYR V 34 -11.31 57.97 -14.83
N MET V 35 -10.28 58.46 -14.16
CA MET V 35 -10.44 59.58 -13.22
C MET V 35 -9.25 60.54 -13.24
N GLN V 36 -9.54 61.84 -13.35
CA GLN V 36 -8.52 62.87 -13.24
C GLN V 36 -8.83 63.83 -12.07
N PRO V 37 -7.98 63.79 -11.02
CA PRO V 37 -8.26 64.54 -9.78
C PRO V 37 -8.57 66.00 -10.07
N ASN V 38 -9.53 66.57 -9.32
CA ASN V 38 -9.97 67.95 -9.50
C ASN V 38 -10.60 68.28 -10.86
N LYS V 39 -10.71 67.28 -11.75
CA LYS V 39 -11.29 67.51 -13.08
C LYS V 39 -12.53 66.66 -13.40
N THR V 40 -12.29 65.44 -13.85
CA THR V 40 -13.37 64.63 -14.41
C THR V 40 -13.21 63.16 -14.03
N ILE V 41 -14.33 62.43 -14.14
CA ILE V 41 -14.37 61.03 -13.79
C ILE V 41 -15.35 60.36 -14.72
N ILE V 42 -14.97 59.19 -15.19
CA ILE V 42 -15.82 58.35 -16.04
C ILE V 42 -15.92 56.95 -15.41
N GLY V 43 -17.16 56.47 -15.29
CA GLY V 43 -17.42 55.14 -14.73
C GLY V 43 -18.67 54.57 -15.35
N LEU V 44 -19.05 53.40 -14.87
CA LEU V 44 -20.22 52.72 -15.42
C LEU V 44 -21.05 51.99 -14.39
N LYS V 45 -22.34 51.85 -14.69
CA LYS V 45 -23.29 51.08 -13.89
C LYS V 45 -23.94 50.10 -14.83
N GLN V 46 -23.83 48.81 -14.55
CA GLN V 46 -24.45 47.77 -15.36
C GLN V 46 -25.89 47.57 -14.90
N VAL V 47 -26.82 47.51 -15.87
CA VAL V 47 -28.22 47.51 -15.56
C VAL V 47 -28.74 46.13 -15.82
N SER V 48 -29.01 45.39 -14.75
CA SER V 48 -29.53 44.05 -14.89
C SER V 48 -30.94 43.92 -14.38
N THR V 49 -31.69 42.93 -14.87
CA THR V 49 -33.06 42.68 -14.39
C THR V 49 -32.99 42.12 -12.99
N ASN V 50 -31.83 41.58 -12.63
CA ASN V 50 -31.64 41.01 -11.28
C ASN V 50 -31.27 42.06 -10.24
N GLU V 51 -31.99 43.19 -10.24
CA GLU V 51 -31.78 44.28 -9.29
C GLU V 51 -33.06 44.56 -8.56
N PRO V 52 -32.98 44.77 -7.22
CA PRO V 52 -34.18 44.77 -6.37
C PRO V 52 -35.25 45.79 -6.75
N PHE V 53 -34.86 46.91 -7.35
CA PHE V 53 -35.82 47.97 -7.66
C PHE V 53 -36.71 47.62 -8.82
N PHE V 54 -36.28 46.68 -9.67
CA PHE V 54 -36.97 46.49 -10.94
C PHE V 54 -38.38 45.97 -10.77
N ASN V 55 -38.58 45.14 -9.75
CA ASN V 55 -39.87 44.55 -9.46
C ASN V 55 -40.91 45.62 -9.25
N GLY V 56 -40.46 46.78 -8.75
CA GLY V 56 -41.38 47.84 -8.36
C GLY V 56 -41.46 49.00 -9.34
N HIS V 57 -40.67 48.93 -10.40
CA HIS V 57 -40.57 50.02 -11.35
C HIS V 57 -40.24 49.52 -12.77
N PHE V 58 -41.16 48.80 -13.43
CA PHE V 58 -42.54 48.51 -12.99
C PHE V 58 -42.84 47.03 -13.26
N PRO V 59 -43.81 46.46 -12.53
CA PRO V 59 -44.17 45.06 -12.74
C PRO V 59 -44.32 44.72 -14.21
N GLN V 60 -44.94 45.61 -14.99
CA GLN V 60 -45.33 45.33 -16.40
C GLN V 60 -44.33 45.88 -17.37
N LYS V 61 -43.38 46.64 -16.89
CA LYS V 61 -42.38 47.24 -17.76
C LYS V 61 -41.19 47.73 -16.91
N GLN V 62 -40.06 47.04 -17.05
CA GLN V 62 -38.90 47.38 -16.25
C GLN V 62 -38.10 48.53 -16.83
N ILE V 63 -38.11 49.67 -16.13
CA ILE V 63 -37.38 50.89 -16.52
C ILE V 63 -36.62 51.40 -15.32
N MET V 64 -35.30 51.59 -15.47
CA MET V 64 -34.49 52.04 -14.34
C MET V 64 -34.92 53.44 -13.93
N PRO V 65 -35.38 53.61 -12.67
CA PRO V 65 -35.93 54.89 -12.18
C PRO V 65 -34.99 56.05 -12.42
N GLY V 66 -35.56 57.16 -12.89
CA GLY V 66 -34.82 58.38 -13.18
C GLY V 66 -33.96 58.80 -12.00
N VAL V 67 -34.58 58.91 -10.84
CA VAL V 67 -33.86 59.31 -9.65
C VAL V 67 -32.63 58.45 -9.32
N LEU V 68 -32.66 57.16 -9.68
CA LEU V 68 -31.49 56.28 -9.43
C LEU V 68 -30.37 56.50 -10.47
N GLN V 69 -30.75 57.02 -11.64
CA GLN V 69 -29.75 57.54 -12.57
C GLN V 69 -29.04 58.75 -11.96
N ILE V 70 -29.81 59.63 -11.32
CA ILE V 70 -29.23 60.77 -10.62
C ILE V 70 -28.24 60.24 -9.60
N GLU V 71 -28.73 59.35 -8.74
CA GLU V 71 -27.95 58.84 -7.62
C GLU V 71 -26.62 58.24 -8.08
N ALA V 72 -26.69 57.48 -9.16
CA ALA V 72 -25.48 56.86 -9.71
C ALA V 72 -24.44 57.93 -10.04
N LEU V 73 -24.81 58.91 -10.84
CA LEU V 73 -23.91 60.01 -11.16
C LEU V 73 -23.43 60.67 -9.88
N ALA V 74 -24.34 60.93 -8.95
CA ALA V 74 -23.97 61.67 -7.72
C ALA V 74 -22.88 60.94 -6.94
N GLN V 75 -23.03 59.62 -6.87
CA GLN V 75 -22.03 58.76 -6.30
C GLN V 75 -20.67 58.86 -7.06
N LEU V 76 -20.72 58.79 -8.39
CA LEU V 76 -19.54 58.92 -9.19
C LEU V 76 -18.91 60.28 -8.93
N ALA V 77 -19.73 61.33 -8.94
CA ALA V 77 -19.27 62.68 -8.57
C ALA V 77 -18.68 62.73 -7.15
N GLY V 78 -19.29 62.00 -6.24
CA GLY V 78 -18.76 61.88 -4.89
C GLY V 78 -17.39 61.22 -4.78
N ILE V 79 -17.18 60.18 -5.61
CA ILE V 79 -15.85 59.56 -5.69
C ILE V 79 -14.80 60.59 -6.09
N LEU V 80 -15.05 61.31 -7.19
CA LEU V 80 -14.14 62.38 -7.62
C LEU V 80 -13.78 63.39 -6.52
N CYS V 81 -14.79 63.88 -5.81
CA CYS V 81 -14.56 64.81 -4.71
C CYS V 81 -13.62 64.24 -3.64
N LEU V 82 -13.87 62.99 -3.23
CA LEU V 82 -13.11 62.36 -2.15
C LEU V 82 -11.67 62.00 -2.53
N LYS V 83 -11.42 61.77 -3.82
CA LYS V 83 -10.06 61.51 -4.31
C LYS V 83 -9.37 62.81 -4.68
N SER V 84 -10.15 63.82 -5.03
CA SER V 84 -9.59 65.14 -5.35
C SER V 84 -9.03 65.85 -4.09
N ASP V 85 -9.70 65.66 -2.95
CA ASP V 85 -9.30 66.30 -1.70
C ASP V 85 -9.87 65.53 -0.50
N ASP V 86 -9.07 64.62 0.08
CA ASP V 86 -9.44 63.90 1.32
C ASP V 86 -8.79 64.48 2.61
N SER V 87 -8.39 65.76 2.59
CA SER V 87 -7.99 66.44 3.83
C SER V 87 -9.14 66.38 4.86
N GLN V 88 -10.38 66.63 4.42
CA GLN V 88 -11.58 66.41 5.26
C GLN V 88 -11.94 64.91 5.27
N LYS V 89 -11.47 64.20 6.32
CA LYS V 89 -11.54 62.72 6.38
C LYS V 89 -12.95 62.23 6.65
N ASN V 90 -13.90 62.76 5.87
CA ASN V 90 -15.31 62.45 5.98
C ASN V 90 -15.81 61.97 4.62
N ASN V 91 -16.13 60.67 4.52
CA ASN V 91 -16.69 60.10 3.27
C ASN V 91 -18.23 60.18 3.11
N LEU V 92 -18.92 60.57 4.19
CA LEU V 92 -20.38 60.77 4.18
C LEU V 92 -20.77 62.09 3.50
N PHE V 93 -21.09 61.97 2.21
CA PHE V 93 -21.47 63.12 1.36
C PHE V 93 -22.93 63.25 1.16
N LEU V 94 -23.50 64.36 1.60
CA LEU V 94 -24.92 64.55 1.37
C LEU V 94 -25.20 65.45 0.17
N PHE V 95 -26.16 64.99 -0.62
CA PHE V 95 -26.75 65.76 -1.69
C PHE V 95 -27.38 66.99 -1.07
N ALA V 96 -26.95 68.16 -1.50
CA ALA V 96 -27.49 69.44 -1.03
C ALA V 96 -28.49 70.01 -2.01
N GLY V 97 -28.24 69.77 -3.30
CA GLY V 97 -29.15 70.23 -4.35
C GLY V 97 -28.79 69.67 -5.72
N VAL V 98 -29.76 69.66 -6.60
CA VAL V 98 -29.53 69.26 -7.97
C VAL V 98 -30.43 70.10 -8.89
N ASP V 99 -29.94 70.32 -10.09
CA ASP V 99 -30.56 71.27 -10.96
C ASP V 99 -30.35 70.81 -12.41
N GLY V 100 -31.37 71.03 -13.23
CA GLY V 100 -31.27 70.89 -14.68
C GLY V 100 -31.09 69.45 -15.08
N VAL V 101 -31.96 68.60 -14.59
CA VAL V 101 -31.92 67.19 -14.92
C VAL V 101 -32.91 66.94 -16.05
N ARG V 102 -32.45 66.22 -17.08
CA ARG V 102 -33.29 65.91 -18.22
C ARG V 102 -33.06 64.48 -18.74
N TRP V 103 -34.07 63.63 -18.59
CA TRP V 103 -34.02 62.25 -19.05
C TRP V 103 -34.53 62.17 -20.50
N LYS V 104 -33.66 61.72 -21.40
CA LYS V 104 -33.94 61.67 -22.84
C LYS V 104 -34.48 60.32 -23.31
N LYS V 105 -34.04 59.25 -22.68
CA LYS V 105 -34.33 57.92 -23.20
C LYS V 105 -34.34 56.98 -22.02
N PRO V 106 -35.32 56.05 -21.98
CA PRO V 106 -35.41 55.04 -20.91
C PRO V 106 -34.14 54.19 -20.80
N VAL V 107 -33.69 53.91 -19.59
CA VAL V 107 -32.59 52.99 -19.40
C VAL V 107 -33.13 51.59 -19.00
N LEU V 108 -32.85 50.59 -19.83
CA LEU V 108 -33.50 49.27 -19.68
C LEU V 108 -32.53 48.20 -19.16
N PRO V 109 -33.03 47.09 -18.60
CA PRO V 109 -32.19 45.94 -18.24
C PRO V 109 -31.43 45.42 -19.45
N GLY V 110 -30.13 45.21 -19.29
CA GLY V 110 -29.27 44.83 -20.40
C GLY V 110 -28.34 45.95 -20.80
N ASP V 111 -28.72 47.20 -20.52
CA ASP V 111 -27.91 48.36 -20.89
C ASP V 111 -26.69 48.47 -20.02
N THR V 112 -25.68 49.17 -20.55
CA THR V 112 -24.55 49.65 -19.76
C THR V 112 -24.64 51.17 -19.66
N LEU V 113 -24.90 51.63 -18.46
CA LEU V 113 -24.91 53.05 -18.18
C LEU V 113 -23.47 53.59 -18.00
N THR V 114 -22.97 54.29 -19.03
CA THR V 114 -21.66 54.92 -18.94
C THR V 114 -21.92 56.33 -18.42
N MET V 115 -21.11 56.76 -17.44
CA MET V 115 -21.36 58.03 -16.76
C MET V 115 -20.10 58.87 -16.70
N GLN V 116 -20.26 60.15 -16.99
CA GLN V 116 -19.18 61.10 -16.79
C GLN V 116 -19.66 62.27 -15.95
N ALA V 117 -18.88 62.56 -14.89
CA ALA V 117 -19.11 63.74 -14.06
C ALA V 117 -17.90 64.68 -14.10
N ASN V 118 -18.17 65.98 -14.09
CA ASN V 118 -17.13 67.01 -14.21
C ASN V 118 -17.22 68.02 -13.07
N LEU V 119 -16.09 68.23 -12.37
CA LEU V 119 -16.00 69.19 -11.28
C LEU V 119 -16.02 70.63 -11.80
N ILE V 120 -16.86 71.47 -11.19
CA ILE V 120 -17.04 72.88 -11.58
C ILE V 120 -16.37 73.84 -10.58
N SER V 121 -16.69 73.67 -9.31
CA SER V 121 -16.11 74.45 -8.24
C SER V 121 -16.04 73.60 -6.98
N PHE V 122 -14.96 73.82 -6.22
CA PHE V 122 -14.76 73.20 -4.92
C PHE V 122 -14.34 74.29 -3.96
N LYS V 123 -15.04 74.38 -2.84
CA LYS V 123 -14.68 75.32 -1.78
C LYS V 123 -14.35 74.55 -0.50
N SER V 124 -13.11 74.09 -0.38
CA SER V 124 -12.67 73.34 0.79
C SER V 124 -13.30 73.91 2.06
N SER V 125 -13.50 75.22 2.08
CA SER V 125 -14.10 75.88 3.24
C SER V 125 -15.60 75.58 3.25
N LEU V 126 -16.01 74.71 4.17
CA LEU V 126 -17.42 74.35 4.30
C LEU V 126 -17.79 73.10 3.50
N GLY V 127 -16.91 72.69 2.59
CA GLY V 127 -17.15 71.51 1.77
C GLY V 127 -18.26 71.67 0.74
N ILE V 128 -18.17 72.72 -0.06
CA ILE V 128 -19.19 72.98 -1.09
C ILE V 128 -18.71 72.70 -2.54
N ALA V 129 -19.07 71.51 -3.03
CA ALA V 129 -18.65 71.04 -4.36
C ALA V 129 -19.84 70.99 -5.31
N LYS V 130 -19.60 71.50 -6.52
CA LYS V 130 -20.61 71.53 -7.57
C LYS V 130 -20.07 70.81 -8.79
N LEU V 131 -20.89 69.93 -9.35
CA LEU V 131 -20.48 69.10 -10.49
C LEU V 131 -21.61 68.93 -11.49
N SER V 132 -21.23 68.64 -12.74
CA SER V 132 -22.18 68.34 -13.83
C SER V 132 -22.06 66.88 -14.20
N GLY V 133 -23.09 66.32 -14.83
CA GLY V 133 -23.10 64.90 -15.15
C GLY V 133 -23.81 64.60 -16.46
N VAL V 134 -23.32 63.57 -17.13
CA VAL V 134 -23.97 63.02 -18.34
C VAL V 134 -23.94 61.50 -18.24
N GLY V 135 -25.06 60.86 -18.58
CA GLY V 135 -25.14 59.40 -18.65
C GLY V 135 -25.43 58.95 -20.07
N TYR V 136 -24.68 57.96 -20.55
CA TYR V 136 -24.87 57.38 -21.89
C TYR V 136 -25.25 55.91 -21.89
N VAL V 137 -26.06 55.53 -22.87
CA VAL V 137 -26.22 54.13 -23.23
C VAL V 137 -25.95 54.04 -24.74
N ASN V 138 -24.91 53.27 -25.10
CA ASN V 138 -24.54 53.10 -26.50
C ASN V 138 -24.19 54.44 -27.16
N GLY V 139 -23.33 55.21 -26.50
CA GLY V 139 -22.95 56.53 -26.99
C GLY V 139 -24.06 57.56 -27.18
N LYS V 140 -25.32 57.17 -26.90
CA LYS V 140 -26.44 58.13 -26.94
C LYS V 140 -26.69 58.65 -25.52
N VAL V 141 -27.05 59.93 -25.43
CA VAL V 141 -27.32 60.54 -24.14
C VAL V 141 -28.64 60.04 -23.58
N VAL V 142 -28.63 59.58 -22.32
CA VAL V 142 -29.87 59.22 -21.62
C VAL V 142 -30.25 60.19 -20.49
N ILE V 143 -29.26 60.74 -19.80
CA ILE V 143 -29.51 61.70 -18.73
C ILE V 143 -28.47 62.82 -18.69
N ASN V 144 -28.98 64.05 -18.60
CA ASN V 144 -28.16 65.25 -18.33
C ASN V 144 -28.38 65.78 -16.94
N ILE V 145 -27.32 66.25 -16.30
CA ILE V 145 -27.47 67.06 -15.09
C ILE V 145 -26.57 68.27 -15.16
N SER V 146 -27.18 69.45 -15.26
CA SER V 146 -26.46 70.73 -15.26
C SER V 146 -25.56 70.91 -14.03
N GLU V 147 -26.13 70.71 -12.83
CA GLU V 147 -25.40 70.94 -11.60
C GLU V 147 -25.87 70.01 -10.49
N MET V 148 -24.90 69.37 -9.85
CA MET V 148 -25.13 68.68 -8.58
C MET V 148 -24.38 69.47 -7.54
N THR V 149 -25.00 69.66 -6.37
CA THR V 149 -24.36 70.37 -5.27
C THR V 149 -24.23 69.48 -4.03
N PHE V 150 -23.03 69.44 -3.45
CA PHE V 150 -22.75 68.52 -2.33
C PHE V 150 -22.11 69.19 -1.12
N ALA V 151 -22.42 68.63 0.05
CA ALA V 151 -21.79 69.08 1.30
C ALA V 151 -21.45 67.93 2.29
N ASP W 8 -55.68 9.93 4.32
CA ASP W 8 -56.04 10.94 3.26
C ASP W 8 -54.83 11.18 2.40
N THR W 9 -54.65 12.42 1.94
CA THR W 9 -53.53 12.76 1.07
C THR W 9 -52.91 14.10 1.43
N SER W 10 -51.59 14.11 1.53
CA SER W 10 -50.80 15.32 1.77
C SER W 10 -51.28 16.51 0.91
N ILE W 11 -51.52 17.69 1.51
CA ILE W 11 -51.69 18.92 0.70
C ILE W 11 -50.33 19.57 0.45
N ASP W 12 -49.91 19.61 -0.82
CA ASP W 12 -48.68 20.30 -1.14
C ASP W 12 -48.85 21.81 -1.08
N ILE W 13 -47.68 22.45 -1.16
CA ILE W 13 -47.55 23.91 -1.10
C ILE W 13 -48.36 24.61 -2.18
N GLU W 14 -48.34 24.11 -3.43
CA GLU W 14 -49.14 24.71 -4.53
C GLU W 14 -50.63 24.76 -4.18
N ASP W 15 -51.13 23.68 -3.58
CA ASP W 15 -52.50 23.61 -3.10
C ASP W 15 -52.74 24.43 -1.82
N ILE W 16 -51.76 24.48 -0.91
CA ILE W 16 -51.84 25.37 0.27
C ILE W 16 -52.08 26.83 -0.17
N LYS W 17 -51.29 27.27 -1.15
CA LYS W 17 -51.44 28.61 -1.76
C LYS W 17 -52.82 28.87 -2.40
N LYS W 18 -53.57 27.79 -2.66
CA LYS W 18 -54.92 27.91 -3.23
C LYS W 18 -55.94 28.05 -2.11
N ILE W 19 -55.51 27.74 -0.89
CA ILE W 19 -56.40 27.85 0.27
C ILE W 19 -56.07 29.18 0.92
N LEU W 20 -54.82 29.33 1.36
CA LEU W 20 -54.38 30.55 2.08
C LEU W 20 -54.00 31.71 1.12
N PRO W 21 -54.28 32.96 1.53
CA PRO W 21 -53.86 34.12 0.75
C PRO W 21 -52.45 34.61 1.11
N HIS W 22 -51.86 34.04 2.16
CA HIS W 22 -50.49 34.40 2.58
C HIS W 22 -49.48 34.04 1.48
N ARG W 23 -48.52 34.92 1.24
CA ARG W 23 -47.42 34.61 0.32
C ARG W 23 -46.09 34.97 0.98
N TYR W 24 -44.99 34.68 0.27
CA TYR W 24 -43.67 35.13 0.70
C TYR W 24 -43.69 36.65 1.03
N PRO W 25 -43.00 37.09 2.12
CA PRO W 25 -42.23 36.27 3.08
C PRO W 25 -43.01 35.92 4.31
N PHE W 26 -44.27 35.55 4.16
CA PHE W 26 -45.07 35.30 5.37
C PHE W 26 -45.99 34.14 5.13
N LEU W 27 -45.54 33.17 4.34
CA LEU W 27 -46.26 31.91 4.25
C LEU W 27 -45.45 30.93 5.03
N LEU W 28 -45.99 30.43 6.14
CA LEU W 28 -45.18 29.65 7.12
C LEU W 28 -45.67 28.23 7.33
N VAL W 29 -46.39 27.71 6.33
CA VAL W 29 -46.74 26.29 6.28
C VAL W 29 -46.18 25.67 4.99
N ASP W 30 -45.24 24.75 5.15
CA ASP W 30 -44.62 24.11 4.00
C ASP W 30 -45.42 22.97 3.44
N LYS W 31 -46.00 22.17 4.32
CA LYS W 31 -46.76 20.98 3.86
C LYS W 31 -47.83 20.57 4.87
N VAL W 32 -49.01 20.19 4.38
CA VAL W 32 -49.98 19.58 5.26
C VAL W 32 -49.87 18.04 5.10
N ILE W 33 -49.57 17.33 6.18
CA ILE W 33 -49.40 15.86 6.12
C ILE W 33 -50.67 15.04 6.46
N TYR W 34 -51.53 15.59 7.32
CA TYR W 34 -52.80 14.95 7.68
C TYR W 34 -53.82 16.00 8.08
N MET W 35 -55.04 15.86 7.56
CA MET W 35 -56.15 16.76 7.92
C MET W 35 -57.50 16.02 8.05
N GLN W 36 -58.23 16.31 9.13
CA GLN W 36 -59.57 15.77 9.30
C GLN W 36 -60.54 16.91 9.51
N PRO W 37 -61.46 17.11 8.55
CA PRO W 37 -62.38 18.26 8.58
C PRO W 37 -63.10 18.38 9.92
N ASN W 38 -63.31 19.61 10.36
CA ASN W 38 -63.95 19.90 11.63
C ASN W 38 -63.20 19.32 12.88
N LYS W 39 -62.06 18.66 12.69
CA LYS W 39 -61.35 18.12 13.83
C LYS W 39 -59.90 18.62 14.03
N THR W 40 -58.98 18.07 13.27
CA THR W 40 -57.56 18.30 13.53
C THR W 40 -56.74 18.37 12.24
N ILE W 41 -55.57 18.97 12.32
CA ILE W 41 -54.71 19.13 11.18
C ILE W 41 -53.27 19.03 11.61
N ILE W 42 -52.49 18.29 10.84
CA ILE W 42 -51.05 18.18 11.12
C ILE W 42 -50.28 18.60 9.87
N GLY W 43 -49.32 19.49 10.06
CA GLY W 43 -48.50 20.02 8.97
C GLY W 43 -47.10 20.32 9.45
N LEU W 44 -46.28 20.83 8.57
CA LEU W 44 -44.91 21.11 8.95
C LEU W 44 -44.35 22.37 8.31
N LYS W 45 -43.38 22.97 9.00
CA LYS W 45 -42.65 24.10 8.49
C LYS W 45 -41.15 23.78 8.64
N GLN W 46 -40.43 23.81 7.51
CA GLN W 46 -39.01 23.50 7.51
C GLN W 46 -38.25 24.78 7.84
N VAL W 47 -37.29 24.69 8.76
CA VAL W 47 -36.62 25.86 9.26
C VAL W 47 -35.23 25.88 8.69
N SER W 48 -34.97 26.85 7.79
CA SER W 48 -33.69 26.97 7.09
C SER W 48 -32.99 28.26 7.46
N THR W 49 -31.67 28.34 7.32
CA THR W 49 -30.96 29.59 7.57
C THR W 49 -31.17 30.51 6.38
N ASN W 50 -31.70 29.94 5.30
CA ASN W 50 -31.98 30.70 4.07
C ASN W 50 -33.39 31.25 4.07
N GLU W 51 -33.73 31.94 5.17
CA GLU W 51 -35.04 32.59 5.33
C GLU W 51 -34.79 34.03 5.79
N PRO W 52 -35.51 34.97 5.15
CA PRO W 52 -35.25 36.41 5.33
C PRO W 52 -35.24 36.94 6.76
N PHE W 53 -35.97 36.30 7.69
CA PHE W 53 -36.07 36.79 9.05
C PHE W 53 -34.87 36.49 9.92
N PHE W 54 -34.03 35.55 9.49
CA PHE W 54 -32.92 35.06 10.33
C PHE W 54 -31.76 36.05 10.50
N ASN W 55 -31.59 36.88 9.49
CA ASN W 55 -30.58 37.91 9.57
C ASN W 55 -30.86 38.89 10.66
N GLY W 56 -32.15 39.03 10.99
CA GLY W 56 -32.53 40.01 11.99
C GLY W 56 -32.89 39.44 13.32
N HIS W 57 -32.81 38.11 13.44
CA HIS W 57 -33.26 37.44 14.68
C HIS W 57 -32.48 36.17 14.94
N PHE W 58 -31.17 36.26 15.22
CA PHE W 58 -30.38 37.48 15.48
C PHE W 58 -29.05 37.32 14.75
N PRO W 59 -28.41 38.45 14.38
CA PRO W 59 -27.12 38.44 13.69
C PRO W 59 -26.11 37.46 14.29
N GLN W 60 -25.97 37.45 15.64
CA GLN W 60 -25.04 36.55 16.34
C GLN W 60 -25.63 35.20 16.75
N LYS W 61 -26.93 34.98 16.57
CA LYS W 61 -27.51 33.72 17.00
C LYS W 61 -28.88 33.58 16.38
N GLN W 62 -29.00 32.59 15.51
CA GLN W 62 -30.18 32.46 14.65
C GLN W 62 -31.19 31.61 15.38
N ILE W 63 -32.33 32.23 15.73
CA ILE W 63 -33.44 31.60 16.50
C ILE W 63 -34.77 32.06 15.95
N MET W 64 -35.57 31.10 15.47
CA MET W 64 -36.81 31.40 14.82
C MET W 64 -37.73 32.09 15.81
N PRO W 65 -38.16 33.30 15.47
CA PRO W 65 -38.99 34.14 16.34
C PRO W 65 -40.25 33.45 16.89
N GLY W 66 -40.43 33.55 18.19
CA GLY W 66 -41.60 33.00 18.86
C GLY W 66 -42.88 33.31 18.11
N VAL W 67 -43.08 34.58 17.81
CA VAL W 67 -44.31 35.03 17.16
C VAL W 67 -44.54 34.33 15.79
N LEU W 68 -43.44 33.97 15.10
CA LEU W 68 -43.56 33.32 13.78
C LEU W 68 -43.94 31.86 13.92
N GLN W 69 -43.63 31.31 15.09
CA GLN W 69 -44.10 29.98 15.47
C GLN W 69 -45.62 30.09 15.62
N ILE W 70 -46.08 31.07 16.40
CA ILE W 70 -47.51 31.31 16.52
C ILE W 70 -48.15 31.43 15.13
N GLU W 71 -47.55 32.26 14.25
CA GLU W 71 -48.15 32.57 12.95
C GLU W 71 -48.33 31.30 12.15
N ALA W 72 -47.28 30.43 12.17
CA ALA W 72 -47.32 29.17 11.40
C ALA W 72 -48.54 28.36 11.82
N LEU W 73 -48.66 28.11 13.12
CA LEU W 73 -49.76 27.32 13.66
C LEU W 73 -51.07 27.93 13.26
N ALA W 74 -51.16 29.26 13.35
CA ALA W 74 -52.39 30.00 13.03
C ALA W 74 -52.83 29.76 11.60
N GLN W 75 -51.84 29.74 10.70
CA GLN W 75 -52.05 29.50 9.29
C GLN W 75 -52.52 28.06 9.03
N LEU W 76 -51.84 27.08 9.65
CA LEU W 76 -52.31 25.70 9.69
C LEU W 76 -53.73 25.57 10.26
N ALA W 77 -54.00 26.18 11.41
CA ALA W 77 -55.37 26.28 11.94
C ALA W 77 -56.33 26.93 10.93
N GLY W 78 -55.82 27.91 10.19
CA GLY W 78 -56.62 28.65 9.20
C GLY W 78 -57.04 27.74 8.07
N ILE W 79 -56.11 26.86 7.66
CA ILE W 79 -56.36 25.90 6.59
C ILE W 79 -57.50 24.94 6.98
N LEU W 80 -57.44 24.44 8.21
CA LEU W 80 -58.48 23.56 8.74
C LEU W 80 -59.86 24.23 8.68
N CYS W 81 -59.95 25.45 9.17
CA CYS W 81 -61.20 26.21 9.10
C CYS W 81 -61.79 26.33 7.70
N LEU W 82 -60.92 26.65 6.73
CA LEU W 82 -61.34 26.91 5.36
C LEU W 82 -61.75 25.63 4.61
N LYS W 83 -61.16 24.50 5.00
CA LYS W 83 -61.53 23.21 4.43
C LYS W 83 -62.72 22.58 5.19
N SER W 84 -62.85 22.92 6.47
CA SER W 84 -63.97 22.44 7.30
C SER W 84 -65.29 23.08 6.89
N ASP W 85 -65.25 24.34 6.47
CA ASP W 85 -66.44 25.08 6.07
C ASP W 85 -66.08 26.26 5.17
N ASP W 86 -66.22 26.08 3.85
CA ASP W 86 -66.01 27.17 2.90
C ASP W 86 -67.32 27.77 2.32
N SER W 87 -68.43 27.63 3.05
CA SER W 87 -69.68 28.27 2.63
C SER W 87 -69.48 29.79 2.62
N GLN W 88 -68.75 30.30 3.62
CA GLN W 88 -68.25 31.68 3.60
C GLN W 88 -67.01 31.73 2.69
N LYS W 89 -67.21 32.18 1.44
CA LYS W 89 -66.18 32.18 0.39
C LYS W 89 -65.14 33.32 0.58
N ASN W 90 -64.57 33.38 1.79
CA ASN W 90 -63.62 34.40 2.21
C ASN W 90 -62.43 33.69 2.82
N ASN W 91 -61.26 33.81 2.19
CA ASN W 91 -60.05 33.14 2.70
C ASN W 91 -59.19 34.05 3.56
N LEU W 92 -59.58 35.32 3.61
CA LEU W 92 -58.89 36.29 4.47
C LEU W 92 -59.37 36.12 5.94
N PHE W 93 -58.58 35.37 6.72
CA PHE W 93 -58.85 35.11 8.14
C PHE W 93 -57.90 35.84 9.11
N LEU W 94 -58.49 36.79 9.84
CA LEU W 94 -57.74 37.60 10.77
C LEU W 94 -57.68 36.98 12.15
N PHE W 95 -56.48 36.99 12.72
CA PHE W 95 -56.25 36.68 14.12
C PHE W 95 -57.05 37.68 14.95
N ALA W 96 -57.92 37.17 15.82
CA ALA W 96 -58.72 38.01 16.71
C ALA W 96 -58.15 38.01 18.14
N GLY W 97 -57.53 36.89 18.52
CA GLY W 97 -56.99 36.76 19.85
C GLY W 97 -56.20 35.49 19.98
N VAL W 98 -55.20 35.50 20.87
CA VAL W 98 -54.45 34.29 21.20
C VAL W 98 -54.15 34.27 22.69
N ASP W 99 -54.02 33.06 23.25
CA ASP W 99 -54.04 32.89 24.69
C ASP W 99 -53.26 31.67 25.10
N GLY W 100 -52.52 31.76 26.21
CA GLY W 100 -51.78 30.64 26.75
C GLY W 100 -50.71 30.08 25.83
N VAL W 101 -49.84 30.97 25.35
CA VAL W 101 -48.74 30.54 24.51
C VAL W 101 -47.55 30.31 25.41
N ARG W 102 -46.82 29.23 25.16
CA ARG W 102 -45.63 28.93 25.94
C ARG W 102 -44.56 28.31 25.05
N TRP W 103 -43.41 28.96 24.98
CA TRP W 103 -42.29 28.43 24.22
C TRP W 103 -41.36 27.68 25.19
N LYS W 104 -41.09 26.42 24.89
CA LYS W 104 -40.30 25.57 25.79
C LYS W 104 -38.86 25.48 25.31
N LYS W 105 -38.65 25.58 24.02
CA LYS W 105 -37.29 25.52 23.53
C LYS W 105 -37.11 26.16 22.17
N PRO W 106 -35.91 26.68 21.96
CA PRO W 106 -35.57 27.42 20.74
C PRO W 106 -35.76 26.52 19.51
N VAL W 107 -36.37 27.09 18.46
CA VAL W 107 -36.42 26.41 17.17
C VAL W 107 -35.29 26.97 16.25
N LEU W 108 -34.36 26.10 15.84
CA LEU W 108 -33.09 26.50 15.18
C LEU W 108 -33.05 26.07 13.73
N PRO W 109 -32.30 26.81 12.87
CA PRO W 109 -32.04 26.40 11.48
C PRO W 109 -31.63 24.94 11.42
N GLY W 110 -32.22 24.16 10.51
CA GLY W 110 -32.02 22.72 10.46
C GLY W 110 -33.21 21.91 10.97
N ASP W 111 -34.03 22.50 11.86
CA ASP W 111 -35.13 21.80 12.49
C ASP W 111 -36.30 21.59 11.55
N THR W 112 -37.12 20.59 11.82
CA THR W 112 -38.38 20.44 11.14
C THR W 112 -39.45 20.74 12.17
N LEU W 113 -40.22 21.80 11.95
CA LEU W 113 -41.26 22.17 12.89
C LEU W 113 -42.47 21.39 12.47
N THR W 114 -42.81 20.36 13.26
CA THR W 114 -44.09 19.64 13.07
C THR W 114 -45.18 20.32 13.90
N MET W 115 -46.33 20.56 13.29
CA MET W 115 -47.36 21.31 13.96
C MET W 115 -48.67 20.59 13.93
N GLN W 116 -49.40 20.64 15.05
CA GLN W 116 -50.75 20.13 15.11
C GLN W 116 -51.69 21.17 15.69
N ALA W 117 -52.78 21.43 14.96
CA ALA W 117 -53.85 22.31 15.44
C ALA W 117 -55.18 21.55 15.54
N ASN W 118 -55.94 21.81 16.60
CA ASN W 118 -57.21 21.12 16.87
C ASN W 118 -58.41 22.06 17.05
N LEU W 119 -59.46 21.85 16.25
CA LEU W 119 -60.66 22.72 16.31
C LEU W 119 -61.47 22.48 17.59
N ILE W 120 -61.82 23.57 18.30
CA ILE W 120 -62.53 23.54 19.60
C ILE W 120 -64.00 23.95 19.45
N SER W 121 -64.24 25.11 18.83
CA SER W 121 -65.59 25.55 18.48
C SER W 121 -65.60 26.36 17.19
N PHE W 122 -66.67 26.20 16.42
CA PHE W 122 -66.90 26.97 15.19
C PHE W 122 -68.33 27.51 15.24
N LYS W 123 -68.47 28.81 15.03
CA LYS W 123 -69.79 29.40 14.93
C LYS W 123 -69.87 30.20 13.67
N SER W 124 -70.14 29.55 12.55
CA SER W 124 -70.22 30.24 11.26
C SER W 124 -71.08 31.53 11.24
N SER W 125 -72.28 31.49 11.82
CA SER W 125 -73.15 32.68 11.85
C SER W 125 -72.33 34.00 11.98
N LEU W 126 -71.28 33.99 12.79
CA LEU W 126 -70.43 35.18 12.89
C LEU W 126 -69.10 35.03 12.15
N GLY W 127 -68.49 33.85 12.27
CA GLY W 127 -67.17 33.57 11.76
C GLY W 127 -66.17 33.49 12.90
N ILE W 128 -66.62 32.97 14.05
CA ILE W 128 -65.75 32.80 15.23
C ILE W 128 -65.28 31.35 15.45
N ALA W 129 -64.04 31.09 15.03
CA ALA W 129 -63.41 29.80 15.25
C ALA W 129 -62.32 29.85 16.33
N LYS W 130 -62.35 28.88 17.24
CA LYS W 130 -61.34 28.74 18.30
C LYS W 130 -60.58 27.41 18.20
N LEU W 131 -59.25 27.48 18.25
CA LEU W 131 -58.42 26.31 18.03
C LEU W 131 -57.23 26.30 18.96
N SER W 132 -56.73 25.10 19.27
CA SER W 132 -55.51 24.93 20.07
C SER W 132 -54.36 24.45 19.17
N GLY W 133 -53.12 24.62 19.61
CA GLY W 133 -51.99 24.26 18.79
C GLY W 133 -50.80 23.76 19.58
N VAL W 134 -50.05 22.83 18.98
CA VAL W 134 -48.78 22.36 19.54
C VAL W 134 -47.75 22.28 18.43
N GLY W 135 -46.51 22.67 18.70
CA GLY W 135 -45.45 22.57 17.73
C GLY W 135 -44.37 21.67 18.31
N TYR W 136 -43.78 20.83 17.45
CA TYR W 136 -42.75 19.89 17.88
C TYR W 136 -41.51 20.02 16.99
N VAL W 137 -40.35 19.77 17.62
CA VAL W 137 -39.13 19.46 16.91
C VAL W 137 -38.61 18.18 17.54
N ASN W 138 -38.54 17.14 16.72
CA ASN W 138 -38.00 15.87 17.14
C ASN W 138 -38.80 15.24 18.28
N GLY W 139 -40.11 15.13 18.08
CA GLY W 139 -41.00 14.56 19.10
C GLY W 139 -41.06 15.34 20.41
N LYS W 140 -40.18 16.31 20.63
CA LYS W 140 -40.23 17.19 21.82
C LYS W 140 -41.08 18.46 21.54
N VAL W 141 -41.84 18.91 22.55
CA VAL W 141 -42.69 20.12 22.43
C VAL W 141 -41.82 21.36 22.43
N VAL W 142 -42.03 22.23 21.45
CA VAL W 142 -41.36 23.54 21.44
C VAL W 142 -42.31 24.72 21.73
N ILE W 143 -43.55 24.64 21.23
CA ILE W 143 -44.57 25.65 21.49
C ILE W 143 -45.97 25.09 21.76
N ASN W 144 -46.61 25.57 22.83
CA ASN W 144 -48.02 25.31 23.14
C ASN W 144 -48.84 26.54 22.92
N ILE W 145 -50.09 26.35 22.50
CA ILE W 145 -51.08 27.43 22.41
C ILE W 145 -52.40 26.88 22.89
N SER W 146 -52.87 27.39 24.01
CA SER W 146 -54.14 26.96 24.56
C SER W 146 -55.30 27.29 23.65
N GLU W 147 -55.27 28.48 23.04
CA GLU W 147 -56.42 28.95 22.26
C GLU W 147 -56.03 30.00 21.27
N MET W 148 -56.37 29.76 20.01
CA MET W 148 -56.29 30.74 18.96
C MET W 148 -57.71 31.14 18.57
N THR W 149 -57.97 32.43 18.40
CA THR W 149 -59.31 32.89 18.03
C THR W 149 -59.24 33.66 16.69
N PHE W 150 -60.04 33.23 15.71
CA PHE W 150 -60.01 33.86 14.38
C PHE W 150 -61.32 34.47 13.99
N ALA W 151 -61.27 35.38 13.02
CA ALA W 151 -62.53 35.94 12.47
C ALA W 151 -62.33 36.28 11.01
N LEU W 152 -63.40 36.24 10.21
CA LEU W 152 -63.31 36.58 8.78
C LEU W 152 -62.93 38.04 8.56
N ASP X 12 -32.93 57.93 19.45
CA ASP X 12 -32.62 57.71 18.02
C ASP X 12 -32.23 56.21 17.69
N ILE X 13 -32.79 55.68 16.58
CA ILE X 13 -32.60 54.28 16.04
C ILE X 13 -31.22 53.69 16.19
N GLU X 14 -30.19 54.53 16.04
CA GLU X 14 -28.81 54.10 16.18
C GLU X 14 -28.49 53.53 17.55
N ASP X 15 -29.07 54.17 18.57
CA ASP X 15 -28.87 53.73 19.94
C ASP X 15 -29.70 52.49 20.23
N ILE X 16 -30.89 52.41 19.67
CA ILE X 16 -31.73 51.18 19.81
C ILE X 16 -30.94 49.93 19.37
N LYS X 17 -30.25 50.03 18.24
CA LYS X 17 -29.43 48.93 17.69
C LYS X 17 -28.26 48.58 18.58
N LYS X 18 -27.89 49.50 19.47
CA LYS X 18 -26.84 49.26 20.47
C LYS X 18 -27.36 48.44 21.64
N ILE X 19 -28.68 48.47 21.82
CA ILE X 19 -29.29 47.74 22.91
C ILE X 19 -29.75 46.37 22.41
N LEU X 20 -30.67 46.38 21.43
CA LEU X 20 -31.22 45.14 20.81
C LEU X 20 -30.33 44.55 19.73
N PRO X 21 -30.25 43.21 19.67
CA PRO X 21 -29.49 42.53 18.62
C PRO X 21 -30.27 42.40 17.32
N HIS X 22 -31.58 42.62 17.40
CA HIS X 22 -32.45 42.57 16.22
C HIS X 22 -31.90 43.48 15.13
N ARG X 23 -31.84 42.98 13.89
CA ARG X 23 -31.70 43.84 12.70
C ARG X 23 -32.86 43.69 11.67
N TYR X 24 -32.72 44.39 10.53
CA TYR X 24 -33.56 44.13 9.35
C TYR X 24 -33.52 42.64 8.90
N PRO X 25 -34.68 42.08 8.53
CA PRO X 25 -36.03 42.66 8.50
C PRO X 25 -36.84 42.36 9.75
N PHE X 26 -36.23 42.43 10.92
CA PHE X 26 -36.95 42.06 12.11
C PHE X 26 -36.65 42.95 13.31
N LEU X 27 -36.27 44.20 13.03
CA LEU X 27 -36.22 45.24 14.04
C LEU X 27 -37.47 46.06 13.86
N LEU X 28 -38.34 46.05 14.88
CA LEU X 28 -39.68 46.62 14.79
C LEU X 28 -39.92 47.73 15.82
N VAL X 29 -38.83 48.35 16.24
CA VAL X 29 -38.96 49.58 17.04
C VAL X 29 -38.20 50.70 16.37
N ASP X 30 -38.93 51.69 15.91
CA ASP X 30 -38.29 52.81 15.20
C ASP X 30 -37.69 53.85 16.13
N LYS X 31 -38.40 54.19 17.20
CA LYS X 31 -37.95 55.21 18.15
C LYS X 31 -38.54 55.02 19.55
N VAL X 32 -37.68 55.20 20.58
CA VAL X 32 -38.14 55.21 21.97
C VAL X 32 -38.40 56.68 22.37
N ILE X 33 -39.64 57.00 22.77
CA ILE X 33 -39.95 58.39 23.11
C ILE X 33 -39.88 58.71 24.60
N TYR X 34 -40.24 57.75 25.43
CA TYR X 34 -40.11 57.90 26.88
C TYR X 34 -39.77 56.55 27.53
N MET X 35 -38.85 56.58 28.49
CA MET X 35 -38.51 55.39 29.24
C MET X 35 -38.21 55.69 30.71
N GLN X 36 -38.79 54.91 31.62
CA GLN X 36 -38.45 54.99 33.04
C GLN X 36 -38.02 53.63 33.55
N PRO X 37 -36.70 53.49 33.90
CA PRO X 37 -36.08 52.24 34.36
C PRO X 37 -36.92 51.51 35.39
N ASN X 38 -36.97 50.18 35.28
CA ASN X 38 -37.83 49.32 36.15
C ASN X 38 -39.36 49.58 36.14
N LYS X 39 -39.83 50.49 35.26
CA LYS X 39 -41.25 50.84 35.24
C LYS X 39 -41.86 50.67 33.84
N THR X 40 -41.72 51.69 32.99
CA THR X 40 -42.50 51.77 31.78
C THR X 40 -41.66 52.32 30.64
N ILE X 41 -42.12 52.02 29.43
CA ILE X 41 -41.45 52.48 28.21
C ILE X 41 -42.50 52.79 27.14
N ILE X 42 -42.28 53.91 26.46
CA ILE X 42 -43.15 54.32 25.36
C ILE X 42 -42.31 54.52 24.11
N GLY X 43 -42.78 53.96 23.00
CA GLY X 43 -42.04 54.03 21.74
C GLY X 43 -42.98 53.88 20.58
N LEU X 44 -42.44 54.01 19.38
CA LEU X 44 -43.29 53.93 18.19
C LEU X 44 -42.70 53.14 17.02
N LYS X 45 -43.59 52.64 16.18
CA LYS X 45 -43.18 51.91 14.99
C LYS X 45 -43.99 52.53 13.89
N GLN X 46 -43.30 53.04 12.88
CA GLN X 46 -43.95 53.62 11.73
C GLN X 46 -44.28 52.54 10.70
N VAL X 47 -45.53 52.56 10.26
CA VAL X 47 -46.01 51.54 9.39
C VAL X 47 -46.05 52.08 7.94
N SER X 48 -45.16 51.55 7.09
CA SER X 48 -45.08 51.97 5.71
C SER X 48 -45.38 50.80 4.76
N THR X 49 -45.91 51.13 3.57
CA THR X 49 -46.13 50.11 2.57
C THR X 49 -44.78 49.61 2.06
N ASN X 50 -43.72 50.37 2.34
CA ASN X 50 -42.37 50.00 1.91
C ASN X 50 -41.66 49.12 2.95
N GLU X 51 -42.34 48.02 3.32
CA GLU X 51 -41.84 47.05 4.28
C GLU X 51 -42.02 45.64 3.72
N PRO X 52 -40.97 44.79 3.85
CA PRO X 52 -40.91 43.52 3.16
C PRO X 52 -42.06 42.55 3.42
N PHE X 53 -42.76 42.70 4.56
CA PHE X 53 -43.81 41.71 4.92
C PHE X 53 -45.12 41.99 4.26
N PHE X 54 -45.29 43.24 3.83
CA PHE X 54 -46.58 43.67 3.27
C PHE X 54 -46.96 42.94 1.99
N ASN X 55 -45.94 42.63 1.17
CA ASN X 55 -46.22 41.91 -0.08
C ASN X 55 -46.89 40.58 0.14
N GLY X 56 -46.63 39.97 1.30
CA GLY X 56 -47.15 38.64 1.63
C GLY X 56 -48.31 38.64 2.63
N HIS X 57 -48.73 39.83 3.07
CA HIS X 57 -49.80 39.95 4.05
C HIS X 57 -50.57 41.27 3.90
N PHE X 58 -51.41 41.44 2.87
CA PHE X 58 -51.70 40.45 1.84
C PHE X 58 -51.68 41.13 0.47
N PRO X 59 -51.36 40.37 -0.59
CA PRO X 59 -51.31 40.95 -1.96
C PRO X 59 -52.47 41.91 -2.27
N GLN X 60 -53.69 41.53 -1.91
CA GLN X 60 -54.92 42.27 -2.24
C GLN X 60 -55.35 43.22 -1.12
N LYS X 61 -54.74 43.10 0.06
CA LYS X 61 -55.08 43.97 1.17
C LYS X 61 -53.92 43.99 2.17
N GLN X 62 -53.25 45.13 2.31
CA GLN X 62 -52.10 45.22 3.19
C GLN X 62 -52.49 45.52 4.63
N ILE X 63 -52.31 44.51 5.49
CA ILE X 63 -52.59 44.60 6.92
C ILE X 63 -51.35 44.15 7.69
N MET X 64 -50.90 44.99 8.63
CA MET X 64 -49.73 44.59 9.43
C MET X 64 -50.05 43.34 10.28
N PRO X 65 -49.34 42.23 10.04
CA PRO X 65 -49.63 40.99 10.76
C PRO X 65 -49.67 41.16 12.28
N GLY X 66 -50.73 40.60 12.86
CA GLY X 66 -50.91 40.56 14.31
C GLY X 66 -49.65 40.18 15.07
N VAL X 67 -49.01 39.08 14.66
CA VAL X 67 -47.82 38.59 15.33
C VAL X 67 -46.68 39.58 15.36
N LEU X 68 -46.63 40.47 14.36
CA LEU X 68 -45.50 41.45 14.26
C LEU X 68 -45.78 42.64 15.16
N GLN X 69 -47.05 42.85 15.47
CA GLN X 69 -47.45 43.80 16.47
C GLN X 69 -46.95 43.29 17.82
N ILE X 70 -47.18 41.99 18.09
CA ILE X 70 -46.65 41.37 19.31
C ILE X 70 -45.15 41.58 19.39
N GLU X 71 -44.44 41.20 18.31
CA GLU X 71 -42.98 41.26 18.28
C GLU X 71 -42.45 42.67 18.60
N ALA X 72 -43.06 43.66 17.96
CA ALA X 72 -42.72 45.05 18.19
C ALA X 72 -42.75 45.40 19.69
N LEU X 73 -43.89 45.16 20.34
CA LEU X 73 -44.04 45.42 21.76
C LEU X 73 -42.98 44.65 22.53
N ALA X 74 -42.73 43.40 22.14
CA ALA X 74 -41.78 42.56 22.91
C ALA X 74 -40.38 43.16 22.89
N GLN X 75 -40.02 43.68 21.72
CA GLN X 75 -38.76 44.36 21.55
C GLN X 75 -38.68 45.65 22.41
N LEU X 76 -39.78 46.39 22.44
CA LEU X 76 -39.85 47.57 23.28
C LEU X 76 -39.72 47.17 24.77
N ALA X 77 -40.50 46.16 25.14
CA ALA X 77 -40.37 45.54 26.46
C ALA X 77 -38.92 45.03 26.72
N GLY X 78 -38.29 44.47 25.69
CA GLY X 78 -36.91 44.03 25.83
C GLY X 78 -35.91 45.15 26.08
N ILE X 79 -36.13 46.30 25.45
CA ILE X 79 -35.26 47.45 25.67
C ILE X 79 -35.35 47.85 27.14
N LEU X 80 -36.57 48.03 27.64
CA LEU X 80 -36.78 48.35 29.05
C LEU X 80 -36.01 47.41 29.99
N CYS X 81 -36.13 46.10 29.77
CA CYS X 81 -35.43 45.10 30.61
C CYS X 81 -33.93 45.30 30.63
N LEU X 82 -33.38 45.57 29.43
CA LEU X 82 -31.93 45.69 29.26
C LEU X 82 -31.36 46.99 29.81
N LYS X 83 -32.16 48.05 29.84
CA LYS X 83 -31.77 49.33 30.47
C LYS X 83 -32.07 49.34 31.97
N SER X 84 -33.05 48.56 32.40
CA SER X 84 -33.43 48.47 33.81
C SER X 84 -32.37 47.71 34.61
N ASP X 85 -31.81 46.67 33.99
CA ASP X 85 -30.79 45.87 34.65
C ASP X 85 -29.88 45.17 33.64
N ASP X 86 -28.70 45.75 33.38
CA ASP X 86 -27.70 45.12 32.47
C ASP X 86 -26.50 44.48 33.20
N SER X 87 -26.71 44.08 34.46
CA SER X 87 -25.68 43.30 35.17
C SER X 87 -25.43 41.97 34.43
N GLN X 88 -26.50 41.37 33.90
CA GLN X 88 -26.39 40.21 33.00
C GLN X 88 -26.13 40.76 31.60
N LYS X 89 -24.85 40.74 31.22
CA LYS X 89 -24.38 41.28 29.94
C LYS X 89 -24.74 40.38 28.77
N ASN X 90 -26.04 40.16 28.62
CA ASN X 90 -26.59 39.35 27.54
C ASN X 90 -27.77 40.11 26.94
N ASN X 91 -27.65 40.57 25.69
CA ASN X 91 -28.75 41.27 25.04
C ASN X 91 -29.70 40.37 24.25
N LEU X 92 -29.34 39.10 24.12
CA LEU X 92 -30.19 38.12 23.45
C LEU X 92 -31.33 37.66 24.38
N PHE X 93 -32.50 38.28 24.19
CA PHE X 93 -33.69 37.95 24.97
C PHE X 93 -34.70 37.14 24.20
N LEU X 94 -35.02 35.97 24.73
CA LEU X 94 -35.99 35.09 24.07
C LEU X 94 -37.35 35.19 24.75
N PHE X 95 -38.36 35.27 23.89
CA PHE X 95 -39.74 35.12 24.27
C PHE X 95 -39.92 33.74 24.86
N ALA X 96 -40.42 33.69 26.09
CA ALA X 96 -40.71 32.44 26.79
C ALA X 96 -42.22 32.12 26.83
N GLY X 97 -43.06 33.16 26.90
CA GLY X 97 -44.50 32.96 26.88
C GLY X 97 -45.20 34.28 26.58
N VAL X 98 -46.39 34.20 26.01
CA VAL X 98 -47.23 35.38 25.91
C VAL X 98 -48.68 34.96 26.17
N ASP X 99 -49.47 35.89 26.69
CA ASP X 99 -50.78 35.57 27.18
C ASP X 99 -51.69 36.78 27.03
N GLY X 100 -52.99 36.52 26.83
CA GLY X 100 -54.01 37.56 26.75
C GLY X 100 -53.76 38.63 25.70
N VAL X 101 -53.45 38.20 24.47
CA VAL X 101 -53.35 39.11 23.32
C VAL X 101 -54.74 39.33 22.66
N ARG X 102 -55.06 40.58 22.35
CA ARG X 102 -56.31 40.90 21.71
C ARG X 102 -56.10 42.01 20.69
N TRP X 103 -56.41 41.72 19.42
CA TRP X 103 -56.30 42.69 18.35
C TRP X 103 -57.68 43.33 18.12
N LYS X 104 -57.77 44.65 18.29
CA LYS X 104 -59.07 45.33 18.16
C LYS X 104 -59.32 45.92 16.76
N LYS X 105 -58.25 46.37 16.13
CA LYS X 105 -58.37 47.15 14.91
C LYS X 105 -57.15 46.85 14.02
N PRO X 106 -57.38 46.69 12.70
CA PRO X 106 -56.28 46.49 11.77
C PRO X 106 -55.29 47.65 11.76
N VAL X 107 -54.01 47.34 11.75
CA VAL X 107 -52.99 48.38 11.61
C VAL X 107 -52.55 48.42 10.14
N LEU X 108 -52.77 49.58 9.51
CA LEU X 108 -52.57 49.76 8.06
C LEU X 108 -51.34 50.61 7.73
N PRO X 109 -50.78 50.47 6.50
CA PRO X 109 -49.72 51.38 6.03
C PRO X 109 -50.17 52.83 6.20
N GLY X 110 -49.27 53.65 6.74
CA GLY X 110 -49.58 55.06 6.95
C GLY X 110 -49.78 55.36 8.42
N ASP X 111 -50.20 54.34 9.18
CA ASP X 111 -50.39 54.48 10.64
C ASP X 111 -49.10 54.64 11.38
N THR X 112 -49.19 55.27 12.55
CA THR X 112 -48.07 55.33 13.52
C THR X 112 -48.48 54.41 14.68
N LEU X 113 -47.75 53.34 14.88
CA LEU X 113 -48.02 52.47 15.99
C LEU X 113 -47.29 53.02 17.20
N THR X 114 -48.04 53.60 18.12
CA THR X 114 -47.49 54.03 19.42
C THR X 114 -47.66 52.88 20.42
N MET X 115 -46.57 52.57 21.10
CA MET X 115 -46.53 51.42 21.98
C MET X 115 -46.08 51.79 23.40
N GLN X 116 -46.75 51.18 24.37
CA GLN X 116 -46.38 51.27 25.75
C GLN X 116 -46.31 49.92 26.43
N ALA X 117 -45.17 49.62 27.05
CA ALA X 117 -44.96 48.38 27.78
C ALA X 117 -44.60 48.67 29.22
N ASN X 118 -45.17 47.88 30.13
CA ASN X 118 -45.02 48.10 31.56
C ASN X 118 -44.43 46.87 32.27
N LEU X 119 -43.36 47.06 33.03
CA LEU X 119 -42.76 45.97 33.79
C LEU X 119 -43.63 45.59 35.01
N ILE X 120 -43.85 44.29 35.17
CA ILE X 120 -44.70 43.71 36.24
C ILE X 120 -43.85 43.05 37.36
N SER X 121 -42.95 42.15 36.95
CA SER X 121 -42.00 41.50 37.87
C SER X 121 -40.70 41.17 37.14
N PHE X 122 -39.60 41.36 37.85
CA PHE X 122 -38.27 41.00 37.39
C PHE X 122 -37.61 40.14 38.47
N LYS X 123 -37.04 39.01 38.07
CA LYS X 123 -36.31 38.17 38.99
C LYS X 123 -34.94 38.01 38.30
N SER X 124 -33.92 38.69 38.81
CA SER X 124 -32.53 38.54 38.29
C SER X 124 -31.98 37.12 38.53
N SER X 125 -32.87 36.23 38.99
CA SER X 125 -32.58 34.84 39.31
C SER X 125 -32.44 33.94 38.08
N LEU X 126 -33.58 33.61 37.47
CA LEU X 126 -33.62 32.88 36.22
C LEU X 126 -33.47 33.84 35.05
N GLY X 127 -33.78 35.12 35.31
CA GLY X 127 -33.92 36.12 34.27
C GLY X 127 -35.34 36.17 33.71
N ILE X 128 -36.34 35.75 34.49
CA ILE X 128 -37.78 35.76 34.08
C ILE X 128 -38.51 37.11 34.31
N ALA X 129 -38.51 37.94 33.28
CA ALA X 129 -39.21 39.24 33.33
C ALA X 129 -40.59 39.10 32.73
N LYS X 130 -41.57 39.71 33.40
CA LYS X 130 -42.94 39.71 32.90
C LYS X 130 -43.39 41.14 32.66
N LEU X 131 -44.03 41.38 31.52
CA LEU X 131 -44.46 42.74 31.15
C LEU X 131 -45.80 42.71 30.44
N SER X 132 -46.53 43.82 30.51
CA SER X 132 -47.76 44.02 29.77
C SER X 132 -47.57 45.09 28.69
N GLY X 133 -48.50 45.19 27.74
CA GLY X 133 -48.27 46.04 26.59
C GLY X 133 -49.57 46.45 25.94
N VAL X 134 -49.58 47.65 25.36
CA VAL X 134 -50.77 48.17 24.71
C VAL X 134 -50.42 48.95 23.45
N GLY X 135 -50.82 48.43 22.29
CA GLY X 135 -50.57 49.09 21.02
C GLY X 135 -51.41 50.34 20.90
N TYR X 136 -51.45 50.92 19.70
CA TYR X 136 -52.23 52.13 19.48
C TYR X 136 -52.12 52.68 18.05
N VAL X 137 -53.10 53.50 17.68
CA VAL X 137 -53.14 54.13 16.36
C VAL X 137 -54.12 55.28 16.43
N ASN X 138 -53.61 56.49 16.62
CA ASN X 138 -54.46 57.68 16.80
C ASN X 138 -55.27 57.65 18.12
N GLY X 139 -54.53 57.46 19.23
CA GLY X 139 -55.14 57.32 20.55
C GLY X 139 -56.11 56.17 20.73
N LYS X 140 -56.46 55.47 19.65
CA LYS X 140 -57.29 54.26 19.80
C LYS X 140 -56.50 52.94 19.92
N VAL X 141 -56.98 52.04 20.79
CA VAL X 141 -56.27 50.79 21.10
C VAL X 141 -56.38 49.82 19.93
N VAL X 142 -55.24 49.33 19.45
CA VAL X 142 -55.26 48.33 18.39
C VAL X 142 -54.84 46.95 18.92
N ILE X 143 -53.89 46.91 19.86
CA ILE X 143 -53.47 45.63 20.44
C ILE X 143 -53.29 45.73 21.96
N ASN X 144 -53.77 44.70 22.66
CA ASN X 144 -53.54 44.50 24.09
C ASN X 144 -52.77 43.24 24.38
N ILE X 145 -51.85 43.31 25.34
CA ILE X 145 -51.19 42.10 25.77
C ILE X 145 -51.14 42.11 27.28
N SER X 146 -51.87 41.16 27.88
CA SER X 146 -51.90 40.99 29.32
C SER X 146 -50.50 40.76 29.88
N GLU X 147 -49.76 39.82 29.30
CA GLU X 147 -48.47 39.44 29.86
C GLU X 147 -47.56 38.91 28.79
N MET X 148 -46.35 39.45 28.74
CA MET X 148 -45.28 38.88 27.97
C MET X 148 -44.25 38.34 28.97
N THR X 149 -43.67 37.18 28.66
CA THR X 149 -42.69 36.53 29.54
C THR X 149 -41.38 36.37 28.79
N PHE X 150 -40.27 36.83 29.38
CA PHE X 150 -38.96 36.77 28.71
C PHE X 150 -37.88 35.99 29.43
N ALA X 151 -37.03 35.33 28.63
CA ALA X 151 -35.93 34.49 29.15
C ALA X 151 -34.56 34.77 28.48
N LEU X 152 -33.47 34.41 29.17
CA LEU X 152 -32.10 34.67 28.69
C LEU X 152 -31.28 33.43 28.28
N SER X 153 -30.84 33.41 27.00
CA SER X 153 -30.04 32.33 26.37
C SER X 153 -28.64 32.14 26.95
#